data_1HCY
#
_entry.id   1HCY
#
_cell.length_a   119.800
_cell.length_b   193.100
_cell.length_c   122.200
_cell.angle_alpha   90.00
_cell.angle_beta   118.10
_cell.angle_gamma   90.00
#
_symmetry.space_group_name_H-M   'P 1 21 1'
#
loop_
_entity.id
_entity.type
_entity.pdbx_description
1 polymer 'ARTHROPODAN HEMOCYANIN'
2 branched 2-acetamido-2-deoxy-beta-D-glucopyranose-(1-4)-2-acetamido-2-deoxy-beta-D-glucopyranose
3 non-polymer 'COPPER (II) ION'
4 water water
#
_entity_poly.entity_id   1
_entity_poly.type   'polypeptide(L)'
_entity_poly.pdbx_seq_one_letter_code
;DALGTGNAQKQQDINHLLDKIYEPTKYPDLKDIAENFNPLGDTSIYNDHGAAVETLMKELNDHRLLEQRHWYSLFNTRQR
KEALMLFAVLNQCKEWYCFRSNAAYFRERMNEGEFVYALYVSVIHSKLGDGIVLPPLYQITPHMFTNSEVIDKAYSAKMT
QKPGTFNVSFTGTKKNREQRVAYFGEDIGMNIHHVTWHMDFPFWWEDSYGYHLDRKGELFFWVHHQLTARFDFERLSNWL
DPVDELHWDRIIREGFAPLTSYKYGGEFPVRPDNIHFEDVDGVAHVHDLEITESRIHEAIDHGYITDSDGHTIDIRQPKG
IELLGDIIESSKYSSNVQYYGSLHNTAHVMLGRQGDPHGKFNLPPGVMEHFETATRDPSFFRLHKYMDNIFKKHTDSFPP
YTHDNLEFSGMVVNGVAIDGELITFFDEFQYSLINAVDSGENIEDVEINARVHRLNHNEFTYKITMSNNNDGERLATFRI
FLCPIEDNNGITLTLDEARWFCIELDKFFQKVPSGPETIERSSKDSSVTVPDMPSFQSLKEQADNAVNGGHDLDLSAYER
SCGIPDRMLLPKSKPEGMEFNLYVAVTDGDKDTEGHNGGHDYGGTHAQCGVHGEAYPDNRPLGYPLERRIPDERVIDGVS
NIKHVVVKIVHHLEHHD
;
_entity_poly.pdbx_strand_id   A,B,C,D,E,F
#
# COMPACT_ATOMS: atom_id res chain seq x y z
N ASP A 1 41.27 -9.81 -51.87
CA ASP A 1 41.62 -8.83 -52.94
C ASP A 1 42.30 -9.47 -54.18
N ALA A 2 42.42 -8.56 -55.14
CA ALA A 2 43.03 -8.58 -56.48
C ALA A 2 44.12 -7.46 -56.41
N LEU A 3 44.53 -7.27 -55.14
CA LEU A 3 45.39 -6.22 -54.58
C LEU A 3 44.51 -4.95 -54.95
N GLY A 4 43.28 -5.23 -54.46
CA GLY A 4 42.15 -4.42 -54.59
C GLY A 4 40.82 -5.13 -54.40
N THR A 5 40.09 -4.52 -55.30
CA THR A 5 38.66 -4.72 -55.56
C THR A 5 38.40 -6.12 -56.10
N GLY A 6 37.28 -6.20 -56.73
CA GLY A 6 36.43 -7.14 -57.45
C GLY A 6 35.09 -6.66 -56.79
N ASN A 7 34.49 -7.52 -56.09
CA ASN A 7 33.30 -7.41 -55.27
C ASN A 7 33.04 -8.92 -55.09
N ALA A 8 33.06 -9.61 -56.21
CA ALA A 8 32.89 -11.05 -55.83
C ALA A 8 34.14 -11.34 -55.02
N GLN A 9 34.93 -10.51 -54.47
CA GLN A 9 36.15 -10.59 -53.72
C GLN A 9 35.85 -9.95 -52.39
N LYS A 10 35.58 -8.65 -52.64
CA LYS A 10 35.24 -7.89 -51.40
C LYS A 10 34.27 -8.85 -50.67
N GLN A 11 33.21 -9.26 -51.39
CA GLN A 11 32.16 -10.11 -50.95
C GLN A 11 32.76 -11.39 -50.37
N GLN A 12 33.59 -11.98 -51.21
CA GLN A 12 34.11 -13.28 -50.63
C GLN A 12 34.72 -13.05 -49.24
N ASP A 13 35.66 -12.13 -49.24
CA ASP A 13 36.37 -11.76 -48.02
C ASP A 13 35.42 -11.70 -46.87
N ILE A 14 34.34 -10.95 -46.96
CA ILE A 14 33.29 -10.75 -45.93
C ILE A 14 32.76 -12.15 -45.53
N ASN A 15 32.24 -12.92 -46.52
CA ASN A 15 31.70 -14.22 -46.08
C ASN A 15 32.72 -15.03 -45.29
N HIS A 16 33.97 -14.88 -45.63
CA HIS A 16 34.97 -15.71 -44.86
C HIS A 16 35.12 -15.32 -43.41
N LEU A 17 35.10 -14.02 -43.31
CA LEU A 17 35.23 -13.23 -42.09
C LEU A 17 34.05 -13.57 -41.20
N LEU A 18 32.77 -13.51 -41.62
CA LEU A 18 31.73 -13.84 -40.67
C LEU A 18 31.46 -15.31 -40.87
N ASP A 19 32.28 -16.29 -41.25
CA ASP A 19 31.95 -17.71 -41.30
C ASP A 19 32.05 -18.22 -39.86
N LYS A 20 31.94 -19.44 -39.44
CA LYS A 20 32.05 -19.92 -38.01
C LYS A 20 32.65 -18.80 -37.20
N ILE A 21 31.81 -18.03 -36.52
CA ILE A 21 32.34 -16.83 -35.83
C ILE A 21 32.67 -17.00 -34.39
N TYR A 22 32.29 -18.08 -33.83
CA TYR A 22 32.60 -18.33 -32.43
C TYR A 22 33.87 -19.13 -32.41
N GLU A 23 34.64 -19.15 -33.50
CA GLU A 23 35.89 -19.94 -33.47
C GLU A 23 36.92 -19.40 -34.46
N PRO A 24 38.15 -19.34 -34.08
CA PRO A 24 39.30 -18.88 -34.87
C PRO A 24 39.19 -19.22 -36.34
N THR A 25 39.54 -18.37 -37.30
CA THR A 25 39.28 -18.86 -38.63
C THR A 25 40.10 -19.95 -39.24
N LYS A 26 39.23 -20.56 -40.03
CA LYS A 26 39.72 -21.75 -40.79
C LYS A 26 40.20 -21.35 -42.17
N TYR A 27 40.12 -20.15 -42.64
CA TYR A 27 40.59 -19.81 -43.99
C TYR A 27 41.98 -19.21 -43.81
N PRO A 28 42.97 -19.99 -44.14
CA PRO A 28 44.38 -19.75 -44.06
C PRO A 28 44.91 -18.38 -44.38
N ASP A 29 44.39 -17.76 -45.39
CA ASP A 29 44.88 -16.41 -45.73
C ASP A 29 44.52 -15.51 -44.54
N LEU A 30 43.27 -15.62 -44.13
CA LEU A 30 42.75 -14.90 -42.95
C LEU A 30 43.74 -15.24 -41.89
N LYS A 31 44.23 -16.45 -41.70
CA LYS A 31 45.22 -16.52 -40.66
C LYS A 31 46.60 -16.01 -40.93
N ASP A 32 47.30 -16.16 -42.01
CA ASP A 32 48.68 -15.59 -41.90
C ASP A 32 48.45 -14.10 -41.79
N ILE A 33 47.29 -13.66 -42.22
CA ILE A 33 47.19 -12.18 -42.07
C ILE A 33 47.20 -11.81 -40.60
N ALA A 34 46.32 -12.64 -40.08
CA ALA A 34 45.97 -12.62 -38.68
C ALA A 34 47.20 -12.58 -37.80
N GLU A 35 48.23 -13.20 -38.34
CA GLU A 35 49.45 -13.35 -37.56
C GLU A 35 50.50 -12.35 -37.91
N ASN A 36 50.66 -12.40 -39.21
CA ASN A 36 51.72 -11.57 -39.82
C ASN A 36 51.56 -10.06 -39.84
N PHE A 37 50.31 -9.59 -40.00
CA PHE A 37 50.00 -8.16 -40.11
C PHE A 37 50.26 -7.35 -38.87
N ASN A 38 50.51 -6.08 -39.11
CA ASN A 38 50.82 -5.07 -38.07
C ASN A 38 50.18 -3.74 -38.53
N PRO A 39 49.07 -3.49 -37.82
CA PRO A 39 48.24 -2.37 -38.23
C PRO A 39 48.94 -1.08 -38.12
N LEU A 40 50.13 -1.24 -37.61
CA LEU A 40 50.99 -0.09 -37.35
C LEU A 40 52.27 0.09 -38.11
N GLY A 41 52.35 -0.50 -39.32
CA GLY A 41 53.61 -0.28 -40.03
C GLY A 41 53.52 0.41 -41.35
N ASP A 42 52.58 1.21 -41.70
CA ASP A 42 52.56 1.87 -43.06
C ASP A 42 51.25 2.60 -42.88
N THR A 43 51.39 3.52 -41.99
CA THR A 43 50.30 4.44 -41.55
C THR A 43 50.24 5.16 -42.88
N SER A 44 49.38 4.74 -43.73
CA SER A 44 49.48 5.49 -45.03
C SER A 44 48.27 4.96 -45.74
N ILE A 45 48.03 3.72 -45.27
CA ILE A 45 46.84 3.03 -45.82
C ILE A 45 45.56 3.71 -45.27
N TYR A 46 45.91 4.27 -44.09
CA TYR A 46 45.09 5.01 -43.17
C TYR A 46 44.91 6.47 -43.54
N ASN A 47 43.75 7.04 -43.69
CA ASN A 47 43.69 8.45 -43.97
C ASN A 47 43.89 9.12 -42.59
N ASP A 48 44.20 8.40 -41.52
CA ASP A 48 44.32 9.21 -40.30
C ASP A 48 45.82 9.21 -40.03
N HIS A 49 46.58 8.51 -40.78
CA HIS A 49 48.02 8.50 -40.33
C HIS A 49 47.90 7.59 -39.06
N GLY A 50 46.80 6.85 -39.18
CA GLY A 50 46.52 5.86 -38.21
C GLY A 50 46.43 5.93 -36.72
N ALA A 51 45.74 7.05 -36.41
CA ALA A 51 45.43 7.41 -35.02
C ALA A 51 44.36 6.45 -34.57
N ALA A 52 43.56 6.05 -35.55
CA ALA A 52 42.52 5.09 -35.12
C ALA A 52 43.31 3.82 -34.89
N VAL A 53 44.00 3.33 -35.82
CA VAL A 53 44.67 2.06 -35.47
C VAL A 53 45.48 2.17 -34.22
N GLU A 54 46.18 3.28 -34.27
CA GLU A 54 47.02 3.43 -33.07
C GLU A 54 46.17 3.44 -31.86
N THR A 55 44.85 3.52 -31.87
CA THR A 55 44.19 3.56 -30.52
C THR A 55 43.59 2.25 -29.96
N LEU A 56 43.46 1.50 -31.03
CA LEU A 56 42.92 0.23 -30.73
C LEU A 56 44.18 -0.45 -30.30
N MET A 57 45.28 -0.39 -30.98
CA MET A 57 46.37 -1.23 -30.47
C MET A 57 46.60 -0.91 -29.04
N LYS A 58 46.60 0.43 -28.87
CA LYS A 58 46.90 0.77 -27.46
C LYS A 58 46.12 -0.02 -26.41
N GLU A 59 44.86 -0.22 -26.69
CA GLU A 59 43.98 -0.92 -25.81
C GLU A 59 44.19 -2.37 -25.98
N LEU A 60 44.36 -2.86 -27.16
CA LEU A 60 44.52 -4.32 -27.28
C LEU A 60 45.78 -4.73 -26.54
N ASN A 61 46.69 -3.81 -26.40
CA ASN A 61 48.01 -3.86 -25.78
C ASN A 61 47.94 -3.93 -24.31
N ASP A 62 47.37 -2.95 -23.66
CA ASP A 62 47.23 -2.91 -22.20
C ASP A 62 46.20 -4.02 -21.92
N HIS A 63 45.76 -4.60 -23.01
CA HIS A 63 44.70 -5.61 -22.94
C HIS A 63 43.73 -5.22 -21.79
N ARG A 64 42.93 -4.30 -22.29
CA ARG A 64 41.85 -3.60 -21.62
C ARG A 64 40.63 -3.59 -22.55
N LEU A 65 40.57 -4.37 -23.60
CA LEU A 65 39.43 -4.49 -24.52
C LEU A 65 38.50 -5.62 -24.02
N LEU A 66 37.19 -5.87 -24.16
CA LEU A 66 36.45 -7.03 -23.67
C LEU A 66 36.95 -8.39 -24.16
N GLU A 67 36.83 -9.41 -23.35
CA GLU A 67 37.30 -10.70 -23.83
C GLU A 67 36.50 -11.40 -24.89
N GLN A 68 37.15 -12.40 -25.45
CA GLN A 68 36.44 -13.14 -26.53
C GLN A 68 35.52 -14.11 -25.80
N ARG A 69 34.62 -14.68 -26.58
CA ARG A 69 33.64 -15.69 -26.11
C ARG A 69 33.00 -15.15 -24.87
N HIS A 70 32.28 -14.05 -24.92
CA HIS A 70 31.68 -13.45 -23.63
C HIS A 70 30.50 -12.67 -24.17
N TRP A 71 29.53 -12.15 -23.44
CA TRP A 71 28.48 -11.50 -24.30
C TRP A 71 28.68 -10.06 -24.62
N TYR A 72 27.69 -9.56 -25.40
CA TYR A 72 27.91 -8.08 -25.61
C TYR A 72 26.65 -7.32 -25.92
N SER A 73 26.43 -6.22 -25.18
CA SER A 73 25.18 -5.52 -25.64
C SER A 73 25.74 -4.20 -26.19
N LEU A 74 25.18 -3.44 -27.03
CA LEU A 74 25.52 -2.25 -27.71
C LEU A 74 25.05 -1.15 -26.79
N PHE A 75 24.40 -1.65 -25.75
CA PHE A 75 23.96 -0.64 -24.70
C PHE A 75 25.15 -0.56 -23.71
N ASN A 76 26.17 -1.42 -23.70
CA ASN A 76 27.30 -1.15 -22.72
C ASN A 76 28.24 0.07 -22.96
N THR A 77 28.21 1.15 -22.20
CA THR A 77 29.11 2.17 -22.72
C THR A 77 30.49 1.67 -22.92
N ARG A 78 31.03 0.59 -22.40
CA ARG A 78 32.42 0.41 -22.83
C ARG A 78 32.40 -0.46 -24.06
N GLN A 79 31.60 -1.52 -23.95
CA GLN A 79 31.61 -2.47 -25.10
C GLN A 79 31.39 -1.67 -26.37
N ARG A 80 30.58 -0.63 -26.25
CA ARG A 80 30.22 0.10 -27.46
C ARG A 80 31.50 0.79 -27.87
N LYS A 81 31.99 1.50 -26.85
CA LYS A 81 33.25 2.23 -27.26
C LYS A 81 34.26 1.27 -27.95
N GLU A 82 34.47 0.06 -27.42
CA GLU A 82 35.44 -0.84 -28.03
C GLU A 82 34.91 -1.22 -29.40
N ALA A 83 33.66 -1.57 -29.55
CA ALA A 83 33.18 -2.03 -30.88
C ALA A 83 33.38 -0.86 -31.81
N LEU A 84 33.14 0.31 -31.34
CA LEU A 84 33.18 1.40 -32.35
C LEU A 84 34.59 1.68 -32.56
N MET A 85 35.59 1.07 -31.90
CA MET A 85 36.99 1.62 -32.26
C MET A 85 37.26 0.81 -33.59
N LEU A 86 36.72 -0.44 -33.61
CA LEU A 86 37.05 -1.20 -34.80
C LEU A 86 36.50 -0.48 -36.02
N PHE A 87 35.33 0.10 -35.85
CA PHE A 87 34.67 0.84 -36.95
C PHE A 87 35.60 1.93 -37.36
N ALA A 88 36.15 2.71 -36.45
CA ALA A 88 37.08 3.77 -36.96
C ALA A 88 38.34 3.28 -37.66
N VAL A 89 38.75 2.03 -37.68
CA VAL A 89 40.03 1.70 -38.35
C VAL A 89 39.42 1.39 -39.71
N LEU A 90 38.81 0.21 -39.71
CA LEU A 90 38.10 -0.22 -40.97
C LEU A 90 37.60 1.01 -41.68
N ASN A 91 37.19 2.05 -40.94
CA ASN A 91 36.71 3.29 -41.59
C ASN A 91 37.72 4.11 -42.43
N GLN A 92 38.92 4.24 -41.79
CA GLN A 92 39.89 5.03 -42.58
C GLN A 92 40.90 4.31 -43.47
N CYS A 93 40.47 3.23 -44.04
CA CYS A 93 41.26 2.47 -44.97
C CYS A 93 41.10 3.18 -46.31
N LYS A 94 42.24 3.12 -47.04
CA LYS A 94 42.21 3.70 -48.41
C LYS A 94 41.73 2.54 -49.22
N GLU A 95 42.09 1.30 -48.97
CA GLU A 95 41.53 0.24 -49.83
C GLU A 95 41.38 -1.14 -49.25
N TRP A 96 40.80 -2.14 -49.98
CA TRP A 96 40.66 -3.49 -49.41
C TRP A 96 41.88 -3.99 -48.66
N TYR A 97 43.09 -3.82 -49.27
CA TYR A 97 44.31 -4.23 -48.52
C TYR A 97 44.23 -3.84 -47.04
N CYS A 98 43.72 -2.71 -46.62
CA CYS A 98 43.64 -2.27 -45.21
C CYS A 98 42.42 -2.84 -44.51
N PHE A 99 41.36 -3.09 -45.24
CA PHE A 99 40.20 -3.62 -44.52
C PHE A 99 40.45 -5.09 -44.18
N ARG A 100 40.62 -5.92 -45.20
CA ARG A 100 40.75 -7.36 -44.93
C ARG A 100 41.78 -7.52 -43.85
N SER A 101 42.86 -6.76 -44.10
CA SER A 101 43.96 -6.93 -43.10
C SER A 101 43.48 -6.84 -41.67
N ASN A 102 42.90 -5.61 -41.47
CA ASN A 102 42.35 -5.34 -40.13
C ASN A 102 41.21 -6.29 -39.80
N ALA A 103 40.18 -6.39 -40.58
CA ALA A 103 39.13 -7.34 -40.00
C ALA A 103 39.71 -8.65 -40.20
N ALA A 104 40.67 -9.18 -39.54
CA ALA A 104 41.33 -10.50 -39.81
C ALA A 104 42.17 -10.39 -38.53
N TYR A 105 43.01 -9.34 -38.67
CA TYR A 105 43.92 -9.10 -37.50
C TYR A 105 43.21 -9.06 -36.17
N PHE A 106 42.17 -8.20 -36.27
CA PHE A 106 41.21 -7.94 -35.14
C PHE A 106 40.22 -9.12 -34.92
N ARG A 107 39.54 -9.50 -36.03
CA ARG A 107 38.59 -10.60 -35.91
C ARG A 107 39.00 -11.68 -34.94
N GLU A 108 40.27 -11.94 -34.99
CA GLU A 108 41.07 -12.94 -34.28
C GLU A 108 41.44 -12.51 -32.87
N ARG A 109 41.36 -11.29 -32.42
CA ARG A 109 41.62 -11.13 -30.98
C ARG A 109 40.68 -10.14 -30.30
N MET A 110 39.67 -9.64 -30.88
CA MET A 110 38.70 -8.66 -30.33
C MET A 110 37.50 -9.57 -30.13
N ASN A 111 36.58 -9.16 -29.31
CA ASN A 111 35.46 -10.11 -29.08
C ASN A 111 34.50 -10.37 -30.20
N GLU A 112 33.72 -11.44 -30.33
CA GLU A 112 32.80 -11.53 -31.45
C GLU A 112 31.73 -10.52 -31.75
N GLY A 113 31.12 -9.92 -30.78
CA GLY A 113 29.93 -8.98 -30.99
C GLY A 113 30.45 -7.61 -31.32
N GLU A 114 31.59 -7.36 -30.61
CA GLU A 114 32.19 -6.04 -30.94
C GLU A 114 32.48 -6.28 -32.42
N PHE A 115 33.14 -7.43 -32.73
CA PHE A 115 33.47 -7.73 -34.11
C PHE A 115 32.28 -7.85 -35.05
N VAL A 116 31.35 -8.72 -34.73
CA VAL A 116 30.25 -8.73 -35.69
C VAL A 116 29.73 -7.30 -35.93
N TYR A 117 29.50 -6.62 -34.79
CA TYR A 117 28.93 -5.24 -34.81
C TYR A 117 29.86 -4.34 -35.58
N ALA A 118 31.12 -4.30 -35.37
CA ALA A 118 31.96 -3.38 -36.17
C ALA A 118 31.99 -3.73 -37.63
N LEU A 119 32.12 -5.04 -37.90
CA LEU A 119 32.23 -5.34 -39.37
C LEU A 119 30.98 -4.83 -40.11
N TYR A 120 29.78 -5.07 -39.53
CA TYR A 120 28.60 -4.59 -40.24
C TYR A 120 28.45 -3.09 -40.42
N VAL A 121 28.56 -2.38 -39.35
CA VAL A 121 28.37 -0.95 -39.48
C VAL A 121 29.34 -0.37 -40.47
N SER A 122 30.55 -0.93 -40.45
CA SER A 122 31.66 -0.49 -41.29
C SER A 122 31.42 -0.78 -42.76
N VAL A 123 30.94 -2.01 -42.84
CA VAL A 123 30.63 -2.33 -44.26
C VAL A 123 29.54 -1.38 -44.69
N ILE A 124 28.44 -1.09 -44.02
CA ILE A 124 27.30 -0.24 -44.28
C ILE A 124 27.67 1.23 -44.52
N HIS A 125 28.46 1.88 -43.79
CA HIS A 125 28.85 3.24 -43.88
C HIS A 125 30.10 3.66 -44.57
N SER A 126 31.13 2.90 -44.51
CA SER A 126 32.43 3.15 -45.15
C SER A 126 32.26 2.94 -46.71
N LYS A 127 33.00 3.89 -47.21
CA LYS A 127 33.20 4.30 -48.64
C LYS A 127 33.46 3.04 -49.45
N LEU A 128 34.39 2.27 -48.82
CA LEU A 128 34.88 1.02 -49.38
C LEU A 128 33.94 -0.16 -49.39
N GLY A 129 32.67 0.00 -49.10
CA GLY A 129 31.94 -1.25 -49.04
C GLY A 129 30.82 -1.26 -49.96
N ASP A 130 31.03 -0.75 -51.10
CA ASP A 130 29.86 -0.73 -52.01
C ASP A 130 29.27 -2.02 -52.53
N GLY A 131 30.09 -2.77 -53.25
CA GLY A 131 29.62 -4.04 -53.83
C GLY A 131 28.89 -4.99 -52.88
N ILE A 132 29.20 -5.01 -51.56
CA ILE A 132 28.60 -6.02 -50.73
C ILE A 132 27.20 -6.14 -50.25
N VAL A 133 26.75 -7.31 -50.11
CA VAL A 133 25.53 -7.72 -49.43
C VAL A 133 25.91 -8.43 -48.10
N LEU A 134 25.39 -8.07 -46.94
CA LEU A 134 25.83 -8.80 -45.72
C LEU A 134 24.95 -10.02 -45.54
N PRO A 135 25.49 -11.14 -45.13
CA PRO A 135 24.69 -12.36 -44.82
C PRO A 135 23.65 -11.94 -43.80
N PRO A 136 22.57 -12.61 -43.59
CA PRO A 136 21.55 -12.23 -42.61
C PRO A 136 21.96 -12.53 -41.17
N LEU A 137 21.85 -11.46 -40.32
CA LEU A 137 22.25 -11.81 -38.90
C LEU A 137 21.75 -13.18 -38.44
N TYR A 138 20.50 -13.49 -38.62
CA TYR A 138 19.90 -14.71 -38.16
C TYR A 138 20.73 -15.92 -38.50
N GLN A 139 21.46 -15.87 -39.61
CA GLN A 139 22.26 -17.11 -39.83
C GLN A 139 23.66 -16.93 -39.32
N ILE A 140 24.27 -15.81 -39.25
CA ILE A 140 25.62 -15.64 -38.76
C ILE A 140 25.67 -15.87 -37.25
N THR A 141 24.77 -15.38 -36.47
CA THR A 141 24.74 -15.54 -34.97
C THR A 141 23.35 -15.88 -34.53
N PRO A 142 22.90 -17.10 -34.74
CA PRO A 142 21.56 -17.61 -34.57
C PRO A 142 20.97 -17.63 -33.23
N HIS A 143 21.94 -17.40 -32.39
CA HIS A 143 21.39 -17.39 -30.99
C HIS A 143 20.55 -16.16 -30.70
N MET A 144 20.63 -15.11 -31.36
CA MET A 144 19.89 -13.93 -31.11
C MET A 144 18.53 -14.00 -31.84
N PHE A 145 18.44 -15.01 -32.62
CA PHE A 145 17.16 -14.98 -33.39
C PHE A 145 16.43 -16.27 -33.28
N THR A 146 16.96 -17.40 -33.05
CA THR A 146 16.23 -18.63 -32.82
C THR A 146 16.10 -18.81 -31.30
N ASN A 147 15.05 -19.54 -31.02
CA ASN A 147 14.56 -20.02 -29.74
C ASN A 147 15.57 -20.71 -28.80
N SER A 148 15.14 -21.31 -27.72
CA SER A 148 16.16 -21.92 -26.92
C SER A 148 16.21 -23.41 -27.06
N GLU A 149 15.04 -23.73 -27.58
CA GLU A 149 14.81 -25.21 -27.80
C GLU A 149 15.44 -25.53 -29.12
N VAL A 150 15.05 -24.77 -30.17
CA VAL A 150 15.74 -25.20 -31.39
C VAL A 150 17.22 -25.17 -31.24
N ILE A 151 17.68 -24.25 -30.38
CA ILE A 151 19.15 -24.17 -30.27
C ILE A 151 19.69 -25.41 -29.65
N ASP A 152 18.92 -25.80 -28.62
CA ASP A 152 19.49 -27.06 -27.99
C ASP A 152 19.35 -28.20 -28.99
N LYS A 153 18.36 -28.21 -29.89
CA LYS A 153 18.17 -29.36 -30.78
C LYS A 153 19.30 -29.35 -31.77
N ALA A 154 19.74 -28.12 -32.00
CA ALA A 154 20.83 -28.11 -33.01
C ALA A 154 22.10 -28.59 -32.36
N TYR A 155 22.24 -28.37 -31.06
CA TYR A 155 23.47 -28.75 -30.32
C TYR A 155 23.50 -30.28 -30.28
N SER A 156 22.30 -30.84 -30.24
CA SER A 156 22.38 -32.29 -30.22
C SER A 156 22.72 -32.84 -31.59
N ALA A 157 22.10 -32.25 -32.59
CA ALA A 157 22.33 -32.68 -34.01
C ALA A 157 23.85 -32.80 -33.97
N LYS A 158 24.49 -31.66 -33.83
CA LYS A 158 25.93 -31.68 -33.78
C LYS A 158 26.51 -32.73 -32.86
N MET A 159 26.18 -32.89 -31.60
CA MET A 159 26.89 -33.88 -30.74
C MET A 159 26.93 -35.19 -31.52
N THR A 160 25.74 -35.61 -31.94
CA THR A 160 25.63 -36.86 -32.66
C THR A 160 25.90 -36.79 -34.11
N GLN A 161 26.15 -35.70 -34.74
CA GLN A 161 26.44 -35.79 -36.18
C GLN A 161 25.36 -36.33 -37.07
N LYS A 162 24.15 -36.14 -36.72
CA LYS A 162 22.99 -36.59 -37.52
C LYS A 162 22.36 -35.24 -37.67
N PRO A 163 22.06 -34.84 -38.84
CA PRO A 163 21.48 -33.62 -39.29
C PRO A 163 19.96 -33.50 -39.22
N GLY A 164 19.64 -32.26 -39.68
CA GLY A 164 18.22 -31.95 -39.78
C GLY A 164 17.50 -30.73 -39.28
N THR A 165 16.39 -30.41 -39.96
CA THR A 165 15.74 -29.17 -39.52
C THR A 165 14.68 -29.29 -38.45
N PHE A 166 14.65 -28.40 -37.46
CA PHE A 166 13.69 -28.41 -36.41
C PHE A 166 12.83 -27.13 -36.66
N ASN A 167 11.60 -27.41 -36.24
CA ASN A 167 10.48 -26.49 -36.39
C ASN A 167 10.41 -25.74 -35.09
N VAL A 168 10.38 -24.42 -35.28
CA VAL A 168 10.34 -23.54 -34.06
C VAL A 168 8.91 -23.25 -33.68
N SER A 169 8.80 -22.87 -32.44
CA SER A 169 7.59 -22.61 -31.73
C SER A 169 6.65 -21.45 -31.46
N PHE A 170 7.11 -20.26 -31.03
CA PHE A 170 6.25 -19.13 -30.63
C PHE A 170 6.43 -19.22 -29.09
N THR A 171 6.24 -18.02 -28.54
CA THR A 171 6.56 -17.95 -27.10
C THR A 171 5.88 -18.49 -25.89
N GLY A 172 5.03 -17.75 -25.22
CA GLY A 172 4.39 -18.27 -23.98
C GLY A 172 3.38 -19.34 -24.51
N THR A 173 2.51 -19.57 -23.55
CA THR A 173 1.39 -20.43 -23.51
C THR A 173 0.26 -19.66 -24.27
N LYS A 174 0.62 -19.94 -25.50
CA LYS A 174 -0.25 -19.49 -26.67
C LYS A 174 -1.55 -20.11 -26.01
N LYS A 175 -2.59 -19.32 -26.23
CA LYS A 175 -3.92 -19.63 -25.69
C LYS A 175 -3.65 -19.55 -24.20
N ASN A 176 -3.46 -18.43 -23.70
CA ASN A 176 -3.18 -18.11 -22.35
C ASN A 176 -2.70 -16.68 -22.45
N ARG A 177 -2.14 -16.13 -23.52
CA ARG A 177 -1.79 -14.70 -23.50
C ARG A 177 -2.24 -13.59 -24.43
N GLU A 178 -1.17 -13.18 -25.12
CA GLU A 178 -1.15 -12.10 -26.08
C GLU A 178 0.19 -12.36 -26.74
N GLN A 179 0.38 -13.66 -26.73
CA GLN A 179 1.55 -14.34 -27.45
C GLN A 179 0.60 -15.02 -28.48
N ARG A 180 -0.01 -14.10 -29.15
CA ARG A 180 -1.11 -14.20 -30.07
C ARG A 180 -0.83 -13.12 -31.10
N VAL A 181 0.01 -12.22 -30.65
CA VAL A 181 0.37 -11.20 -31.66
C VAL A 181 1.85 -11.31 -31.72
N ALA A 182 2.47 -12.45 -31.39
CA ALA A 182 3.85 -12.92 -31.35
C ALA A 182 4.57 -13.03 -32.68
N TYR A 183 3.75 -13.48 -33.60
CA TYR A 183 4.21 -13.74 -35.00
C TYR A 183 4.85 -12.44 -35.47
N PHE A 184 4.38 -11.32 -34.92
CA PHE A 184 4.89 -10.06 -35.36
C PHE A 184 6.22 -9.70 -34.73
N GLY A 185 6.31 -9.72 -33.42
CA GLY A 185 7.55 -9.38 -32.80
C GLY A 185 8.75 -10.29 -32.97
N GLU A 186 8.35 -11.52 -33.07
CA GLU A 186 9.30 -12.59 -33.15
C GLU A 186 9.84 -13.01 -34.44
N ASP A 187 9.43 -12.27 -35.49
CA ASP A 187 9.83 -12.54 -36.92
C ASP A 187 11.27 -12.18 -37.27
N ILE A 188 11.93 -13.06 -37.98
CA ILE A 188 13.38 -12.76 -38.23
C ILE A 188 13.45 -11.63 -39.20
N GLY A 189 12.38 -11.17 -39.76
CA GLY A 189 12.50 -10.14 -40.71
C GLY A 189 12.48 -8.77 -40.07
N MET A 190 11.56 -8.77 -39.09
CA MET A 190 11.36 -7.41 -38.44
C MET A 190 12.58 -7.30 -37.53
N ASN A 191 12.85 -8.44 -36.93
CA ASN A 191 14.07 -8.27 -36.13
C ASN A 191 15.20 -7.86 -37.04
N ILE A 192 15.27 -8.38 -38.19
CA ILE A 192 16.42 -7.85 -39.00
C ILE A 192 16.25 -6.34 -39.19
N HIS A 193 15.22 -5.83 -39.94
CA HIS A 193 15.05 -4.37 -40.06
C HIS A 193 15.32 -3.59 -38.76
N HIS A 194 14.77 -3.99 -37.65
CA HIS A 194 14.95 -3.19 -36.41
C HIS A 194 16.42 -2.97 -36.24
N VAL A 195 17.25 -4.04 -36.30
CA VAL A 195 18.68 -3.82 -36.10
C VAL A 195 19.19 -3.00 -37.30
N THR A 196 18.85 -3.43 -38.50
CA THR A 196 19.49 -2.59 -39.57
C THR A 196 19.25 -1.06 -39.46
N TRP A 197 17.90 -0.82 -39.26
CA TRP A 197 17.41 0.57 -39.16
C TRP A 197 18.39 1.34 -38.30
N HIS A 198 18.68 0.78 -37.14
CA HIS A 198 19.67 1.48 -36.24
C HIS A 198 21.13 1.21 -36.53
N MET A 199 21.58 0.86 -37.72
CA MET A 199 23.02 0.51 -38.03
C MET A 199 23.11 1.50 -39.21
N ASP A 200 21.94 1.66 -39.87
CA ASP A 200 21.90 2.62 -40.98
C ASP A 200 22.02 4.02 -40.35
N PHE A 201 21.19 4.28 -39.31
CA PHE A 201 21.34 5.58 -38.67
C PHE A 201 21.51 5.29 -37.17
N PRO A 202 22.77 5.22 -36.86
CA PRO A 202 23.08 4.96 -35.47
C PRO A 202 22.90 6.17 -34.58
N PHE A 203 22.56 5.92 -33.35
CA PHE A 203 22.46 6.89 -32.27
C PHE A 203 23.92 7.45 -32.05
N TRP A 204 25.03 6.76 -32.18
CA TRP A 204 26.34 7.25 -31.93
C TRP A 204 26.98 7.96 -33.05
N TRP A 205 26.36 8.30 -34.11
CA TRP A 205 27.16 8.85 -35.22
C TRP A 205 27.77 10.16 -35.09
N GLU A 206 28.90 10.63 -35.32
CA GLU A 206 29.29 12.01 -35.17
C GLU A 206 29.54 12.49 -36.57
N ASP A 207 29.53 13.66 -37.12
CA ASP A 207 29.72 13.84 -38.55
C ASP A 207 31.21 13.84 -38.90
N SER A 208 32.03 13.42 -37.98
CA SER A 208 33.48 13.31 -38.19
C SER A 208 33.55 12.03 -38.97
N TYR A 209 32.67 11.11 -38.70
CA TYR A 209 32.84 9.84 -39.48
C TYR A 209 32.75 10.05 -40.98
N GLY A 210 32.35 11.22 -41.47
CA GLY A 210 32.29 11.41 -42.90
C GLY A 210 31.28 12.10 -43.68
N TYR A 211 30.04 12.12 -43.18
CA TYR A 211 28.83 12.70 -43.89
C TYR A 211 27.79 12.84 -42.85
N HIS A 212 26.60 13.26 -43.17
CA HIS A 212 25.69 13.52 -41.99
C HIS A 212 24.46 12.72 -42.23
N LEU A 213 23.92 11.93 -41.36
CA LEU A 213 22.73 11.23 -41.92
C LEU A 213 21.74 12.38 -41.84
N ASP A 214 20.93 12.65 -42.80
CA ASP A 214 20.01 13.64 -42.99
C ASP A 214 18.91 13.97 -41.99
N ARG A 215 17.98 13.05 -41.83
CA ARG A 215 16.92 13.64 -40.82
C ARG A 215 16.76 12.68 -39.70
N LYS A 216 17.90 11.96 -39.39
CA LYS A 216 17.67 10.89 -38.32
C LYS A 216 17.19 11.89 -37.26
N GLY A 217 15.99 11.59 -36.87
CA GLY A 217 15.59 12.74 -35.83
C GLY A 217 14.14 12.50 -36.27
N GLU A 218 13.75 12.91 -37.44
CA GLU A 218 12.40 12.60 -37.84
C GLU A 218 12.32 11.13 -38.16
N LEU A 219 13.51 10.81 -38.76
CA LEU A 219 13.67 9.33 -39.17
C LEU A 219 13.46 8.60 -37.85
N PHE A 220 14.15 8.94 -36.77
CA PHE A 220 13.76 8.22 -35.52
C PHE A 220 12.29 8.37 -35.12
N PHE A 221 11.68 9.54 -35.07
CA PHE A 221 10.30 9.87 -34.71
C PHE A 221 9.41 8.71 -35.24
N TRP A 222 9.35 8.77 -36.64
CA TRP A 222 8.70 7.95 -37.63
C TRP A 222 8.96 6.43 -37.66
N VAL A 223 10.24 6.01 -37.68
CA VAL A 223 10.34 4.58 -37.73
C VAL A 223 9.60 3.93 -36.56
N HIS A 224 9.70 4.55 -35.43
CA HIS A 224 9.05 3.81 -34.30
C HIS A 224 7.55 3.90 -34.15
N HIS A 225 7.16 5.03 -34.78
CA HIS A 225 5.67 5.31 -34.77
C HIS A 225 5.10 4.23 -35.68
N GLN A 226 5.97 3.90 -36.64
CA GLN A 226 5.47 2.85 -37.53
C GLN A 226 5.39 1.51 -36.86
N LEU A 227 6.53 1.07 -36.24
CA LEU A 227 6.34 -0.22 -35.58
C LEU A 227 5.17 0.12 -34.58
N THR A 228 5.08 1.19 -33.85
CA THR A 228 3.95 1.12 -32.94
C THR A 228 2.56 1.04 -33.53
N ALA A 229 2.41 1.56 -34.74
CA ALA A 229 1.08 1.40 -35.35
C ALA A 229 0.89 -0.04 -35.85
N ARG A 230 1.98 -0.38 -36.62
CA ARG A 230 1.97 -1.72 -37.27
C ARG A 230 1.64 -2.66 -36.07
N PHE A 231 2.25 -2.54 -34.93
CA PHE A 231 1.94 -3.44 -33.87
C PHE A 231 0.51 -3.33 -33.47
N ASP A 232 0.08 -2.08 -33.24
CA ASP A 232 -1.36 -1.83 -32.78
C ASP A 232 -2.35 -2.50 -33.77
N PHE A 233 -2.09 -2.38 -35.09
CA PHE A 233 -3.00 -3.11 -35.95
C PHE A 233 -3.00 -4.64 -35.64
N GLU A 234 -1.79 -5.28 -35.57
CA GLU A 234 -1.89 -6.73 -35.38
C GLU A 234 -2.72 -7.01 -34.15
N ARG A 235 -2.61 -6.20 -33.12
CA ARG A 235 -3.40 -6.52 -31.92
C ARG A 235 -4.88 -6.32 -32.17
N LEU A 236 -5.19 -5.52 -33.18
CA LEU A 236 -6.65 -5.34 -33.56
C LEU A 236 -7.28 -6.67 -34.13
N SER A 237 -6.52 -7.12 -35.12
CA SER A 237 -6.82 -8.38 -35.74
C SER A 237 -6.74 -9.33 -34.57
N ASN A 238 -6.31 -9.20 -33.39
CA ASN A 238 -6.49 -10.40 -32.54
C ASN A 238 -7.44 -10.18 -31.39
N TRP A 239 -8.43 -9.34 -31.59
CA TRP A 239 -9.44 -9.15 -30.50
C TRP A 239 -8.63 -8.52 -29.34
N LEU A 240 -7.37 -8.07 -29.65
CA LEU A 240 -6.75 -7.43 -28.45
C LEU A 240 -6.95 -5.94 -28.55
N ASP A 241 -6.76 -5.21 -27.49
CA ASP A 241 -6.98 -3.71 -27.50
C ASP A 241 -5.74 -2.89 -27.66
N PRO A 242 -5.71 -1.79 -28.31
CA PRO A 242 -4.47 -0.96 -28.52
C PRO A 242 -3.43 -0.98 -27.41
N VAL A 243 -2.10 -0.81 -27.48
CA VAL A 243 -1.36 -0.96 -26.21
C VAL A 243 -1.25 0.13 -25.22
N ASP A 244 -1.15 -0.21 -24.01
CA ASP A 244 -1.04 0.68 -22.79
C ASP A 244 0.22 1.53 -22.98
N GLU A 245 0.33 2.74 -22.58
CA GLU A 245 1.62 3.49 -22.79
C GLU A 245 2.33 3.14 -21.54
N LEU A 246 3.56 2.99 -21.29
CA LEU A 246 4.19 2.57 -19.98
C LEU A 246 4.35 3.62 -18.95
N HIS A 247 4.23 3.65 -17.65
CA HIS A 247 4.55 4.90 -16.96
C HIS A 247 5.65 4.62 -15.87
N TRP A 248 6.39 5.65 -15.39
CA TRP A 248 7.33 5.08 -14.46
C TRP A 248 6.69 4.91 -13.14
N ASP A 249 5.59 5.56 -12.89
CA ASP A 249 5.04 5.36 -11.56
C ASP A 249 4.14 4.15 -11.61
N ARG A 250 3.97 3.33 -12.61
CA ARG A 250 3.05 2.19 -12.38
C ARG A 250 3.52 0.78 -12.43
N ILE A 251 2.77 -0.29 -12.23
CA ILE A 251 3.46 -1.59 -12.28
C ILE A 251 3.63 -1.79 -13.79
N ILE A 252 4.55 -2.76 -14.10
CA ILE A 252 4.78 -3.08 -15.52
C ILE A 252 3.77 -4.22 -15.45
N ARG A 253 2.61 -3.99 -15.92
CA ARG A 253 1.57 -5.02 -15.82
C ARG A 253 1.92 -6.30 -16.56
N GLU A 254 2.22 -6.19 -17.84
CA GLU A 254 2.51 -7.33 -18.67
C GLU A 254 3.86 -7.93 -18.87
N GLY A 255 4.35 -8.82 -18.03
CA GLY A 255 5.73 -9.37 -18.24
C GLY A 255 5.74 -10.68 -19.02
N PHE A 256 6.84 -11.07 -19.56
CA PHE A 256 7.05 -12.28 -20.34
C PHE A 256 8.40 -12.98 -19.96
N ALA A 257 8.54 -14.22 -20.48
CA ALA A 257 9.72 -15.10 -20.31
C ALA A 257 10.01 -15.32 -21.82
N PRO A 258 11.26 -15.03 -22.17
CA PRO A 258 11.67 -15.08 -23.57
C PRO A 258 12.12 -16.42 -24.00
N LEU A 259 12.48 -17.26 -23.07
CA LEU A 259 12.99 -18.60 -23.59
C LEU A 259 14.09 -18.53 -24.57
N THR A 260 14.88 -17.58 -24.75
CA THR A 260 15.98 -17.40 -25.66
C THR A 260 17.30 -17.53 -24.94
N SER A 261 18.36 -17.93 -25.58
CA SER A 261 19.62 -18.01 -24.81
C SER A 261 20.76 -17.30 -25.55
N TYR A 262 21.74 -16.80 -24.80
CA TYR A 262 22.92 -16.13 -25.43
C TYR A 262 23.88 -17.17 -26.02
N LYS A 263 24.93 -16.93 -26.81
CA LYS A 263 25.79 -18.13 -27.21
C LYS A 263 26.71 -18.40 -26.01
N TYR A 264 27.47 -17.42 -25.69
CA TYR A 264 28.34 -17.42 -24.48
C TYR A 264 27.48 -16.41 -23.59
N GLY A 265 27.16 -16.68 -22.32
CA GLY A 265 26.24 -15.75 -21.60
C GLY A 265 25.11 -16.45 -20.80
N GLY A 266 24.19 -17.30 -21.16
CA GLY A 266 23.29 -17.93 -20.09
C GLY A 266 21.95 -17.67 -20.62
N GLU A 267 20.89 -18.12 -20.05
CA GLU A 267 19.62 -17.63 -20.73
C GLU A 267 19.17 -16.21 -20.39
N PHE A 268 18.46 -15.65 -21.36
CA PHE A 268 17.91 -14.27 -21.13
C PHE A 268 17.06 -14.21 -19.86
N PRO A 269 17.20 -13.31 -18.90
CA PRO A 269 16.41 -13.29 -17.65
C PRO A 269 14.95 -13.09 -17.98
N VAL A 270 14.20 -13.43 -16.97
CA VAL A 270 12.72 -13.32 -17.33
C VAL A 270 12.05 -12.26 -16.54
N ARG A 271 10.81 -11.86 -16.60
CA ARG A 271 10.21 -10.78 -15.78
C ARG A 271 8.80 -11.26 -15.35
N PRO A 272 8.57 -11.34 -14.06
CA PRO A 272 7.46 -11.84 -13.38
C PRO A 272 6.14 -11.27 -13.59
N ASP A 273 5.96 -10.05 -14.11
CA ASP A 273 4.38 -9.75 -14.18
C ASP A 273 3.89 -9.14 -12.86
N ASN A 274 3.27 -7.96 -13.13
CA ASN A 274 2.70 -6.99 -12.19
C ASN A 274 3.89 -6.54 -11.30
N ILE A 275 5.16 -6.37 -11.69
CA ILE A 275 6.31 -5.92 -10.97
C ILE A 275 6.38 -4.39 -10.91
N HIS A 276 7.18 -3.97 -9.90
CA HIS A 276 7.40 -2.51 -9.67
C HIS A 276 8.74 -2.14 -10.19
N PHE A 277 8.90 -1.10 -10.93
CA PHE A 277 10.22 -0.81 -11.50
C PHE A 277 11.38 -0.59 -10.60
N GLU A 278 12.49 -1.29 -10.52
CA GLU A 278 13.53 -0.78 -9.60
C GLU A 278 14.70 -0.04 -10.24
N ASP A 279 15.09 0.75 -9.27
CA ASP A 279 16.26 1.71 -9.57
C ASP A 279 17.32 0.69 -9.86
N VAL A 280 17.93 0.79 -11.04
CA VAL A 280 18.97 -0.18 -11.47
C VAL A 280 20.34 0.45 -11.41
N ASP A 281 21.09 -0.21 -10.54
CA ASP A 281 22.46 0.30 -10.24
C ASP A 281 23.28 0.25 -11.55
N GLY A 282 23.93 1.38 -11.66
CA GLY A 282 24.80 1.47 -12.83
C GLY A 282 24.25 2.23 -14.04
N VAL A 283 22.98 2.01 -14.17
CA VAL A 283 22.34 2.64 -15.35
C VAL A 283 21.76 3.98 -14.90
N ALA A 284 20.73 3.91 -14.10
CA ALA A 284 20.15 5.17 -13.69
C ALA A 284 18.90 4.83 -12.90
N HIS A 285 18.57 5.71 -12.06
CA HIS A 285 17.57 5.85 -11.05
C HIS A 285 16.19 5.86 -11.50
N VAL A 286 15.14 5.44 -10.85
CA VAL A 286 13.92 5.50 -11.75
C VAL A 286 13.46 6.88 -11.92
N HIS A 287 13.75 7.59 -10.93
CA HIS A 287 13.24 9.02 -10.99
C HIS A 287 14.01 9.86 -11.99
N ASP A 288 15.17 9.22 -12.23
CA ASP A 288 16.07 9.92 -13.21
C ASP A 288 15.40 10.09 -14.58
N LEU A 289 14.44 9.20 -14.74
CA LEU A 289 13.70 9.13 -16.01
C LEU A 289 12.61 10.14 -15.80
N GLU A 290 11.78 9.94 -14.82
CA GLU A 290 10.71 10.84 -14.47
C GLU A 290 11.29 12.22 -14.67
N ILE A 291 12.38 12.77 -14.11
CA ILE A 291 12.77 14.11 -14.45
C ILE A 291 13.13 14.22 -15.90
N THR A 292 13.90 13.32 -16.47
CA THR A 292 14.19 13.48 -17.92
C THR A 292 12.95 13.73 -18.67
N GLU A 293 11.94 12.88 -18.57
CA GLU A 293 10.65 12.99 -19.18
C GLU A 293 10.13 14.37 -18.89
N SER A 294 10.41 15.09 -17.84
CA SER A 294 9.79 16.45 -17.70
C SER A 294 10.62 17.50 -18.40
N ARG A 295 11.94 17.26 -18.28
CA ARG A 295 12.69 18.29 -19.02
C ARG A 295 12.19 18.22 -20.46
N ILE A 296 11.86 17.01 -21.01
CA ILE A 296 11.46 16.82 -22.39
C ILE A 296 10.22 17.55 -22.82
N HIS A 297 9.43 17.04 -21.89
CA HIS A 297 8.04 17.54 -21.99
C HIS A 297 7.89 19.01 -21.78
N GLU A 298 8.88 19.75 -21.44
CA GLU A 298 8.69 21.19 -21.18
C GLU A 298 9.27 21.81 -22.42
N ALA A 299 9.97 20.92 -23.12
CA ALA A 299 10.59 21.69 -24.28
C ALA A 299 9.35 21.68 -25.13
N ILE A 300 8.69 20.56 -25.37
CA ILE A 300 7.50 20.55 -26.20
C ILE A 300 6.54 21.62 -25.74
N ASP A 301 6.37 21.61 -24.40
CA ASP A 301 5.37 22.62 -24.01
C ASP A 301 5.76 24.06 -24.13
N HIS A 302 7.00 24.43 -24.09
CA HIS A 302 7.45 25.81 -24.12
C HIS A 302 7.43 26.49 -25.48
N GLY A 303 7.97 25.70 -26.36
CA GLY A 303 8.05 26.09 -27.77
C GLY A 303 9.53 26.00 -28.02
N TYR A 304 10.37 25.94 -26.92
CA TYR A 304 11.83 25.84 -27.28
C TYR A 304 12.67 24.81 -26.54
N ILE A 305 13.79 24.37 -27.11
CA ILE A 305 14.66 23.43 -26.48
C ILE A 305 15.67 24.43 -25.92
N THR A 306 16.30 24.28 -24.79
CA THR A 306 17.23 25.34 -24.34
C THR A 306 18.60 24.73 -24.33
N ASP A 307 19.69 25.16 -24.93
CA ASP A 307 20.93 24.37 -24.87
C ASP A 307 21.64 24.77 -23.59
N SER A 308 22.88 24.39 -23.51
CA SER A 308 23.91 24.45 -22.53
C SER A 308 24.21 25.86 -22.11
N ASP A 309 23.95 26.77 -23.07
CA ASP A 309 24.26 28.16 -22.64
C ASP A 309 22.99 28.74 -22.09
N GLY A 310 21.93 28.14 -22.59
CA GLY A 310 20.72 28.82 -21.92
C GLY A 310 20.27 29.57 -23.19
N HIS A 311 20.75 28.99 -24.29
CA HIS A 311 20.21 29.62 -25.50
C HIS A 311 18.84 29.02 -25.78
N THR A 312 17.72 29.68 -26.07
CA THR A 312 16.56 28.84 -26.30
C THR A 312 16.63 28.67 -27.83
N ILE A 313 16.57 27.51 -28.38
CA ILE A 313 16.58 27.13 -29.78
C ILE A 313 15.08 26.73 -29.99
N ASP A 314 14.46 27.47 -30.91
CA ASP A 314 13.03 27.31 -31.20
C ASP A 314 12.78 26.01 -31.94
N ILE A 315 11.66 25.41 -31.67
CA ILE A 315 11.25 24.19 -32.33
C ILE A 315 9.83 24.24 -32.81
N ARG A 316 9.27 25.38 -32.88
CA ARG A 316 7.81 25.42 -33.28
C ARG A 316 7.93 25.60 -34.75
N GLN A 317 8.53 24.83 -35.54
CA GLN A 317 8.77 25.07 -36.95
C GLN A 317 9.13 23.65 -37.42
N PRO A 318 9.30 23.52 -38.70
CA PRO A 318 9.53 22.29 -39.37
C PRO A 318 10.74 21.51 -38.97
N LYS A 319 11.82 22.02 -38.56
CA LYS A 319 13.00 21.22 -38.17
C LYS A 319 12.61 20.75 -36.78
N GLY A 320 11.51 21.34 -36.35
CA GLY A 320 11.05 21.02 -35.03
C GLY A 320 11.34 19.60 -34.54
N ILE A 321 10.43 18.76 -35.00
CA ILE A 321 10.36 17.36 -34.64
C ILE A 321 11.66 16.70 -34.78
N GLU A 322 12.65 17.17 -35.48
CA GLU A 322 13.96 16.45 -35.56
C GLU A 322 14.76 17.02 -34.37
N LEU A 323 14.97 18.34 -34.17
CA LEU A 323 15.64 18.56 -32.92
C LEU A 323 14.88 17.78 -31.82
N LEU A 324 13.58 17.48 -31.77
CA LEU A 324 13.07 16.77 -30.62
C LEU A 324 13.62 15.36 -30.62
N GLY A 325 13.85 14.81 -31.80
CA GLY A 325 14.29 13.43 -31.77
C GLY A 325 15.74 13.36 -31.40
N ASP A 326 16.41 14.43 -31.53
CA ASP A 326 17.81 14.28 -31.22
C ASP A 326 17.92 14.25 -29.71
N ILE A 327 17.07 14.94 -28.99
CA ILE A 327 17.06 15.06 -27.53
C ILE A 327 16.35 13.85 -26.94
N ILE A 328 15.26 13.36 -27.55
CA ILE A 328 14.62 12.18 -27.04
C ILE A 328 15.32 10.89 -27.31
N GLU A 329 15.90 10.42 -28.36
CA GLU A 329 16.43 9.00 -28.39
C GLU A 329 17.70 8.97 -27.63
N SER A 330 18.30 10.07 -27.76
CA SER A 330 19.39 10.93 -27.53
C SER A 330 20.57 10.40 -28.35
N SER A 331 20.78 11.13 -29.39
CA SER A 331 21.83 10.74 -30.31
C SER A 331 22.84 11.85 -30.24
N LYS A 332 23.87 11.91 -31.07
CA LYS A 332 24.75 13.06 -30.75
C LYS A 332 24.29 14.28 -31.38
N TYR A 333 23.19 14.40 -31.92
CA TYR A 333 22.86 15.72 -32.52
C TYR A 333 22.24 16.42 -31.32
N SER A 334 22.10 15.88 -30.10
CA SER A 334 21.48 16.62 -28.99
C SER A 334 22.09 17.99 -28.75
N SER A 335 21.29 18.97 -28.41
CA SER A 335 21.74 20.34 -28.23
C SER A 335 22.13 20.38 -26.83
N ASN A 336 21.37 19.78 -25.95
CA ASN A 336 21.88 19.91 -24.50
C ASN A 336 21.94 18.50 -24.00
N VAL A 337 22.80 17.57 -24.22
CA VAL A 337 22.61 16.24 -23.62
C VAL A 337 22.82 16.22 -22.13
N GLN A 338 23.37 17.22 -21.55
CA GLN A 338 23.64 17.11 -20.05
C GLN A 338 22.28 17.40 -19.33
N TYR A 339 21.34 17.92 -20.06
CA TYR A 339 20.12 18.30 -19.42
C TYR A 339 19.01 17.38 -19.80
N TYR A 340 18.74 17.18 -21.04
CA TYR A 340 17.68 16.32 -21.51
C TYR A 340 18.14 14.88 -21.46
N GLY A 341 19.35 14.54 -21.05
CA GLY A 341 19.77 13.16 -21.09
C GLY A 341 19.52 12.29 -22.26
N SER A 342 19.00 11.12 -21.94
CA SER A 342 18.66 10.07 -22.94
C SER A 342 17.45 9.12 -22.69
N LEU A 343 16.22 9.68 -22.65
CA LEU A 343 15.10 8.83 -22.32
C LEU A 343 15.02 7.52 -22.99
N HIS A 344 15.04 7.47 -24.24
CA HIS A 344 14.86 6.25 -24.99
C HIS A 344 15.88 5.22 -24.65
N ASN A 345 17.15 5.44 -24.94
CA ASN A 345 18.21 4.50 -24.70
C ASN A 345 18.21 4.29 -23.24
N THR A 346 18.38 5.14 -22.30
CA THR A 346 18.32 4.61 -20.91
C THR A 346 17.16 3.69 -20.64
N ALA A 347 16.03 4.05 -21.22
CA ALA A 347 14.77 3.33 -21.04
C ALA A 347 15.01 1.96 -21.56
N HIS A 348 15.88 1.64 -22.47
CA HIS A 348 16.14 0.27 -22.93
C HIS A 348 16.99 -0.29 -21.82
N VAL A 349 18.14 0.12 -21.43
CA VAL A 349 18.82 -0.54 -20.37
C VAL A 349 18.00 -0.62 -19.10
N MET A 350 17.22 0.36 -18.80
CA MET A 350 16.45 0.39 -17.57
C MET A 350 15.43 -0.73 -17.59
N LEU A 351 14.82 -1.10 -18.74
CA LEU A 351 13.80 -2.16 -18.68
C LEU A 351 14.37 -3.61 -18.64
N GLY A 352 15.68 -3.66 -18.97
CA GLY A 352 16.36 -4.89 -19.12
C GLY A 352 16.88 -5.44 -17.85
N ARG A 353 17.37 -4.68 -16.94
CA ARG A 353 17.91 -5.35 -15.75
C ARG A 353 16.79 -5.47 -14.75
N GLN A 354 15.56 -5.17 -15.22
CA GLN A 354 14.47 -5.32 -14.19
C GLN A 354 14.54 -6.71 -13.58
N GLY A 355 15.46 -7.51 -14.21
CA GLY A 355 15.62 -8.87 -13.78
C GLY A 355 16.63 -8.96 -12.64
N ASP A 356 17.39 -7.92 -12.47
CA ASP A 356 18.55 -7.85 -11.59
C ASP A 356 19.14 -6.42 -11.57
N PRO A 357 18.58 -5.53 -10.84
CA PRO A 357 19.01 -4.19 -10.74
C PRO A 357 20.12 -4.22 -9.75
N HIS A 358 20.17 -4.89 -8.64
CA HIS A 358 21.49 -4.46 -7.95
C HIS A 358 22.56 -5.36 -8.45
N GLY A 359 22.05 -6.30 -9.23
CA GLY A 359 22.98 -7.31 -9.84
C GLY A 359 23.49 -8.32 -8.84
N LYS A 360 22.56 -8.95 -8.20
CA LYS A 360 22.93 -9.88 -7.17
C LYS A 360 23.06 -11.16 -7.92
N PHE A 361 22.52 -11.35 -9.04
CA PHE A 361 22.67 -12.70 -9.62
C PHE A 361 23.59 -12.90 -10.79
N ASN A 362 23.81 -11.63 -11.21
CA ASN A 362 24.73 -11.58 -12.40
C ASN A 362 24.11 -12.44 -13.50
N LEU A 363 22.95 -12.03 -13.93
CA LEU A 363 22.21 -12.55 -15.06
C LEU A 363 22.81 -11.66 -16.18
N PRO A 364 22.77 -11.98 -17.44
CA PRO A 364 23.32 -11.20 -18.54
C PRO A 364 22.37 -10.06 -18.85
N PRO A 365 22.55 -9.30 -19.86
CA PRO A 365 21.70 -8.20 -20.18
C PRO A 365 20.37 -8.69 -20.66
N GLY A 366 19.35 -7.90 -20.93
CA GLY A 366 18.13 -8.69 -21.30
C GLY A 366 17.53 -8.48 -22.66
N VAL A 367 16.42 -9.16 -22.95
CA VAL A 367 15.98 -8.99 -24.34
C VAL A 367 15.82 -7.60 -24.81
N MET A 368 15.57 -6.63 -24.14
CA MET A 368 15.41 -5.22 -24.58
C MET A 368 16.73 -4.48 -24.65
N GLU A 369 17.79 -5.13 -24.21
CA GLU A 369 19.03 -4.33 -24.22
C GLU A 369 19.74 -4.77 -25.46
N HIS A 370 19.03 -4.96 -26.49
CA HIS A 370 19.62 -5.38 -27.79
C HIS A 370 18.65 -5.15 -28.96
N PHE A 371 19.18 -4.63 -30.07
CA PHE A 371 18.19 -4.50 -31.15
C PHE A 371 17.68 -5.70 -31.89
N GLU A 372 18.46 -6.77 -31.95
CA GLU A 372 17.87 -7.91 -32.76
C GLU A 372 16.96 -8.68 -31.88
N THR A 373 16.71 -8.15 -30.68
CA THR A 373 15.86 -8.92 -29.76
C THR A 373 14.84 -8.24 -28.95
N ALA A 374 14.66 -6.93 -29.15
CA ALA A 374 13.79 -6.22 -28.24
C ALA A 374 12.41 -6.43 -28.65
N THR A 375 12.26 -6.53 -29.92
CA THR A 375 10.77 -6.60 -30.26
C THR A 375 10.18 -7.81 -29.68
N ARG A 376 10.91 -8.65 -28.97
CA ARG A 376 10.35 -9.83 -28.42
C ARG A 376 9.52 -9.61 -27.21
N ASP A 377 9.99 -8.86 -26.25
CA ASP A 377 9.46 -8.59 -24.91
C ASP A 377 8.29 -7.66 -25.01
N PRO A 378 7.17 -7.91 -24.47
CA PRO A 378 6.05 -7.03 -24.58
C PRO A 378 6.22 -5.61 -24.08
N SER A 379 6.98 -5.35 -23.10
CA SER A 379 7.02 -3.94 -22.76
C SER A 379 7.72 -3.13 -23.88
N PHE A 380 8.21 -3.83 -24.88
CA PHE A 380 8.93 -3.09 -25.94
C PHE A 380 7.93 -2.14 -26.51
N PHE A 381 6.78 -2.62 -26.83
CA PHE A 381 5.77 -1.68 -27.40
C PHE A 381 5.09 -0.78 -26.39
N ARG A 382 5.09 -1.06 -25.11
CA ARG A 382 4.52 -0.23 -24.05
C ARG A 382 5.45 0.96 -23.96
N LEU A 383 6.80 0.69 -24.04
CA LEU A 383 7.85 1.68 -23.99
C LEU A 383 7.75 2.44 -25.28
N HIS A 384 7.41 2.06 -26.43
CA HIS A 384 7.43 3.02 -27.55
C HIS A 384 6.10 3.68 -27.73
N LYS A 385 5.14 3.21 -27.01
CA LYS A 385 3.80 3.91 -27.05
C LYS A 385 4.06 5.25 -26.28
N TYR A 386 4.57 5.21 -25.10
CA TYR A 386 5.07 6.33 -24.32
C TYR A 386 6.07 7.12 -25.20
N MET A 387 7.25 6.64 -25.69
CA MET A 387 7.95 7.62 -26.53
C MET A 387 6.98 8.21 -27.60
N ASP A 388 6.16 7.36 -28.20
CA ASP A 388 5.27 7.73 -29.29
C ASP A 388 4.45 8.89 -28.87
N ASN A 389 3.65 8.93 -27.79
CA ASN A 389 2.93 10.22 -27.60
C ASN A 389 3.72 11.29 -26.92
N ILE A 390 5.00 11.45 -26.92
CA ILE A 390 5.80 12.48 -26.30
C ILE A 390 5.87 13.25 -27.69
N PHE A 391 6.10 12.44 -28.69
CA PHE A 391 6.24 13.12 -29.94
C PHE A 391 4.83 13.64 -30.27
N LYS A 392 3.81 12.78 -30.14
CA LYS A 392 2.54 13.39 -30.64
C LYS A 392 2.21 14.71 -29.93
N LYS A 393 2.74 14.87 -28.70
CA LYS A 393 2.42 16.08 -28.01
C LYS A 393 2.89 17.22 -28.85
N HIS A 394 3.85 17.18 -29.63
CA HIS A 394 4.44 18.35 -30.31
C HIS A 394 3.84 18.55 -31.61
N THR A 395 3.75 17.30 -32.07
CA THR A 395 3.19 16.89 -33.39
C THR A 395 1.82 17.52 -33.63
N ASP A 396 0.99 17.58 -32.66
CA ASP A 396 -0.35 18.03 -32.53
C ASP A 396 -0.54 19.47 -32.12
N SER A 397 0.64 20.09 -31.88
CA SER A 397 0.41 21.51 -31.40
C SER A 397 0.26 22.40 -32.64
N PHE A 398 0.47 21.72 -33.83
CA PHE A 398 0.31 22.70 -34.96
C PHE A 398 -1.15 22.90 -35.26
N PRO A 399 -1.40 23.97 -35.89
CA PRO A 399 -2.76 24.28 -36.31
C PRO A 399 -2.94 23.34 -37.50
N PRO A 400 -4.17 22.90 -37.64
CA PRO A 400 -4.65 21.97 -38.62
C PRO A 400 -4.44 22.47 -40.01
N TYR A 401 -4.66 21.60 -41.00
CA TYR A 401 -4.28 22.21 -42.34
C TYR A 401 -5.54 22.75 -42.99
N THR A 402 -5.31 23.78 -43.79
CA THR A 402 -6.34 24.50 -44.51
C THR A 402 -6.67 23.72 -45.77
N HIS A 403 -7.77 24.20 -46.38
CA HIS A 403 -8.23 23.52 -47.62
C HIS A 403 -7.10 23.81 -48.61
N ASP A 404 -7.04 25.14 -48.68
CA ASP A 404 -5.99 25.71 -49.56
C ASP A 404 -4.69 25.00 -49.24
N ASN A 405 -4.62 24.35 -48.12
CA ASN A 405 -3.40 23.69 -47.69
C ASN A 405 -3.02 22.37 -48.42
N LEU A 406 -3.94 21.41 -48.40
CA LEU A 406 -3.68 20.14 -49.02
C LEU A 406 -3.88 20.09 -50.54
N GLU A 407 -4.64 20.99 -51.15
CA GLU A 407 -5.00 21.10 -52.51
C GLU A 407 -3.89 21.14 -53.49
N PHE A 408 -3.80 20.25 -54.45
CA PHE A 408 -2.81 20.29 -55.56
C PHE A 408 -3.74 20.29 -56.81
N SER A 409 -4.13 21.51 -56.92
CA SER A 409 -5.03 22.07 -57.91
C SER A 409 -4.77 21.47 -59.27
N GLY A 410 -5.80 20.94 -59.87
CA GLY A 410 -5.32 20.40 -61.26
C GLY A 410 -5.60 18.97 -60.84
N MET A 411 -4.69 18.14 -60.60
CA MET A 411 -5.09 16.83 -60.14
C MET A 411 -6.22 16.35 -59.29
N VAL A 412 -6.86 15.29 -59.75
CA VAL A 412 -7.91 14.77 -58.87
C VAL A 412 -8.13 13.27 -58.96
N VAL A 413 -8.10 12.65 -57.82
CA VAL A 413 -8.31 11.22 -57.85
C VAL A 413 -9.77 10.97 -58.14
N ASN A 414 -9.87 10.12 -59.14
CA ASN A 414 -11.17 9.71 -59.64
C ASN A 414 -11.52 8.46 -58.87
N GLY A 415 -10.58 7.52 -58.98
CA GLY A 415 -11.01 6.29 -58.20
C GLY A 415 -9.82 5.49 -57.72
N VAL A 416 -10.23 4.65 -56.76
CA VAL A 416 -9.11 3.80 -56.26
C VAL A 416 -9.66 2.40 -56.12
N ALA A 417 -8.81 1.61 -56.81
CA ALA A 417 -8.97 0.16 -56.86
C ALA A 417 -7.75 -0.79 -56.72
N ILE A 418 -8.21 -1.85 -56.01
CA ILE A 418 -7.31 -2.94 -55.70
C ILE A 418 -7.63 -4.07 -56.65
N ASP A 419 -6.61 -4.26 -57.46
CA ASP A 419 -6.65 -5.32 -58.48
C ASP A 419 -6.18 -6.65 -57.90
N GLY A 420 -7.07 -7.32 -57.22
CA GLY A 420 -6.65 -8.64 -56.67
C GLY A 420 -7.33 -8.90 -55.34
N GLU A 421 -6.61 -9.59 -54.47
CA GLU A 421 -7.27 -9.83 -53.18
C GLU A 421 -6.29 -9.52 -52.07
N LEU A 422 -7.01 -9.11 -51.00
CA LEU A 422 -6.09 -8.82 -49.84
C LEU A 422 -6.16 -10.14 -49.07
N ILE A 423 -5.06 -10.88 -49.28
CA ILE A 423 -5.13 -12.17 -48.52
C ILE A 423 -3.84 -12.45 -47.88
N THR A 424 -3.96 -12.70 -46.59
CA THR A 424 -2.78 -12.99 -45.80
C THR A 424 -2.86 -14.37 -45.15
N PHE A 425 -1.72 -14.96 -45.28
CA PHE A 425 -1.58 -16.30 -44.65
C PHE A 425 -0.23 -16.60 -43.97
N PHE A 426 -0.09 -17.87 -43.60
CA PHE A 426 1.20 -18.22 -42.97
C PHE A 426 2.13 -19.26 -43.65
N ASP A 427 3.11 -18.85 -44.40
CA ASP A 427 4.16 -19.40 -45.10
C ASP A 427 5.14 -20.17 -44.24
N GLU A 428 6.23 -20.55 -44.90
CA GLU A 428 7.23 -21.25 -44.00
C GLU A 428 8.64 -20.98 -44.43
N PHE A 429 9.49 -20.71 -43.49
CA PHE A 429 10.85 -20.32 -43.77
C PHE A 429 11.93 -21.13 -43.05
N GLN A 430 13.04 -21.08 -43.84
CA GLN A 430 14.15 -21.94 -43.19
C GLN A 430 15.47 -21.22 -43.22
N TYR A 431 16.06 -21.12 -42.03
CA TYR A 431 17.37 -20.37 -42.00
C TYR A 431 18.23 -21.45 -41.40
N SER A 432 19.53 -21.27 -41.43
CA SER A 432 20.49 -22.24 -40.94
C SER A 432 21.21 -22.11 -39.59
N LEU A 433 21.07 -23.14 -38.73
CA LEU A 433 21.67 -23.19 -37.42
C LEU A 433 23.14 -23.51 -37.36
N ILE A 434 23.87 -23.33 -38.43
CA ILE A 434 25.27 -23.80 -38.27
C ILE A 434 26.22 -22.89 -37.50
N ASN A 435 26.05 -21.56 -37.65
CA ASN A 435 27.17 -20.89 -36.99
C ASN A 435 27.05 -20.99 -35.51
N ALA A 436 25.94 -21.64 -35.17
CA ALA A 436 25.60 -21.78 -33.76
C ALA A 436 26.29 -22.91 -33.03
N VAL A 437 26.53 -24.01 -33.66
CA VAL A 437 27.11 -25.15 -32.94
C VAL A 437 28.59 -25.17 -33.15
N ASP A 438 29.42 -25.59 -32.22
CA ASP A 438 30.84 -25.53 -32.56
C ASP A 438 31.22 -26.84 -33.14
N SER A 439 32.06 -26.71 -34.13
CA SER A 439 32.61 -27.89 -34.89
C SER A 439 34.06 -27.57 -34.72
N GLY A 440 34.89 -28.35 -34.19
CA GLY A 440 36.29 -27.73 -34.19
C GLY A 440 36.96 -28.10 -35.55
N GLU A 441 37.71 -29.21 -35.31
CA GLU A 441 38.47 -29.76 -36.39
C GLU A 441 38.79 -31.20 -36.59
N ASN A 442 38.59 -31.43 -37.88
CA ASN A 442 38.83 -32.78 -38.44
C ASN A 442 37.53 -33.53 -38.19
N ILE A 443 36.68 -32.76 -37.52
CA ILE A 443 35.28 -33.25 -37.17
C ILE A 443 34.43 -32.75 -38.33
N GLU A 444 33.55 -33.43 -39.08
CA GLU A 444 32.98 -32.55 -40.14
C GLU A 444 31.56 -32.08 -39.97
N ASP A 445 31.23 -31.09 -40.77
CA ASP A 445 29.97 -30.37 -40.78
C ASP A 445 28.72 -31.11 -41.28
N VAL A 446 27.79 -31.12 -40.41
CA VAL A 446 26.48 -31.70 -40.54
C VAL A 446 25.62 -30.41 -40.61
N GLU A 447 24.77 -30.58 -41.57
CA GLU A 447 23.93 -29.44 -41.86
C GLU A 447 22.71 -29.46 -41.07
N ILE A 448 22.73 -28.54 -40.09
CA ILE A 448 21.50 -28.39 -39.22
C ILE A 448 20.60 -27.22 -39.61
N ASN A 449 19.30 -27.36 -39.66
CA ASN A 449 18.48 -26.19 -40.05
C ASN A 449 17.34 -25.77 -39.20
N ALA A 450 16.83 -24.55 -39.15
CA ALA A 450 15.63 -24.16 -38.31
C ALA A 450 14.53 -23.70 -39.28
N ARG A 451 13.37 -24.15 -38.85
CA ARG A 451 12.18 -23.79 -39.73
C ARG A 451 11.18 -22.97 -38.96
N VAL A 452 10.90 -21.81 -39.63
CA VAL A 452 9.98 -20.94 -38.83
C VAL A 452 8.70 -20.67 -39.59
N HIS A 453 7.80 -20.23 -38.80
CA HIS A 453 6.51 -19.91 -39.42
C HIS A 453 6.21 -18.47 -39.65
N ARG A 454 6.28 -18.00 -40.91
CA ARG A 454 6.02 -16.48 -40.89
C ARG A 454 4.85 -16.03 -41.72
N LEU A 455 4.23 -14.88 -41.52
CA LEU A 455 3.12 -14.27 -42.20
C LEU A 455 3.46 -13.97 -43.68
N ASN A 456 2.31 -13.83 -44.36
CA ASN A 456 2.40 -13.50 -45.77
C ASN A 456 1.02 -13.11 -46.27
N HIS A 457 1.15 -12.47 -47.39
CA HIS A 457 0.06 -11.91 -48.14
C HIS A 457 0.35 -12.21 -49.59
N ASN A 458 -0.52 -11.81 -50.44
CA ASN A 458 -0.41 -12.12 -51.88
C ASN A 458 -0.23 -10.94 -52.79
N GLU A 459 0.66 -10.99 -53.73
CA GLU A 459 0.72 -9.72 -54.50
C GLU A 459 -0.64 -9.23 -54.97
N PHE A 460 -0.72 -7.89 -55.09
CA PHE A 460 -2.01 -7.25 -55.50
C PHE A 460 -1.57 -5.93 -56.15
N THR A 461 -2.53 -5.39 -56.92
CA THR A 461 -2.25 -4.11 -57.62
C THR A 461 -3.38 -3.05 -57.45
N TYR A 462 -2.76 -1.85 -57.41
CA TYR A 462 -3.39 -0.61 -57.22
C TYR A 462 -3.71 -0.14 -58.62
N LYS A 463 -4.98 0.25 -58.69
CA LYS A 463 -5.37 0.89 -59.97
C LYS A 463 -5.97 2.16 -59.40
N ILE A 464 -5.22 3.20 -59.62
CA ILE A 464 -5.53 4.58 -59.16
C ILE A 464 -5.84 5.32 -60.47
N THR A 465 -7.12 5.60 -60.62
CA THR A 465 -7.67 6.24 -61.84
C THR A 465 -7.70 7.74 -61.62
N MET A 466 -7.08 8.45 -62.55
CA MET A 466 -7.14 9.89 -62.14
C MET A 466 -6.74 11.01 -63.06
N SER A 467 -7.52 12.09 -63.17
CA SER A 467 -7.33 13.17 -64.11
C SER A 467 -6.53 14.39 -63.85
N ASN A 468 -5.61 14.77 -64.68
CA ASN A 468 -4.78 15.99 -64.49
C ASN A 468 -5.48 17.15 -65.14
N ASN A 469 -6.35 17.89 -64.49
CA ASN A 469 -7.06 18.95 -65.26
C ASN A 469 -6.09 20.01 -65.71
N ASN A 470 -4.93 20.04 -65.08
CA ASN A 470 -3.94 21.05 -65.47
C ASN A 470 -3.71 20.88 -66.98
N ASP A 471 -3.16 21.98 -67.44
CA ASP A 471 -2.82 22.07 -68.88
C ASP A 471 -1.81 20.94 -69.22
N GLY A 472 -0.82 20.69 -68.32
CA GLY A 472 0.05 19.62 -68.78
C GLY A 472 1.17 19.07 -67.96
N GLU A 473 0.96 17.78 -67.68
CA GLU A 473 1.96 16.99 -66.97
C GLU A 473 2.58 17.77 -65.80
N ARG A 474 2.26 17.12 -64.67
CA ARG A 474 2.73 17.67 -63.36
C ARG A 474 3.29 16.46 -62.63
N LEU A 475 4.32 16.67 -61.81
CA LEU A 475 5.03 15.64 -60.99
C LEU A 475 4.22 15.13 -59.80
N ALA A 476 4.16 13.90 -59.39
CA ALA A 476 3.20 13.73 -58.30
C ALA A 476 3.63 12.98 -57.07
N THR A 477 3.36 13.34 -55.81
CA THR A 477 3.72 12.35 -54.75
C THR A 477 2.52 11.43 -54.49
N PHE A 478 2.65 10.15 -54.80
CA PHE A 478 1.55 9.19 -54.59
C PHE A 478 1.66 8.74 -53.13
N ARG A 479 0.92 9.22 -52.13
CA ARG A 479 1.06 8.76 -50.75
C ARG A 479 0.01 7.76 -50.32
N ILE A 480 0.36 6.59 -49.85
CA ILE A 480 -0.75 5.68 -49.51
C ILE A 480 -0.73 5.11 -48.09
N PHE A 481 -1.63 5.60 -47.21
CA PHE A 481 -1.85 5.08 -45.85
C PHE A 481 -2.90 4.02 -45.64
N LEU A 482 -3.05 3.06 -44.75
CA LEU A 482 -4.21 2.11 -44.68
C LEU A 482 -4.59 2.40 -43.22
N CYS A 483 -5.54 3.20 -42.84
CA CYS A 483 -5.95 3.56 -41.45
C CYS A 483 -6.98 2.61 -40.98
N PRO A 484 -7.47 2.37 -39.81
CA PRO A 484 -8.51 1.44 -39.42
C PRO A 484 -9.83 2.18 -39.47
N ILE A 485 -10.88 1.40 -39.10
CA ILE A 485 -12.23 2.02 -39.12
C ILE A 485 -12.97 1.91 -37.80
N GLU A 486 -13.08 0.78 -37.26
CA GLU A 486 -13.82 0.74 -35.98
C GLU A 486 -12.89 0.37 -34.85
N ASP A 487 -13.10 0.35 -33.58
CA ASP A 487 -12.53 0.12 -32.36
C ASP A 487 -12.04 -1.15 -31.71
N ASN A 488 -12.79 -2.18 -31.92
CA ASN A 488 -12.45 -3.43 -31.17
C ASN A 488 -13.43 -3.20 -29.96
N ASN A 489 -14.06 -2.03 -29.96
CA ASN A 489 -15.12 -1.92 -28.93
C ASN A 489 -16.19 -1.92 -30.04
N GLY A 490 -15.71 -1.65 -31.29
CA GLY A 490 -16.78 -1.70 -32.32
C GLY A 490 -17.16 -0.32 -32.81
N ILE A 491 -16.78 0.55 -31.90
CA ILE A 491 -16.91 1.96 -31.99
C ILE A 491 -16.56 2.70 -33.23
N THR A 492 -15.72 2.55 -34.15
CA THR A 492 -15.79 3.55 -35.29
C THR A 492 -15.42 4.98 -34.95
N LEU A 493 -14.16 5.22 -34.97
CA LEU A 493 -13.28 6.31 -34.76
C LEU A 493 -13.34 7.19 -36.02
N THR A 494 -12.70 8.27 -35.82
CA THR A 494 -12.56 9.38 -36.59
C THR A 494 -11.46 9.92 -37.35
N LEU A 495 -10.50 9.35 -37.98
CA LEU A 495 -9.55 10.19 -38.82
C LEU A 495 -9.05 11.26 -37.86
N ASP A 496 -8.93 11.06 -36.60
CA ASP A 496 -8.38 12.08 -35.73
C ASP A 496 -8.15 10.96 -34.68
N GLU A 497 -9.32 10.28 -34.57
CA GLU A 497 -9.11 9.16 -33.64
C GLU A 497 -8.33 8.20 -34.53
N ALA A 498 -8.56 8.17 -35.84
CA ALA A 498 -7.64 7.21 -36.51
C ALA A 498 -6.49 7.63 -37.39
N ARG A 499 -6.32 8.96 -37.50
CA ARG A 499 -5.25 9.44 -38.41
C ARG A 499 -3.90 8.90 -37.95
N TRP A 500 -3.86 8.83 -36.55
CA TRP A 500 -2.52 8.44 -35.98
C TRP A 500 -2.18 6.97 -36.07
N PHE A 501 -3.21 6.20 -36.18
CA PHE A 501 -3.03 4.76 -36.19
C PHE A 501 -2.70 4.12 -37.51
N CYS A 502 -2.69 4.91 -38.51
CA CYS A 502 -2.48 4.39 -39.86
C CYS A 502 -0.98 4.24 -40.19
N ILE A 503 -0.75 3.16 -40.96
CA ILE A 503 0.61 2.79 -41.36
C ILE A 503 0.70 2.99 -42.83
N GLU A 504 1.80 3.44 -43.26
CA GLU A 504 2.17 3.71 -44.62
C GLU A 504 2.57 2.34 -45.26
N LEU A 505 1.94 2.25 -46.41
CA LEU A 505 1.96 1.19 -47.38
C LEU A 505 2.78 1.53 -48.61
N ASP A 506 2.91 2.79 -48.97
CA ASP A 506 3.68 3.12 -50.20
C ASP A 506 3.76 4.65 -50.32
N LYS A 507 4.79 5.07 -50.98
CA LYS A 507 5.09 6.45 -51.24
C LYS A 507 5.99 6.46 -52.52
N PHE A 508 5.46 7.05 -53.63
CA PHE A 508 6.35 7.03 -54.85
C PHE A 508 6.17 8.25 -55.77
N PHE A 509 7.28 8.56 -56.51
CA PHE A 509 6.98 9.72 -57.38
C PHE A 509 6.74 9.45 -58.85
N GLN A 510 5.69 9.78 -59.53
CA GLN A 510 5.34 9.56 -60.91
C GLN A 510 4.86 10.75 -61.70
N LYS A 511 5.15 10.79 -63.03
CA LYS A 511 4.51 11.98 -63.67
C LYS A 511 3.13 11.54 -64.25
N VAL A 512 2.39 12.63 -64.09
CA VAL A 512 1.00 12.60 -64.53
C VAL A 512 0.88 13.38 -65.81
N PRO A 513 0.25 12.63 -66.71
CA PRO A 513 -0.06 13.08 -68.08
C PRO A 513 -0.98 14.31 -68.02
N SER A 514 -1.41 14.77 -69.21
CA SER A 514 -2.29 15.93 -69.06
C SER A 514 -3.73 15.51 -69.05
N GLY A 515 -3.99 14.27 -68.82
CA GLY A 515 -5.44 13.94 -68.90
C GLY A 515 -5.50 12.53 -68.32
N PRO A 516 -6.74 12.27 -68.00
CA PRO A 516 -7.18 11.02 -67.38
C PRO A 516 -6.21 9.87 -67.53
N GLU A 517 -5.36 9.63 -66.54
CA GLU A 517 -4.44 8.45 -66.71
C GLU A 517 -5.14 7.40 -65.84
N THR A 518 -4.53 6.29 -65.58
CA THR A 518 -5.09 5.28 -64.71
C THR A 518 -3.80 4.58 -64.24
N ILE A 519 -3.18 5.03 -63.16
CA ILE A 519 -1.94 4.39 -62.67
C ILE A 519 -2.29 3.17 -61.83
N GLU A 520 -1.46 2.21 -62.20
CA GLU A 520 -1.62 0.88 -61.54
C GLU A 520 -0.26 0.64 -60.94
N ARG A 521 -0.20 0.03 -59.76
CA ARG A 521 1.14 -0.21 -59.14
C ARG A 521 1.01 -1.32 -58.08
N SER A 522 2.13 -2.09 -58.00
CA SER A 522 2.31 -3.30 -57.22
C SER A 522 2.78 -3.64 -55.81
N SER A 523 2.06 -4.58 -55.15
CA SER A 523 2.39 -5.00 -53.82
C SER A 523 3.90 -4.97 -53.74
N LYS A 524 4.43 -5.46 -54.86
CA LYS A 524 5.85 -5.67 -55.13
C LYS A 524 6.59 -4.42 -55.32
N ASP A 525 6.23 -3.42 -56.01
CA ASP A 525 7.13 -2.26 -56.00
C ASP A 525 6.95 -1.43 -54.74
N SER A 526 6.28 -1.73 -53.61
CA SER A 526 6.20 -0.77 -52.49
C SER A 526 7.51 -0.10 -52.06
N SER A 527 7.43 1.16 -51.57
CA SER A 527 8.77 1.73 -51.21
C SER A 527 9.15 1.42 -49.77
N VAL A 528 8.20 0.91 -49.03
CA VAL A 528 8.60 0.66 -47.61
C VAL A 528 8.89 -0.81 -47.46
N THR A 529 9.13 -1.48 -48.59
CA THR A 529 9.35 -2.90 -48.33
C THR A 529 10.61 -3.54 -48.76
N VAL A 530 10.94 -4.68 -48.17
CA VAL A 530 12.20 -5.29 -48.62
C VAL A 530 11.98 -6.75 -48.77
N PRO A 531 12.61 -7.33 -49.79
CA PRO A 531 12.42 -8.79 -49.99
C PRO A 531 13.13 -9.56 -48.91
N ASP A 532 12.87 -10.86 -48.77
CA ASP A 532 13.64 -11.68 -47.76
C ASP A 532 15.07 -11.71 -48.31
N MET A 533 16.07 -11.92 -47.50
CA MET A 533 17.37 -11.85 -48.19
C MET A 533 17.94 -13.24 -48.43
N PRO A 534 18.77 -13.26 -49.43
CA PRO A 534 19.57 -14.34 -49.91
C PRO A 534 20.13 -15.11 -48.71
N SER A 535 20.36 -16.39 -48.84
CA SER A 535 20.91 -17.17 -47.76
C SER A 535 22.41 -16.84 -47.65
N PHE A 536 22.88 -17.21 -46.47
CA PHE A 536 24.29 -17.00 -46.15
C PHE A 536 25.12 -17.74 -47.21
N GLN A 537 24.74 -19.02 -47.18
CA GLN A 537 25.38 -20.02 -48.01
C GLN A 537 25.32 -19.50 -49.44
N SER A 538 24.05 -19.41 -49.82
CA SER A 538 23.78 -18.90 -51.18
C SER A 538 24.69 -17.69 -51.43
N LEU A 539 24.96 -16.77 -50.54
CA LEU A 539 25.83 -15.71 -51.07
C LEU A 539 27.25 -16.25 -51.02
N LYS A 540 27.45 -17.41 -50.47
CA LYS A 540 28.87 -17.93 -50.48
C LYS A 540 28.96 -18.51 -51.91
N GLU A 541 28.09 -19.47 -52.21
CA GLU A 541 28.07 -20.09 -53.52
C GLU A 541 28.36 -19.10 -54.64
N GLN A 542 27.65 -18.07 -54.60
CA GLN A 542 27.71 -17.01 -55.55
C GLN A 542 28.91 -16.15 -55.60
N ALA A 543 29.45 -15.95 -54.45
CA ALA A 543 30.65 -15.09 -54.30
C ALA A 543 31.81 -15.82 -54.96
N ASP A 544 31.85 -17.03 -54.43
CA ASP A 544 32.82 -18.01 -54.90
C ASP A 544 32.70 -18.12 -56.44
N ASN A 545 31.50 -18.44 -56.91
CA ASN A 545 31.49 -18.60 -58.40
C ASN A 545 31.90 -17.34 -59.14
N ALA A 546 32.21 -16.19 -58.67
CA ALA A 546 32.49 -15.19 -59.73
C ALA A 546 33.94 -14.85 -59.43
N VAL A 547 34.46 -15.72 -58.58
CA VAL A 547 35.87 -15.45 -58.25
C VAL A 547 36.69 -16.28 -59.25
N ASN A 548 36.13 -17.49 -59.33
CA ASN A 548 36.79 -18.51 -60.28
C ASN A 548 35.77 -18.34 -61.45
N GLY A 549 36.03 -17.26 -62.21
CA GLY A 549 35.03 -17.08 -63.29
C GLY A 549 35.11 -15.69 -63.86
N GLY A 550 35.91 -14.83 -63.23
CA GLY A 550 35.86 -13.52 -63.94
C GLY A 550 35.07 -12.49 -63.15
N HIS A 551 33.83 -12.06 -63.45
CA HIS A 551 33.38 -10.97 -62.54
C HIS A 551 32.01 -10.36 -62.49
N ASP A 552 31.60 -10.13 -61.19
CA ASP A 552 30.27 -9.48 -61.17
C ASP A 552 29.58 -9.19 -59.86
N LEU A 553 28.65 -10.11 -59.64
CA LEU A 553 27.75 -10.17 -58.50
C LEU A 553 26.84 -8.97 -58.56
N ASP A 554 25.91 -9.07 -59.55
CA ASP A 554 25.05 -7.84 -59.50
C ASP A 554 23.62 -8.37 -59.26
N LEU A 555 23.46 -8.35 -57.94
CA LEU A 555 22.55 -8.62 -56.89
C LEU A 555 22.30 -7.31 -56.11
N SER A 556 22.66 -6.24 -56.86
CA SER A 556 22.39 -4.97 -56.12
C SER A 556 20.87 -5.33 -56.14
N ALA A 557 20.45 -5.32 -54.88
CA ALA A 557 19.03 -5.72 -54.67
C ALA A 557 18.99 -5.55 -53.14
N TYR A 558 20.25 -5.78 -52.77
CA TYR A 558 20.40 -5.73 -51.32
C TYR A 558 21.46 -4.88 -50.70
N GLU A 559 21.98 -3.78 -51.24
CA GLU A 559 23.03 -3.13 -50.37
C GLU A 559 22.59 -1.98 -49.46
N ARG A 560 21.44 -2.17 -48.76
CA ARG A 560 20.96 -1.15 -47.79
C ARG A 560 19.78 -1.59 -46.89
N SER A 561 18.82 -1.86 -47.74
CA SER A 561 17.46 -2.34 -47.36
C SER A 561 17.04 -2.07 -45.94
N CYS A 562 16.47 -0.89 -45.84
CA CYS A 562 15.89 -0.14 -44.78
C CYS A 562 14.52 -0.64 -44.29
N GLY A 563 13.72 -0.99 -45.35
CA GLY A 563 12.33 -1.41 -45.11
C GLY A 563 11.96 -2.61 -44.25
N ILE A 564 10.65 -2.86 -44.24
CA ILE A 564 10.18 -4.01 -43.55
C ILE A 564 10.00 -5.10 -44.61
N PRO A 565 9.80 -6.25 -44.12
CA PRO A 565 9.52 -7.41 -44.88
C PRO A 565 8.30 -7.30 -45.76
N ASP A 566 8.48 -7.73 -47.02
CA ASP A 566 7.32 -7.69 -47.90
C ASP A 566 6.16 -8.51 -47.24
N ARG A 567 6.67 -9.52 -46.55
CA ARG A 567 5.55 -10.32 -46.00
C ARG A 567 4.65 -9.49 -45.07
N MET A 568 5.27 -8.49 -44.48
CA MET A 568 4.57 -7.73 -43.44
C MET A 568 3.88 -6.57 -44.13
N LEU A 569 4.03 -6.39 -45.47
CA LEU A 569 3.24 -5.29 -46.09
C LEU A 569 1.87 -5.06 -45.45
N LEU A 570 0.82 -5.78 -45.68
CA LEU A 570 -0.48 -5.60 -44.98
C LEU A 570 -0.54 -6.31 -43.62
N PRO A 571 -1.48 -5.88 -42.82
CA PRO A 571 -1.70 -6.46 -41.45
C PRO A 571 -2.30 -7.81 -41.56
N LYS A 572 -2.37 -8.61 -40.55
CA LYS A 572 -2.87 -9.99 -40.56
C LYS A 572 -4.34 -10.15 -40.81
N SER A 573 -5.18 -9.53 -40.11
CA SER A 573 -6.53 -9.33 -39.90
C SER A 573 -7.31 -10.54 -39.47
N LYS A 574 -8.64 -10.55 -39.80
CA LYS A 574 -9.43 -11.76 -39.34
C LYS A 574 -9.72 -12.66 -40.55
N PRO A 575 -10.12 -13.89 -40.29
CA PRO A 575 -10.46 -14.86 -41.29
C PRO A 575 -11.85 -14.44 -41.77
N GLU A 576 -12.63 -13.67 -41.06
CA GLU A 576 -13.99 -13.19 -41.50
C GLU A 576 -13.77 -12.04 -42.42
N GLY A 577 -12.73 -11.28 -42.11
CA GLY A 577 -12.23 -10.15 -42.91
C GLY A 577 -12.52 -8.83 -42.24
N MET A 578 -11.70 -7.82 -42.57
CA MET A 578 -12.09 -6.54 -41.83
C MET A 578 -11.96 -5.61 -43.04
N GLU A 579 -12.61 -4.52 -42.82
CA GLU A 579 -12.53 -3.51 -43.90
C GLU A 579 -11.74 -2.42 -43.13
N PHE A 580 -10.66 -2.11 -43.80
CA PHE A 580 -9.71 -1.03 -43.47
C PHE A 580 -10.19 0.06 -44.48
N ASN A 581 -9.71 1.22 -44.37
CA ASN A 581 -9.94 2.44 -45.11
C ASN A 581 -8.77 2.79 -45.96
N LEU A 582 -8.67 2.89 -47.23
CA LEU A 582 -7.34 3.16 -47.85
C LEU A 582 -7.28 4.60 -48.24
N TYR A 583 -6.25 5.36 -47.96
CA TYR A 583 -6.12 6.78 -48.23
C TYR A 583 -5.06 6.89 -49.27
N VAL A 584 -5.44 7.56 -50.32
CA VAL A 584 -4.36 7.84 -51.38
C VAL A 584 -4.47 9.38 -51.36
N ALA A 585 -3.41 10.02 -51.06
CA ALA A 585 -3.54 11.49 -51.07
C ALA A 585 -2.44 11.71 -52.15
N VAL A 586 -2.70 12.54 -53.11
CA VAL A 586 -1.55 12.80 -54.00
C VAL A 586 -1.29 14.30 -54.00
N THR A 587 -0.14 14.57 -53.55
CA THR A 587 0.49 15.86 -53.35
C THR A 587 1.39 16.12 -54.56
N ASP A 588 1.90 17.31 -54.69
CA ASP A 588 2.69 17.89 -55.72
C ASP A 588 4.20 17.78 -55.77
N GLY A 589 4.64 16.79 -56.48
CA GLY A 589 5.97 16.40 -56.74
C GLY A 589 6.91 17.52 -56.91
N ASP A 590 6.49 18.54 -57.58
CA ASP A 590 7.60 19.56 -57.74
C ASP A 590 8.07 20.31 -56.50
N LYS A 591 7.19 20.24 -55.54
CA LYS A 591 7.51 21.02 -54.34
C LYS A 591 7.97 19.98 -53.36
N ASP A 592 7.63 18.79 -53.62
CA ASP A 592 7.95 17.76 -52.66
C ASP A 592 9.40 17.66 -52.87
N THR A 593 9.76 17.04 -53.91
CA THR A 593 11.20 16.86 -54.22
C THR A 593 11.64 18.21 -54.66
N GLU A 594 11.30 19.25 -53.96
CA GLU A 594 11.70 20.57 -54.43
C GLU A 594 13.15 20.76 -54.19
N GLY A 595 13.87 19.67 -54.32
CA GLY A 595 15.29 19.87 -54.16
C GLY A 595 16.12 18.68 -54.48
N HIS A 596 15.55 17.46 -54.46
CA HIS A 596 16.59 16.40 -54.72
C HIS A 596 16.19 15.06 -55.28
N HIS A 606 20.82 4.73 -53.07
CA HIS A 606 19.58 5.45 -52.71
C HIS A 606 19.37 6.77 -51.96
N ALA A 607 18.08 7.17 -52.06
CA ALA A 607 17.71 8.39 -51.27
C ALA A 607 16.56 7.83 -50.38
N GLN A 608 16.50 6.48 -50.35
CA GLN A 608 15.43 5.87 -49.52
C GLN A 608 16.12 5.51 -48.19
N CYS A 609 17.22 4.80 -48.40
CA CYS A 609 18.03 4.47 -47.20
C CYS A 609 19.19 5.43 -47.40
N GLY A 610 19.16 6.58 -46.86
CA GLY A 610 20.25 7.56 -47.16
C GLY A 610 21.52 7.25 -46.37
N VAL A 611 21.72 5.94 -46.34
CA VAL A 611 22.82 5.44 -45.54
C VAL A 611 24.09 6.18 -45.61
N HIS A 612 24.31 6.83 -46.74
CA HIS A 612 25.61 7.50 -46.87
C HIS A 612 25.59 8.99 -47.06
N GLY A 613 24.62 9.68 -46.47
CA GLY A 613 24.68 11.13 -46.56
C GLY A 613 23.71 11.80 -47.43
N GLU A 614 23.10 10.94 -48.17
CA GLU A 614 22.08 11.20 -49.20
C GLU A 614 20.84 11.92 -48.70
N ALA A 615 20.59 13.16 -49.15
CA ALA A 615 19.41 13.88 -48.62
C ALA A 615 18.07 13.24 -48.82
N TYR A 616 17.30 12.97 -47.78
CA TYR A 616 15.98 12.30 -47.96
C TYR A 616 15.27 13.12 -49.03
N PRO A 617 14.70 12.66 -50.12
CA PRO A 617 14.09 13.42 -51.20
C PRO A 617 12.77 14.17 -51.10
N ASP A 618 11.85 13.72 -50.28
CA ASP A 618 10.48 14.27 -50.07
C ASP A 618 10.82 15.31 -48.98
N ASN A 619 10.18 16.44 -48.94
CA ASN A 619 10.40 17.50 -48.04
C ASN A 619 9.20 17.60 -47.14
N ARG A 620 8.10 17.01 -47.56
CA ARG A 620 6.88 17.18 -46.65
C ARG A 620 7.39 16.56 -45.38
N PRO A 621 6.83 16.87 -44.27
CA PRO A 621 7.26 16.34 -42.95
C PRO A 621 6.93 14.86 -42.82
N LEU A 622 6.95 14.05 -41.78
CA LEU A 622 6.62 12.66 -42.19
C LEU A 622 5.29 12.20 -41.73
N GLY A 623 4.44 11.63 -42.56
CA GLY A 623 3.10 11.08 -42.19
C GLY A 623 2.08 11.98 -42.91
N TYR A 624 2.59 12.92 -43.74
CA TYR A 624 1.91 13.90 -44.53
C TYR A 624 0.89 13.26 -45.42
N PRO A 625 -0.34 13.66 -45.37
CA PRO A 625 -0.74 14.81 -44.47
C PRO A 625 -1.54 14.31 -43.30
N LEU A 626 -1.25 13.16 -42.69
CA LEU A 626 -2.05 12.69 -41.58
C LEU A 626 -1.40 13.04 -40.26
N GLU A 627 -0.27 13.82 -40.37
CA GLU A 627 0.49 14.06 -39.06
C GLU A 627 -0.16 15.19 -38.29
N ARG A 628 -1.21 15.79 -38.84
CA ARG A 628 -1.73 16.92 -38.00
C ARG A 628 -3.16 16.81 -37.47
N ARG A 629 -3.48 17.50 -36.37
CA ARG A 629 -4.82 17.34 -35.81
C ARG A 629 -5.69 17.60 -37.02
N ILE A 630 -6.76 16.87 -37.23
CA ILE A 630 -7.75 16.93 -38.30
C ILE A 630 -9.05 16.80 -37.50
N PRO A 631 -9.42 17.97 -37.02
CA PRO A 631 -10.62 18.22 -36.26
C PRO A 631 -11.82 18.18 -37.17
N ASP A 632 -11.85 18.69 -38.42
CA ASP A 632 -13.23 18.50 -39.05
C ASP A 632 -12.78 17.77 -40.32
N GLU A 633 -13.35 16.59 -40.47
CA GLU A 633 -12.95 15.75 -41.58
C GLU A 633 -13.40 16.40 -42.84
N ARG A 634 -14.35 17.27 -42.50
CA ARG A 634 -15.09 18.12 -43.44
C ARG A 634 -14.07 18.52 -44.52
N VAL A 635 -12.81 18.71 -44.01
CA VAL A 635 -11.82 19.17 -44.91
C VAL A 635 -11.00 18.24 -45.72
N ILE A 636 -10.55 17.22 -45.09
CA ILE A 636 -9.60 16.28 -45.87
C ILE A 636 -10.46 15.93 -47.05
N ASP A 637 -11.73 15.75 -46.66
CA ASP A 637 -12.74 15.46 -47.70
C ASP A 637 -12.94 16.43 -48.87
N GLY A 638 -12.43 17.59 -49.00
CA GLY A 638 -12.84 18.42 -50.12
C GLY A 638 -11.73 19.03 -50.87
N VAL A 639 -10.64 18.34 -50.84
CA VAL A 639 -9.39 18.67 -51.60
C VAL A 639 -9.48 17.52 -52.63
N SER A 640 -9.29 17.84 -53.87
CA SER A 640 -9.46 16.88 -54.99
C SER A 640 -8.43 15.73 -54.97
N ASN A 641 -7.25 16.18 -54.50
CA ASN A 641 -6.18 15.16 -54.49
C ASN A 641 -5.99 14.25 -53.30
N ILE A 642 -7.08 14.04 -52.62
CA ILE A 642 -6.99 13.12 -51.46
C ILE A 642 -8.27 12.36 -51.79
N LYS A 643 -8.42 11.07 -51.64
CA LYS A 643 -9.61 10.25 -51.87
C LYS A 643 -9.56 9.01 -50.91
N HIS A 644 -10.69 8.55 -50.39
CA HIS A 644 -10.34 7.36 -49.50
C HIS A 644 -11.19 6.18 -49.89
N VAL A 645 -10.84 4.93 -49.93
CA VAL A 645 -11.87 4.00 -50.45
C VAL A 645 -12.07 2.84 -49.60
N VAL A 646 -13.05 2.10 -49.19
CA VAL A 646 -12.62 1.05 -48.20
C VAL A 646 -12.07 -0.23 -48.80
N VAL A 647 -11.10 -0.93 -48.27
CA VAL A 647 -10.62 -2.22 -48.78
C VAL A 647 -11.02 -3.24 -47.76
N LYS A 648 -10.75 -4.51 -48.00
CA LYS A 648 -11.14 -5.59 -47.03
C LYS A 648 -10.05 -6.66 -47.16
N ILE A 649 -9.57 -7.16 -46.02
CA ILE A 649 -8.47 -8.11 -45.97
C ILE A 649 -9.02 -9.32 -45.23
N VAL A 650 -8.52 -10.32 -45.97
CA VAL A 650 -8.86 -11.66 -45.46
C VAL A 650 -7.77 -12.68 -45.15
N HIS A 651 -8.15 -13.43 -44.03
CA HIS A 651 -7.04 -14.29 -43.57
C HIS A 651 -7.15 -15.74 -43.81
N HIS A 652 -6.29 -16.25 -44.69
CA HIS A 652 -6.46 -17.67 -44.86
C HIS A 652 -5.93 -18.57 -43.79
N LEU A 653 -6.89 -19.35 -43.31
CA LEU A 653 -6.32 -20.28 -42.29
C LEU A 653 -5.37 -21.36 -42.76
N ASP B 1 20.91 -61.86 -14.94
CA ASP B 1 20.76 -63.08 -14.10
C ASP B 1 21.66 -64.27 -14.57
N ALA B 2 21.58 -65.26 -13.69
CA ALA B 2 22.15 -66.61 -13.62
C ALA B 2 20.89 -67.54 -13.54
N LEU B 3 19.83 -66.94 -14.09
CA LEU B 3 18.41 -67.36 -14.09
C LEU B 3 18.17 -67.35 -12.50
N GLY B 4 18.58 -66.12 -12.10
CA GLY B 4 18.60 -65.67 -10.77
C GLY B 4 19.52 -64.49 -10.51
N THR B 5 19.98 -64.80 -9.33
CA THR B 5 20.87 -64.01 -8.49
C THR B 5 22.25 -63.88 -9.12
N GLY B 6 23.16 -63.59 -8.28
CA GLY B 6 24.59 -63.31 -8.16
C GLY B 6 24.43 -62.08 -7.22
N ASN B 7 24.84 -60.98 -7.69
CA ASN B 7 24.77 -59.64 -7.14
C ASN B 7 25.78 -58.99 -8.10
N ALA B 8 26.92 -59.63 -8.22
CA ALA B 8 27.71 -58.90 -9.26
C ALA B 8 26.88 -59.08 -10.51
N GLN B 9 25.66 -59.39 -10.61
CA GLN B 9 24.73 -59.65 -11.68
C GLN B 9 23.62 -58.64 -11.50
N LYS B 10 23.02 -58.95 -10.32
CA LYS B 10 21.90 -58.02 -10.00
C LYS B 10 22.51 -56.64 -10.31
N GLN B 11 23.67 -56.36 -9.70
CA GLN B 11 24.41 -55.16 -9.78
C GLN B 11 24.66 -54.82 -11.26
N GLN B 12 25.22 -55.84 -11.91
CA GLN B 12 25.50 -55.45 -13.35
C GLN B 12 24.25 -54.91 -14.04
N ASP B 13 23.23 -55.74 -13.96
CA ASP B 13 21.93 -55.43 -14.56
C ASP B 13 21.59 -53.99 -14.32
N ILE B 14 21.62 -53.53 -13.08
CA ILE B 14 21.30 -52.14 -12.64
C ILE B 14 22.21 -51.17 -13.42
N ASN B 15 23.55 -51.37 -13.31
CA ASN B 15 24.38 -50.39 -14.04
C ASN B 15 24.00 -50.29 -15.51
N HIS B 16 23.59 -51.39 -16.08
CA HIS B 16 23.23 -51.31 -17.53
C HIS B 16 22.03 -50.45 -17.85
N LEU B 17 21.12 -50.68 -16.96
CA LEU B 17 19.79 -50.08 -16.88
C LEU B 17 19.97 -48.59 -16.69
N LEU B 18 20.72 -48.07 -15.71
CA LEU B 18 20.80 -46.62 -15.61
C LEU B 18 22.04 -46.24 -16.41
N ASP B 19 22.57 -46.81 -17.49
CA ASP B 19 23.69 -46.31 -18.27
C ASP B 19 23.10 -45.22 -19.17
N LYS B 20 23.70 -44.55 -20.11
CA LYS B 20 23.11 -43.48 -20.99
C LYS B 20 21.61 -43.56 -20.86
N ILE B 21 21.03 -42.70 -20.02
CA ILE B 21 19.59 -42.85 -19.73
C ILE B 21 18.68 -41.99 -20.54
N TYR B 22 19.22 -41.07 -21.26
CA TYR B 22 18.40 -40.22 -22.09
C TYR B 22 18.38 -40.86 -23.46
N GLU B 23 18.74 -42.14 -23.60
CA GLU B 23 18.71 -42.75 -24.94
C GLU B 23 18.51 -44.26 -24.86
N PRO B 24 17.72 -44.81 -25.72
CA PRO B 24 17.40 -46.24 -25.85
C PRO B 24 18.57 -47.13 -25.52
N THR B 25 18.46 -48.25 -24.82
CA THR B 25 19.71 -48.92 -24.55
C THR B 25 20.45 -49.62 -25.62
N LYS B 26 21.71 -49.48 -25.24
CA LYS B 26 22.77 -50.06 -26.14
C LYS B 26 23.14 -51.46 -25.69
N TYR B 27 22.66 -52.04 -24.63
CA TYR B 27 23.05 -53.39 -24.23
C TYR B 27 21.95 -54.32 -24.74
N PRO B 28 22.25 -55.02 -25.80
CA PRO B 28 21.45 -55.95 -26.53
C PRO B 28 20.50 -56.84 -25.78
N ASP B 29 20.93 -57.37 -24.69
CA ASP B 29 20.01 -58.27 -23.92
C ASP B 29 18.85 -57.39 -23.47
N LEU B 30 19.20 -56.24 -22.91
CA LEU B 30 18.23 -55.23 -22.46
C LEU B 30 17.39 -55.04 -23.68
N LYS B 31 17.87 -54.94 -24.90
CA LYS B 31 16.85 -54.82 -25.92
C LYS B 31 16.09 -56.05 -26.33
N ASP B 32 16.55 -57.24 -26.50
CA ASP B 32 15.51 -58.20 -27.01
C ASP B 32 14.56 -58.34 -25.85
N ILE B 33 15.03 -57.98 -24.67
CA ILE B 33 13.99 -58.15 -23.62
C ILE B 33 12.84 -57.20 -23.86
N ALA B 34 13.45 -56.06 -24.07
CA ALA B 34 12.73 -54.83 -24.30
C ALA B 34 11.63 -55.02 -25.34
N GLU B 35 11.94 -55.92 -26.25
CA GLU B 35 11.04 -56.13 -27.36
C GLU B 35 10.14 -57.31 -27.20
N ASN B 36 10.90 -58.35 -26.89
CA ASN B 36 10.27 -59.66 -26.77
C ASN B 36 9.34 -59.93 -25.59
N PHE B 37 9.67 -59.34 -24.42
CA PHE B 37 8.91 -59.56 -23.18
C PHE B 37 7.49 -59.03 -23.19
N ASN B 38 6.69 -59.66 -22.37
CA ASN B 38 5.24 -59.38 -22.21
C ASN B 38 4.93 -59.59 -20.71
N PRO B 39 4.78 -58.42 -20.08
CA PRO B 39 4.65 -58.44 -18.64
C PRO B 39 3.42 -59.11 -18.21
N LEU B 40 2.70 -59.49 -19.23
CA LEU B 40 1.41 -60.15 -19.03
C LEU B 40 1.21 -61.58 -19.45
N GLY B 41 2.30 -62.36 -19.51
CA GLY B 41 2.05 -63.75 -19.91
C GLY B 41 2.44 -64.80 -18.92
N ASP B 42 2.53 -64.62 -17.64
CA ASP B 42 2.93 -65.73 -16.71
C ASP B 42 2.88 -64.92 -15.44
N THR B 43 1.66 -64.59 -15.18
CA THR B 43 1.24 -63.79 -14.00
C THR B 43 1.60 -64.86 -13.01
N SER B 44 2.76 -64.81 -12.48
CA SER B 44 3.02 -65.99 -11.59
C SER B 44 4.33 -65.58 -10.95
N ILE B 45 4.97 -64.78 -11.83
CA ILE B 45 6.27 -64.23 -11.39
C ILE B 45 6.02 -63.16 -10.30
N TYR B 46 4.77 -62.68 -10.53
CA TYR B 46 4.07 -61.66 -9.80
C TYR B 46 3.41 -62.15 -8.53
N ASN B 47 3.61 -61.64 -7.37
CA ASN B 47 2.85 -62.13 -6.23
C ASN B 47 1.48 -61.44 -6.35
N ASP B 48 1.18 -60.70 -7.40
CA ASP B 48 -0.16 -60.11 -7.33
C ASP B 48 -0.97 -60.88 -8.36
N HIS B 49 -0.35 -61.76 -9.06
CA HIS B 49 -1.24 -62.37 -10.12
C HIS B 49 -1.36 -61.19 -11.12
N GLY B 50 -0.31 -60.36 -10.92
CA GLY B 50 -0.14 -59.25 -11.76
C GLY B 50 -1.05 -58.13 -12.16
N ALA B 51 -1.70 -57.73 -11.04
CA ALA B 51 -2.65 -56.62 -11.06
C ALA B 51 -1.83 -55.37 -11.22
N ALA B 52 -0.62 -55.44 -10.68
CA ALA B 52 0.19 -54.23 -10.86
C ALA B 52 0.56 -54.28 -12.33
N VAL B 53 1.16 -55.28 -12.78
CA VAL B 53 1.52 -55.17 -14.21
C VAL B 53 0.33 -54.83 -15.06
N GLU B 54 -0.69 -55.60 -14.70
CA GLU B 54 -1.87 -55.32 -15.52
C GLU B 54 -2.25 -53.88 -15.39
N THR B 55 -1.73 -53.06 -14.52
CA THR B 55 -2.32 -51.67 -14.53
C THR B 55 -1.52 -50.57 -15.26
N LEU B 56 -0.31 -51.06 -15.36
CA LEU B 56 0.58 -50.19 -16.01
C LEU B 56 0.24 -50.54 -17.42
N MET B 57 0.14 -51.76 -17.84
CA MET B 57 -0.07 -51.92 -19.29
C MET B 57 -1.25 -51.12 -19.68
N LYS B 58 -2.26 -51.32 -18.79
CA LYS B 58 -3.46 -50.59 -19.22
C LYS B 58 -3.25 -49.13 -19.64
N GLU B 59 -2.40 -48.46 -18.90
CA GLU B 59 -2.11 -47.08 -19.13
C GLU B 59 -1.13 -46.99 -20.23
N LEU B 60 -0.15 -47.84 -20.28
CA LEU B 60 0.82 -47.68 -21.37
C LEU B 60 0.12 -47.88 -22.71
N ASN B 61 -0.97 -48.59 -22.67
CA ASN B 61 -1.86 -49.01 -23.74
C ASN B 61 -2.70 -47.89 -24.23
N ASP B 62 -3.50 -47.29 -23.41
CA ASP B 62 -4.37 -46.15 -23.79
C ASP B 62 -3.35 -45.02 -24.02
N HIS B 63 -2.12 -45.38 -23.79
CA HIS B 63 -1.04 -44.39 -23.87
C HIS B 63 -1.58 -43.02 -23.37
N ARG B 64 -1.57 -43.07 -22.05
CA ARG B 64 -1.98 -42.06 -21.11
C ARG B 64 -0.89 -41.91 -20.04
N LEU B 65 0.29 -42.45 -20.20
CA LEU B 65 1.43 -42.32 -19.25
C LEU B 65 2.27 -41.09 -19.63
N LEU B 66 3.08 -40.28 -18.96
CA LEU B 66 3.86 -39.16 -19.48
C LEU B 66 4.86 -39.51 -20.58
N GLU B 67 5.10 -38.62 -21.51
CA GLU B 67 6.04 -38.96 -22.54
C GLU B 67 7.50 -39.03 -22.18
N GLN B 68 8.23 -39.61 -23.10
CA GLN B 68 9.69 -39.75 -22.82
C GLN B 68 10.29 -38.40 -23.16
N ARG B 69 11.52 -38.22 -22.74
CA ARG B 69 12.33 -37.00 -23.01
C ARG B 69 11.49 -35.82 -22.65
N HIS B 70 11.09 -35.65 -21.41
CA HIS B 70 10.15 -34.47 -21.04
C HIS B 70 10.47 -34.27 -19.58
N TRP B 71 10.08 -33.24 -18.86
CA TRP B 71 10.62 -33.33 -17.45
C TRP B 71 9.77 -34.02 -16.45
N TYR B 72 10.34 -34.05 -15.21
CA TYR B 72 9.39 -34.71 -14.24
C TYR B 72 9.61 -34.27 -12.82
N SER B 73 8.51 -33.87 -12.15
CA SER B 73 8.86 -33.54 -10.72
C SER B 73 8.07 -34.61 -9.95
N LEU B 74 8.32 -35.03 -8.78
CA LEU B 74 7.78 -36.02 -7.93
C LEU B 74 6.69 -35.32 -7.16
N PHE B 75 6.67 -34.02 -7.45
CA PHE B 75 5.55 -33.23 -6.84
C PHE B 75 4.38 -33.32 -7.85
N ASN B 76 4.51 -33.77 -9.10
CA ASN B 76 3.25 -33.88 -9.94
C ASN B 76 2.18 -34.97 -9.59
N THR B 77 1.01 -34.65 -9.06
CA THR B 77 0.26 -35.86 -8.72
C THR B 77 0.13 -36.78 -9.88
N ARG B 78 0.31 -36.50 -11.15
CA ARG B 78 0.10 -37.70 -11.99
C ARG B 78 1.44 -38.34 -12.19
N GLN B 79 2.43 -37.50 -12.47
CA GLN B 79 3.75 -38.10 -12.76
C GLN B 79 4.10 -39.05 -11.63
N ARG B 80 3.67 -38.68 -10.43
CA ARG B 80 4.06 -39.48 -9.28
C ARG B 80 3.32 -40.78 -9.45
N LYS B 81 2.01 -40.54 -9.61
CA LYS B 81 1.25 -41.84 -9.74
C LYS B 81 1.87 -42.76 -10.81
N GLU B 82 2.26 -42.24 -11.99
CA GLU B 82 2.83 -43.09 -13.00
C GLU B 82 4.14 -43.64 -12.49
N ALA B 83 5.00 -42.83 -11.91
CA ALA B 83 6.31 -43.37 -11.48
C ALA B 83 6.03 -44.45 -10.47
N LEU B 84 5.06 -44.24 -9.65
CA LEU B 84 4.93 -45.24 -8.56
C LEU B 84 4.27 -46.37 -9.17
N MET B 85 3.86 -46.43 -10.45
CA MET B 85 3.12 -47.73 -10.82
C MET B 85 4.34 -48.66 -11.11
N LEU B 86 5.43 -48.03 -11.65
CA LEU B 86 6.53 -48.92 -11.99
C LEU B 86 7.02 -49.59 -10.73
N PHE B 87 7.03 -48.84 -9.64
CA PHE B 87 7.49 -49.38 -8.34
C PHE B 87 6.61 -50.54 -8.02
N ALA B 88 5.30 -50.44 -8.12
CA ALA B 88 4.52 -51.66 -7.77
C ALA B 88 4.73 -52.87 -8.67
N VAL B 89 5.41 -52.86 -9.80
CA VAL B 89 5.49 -54.10 -10.60
C VAL B 89 6.78 -54.60 -9.99
N LEU B 90 7.84 -53.92 -10.43
CA LEU B 90 9.18 -54.25 -9.87
C LEU B 90 9.01 -54.73 -8.45
N ASN B 91 8.04 -54.20 -7.72
CA ASN B 91 7.81 -54.62 -6.32
C ASN B 91 7.35 -56.08 -6.10
N GLN B 92 6.36 -56.45 -6.96
CA GLN B 92 5.92 -57.83 -6.75
C GLN B 92 6.50 -58.96 -7.59
N CYS B 93 7.76 -58.83 -7.88
CA CYS B 93 8.48 -59.83 -8.60
C CYS B 93 8.91 -60.86 -7.54
N LYS B 94 8.90 -62.11 -8.06
CA LYS B 94 9.37 -63.21 -7.16
C LYS B 94 10.84 -63.20 -7.41
N GLU B 95 11.36 -62.97 -8.59
CA GLU B 95 12.84 -62.97 -8.71
C GLU B 95 13.47 -62.12 -9.78
N TRP B 96 14.83 -62.02 -9.87
CA TRP B 96 15.44 -61.20 -10.94
C TRP B 96 14.80 -61.35 -12.31
N TYR B 97 14.55 -62.63 -12.73
CA TYR B 97 13.85 -62.78 -14.04
C TYR B 97 12.71 -61.76 -14.21
N CYS B 98 11.92 -61.39 -13.23
CA CYS B 98 10.80 -60.44 -13.35
C CYS B 98 11.26 -59.00 -13.23
N PHE B 99 12.33 -58.77 -12.49
CA PHE B 99 12.74 -57.36 -12.40
C PHE B 99 13.40 -56.93 -13.70
N ARG B 100 14.51 -57.58 -14.04
CA ARG B 100 15.25 -57.13 -15.23
C ARG B 100 14.26 -57.00 -16.35
N SER B 101 13.44 -58.07 -16.41
CA SER B 101 12.47 -58.03 -17.54
C SER B 101 11.75 -56.72 -17.66
N ASN B 102 11.06 -56.48 -16.50
CA ASN B 102 10.28 -55.23 -16.43
C ASN B 102 11.20 -54.00 -16.50
N ALA B 103 12.19 -53.87 -15.64
CA ALA B 103 12.92 -52.54 -15.87
C ALA B 103 13.66 -52.76 -17.09
N ALA B 104 13.21 -52.79 -18.28
CA ALA B 104 13.98 -53.10 -19.53
C ALA B 104 12.76 -52.76 -20.41
N TYR B 105 11.79 -53.66 -20.15
CA TYR B 105 10.52 -53.47 -20.94
C TYR B 105 9.99 -52.05 -20.92
N PHE B 106 9.91 -51.66 -19.62
CA PHE B 106 9.46 -50.29 -19.22
C PHE B 106 10.54 -49.19 -19.51
N ARG B 107 11.75 -49.46 -18.98
CA ARG B 107 12.82 -48.48 -19.20
C ARG B 107 12.77 -47.80 -20.55
N GLU B 108 12.44 -48.61 -21.51
CA GLU B 108 12.33 -48.38 -22.95
C GLU B 108 11.03 -47.73 -23.35
N ARG B 109 9.97 -47.64 -22.59
CA ARG B 109 8.87 -46.81 -23.13
C ARG B 109 8.19 -45.93 -22.08
N MET B 110 8.65 -45.81 -20.90
CA MET B 110 8.06 -45.02 -19.78
C MET B 110 9.06 -43.86 -19.74
N ASN B 111 8.68 -42.78 -19.16
CA ASN B 111 9.65 -41.65 -19.21
C ASN B 111 10.91 -41.76 -18.42
N GLU B 112 12.05 -41.09 -18.64
CA GLU B 112 13.18 -41.26 -17.76
C GLU B 112 13.14 -41.02 -16.28
N GLY B 113 12.41 -40.07 -15.80
CA GLY B 113 12.41 -39.66 -14.32
C GLY B 113 11.47 -40.56 -13.57
N GLU B 114 10.40 -40.87 -14.34
CA GLU B 114 9.46 -41.81 -13.67
C GLU B 114 10.40 -43.01 -13.52
N PHE B 115 11.07 -43.38 -14.64
CA PHE B 115 11.98 -44.52 -14.59
C PHE B 115 13.14 -44.38 -13.62
N VAL B 116 13.92 -43.34 -13.76
CA VAL B 116 14.99 -43.29 -12.76
C VAL B 116 14.40 -43.47 -11.35
N TYR B 117 13.35 -42.66 -11.10
CA TYR B 117 12.68 -42.63 -9.77
C TYR B 117 12.15 -44.01 -9.45
N ALA B 118 11.46 -44.71 -10.29
CA ALA B 118 10.97 -46.03 -9.89
C ALA B 118 12.09 -47.02 -9.67
N LEU B 119 13.08 -46.99 -10.59
CA LEU B 119 14.12 -48.04 -10.36
C LEU B 119 14.77 -47.87 -8.98
N TYR B 120 15.09 -46.61 -8.59
CA TYR B 120 15.70 -46.46 -7.29
C TYR B 120 14.88 -46.84 -6.07
N VAL B 121 13.70 -46.33 -5.99
CA VAL B 121 12.91 -46.63 -4.83
C VAL B 121 12.70 -48.12 -4.69
N SER B 122 12.56 -48.76 -5.84
CA SER B 122 12.30 -50.20 -5.94
C SER B 122 13.50 -51.02 -5.50
N VAL B 123 14.56 -50.48 -6.04
CA VAL B 123 15.78 -51.21 -5.60
C VAL B 123 15.87 -51.03 -4.11
N ILE B 124 15.74 -49.90 -3.44
CA ILE B 124 15.82 -49.54 -2.04
C ILE B 124 14.84 -50.31 -1.16
N HIS B 125 13.61 -50.45 -1.43
CA HIS B 125 12.59 -51.10 -0.68
C HIS B 125 12.20 -52.50 -0.93
N SER B 126 12.23 -52.96 -2.13
CA SER B 126 11.90 -54.34 -2.55
C SER B 126 13.07 -55.29 -2.07
N LYS B 127 12.43 -56.36 -1.69
CA LYS B 127 12.95 -57.61 -1.05
C LYS B 127 14.17 -58.06 -1.83
N LEU B 128 13.92 -58.04 -3.16
CA LEU B 128 14.87 -58.45 -4.16
C LEU B 128 16.07 -57.58 -4.41
N GLY B 129 16.33 -56.56 -3.60
CA GLY B 129 17.43 -55.74 -4.04
C GLY B 129 18.48 -55.69 -3.04
N ASP B 130 18.73 -56.74 -2.43
CA ASP B 130 19.79 -56.64 -1.38
C ASP B 130 21.22 -56.31 -1.74
N GLY B 131 21.81 -57.19 -2.54
CA GLY B 131 23.21 -57.00 -2.94
C GLY B 131 23.57 -55.60 -3.49
N ILE B 132 22.65 -54.86 -4.14
CA ILE B 132 23.06 -53.64 -4.76
C ILE B 132 23.44 -52.34 -4.13
N VAL B 133 24.35 -51.66 -4.72
CA VAL B 133 24.71 -50.28 -4.48
C VAL B 133 24.21 -49.41 -5.67
N LEU B 134 23.48 -48.33 -5.49
CA LEU B 134 23.04 -47.57 -6.67
C LEU B 134 24.12 -46.58 -7.05
N PRO B 135 24.39 -46.37 -8.32
CA PRO B 135 25.34 -45.33 -8.78
C PRO B 135 24.89 -44.01 -8.19
N PRO B 136 25.67 -43.00 -8.05
CA PRO B 136 25.24 -41.72 -7.48
C PRO B 136 24.40 -40.88 -8.42
N LEU B 137 23.20 -40.46 -7.90
CA LEU B 137 22.42 -39.62 -8.87
C LEU B 137 23.26 -38.63 -9.67
N TYR B 138 24.10 -37.87 -9.05
CA TYR B 138 24.89 -36.85 -9.68
C TYR B 138 25.56 -37.35 -10.95
N GLN B 139 25.88 -38.64 -10.99
CA GLN B 139 26.51 -39.02 -12.30
C GLN B 139 25.48 -39.62 -13.22
N ILE B 140 24.42 -40.24 -12.83
CA ILE B 140 23.44 -40.82 -13.72
C ILE B 140 22.64 -39.71 -14.42
N THR B 141 22.24 -38.68 -13.76
CA THR B 141 21.43 -37.55 -14.37
C THR B 141 21.98 -36.24 -13.89
N PRO B 142 23.12 -35.80 -14.41
CA PRO B 142 23.92 -34.69 -13.97
C PRO B 142 23.37 -33.33 -14.09
N HIS B 143 22.29 -33.41 -14.81
CA HIS B 143 21.66 -32.06 -14.94
C HIS B 143 21.03 -31.60 -13.64
N MET B 144 20.69 -32.37 -12.71
CA MET B 144 20.06 -31.99 -11.51
C MET B 144 21.12 -31.60 -10.46
N PHE B 145 22.32 -31.86 -10.86
CA PHE B 145 23.32 -31.58 -9.79
C PHE B 145 24.42 -30.71 -10.27
N THR B 146 24.81 -30.63 -11.48
CA THR B 146 25.80 -29.69 -11.97
C THR B 146 25.05 -28.47 -12.53
N ASN B 147 25.80 -27.42 -12.48
CA ASN B 147 25.56 -26.06 -12.94
C ASN B 147 25.01 -25.89 -14.37
N SER B 148 24.94 -24.69 -14.89
CA SER B 148 24.42 -24.64 -16.23
C SER B 148 25.48 -24.42 -17.27
N GLU B 149 26.51 -23.94 -16.58
CA GLU B 149 27.73 -23.60 -17.42
C GLU B 149 28.48 -24.88 -17.60
N VAL B 150 28.78 -25.56 -16.47
CA VAL B 150 29.52 -26.78 -16.79
C VAL B 150 28.78 -27.65 -17.73
N ILE B 151 27.44 -27.56 -17.66
CA ILE B 151 26.69 -28.46 -18.57
C ILE B 151 26.91 -28.07 -19.98
N ASP B 152 26.87 -26.75 -20.12
CA ASP B 152 27.08 -26.37 -21.59
C ASP B 152 28.52 -26.71 -21.95
N LYS B 153 29.50 -26.71 -21.05
CA LYS B 153 30.89 -26.95 -21.43
C LYS B 153 31.01 -28.40 -21.80
N ALA B 154 30.14 -29.15 -21.13
CA ALA B 154 30.29 -30.59 -21.45
C ALA B 154 29.67 -30.84 -22.81
N TYR B 155 28.67 -30.06 -23.19
CA TYR B 155 27.95 -30.24 -24.46
C TYR B 155 28.94 -29.87 -25.58
N SER B 156 29.79 -28.92 -25.24
CA SER B 156 30.71 -28.61 -26.32
C SER B 156 31.78 -29.68 -26.45
N ALA B 157 32.25 -30.13 -25.32
CA ALA B 157 33.31 -31.20 -25.29
C ALA B 157 32.73 -32.14 -26.34
N LYS B 158 31.60 -32.72 -25.98
CA LYS B 158 30.97 -33.64 -26.90
C LYS B 158 30.87 -33.11 -28.32
N MET B 159 30.34 -31.95 -28.65
CA MET B 159 30.17 -31.57 -30.08
C MET B 159 31.50 -31.84 -30.77
N THR B 160 32.55 -31.26 -30.18
CA THR B 160 33.87 -31.40 -30.75
C THR B 160 34.60 -32.63 -30.38
N GLN B 161 34.15 -33.51 -29.56
CA GLN B 161 34.97 -34.71 -29.31
C GLN B 161 36.32 -34.52 -28.71
N LYS B 162 36.51 -33.51 -27.95
CA LYS B 162 37.79 -33.21 -27.27
C LYS B 162 37.25 -33.24 -25.87
N PRO B 163 37.83 -33.96 -25.01
CA PRO B 163 37.53 -34.20 -23.65
C PRO B 163 38.06 -33.19 -22.63
N GLY B 164 37.64 -33.60 -21.40
CA GLY B 164 38.10 -32.81 -20.26
C GLY B 164 37.30 -32.27 -19.13
N THR B 165 37.96 -32.11 -17.97
CA THR B 165 37.14 -31.66 -16.85
C THR B 165 37.01 -30.17 -16.64
N PHE B 166 35.83 -29.66 -16.32
CA PHE B 166 35.60 -28.26 -16.08
C PHE B 166 35.26 -28.20 -14.55
N ASN B 167 35.71 -27.02 -14.13
CA ASN B 167 35.68 -26.60 -12.73
C ASN B 167 34.41 -25.81 -12.59
N VAL B 168 33.67 -26.23 -11.58
CA VAL B 168 32.34 -25.54 -11.35
C VAL B 168 32.53 -24.40 -10.37
N SER B 169 31.55 -23.55 -10.46
CA SER B 169 31.46 -22.30 -9.75
C SER B 169 30.93 -21.75 -8.44
N PHE B 170 29.67 -22.04 -8.03
CA PHE B 170 29.03 -21.45 -6.83
C PHE B 170 28.09 -20.45 -7.52
N THR B 171 27.02 -20.21 -6.75
CA THR B 171 25.96 -19.41 -7.38
C THR B 171 25.88 -17.98 -7.75
N GLY B 172 25.32 -17.12 -6.93
CA GLY B 172 25.19 -15.68 -7.32
C GLY B 172 26.65 -15.14 -7.25
N THR B 173 26.60 -13.82 -7.19
CA THR B 173 27.62 -12.86 -7.11
C THR B 173 28.05 -12.85 -5.62
N LYS B 174 28.84 -13.89 -5.63
CA LYS B 174 29.63 -14.26 -4.38
C LYS B 174 30.19 -12.80 -4.23
N LYS B 175 30.24 -12.46 -2.94
CA LYS B 175 30.67 -11.13 -2.52
C LYS B 175 29.60 -10.25 -3.13
N ASN B 176 28.46 -10.29 -2.63
CA ASN B 176 27.31 -9.57 -3.02
C ASN B 176 26.21 -10.31 -2.28
N ARG B 177 26.26 -11.58 -1.88
CA ARG B 177 25.14 -12.13 -1.10
C ARG B 177 25.16 -12.77 0.28
N GLU B 178 24.85 -14.06 0.13
CA GLU B 178 24.71 -15.02 1.22
C GLU B 178 24.72 -16.32 0.41
N GLN B 179 25.50 -16.12 -0.63
CA GLN B 179 25.90 -17.24 -1.59
C GLN B 179 27.38 -17.19 -1.14
N ARG B 180 27.45 -17.49 0.12
CA ARG B 180 28.53 -17.41 1.04
C ARG B 180 28.32 -18.58 1.97
N VAL B 181 27.08 -19.02 1.93
CA VAL B 181 26.87 -20.23 2.78
C VAL B 181 26.35 -21.21 1.79
N ALA B 182 26.66 -21.11 0.50
CA ALA B 182 26.37 -21.87 -0.71
C ALA B 182 26.93 -23.28 -0.79
N TYR B 183 28.14 -23.28 -0.30
CA TYR B 183 28.99 -24.54 -0.29
C TYR B 183 28.13 -25.60 0.39
N PHE B 184 27.24 -25.16 1.29
CA PHE B 184 26.46 -26.11 2.01
C PHE B 184 25.26 -26.62 1.22
N GLY B 185 24.43 -25.73 0.71
CA GLY B 185 23.30 -26.18 -0.04
C GLY B 185 23.50 -26.88 -1.38
N GLU B 186 24.56 -26.39 -1.96
CA GLU B 186 24.92 -26.82 -3.27
C GLU B 186 25.75 -28.00 -3.48
N ASP B 187 26.07 -28.67 -2.34
CA ASP B 187 26.97 -29.88 -2.31
C ASP B 187 26.32 -31.15 -2.82
N ILE B 188 27.06 -31.89 -3.62
CA ILE B 188 26.40 -33.10 -4.23
C ILE B 188 26.21 -34.10 -3.14
N GLY B 189 26.71 -33.91 -1.98
CA GLY B 189 26.54 -34.93 -1.00
C GLY B 189 25.24 -34.77 -0.23
N MET B 190 25.04 -33.46 0.01
CA MET B 190 23.81 -33.18 0.88
C MET B 190 22.66 -33.37 -0.11
N ASN B 191 22.94 -32.84 -1.29
CA ASN B 191 21.82 -33.12 -2.19
C ASN B 191 21.63 -34.60 -2.30
N ILE B 192 22.64 -35.35 -2.34
CA ILE B 192 22.31 -36.80 -2.40
C ILE B 192 21.49 -37.19 -1.16
N HIS B 193 22.04 -37.18 0.08
CA HIS B 193 21.20 -37.49 1.27
C HIS B 193 19.79 -36.93 1.21
N HIS B 194 19.60 -35.68 0.89
CA HIS B 194 18.24 -35.10 0.92
C HIS B 194 17.36 -35.99 0.12
N VAL B 195 17.74 -36.33 -1.14
CA VAL B 195 16.88 -37.17 -1.95
C VAL B 195 16.85 -38.56 -1.28
N THR B 196 18.02 -39.10 -0.96
CA THR B 196 17.83 -40.48 -0.42
C THR B 196 16.85 -40.60 0.79
N TRP B 197 17.13 -39.64 1.73
CA TRP B 197 16.35 -39.58 2.97
C TRP B 197 14.90 -39.79 2.62
N HIS B 198 14.44 -39.01 1.66
CA HIS B 198 13.00 -39.19 1.23
C HIS B 198 12.74 -40.29 0.22
N MET B 199 13.51 -41.36 0.10
CA MET B 199 13.32 -42.43 -0.94
C MET B 199 13.34 -43.57 0.10
N ASP B 200 14.13 -43.31 1.15
CA ASP B 200 14.20 -44.31 2.23
C ASP B 200 12.82 -44.27 2.94
N PHE B 201 12.37 -43.05 3.29
CA PHE B 201 11.04 -42.99 3.89
C PHE B 201 10.24 -41.96 3.08
N PRO B 202 9.57 -42.56 2.14
CA PRO B 202 8.77 -41.70 1.30
C PRO B 202 7.49 -41.23 1.96
N PHE B 203 7.04 -40.06 1.59
CA PHE B 203 5.77 -39.46 1.96
C PHE B 203 4.65 -40.38 1.38
N TRP B 204 4.72 -41.04 0.25
CA TRP B 204 3.67 -41.83 -0.31
C TRP B 204 3.62 -43.23 0.16
N TRP B 205 4.31 -43.67 1.14
CA TRP B 205 4.28 -45.12 1.42
C TRP B 205 3.06 -45.73 1.91
N GLU B 206 2.41 -46.75 1.61
CA GLU B 206 1.22 -47.23 2.30
C GLU B 206 1.66 -48.51 2.95
N ASP B 207 1.23 -49.17 3.96
CA ASP B 207 1.88 -50.37 4.45
C ASP B 207 1.47 -51.59 3.65
N SER B 208 0.84 -51.38 2.53
CA SER B 208 0.42 -52.45 1.62
C SER B 208 1.73 -52.76 0.93
N TYR B 209 2.55 -51.76 0.73
CA TYR B 209 3.79 -52.13 0.01
C TYR B 209 4.62 -53.20 0.71
N GLY B 210 4.29 -53.57 1.96
CA GLY B 210 5.08 -54.60 2.61
C GLY B 210 5.52 -54.65 3.99
N TYR B 211 5.74 -53.49 4.60
CA TYR B 211 6.29 -53.34 6.00
C TYR B 211 6.00 -51.94 6.40
N HIS B 212 6.43 -51.50 7.55
CA HIS B 212 5.91 -50.11 7.90
C HIS B 212 7.12 -49.29 8.18
N LEU B 213 7.35 -48.13 7.67
CA LEU B 213 8.67 -47.57 8.10
C LEU B 213 8.28 -47.14 9.51
N ASP B 214 9.01 -47.38 10.53
CA ASP B 214 8.87 -47.12 11.86
C ASP B 214 8.50 -45.77 12.44
N ARG B 215 9.42 -44.83 12.32
CA ARG B 215 8.85 -43.55 13.06
C ARG B 215 8.89 -42.42 12.11
N LYS B 216 8.69 -42.77 10.78
CA LYS B 216 8.84 -41.60 9.82
C LYS B 216 7.73 -40.77 10.45
N GLY B 217 8.20 -39.63 10.86
CA GLY B 217 6.97 -38.91 11.58
C GLY B 217 8.01 -38.21 12.46
N GLU B 218 8.63 -38.88 13.38
CA GLU B 218 9.64 -38.20 14.15
C GLU B 218 10.86 -38.02 13.26
N LEU B 219 10.94 -39.17 12.49
CA LEU B 219 12.10 -39.22 11.49
C LEU B 219 11.87 -37.95 10.65
N PHE B 220 10.69 -37.71 10.11
CA PHE B 220 10.58 -36.39 9.42
C PHE B 220 10.86 -35.18 10.33
N PHE B 221 10.31 -35.03 11.51
CA PHE B 221 10.45 -33.94 12.47
C PHE B 221 11.93 -33.46 12.40
N TRP B 222 12.77 -34.43 12.93
CA TRP B 222 14.20 -34.52 13.10
C TRP B 222 15.12 -34.35 11.87
N VAL B 223 14.87 -35.10 10.78
CA VAL B 223 15.81 -34.86 9.73
C VAL B 223 15.85 -33.39 9.35
N HIS B 224 14.70 -32.79 9.34
CA HIS B 224 14.78 -31.38 8.83
C HIS B 224 15.27 -30.32 9.78
N HIS B 225 15.06 -30.77 11.04
CA HIS B 225 15.50 -29.85 12.17
C HIS B 225 17.02 -29.88 12.06
N GLN B 226 17.46 -31.06 11.61
CA GLN B 226 18.92 -31.11 11.49
C GLN B 226 19.43 -30.27 10.36
N LEU B 227 18.86 -30.47 9.13
CA LEU B 227 19.40 -29.57 8.11
C LEU B 227 19.06 -28.16 8.74
N THR B 228 17.94 -27.84 9.31
CA THR B 228 17.91 -26.43 9.67
C THR B 228 18.92 -25.92 10.67
N ALA B 229 19.36 -26.81 11.54
CA ALA B 229 20.42 -26.34 12.46
C ALA B 229 21.76 -26.21 11.73
N ARG B 230 22.00 -27.41 11.08
CA ARG B 230 23.30 -27.55 10.35
C ARG B 230 23.33 -26.25 9.49
N PHE B 231 22.28 -25.86 8.81
CA PHE B 231 22.37 -24.69 8.01
C PHE B 231 22.68 -23.48 8.84
N ASP B 232 21.87 -23.34 9.92
CA ASP B 232 22.04 -22.11 10.83
C ASP B 232 23.52 -22.02 11.31
N PHE B 233 24.14 -23.18 11.69
CA PHE B 233 25.53 -23.01 12.02
C PHE B 233 26.36 -22.43 10.85
N GLU B 234 26.23 -23.02 9.61
CA GLU B 234 27.13 -22.47 8.59
C GLU B 234 26.92 -20.97 8.50
N ARG B 235 25.70 -20.51 8.66
CA ARG B 235 25.51 -19.06 8.50
C ARG B 235 26.16 -18.31 9.66
N LEU B 236 26.39 -19.02 10.76
CA LEU B 236 27.12 -18.37 11.93
C LEU B 236 28.61 -18.05 11.57
N SER B 237 29.19 -19.15 11.10
CA SER B 237 30.55 -19.09 10.62
C SER B 237 30.43 -18.09 9.51
N ASN B 238 29.44 -17.56 8.93
CA ASN B 238 29.79 -16.53 7.91
C ASN B 238 29.35 -15.15 8.27
N TRP B 239 29.34 -14.84 9.55
CA TRP B 239 28.97 -13.44 9.95
C TRP B 239 27.50 -13.30 9.49
N LEU B 240 26.85 -14.45 9.13
CA LEU B 240 25.43 -14.16 8.79
C LEU B 240 24.59 -14.44 10.00
N ASP B 241 23.37 -13.98 10.03
CA ASP B 241 22.45 -14.20 11.24
C ASP B 241 21.49 -15.33 11.11
N PRO B 242 21.13 -16.08 12.08
CA PRO B 242 20.18 -17.23 11.96
C PRO B 242 19.07 -17.12 10.92
N VAL B 243 18.44 -18.08 10.24
CA VAL B 243 17.45 -17.62 9.25
C VAL B 243 16.06 -17.25 9.61
N ASP B 244 15.51 -16.37 8.90
CA ASP B 244 14.13 -15.77 9.04
C ASP B 244 13.14 -16.94 8.92
N GLU B 245 12.04 -17.01 9.58
CA GLU B 245 11.12 -18.18 9.36
C GLU B 245 10.29 -17.68 8.26
N LEU B 246 9.70 -18.28 7.30
CA LEU B 246 8.92 -17.64 6.17
C LEU B 246 7.51 -17.26 6.47
N HIS B 247 6.77 -16.26 6.12
CA HIS B 247 5.37 -16.26 6.57
C HIS B 247 4.42 -16.15 5.32
N TRP B 248 3.12 -16.53 5.43
CA TRP B 248 2.54 -16.35 4.13
C TRP B 248 2.12 -14.94 3.97
N ASP B 249 1.99 -14.19 5.02
CA ASP B 249 1.55 -12.82 4.78
C ASP B 249 2.78 -11.99 4.51
N ARG B 250 4.01 -12.39 4.36
CA ARG B 250 5.01 -11.35 4.05
C ARG B 250 5.78 -11.36 2.78
N ILE B 251 6.70 -10.48 2.43
CA ILE B 251 7.30 -10.65 1.10
C ILE B 251 8.29 -11.79 1.36
N ILE B 252 8.73 -12.39 0.21
CA ILE B 252 9.72 -13.48 0.31
C ILE B 252 10.86 -12.49 0.11
N ARG B 253 11.49 -12.13 1.17
CA ARG B 253 12.57 -11.13 1.05
C ARG B 253 13.71 -11.59 0.18
N GLU B 254 14.30 -12.73 0.50
CA GLU B 254 15.46 -13.24 -0.21
C GLU B 254 15.39 -14.12 -1.40
N GLY B 255 15.27 -13.63 -2.62
CA GLY B 255 15.18 -14.56 -3.80
C GLY B 255 16.52 -14.82 -4.47
N PHE B 256 16.64 -15.84 -5.25
CA PHE B 256 17.83 -16.25 -5.97
C PHE B 256 17.49 -16.69 -7.43
N ALA B 257 18.58 -16.86 -8.22
CA ALA B 257 18.57 -17.30 -9.64
C ALA B 257 19.51 -18.52 -9.47
N PRO B 258 19.00 -19.66 -9.92
CA PRO B 258 19.72 -20.92 -9.73
C PRO B 258 20.68 -21.20 -10.81
N LEU B 259 20.52 -20.57 -11.95
CA LEU B 259 21.52 -20.96 -13.04
C LEU B 259 21.60 -22.41 -13.34
N THR B 260 20.75 -23.28 -13.11
CA THR B 260 20.70 -24.70 -13.36
C THR B 260 19.78 -25.00 -14.52
N SER B 261 20.00 -26.07 -15.24
CA SER B 261 19.06 -26.33 -16.34
C SER B 261 18.55 -27.77 -16.30
N TYR B 262 17.34 -28.00 -16.81
CA TYR B 262 16.78 -29.38 -16.87
C TYR B 262 17.43 -30.19 -17.99
N LYS B 263 17.28 -31.50 -18.22
CA LYS B 263 17.97 -32.05 -19.47
C LYS B 263 17.02 -31.74 -20.63
N TYR B 264 15.85 -32.25 -20.52
CA TYR B 264 14.74 -31.95 -21.48
C TYR B 264 13.89 -30.99 -20.53
N GLY B 265 13.43 -29.81 -20.94
CA GLY B 265 12.77 -28.90 -19.96
C GLY B 265 13.22 -27.43 -20.01
N GLY B 266 14.40 -26.87 -19.92
CA GLY B 266 14.55 -25.37 -20.17
C GLY B 266 15.26 -24.93 -18.96
N GLU B 267 15.68 -23.72 -18.82
CA GLU B 267 16.30 -23.50 -17.46
C GLU B 267 15.34 -23.30 -16.28
N PHE B 268 15.86 -23.66 -15.12
CA PHE B 268 15.03 -23.45 -13.87
C PHE B 268 14.58 -22.00 -13.74
N PRO B 269 13.33 -21.62 -13.51
CA PRO B 269 12.88 -20.22 -13.42
C PRO B 269 13.57 -19.54 -12.27
N VAL B 270 13.50 -18.24 -12.37
CA VAL B 270 14.28 -17.56 -11.25
C VAL B 270 13.38 -16.81 -10.35
N ARG B 271 13.66 -16.13 -9.27
CA ARG B 271 12.70 -15.40 -8.42
C ARG B 271 13.36 -14.05 -8.03
N PRO B 272 12.73 -12.96 -8.36
CA PRO B 272 13.12 -11.63 -8.25
C PRO B 272 13.43 -11.05 -6.96
N ASP B 273 13.01 -11.59 -5.81
CA ASP B 273 13.52 -10.68 -4.59
C ASP B 273 12.52 -9.56 -4.30
N ASN B 274 12.16 -9.63 -2.99
CA ASN B 274 11.17 -8.81 -2.27
C ASN B 274 9.82 -9.05 -2.99
N ILE B 275 9.41 -10.21 -3.53
CA ILE B 275 8.19 -10.56 -4.17
C ILE B 275 7.10 -10.93 -3.16
N HIS B 276 5.85 -10.83 -3.70
CA HIS B 276 4.64 -11.15 -2.88
C HIS B 276 4.15 -12.49 -3.29
N PHE B 277 3.84 -13.37 -2.40
CA PHE B 277 3.42 -14.72 -2.82
C PHE B 277 2.23 -14.88 -3.71
N GLU B 278 2.19 -15.39 -4.91
CA GLU B 278 0.85 -15.54 -5.52
C GLU B 278 0.25 -16.93 -5.50
N ASP B 279 -1.04 -16.69 -5.51
CA ASP B 279 -1.99 -17.90 -5.47
C ASP B 279 -1.60 -18.56 -6.75
N VAL B 280 -1.20 -19.83 -6.66
CA VAL B 280 -0.72 -20.59 -7.85
C VAL B 280 -1.77 -21.59 -8.28
N ASP B 281 -2.18 -21.31 -9.50
CA ASP B 281 -3.28 -22.11 -10.11
C ASP B 281 -2.80 -23.57 -10.21
N GLY B 282 -3.77 -24.34 -9.78
CA GLY B 282 -3.49 -25.77 -9.86
C GLY B 282 -3.02 -26.48 -8.58
N VAL B 283 -2.24 -25.66 -7.89
CA VAL B 283 -1.67 -26.25 -6.65
C VAL B 283 -2.60 -25.85 -5.49
N ALA B 284 -2.60 -24.59 -5.18
CA ALA B 284 -3.44 -24.22 -4.06
C ALA B 284 -3.18 -22.75 -3.80
N HIS B 285 -4.14 -22.14 -3.24
CA HIS B 285 -4.42 -20.81 -2.87
C HIS B 285 -3.56 -20.23 -1.84
N VAL B 286 -3.23 -18.96 -1.70
CA VAL B 286 -2.20 -18.83 -0.60
C VAL B 286 -2.82 -18.97 0.71
N HIS B 287 -4.03 -18.61 0.71
CA HIS B 287 -4.73 -18.67 2.05
C HIS B 287 -5.01 -20.09 2.50
N ASP B 288 -4.92 -20.88 1.40
CA ASP B 288 -5.19 -22.33 1.68
C ASP B 288 -4.16 -22.91 2.67
N LEU B 289 -3.06 -22.18 2.70
CA LEU B 289 -1.93 -22.59 3.53
C LEU B 289 -2.27 -21.97 4.85
N GLU B 290 -2.38 -20.68 4.89
CA GLU B 290 -2.74 -19.94 6.09
C GLU B 290 -3.79 -20.79 6.77
N ILE B 291 -4.96 -21.23 6.28
CA ILE B 291 -5.81 -22.06 7.10
C ILE B 291 -5.15 -23.36 7.44
N THR B 292 -4.53 -24.06 6.52
CA THR B 292 -3.87 -25.32 6.93
C THR B 292 -3.05 -25.09 8.14
N GLU B 293 -2.12 -24.16 8.13
CA GLU B 293 -1.28 -23.78 9.23
C GLU B 293 -2.14 -23.57 10.43
N SER B 294 -3.39 -23.16 10.41
CA SER B 294 -4.13 -22.98 11.70
C SER B 294 -4.75 -24.28 12.17
N ARG B 295 -5.22 -24.99 11.13
CA ARG B 295 -5.78 -26.27 11.64
C ARG B 295 -4.64 -26.95 12.38
N ILE B 296 -3.35 -26.85 11.92
CA ILE B 296 -2.22 -27.52 12.49
C ILE B 296 -1.91 -27.19 13.94
N HIS B 297 -1.80 -25.88 13.76
CA HIS B 297 -1.48 -25.16 15.01
C HIS B 297 -2.54 -25.27 16.07
N GLU B 298 -3.64 -25.85 15.86
CA GLU B 298 -4.69 -25.88 16.89
C GLU B 298 -4.60 -27.29 17.39
N ALA B 299 -3.87 -28.05 16.58
CA ALA B 299 -3.94 -29.47 17.12
C ALA B 299 -2.88 -29.26 18.17
N ILE B 300 -1.71 -28.74 17.87
CA ILE B 300 -0.69 -28.54 18.88
C ILE B 300 -1.27 -27.84 20.08
N ASP B 301 -2.02 -26.77 19.73
CA ASP B 301 -2.51 -26.08 20.93
C ASP B 301 -3.56 -26.75 21.76
N HIS B 302 -4.36 -27.63 21.22
CA HIS B 302 -5.45 -28.27 21.92
C HIS B 302 -5.06 -29.40 22.89
N GLY B 303 -4.22 -30.18 22.28
CA GLY B 303 -3.66 -31.34 22.99
C GLY B 303 -4.08 -32.48 22.06
N TYR B 304 -5.07 -32.23 21.15
CA TYR B 304 -5.40 -33.42 20.28
C TYR B 304 -5.52 -33.18 18.78
N ILE B 305 -5.36 -34.23 17.97
CA ILE B 305 -5.49 -34.12 16.54
C ILE B 305 -6.92 -34.63 16.43
N THR B 306 -7.78 -34.19 15.56
CA THR B 306 -9.16 -34.73 15.57
C THR B 306 -9.34 -35.48 14.28
N ASP B 307 -9.72 -36.73 14.12
CA ASP B 307 -9.76 -37.32 12.76
C ASP B 307 -11.12 -36.96 12.17
N SER B 308 -11.42 -37.62 11.11
CA SER B 308 -12.52 -37.61 10.18
C SER B 308 -13.84 -37.84 10.84
N ASP B 309 -13.75 -38.57 11.96
CA ASP B 309 -15.07 -38.79 12.61
C ASP B 309 -15.26 -37.71 13.62
N GLY B 310 -14.10 -37.23 14.03
CA GLY B 310 -14.45 -36.12 15.04
C GLY B 310 -13.98 -36.91 16.28
N HIS B 311 -13.12 -37.88 15.93
CA HIS B 311 -12.57 -38.54 17.13
C HIS B 311 -11.43 -37.70 17.65
N THR B 312 -11.21 -37.33 18.91
CA THR B 312 -10.00 -36.54 19.12
C THR B 312 -8.99 -37.64 19.48
N ILE B 313 -7.85 -37.70 18.88
CA ILE B 313 -6.75 -38.62 19.07
C ILE B 313 -5.73 -37.70 19.81
N ASP B 314 -5.38 -38.13 21.01
CA ASP B 314 -4.49 -37.37 21.89
C ASP B 314 -3.07 -37.42 21.38
N ILE B 315 -2.36 -36.35 21.56
CA ILE B 315 -0.97 -36.26 21.19
C ILE B 315 -0.10 -35.68 22.27
N ARG B 316 -0.59 -35.64 23.44
CA ARG B 316 0.26 -34.98 24.52
C ARG B 316 0.97 -36.15 25.07
N GLN B 317 1.72 -36.93 24.41
CA GLN B 317 2.33 -38.15 24.90
C GLN B 317 3.42 -38.38 23.84
N PRO B 318 4.20 -39.40 24.08
CA PRO B 318 5.33 -39.73 23.28
C PRO B 318 5.09 -40.04 21.84
N LYS B 319 4.05 -40.58 21.39
CA LYS B 319 3.84 -40.89 19.97
C LYS B 319 3.46 -39.53 19.40
N GLY B 320 3.28 -38.64 20.36
CA GLY B 320 2.88 -37.31 19.98
C GLY B 320 3.41 -36.81 18.63
N ILE B 321 4.63 -36.34 18.76
CA ILE B 321 5.39 -35.70 17.71
C ILE B 321 5.35 -36.50 16.46
N GLU B 322 5.05 -37.76 16.42
CA GLU B 322 5.03 -38.51 15.11
C GLU B 322 3.57 -38.32 14.62
N LEU B 323 2.48 -38.63 15.36
CA LEU B 323 1.28 -38.23 14.66
C LEU B 323 1.46 -36.75 14.22
N LEU B 324 2.18 -35.79 14.81
CA LEU B 324 2.17 -34.46 14.24
C LEU B 324 2.89 -34.49 12.90
N GLY B 325 3.88 -35.35 12.76
CA GLY B 325 4.57 -35.29 11.50
C GLY B 325 3.78 -35.97 10.42
N ASP B 326 2.86 -36.75 10.81
CA ASP B 326 2.18 -37.42 9.73
C ASP B 326 1.23 -36.40 9.13
N ILE B 327 0.69 -35.49 9.90
CA ILE B 327 -0.28 -34.45 9.50
C ILE B 327 0.47 -33.28 8.89
N ILE B 328 1.63 -32.89 9.44
CA ILE B 328 2.38 -31.82 8.83
C ILE B 328 3.12 -32.18 7.56
N GLU B 329 3.83 -33.19 7.23
CA GLU B 329 4.57 -33.22 5.90
C GLU B 329 3.58 -33.50 4.84
N SER B 330 2.67 -34.26 5.28
CA SER B 330 1.50 -35.00 5.14
C SER B 330 1.84 -36.24 4.29
N SER B 331 1.90 -37.30 5.03
CA SER B 331 2.28 -38.55 4.41
C SER B 331 1.07 -39.44 4.55
N LYS B 332 1.09 -40.72 4.22
CA LYS B 332 -0.25 -41.34 4.39
C LYS B 332 -0.48 -41.78 5.74
N TYR B 333 0.25 -41.47 6.69
CA TYR B 333 -0.12 -42.00 8.04
C TYR B 333 -1.07 -40.91 8.50
N SER B 334 -1.39 -39.81 7.80
CA SER B 334 -2.31 -38.78 8.34
C SER B 334 -3.63 -39.34 8.85
N SER B 335 -4.14 -38.79 9.92
CA SER B 335 -5.36 -39.29 10.54
C SER B 335 -6.42 -38.56 9.86
N ASN B 336 -6.23 -37.28 9.61
CA ASN B 336 -7.42 -36.60 8.90
C ASN B 336 -6.80 -35.96 7.69
N VAL B 337 -6.42 -36.46 6.58
CA VAL B 337 -5.81 -35.58 5.55
C VAL B 337 -6.80 -34.65 4.91
N GLN B 338 -8.06 -34.83 5.08
CA GLN B 338 -9.01 -33.90 4.33
C GLN B 338 -9.07 -32.57 5.14
N TYR B 339 -8.57 -32.61 6.34
CA TYR B 339 -8.70 -31.43 7.14
C TYR B 339 -7.38 -30.75 7.31
N TYR B 340 -6.37 -31.42 7.76
CA TYR B 340 -5.06 -30.85 7.97
C TYR B 340 -4.33 -30.78 6.66
N GLY B 341 -4.86 -31.20 5.52
CA GLY B 341 -4.10 -31.18 4.31
C GLY B 341 -2.69 -31.63 4.24
N SER B 342 -1.88 -30.80 3.62
CA SER B 342 -0.43 -31.05 3.44
C SER B 342 0.57 -29.83 3.44
N LEU B 343 0.67 -29.14 4.59
CA LEU B 343 1.53 -27.97 4.57
C LEU B 343 2.85 -28.08 3.91
N HIS B 344 3.64 -28.98 4.29
CA HIS B 344 4.98 -29.11 3.80
C HIS B 344 5.03 -29.27 2.32
N ASN B 345 4.53 -30.38 1.78
CA ASN B 345 4.56 -30.67 0.38
C ASN B 345 3.80 -29.57 -0.26
N THR B 346 2.59 -29.22 -0.08
CA THR B 346 2.12 -28.06 -0.89
C THR B 346 3.05 -26.89 -0.90
N ALA B 347 3.66 -26.64 0.26
CA ALA B 347 4.57 -25.52 0.47
C ALA B 347 5.69 -25.73 -0.48
N HIS B 348 6.09 -26.87 -0.93
CA HIS B 348 7.18 -27.04 -1.90
C HIS B 348 6.50 -26.66 -3.21
N VAL B 349 5.51 -27.25 -3.77
CA VAL B 349 5.01 -26.79 -5.01
C VAL B 349 4.63 -25.31 -4.99
N MET B 350 4.13 -24.81 -3.91
CA MET B 350 3.69 -23.43 -3.83
C MET B 350 4.87 -22.52 -3.97
N LEU B 351 6.09 -22.85 -3.47
CA LEU B 351 7.20 -21.88 -3.59
C LEU B 351 7.89 -21.89 -4.98
N GLY B 352 7.57 -22.97 -5.73
CA GLY B 352 8.19 -23.23 -6.97
C GLY B 352 7.56 -22.53 -8.11
N ARG B 353 6.30 -22.37 -8.18
CA ARG B 353 5.78 -21.72 -9.40
C ARG B 353 5.73 -20.24 -9.11
N GLN B 354 6.35 -19.85 -7.98
CA GLN B 354 6.28 -18.35 -7.75
C GLN B 354 6.80 -17.63 -8.99
N GLY B 355 7.33 -18.51 -9.90
CA GLY B 355 7.91 -17.98 -11.12
C GLY B 355 6.84 -17.81 -12.19
N ASP B 356 5.72 -18.42 -11.99
CA ASP B 356 4.64 -18.57 -12.95
C ASP B 356 3.43 -19.28 -12.32
N PRO B 357 2.62 -18.60 -11.59
CA PRO B 357 1.48 -19.13 -10.96
C PRO B 357 0.43 -19.15 -11.99
N HIS B 358 0.17 -18.22 -12.87
CA HIS B 358 -1.09 -18.71 -13.63
C HIS B 358 -0.65 -19.54 -14.77
N GLY B 359 0.68 -19.54 -14.84
CA GLY B 359 1.33 -20.36 -15.93
C GLY B 359 1.17 -19.73 -17.30
N LYS B 360 1.59 -18.51 -17.38
CA LYS B 360 1.43 -17.79 -18.61
C LYS B 360 2.69 -18.12 -19.35
N PHE B 361 3.73 -18.51 -18.76
CA PHE B 361 4.93 -18.71 -19.62
C PHE B 361 5.38 -20.11 -19.93
N ASN B 362 4.70 -20.86 -19.03
CA ASN B 362 5.00 -22.32 -19.17
C ASN B 362 6.51 -22.50 -19.02
N LEU B 363 6.99 -22.14 -17.87
CA LEU B 363 8.34 -22.34 -17.39
C LEU B 363 8.19 -23.75 -16.76
N PRO B 364 9.19 -24.54 -16.53
CA PRO B 364 9.10 -25.87 -15.96
C PRO B 364 8.93 -25.75 -14.46
N PRO B 365 8.96 -26.77 -13.69
CA PRO B 365 8.78 -26.71 -12.28
C PRO B 365 9.97 -26.07 -11.63
N GLY B 366 10.04 -25.77 -10.35
CA GLY B 366 11.32 -25.06 -10.02
C GLY B 366 12.26 -25.68 -9.04
N VAL B 367 13.37 -25.00 -8.73
CA VAL B 367 14.29 -25.75 -7.86
C VAL B 367 13.72 -26.31 -6.63
N MET B 368 12.76 -25.90 -6.02
CA MET B 368 12.16 -26.43 -4.77
C MET B 368 11.15 -27.53 -5.04
N GLU B 369 10.86 -27.76 -6.31
CA GLU B 369 9.81 -28.78 -6.52
C GLU B 369 10.56 -30.02 -6.86
N HIS B 370 11.62 -30.25 -6.21
CA HIS B 370 12.43 -31.46 -6.43
C HIS B 370 13.41 -31.72 -5.26
N PHE B 371 13.52 -33.00 -4.86
CA PHE B 371 14.51 -33.14 -3.77
C PHE B 371 15.99 -33.05 -4.07
N GLU B 372 16.40 -33.35 -5.28
CA GLU B 372 17.91 -33.27 -5.46
C GLU B 372 18.28 -31.86 -5.73
N THR B 373 17.29 -30.97 -5.60
CA THR B 373 17.60 -29.56 -5.91
C THR B 373 17.09 -28.48 -5.07
N ALA B 374 16.42 -28.82 -3.97
CA ALA B 374 15.76 -27.76 -3.23
C ALA B 374 16.73 -27.10 -2.39
N THR B 375 17.64 -27.89 -1.93
CA THR B 375 18.54 -27.14 -0.94
C THR B 375 19.23 -26.05 -1.63
N ARG B 376 19.05 -25.83 -2.91
CA ARG B 376 19.73 -24.77 -3.58
C ARG B 376 19.19 -23.42 -3.31
N ASP B 377 17.91 -23.22 -3.40
CA ASP B 377 17.14 -21.96 -3.32
C ASP B 377 17.08 -21.50 -1.91
N PRO B 378 17.39 -20.32 -1.57
CA PRO B 378 17.34 -19.87 -0.21
C PRO B 378 16.02 -19.96 0.53
N SER B 379 14.93 -19.82 -0.11
CA SER B 379 13.75 -19.94 0.74
C SER B 379 13.61 -21.39 1.25
N PHE B 380 14.48 -22.27 0.79
CA PHE B 380 14.33 -23.67 1.23
C PHE B 380 14.47 -23.64 2.72
N PHE B 381 15.47 -23.01 3.21
CA PHE B 381 15.62 -22.98 4.69
C PHE B 381 14.69 -22.03 5.41
N ARG B 382 14.10 -21.04 4.77
CA ARG B 382 13.12 -20.10 5.36
C ARG B 382 11.89 -20.93 5.59
N LEU B 383 11.55 -21.82 4.59
CA LEU B 383 10.41 -22.71 4.61
C LEU B 383 10.74 -23.74 5.65
N HIS B 384 11.84 -24.26 5.98
CA HIS B 384 11.86 -25.30 7.01
C HIS B 384 12.10 -24.71 8.37
N LYS B 385 12.39 -23.45 8.40
CA LYS B 385 12.50 -22.78 9.74
C LYS B 385 11.03 -22.71 10.26
N TYR B 386 10.13 -22.18 9.52
CA TYR B 386 8.70 -22.23 9.73
C TYR B 386 8.27 -23.69 9.97
N MET B 387 8.39 -24.71 9.06
CA MET B 387 7.95 -26.00 9.59
C MET B 387 8.63 -26.27 10.98
N ASP B 388 9.92 -25.97 11.09
CA ASP B 388 10.70 -26.25 12.27
C ASP B 388 10.02 -25.68 13.47
N ASN B 389 9.68 -24.40 13.62
CA ASN B 389 9.00 -24.09 14.92
C ASN B 389 7.54 -24.38 14.95
N ILE B 390 6.89 -25.26 14.27
CA ILE B 390 5.48 -25.59 14.29
C ILE B 390 5.79 -26.79 15.25
N PHE B 391 6.84 -27.48 14.88
CA PHE B 391 7.09 -28.63 15.69
C PHE B 391 7.55 -28.06 17.04
N LYS B 392 8.47 -27.09 17.03
CA LYS B 392 8.91 -26.77 18.42
C LYS B 392 7.74 -26.35 19.33
N LYS B 393 6.66 -25.86 18.69
CA LYS B 393 5.56 -25.44 19.50
C LYS B 393 5.12 -26.62 20.30
N HIS B 394 5.22 -27.80 19.94
CA HIS B 394 4.59 -28.96 20.62
C HIS B 394 5.51 -29.54 21.58
N THR B 395 6.66 -29.51 20.91
CA THR B 395 7.98 -30.01 21.42
C THR B 395 8.29 -29.41 22.79
N ASP B 396 8.02 -28.19 23.03
CA ASP B 396 8.20 -27.33 24.14
C ASP B 396 7.08 -27.26 25.13
N SER B 397 6.00 -28.00 24.76
CA SER B 397 4.86 -27.85 25.74
C SER B 397 5.09 -28.85 26.88
N PHE B 398 6.19 -29.68 26.67
CA PHE B 398 6.28 -30.61 27.83
C PHE B 398 6.96 -29.93 28.98
N PRO B 399 6.74 -30.46 30.11
CA PRO B 399 7.36 -29.95 31.32
C PRO B 399 8.80 -30.45 31.18
N PRO B 400 9.69 -29.63 31.68
CA PRO B 400 11.13 -29.81 31.65
C PRO B 400 11.55 -31.05 32.34
N TYR B 401 12.82 -31.42 32.19
CA TYR B 401 13.07 -32.77 32.83
C TYR B 401 13.65 -32.54 34.23
N THR B 402 13.36 -33.51 35.07
CA THR B 402 13.75 -33.52 36.47
C THR B 402 15.18 -34.01 36.55
N HIS B 403 15.69 -33.85 37.78
CA HIS B 403 17.11 -34.28 38.00
C HIS B 403 17.04 -35.79 37.84
N ASP B 404 16.18 -36.21 38.76
CA ASP B 404 15.87 -37.65 38.80
C ASP B 404 15.60 -38.12 37.38
N ASN B 405 15.32 -37.20 36.51
CA ASN B 405 14.99 -37.53 35.14
C ASN B 405 16.15 -37.99 34.22
N LEU B 406 17.17 -37.15 34.10
CA LEU B 406 18.29 -37.45 33.26
C LEU B 406 19.33 -38.40 33.85
N GLU B 407 19.44 -38.56 35.16
CA GLU B 407 20.34 -39.33 35.93
C GLU B 407 20.45 -40.76 35.60
N PHE B 408 21.59 -41.28 35.24
CA PHE B 408 21.82 -42.75 35.01
C PHE B 408 22.97 -43.03 36.02
N SER B 409 22.39 -43.15 37.16
CA SER B 409 23.01 -43.40 38.45
C SER B 409 24.13 -44.39 38.33
N GLY B 410 25.28 -44.03 38.80
CA GLY B 410 26.30 -45.22 38.58
C GLY B 410 27.11 -44.39 37.61
N MET B 411 27.13 -44.62 36.37
CA MET B 411 27.89 -43.72 35.55
C MET B 411 28.17 -42.25 35.63
N VAL B 412 29.43 -41.91 35.42
CA VAL B 412 29.70 -40.46 35.42
C VAL B 412 30.84 -40.03 34.53
N VAL B 413 30.55 -39.08 33.68
CA VAL B 413 31.60 -38.63 32.82
C VAL B 413 32.57 -37.81 33.66
N ASN B 414 33.79 -38.26 33.44
CA ASN B 414 34.91 -37.67 34.15
C ASN B 414 35.44 -36.59 33.22
N GLY B 415 35.74 -37.06 32.01
CA GLY B 415 36.26 -35.94 31.15
C GLY B 415 36.00 -36.19 29.68
N VAL B 416 36.14 -35.03 29.02
CA VAL B 416 35.93 -35.21 27.55
C VAL B 416 37.01 -34.41 26.85
N ALA B 417 37.60 -35.27 26.00
CA ALA B 417 38.66 -34.85 25.09
C ALA B 417 38.70 -35.32 23.63
N ILE B 418 39.16 -34.27 22.92
CA ILE B 418 39.32 -34.37 21.48
C ILE B 418 40.79 -34.57 21.21
N ASP B 419 40.98 -35.78 20.70
CA ASP B 419 42.33 -36.24 20.34
C ASP B 419 42.66 -35.82 18.91
N GLY B 420 43.07 -34.58 18.76
CA GLY B 420 43.43 -34.15 17.37
C GLY B 420 43.09 -32.68 17.17
N GLU B 421 42.71 -32.37 15.95
CA GLU B 421 42.37 -30.96 15.76
C GLU B 421 41.06 -30.87 14.99
N LEU B 422 40.44 -29.73 15.36
CA LEU B 422 39.14 -29.57 14.60
C LEU B 422 39.58 -28.66 13.46
N ILE B 423 39.74 -29.36 12.32
CA ILE B 423 40.17 -28.46 11.20
C ILE B 423 39.42 -28.79 9.96
N THR B 424 38.85 -27.72 9.44
CA THR B 424 38.05 -27.87 8.23
C THR B 424 38.61 -27.01 7.10
N PHE B 425 38.60 -27.72 6.01
CA PHE B 425 39.05 -27.04 4.76
C PHE B 425 38.25 -27.37 3.49
N PHE B 426 38.82 -26.90 2.38
CA PHE B 426 38.13 -27.20 1.11
C PHE B 426 38.83 -28.05 0.01
N ASP B 427 38.60 -29.33 -0.04
CA ASP B 427 38.96 -30.38 -0.85
C ASP B 427 38.52 -30.23 -2.30
N GLU B 428 38.71 -31.32 -3.02
CA GLU B 428 38.21 -31.17 -4.45
C GLU B 428 37.69 -32.47 -4.99
N PHE B 429 36.57 -32.41 -5.64
CA PHE B 429 35.91 -33.60 -6.13
C PHE B 429 35.54 -33.60 -7.60
N GLN B 430 35.53 -34.91 -8.00
CA GLN B 430 35.24 -34.96 -9.51
C GLN B 430 34.21 -36.03 -9.82
N TYR B 431 33.16 -35.59 -10.51
CA TYR B 431 32.08 -36.60 -10.81
C TYR B 431 32.08 -36.48 -12.32
N SER B 432 31.43 -37.40 -12.99
CA SER B 432 31.37 -37.44 -14.43
C SER B 432 30.15 -36.98 -15.25
N LEU B 433 30.36 -36.03 -16.18
CA LEU B 433 29.34 -35.48 -17.03
C LEU B 433 28.90 -36.32 -18.20
N ILE B 434 29.12 -37.61 -18.16
CA ILE B 434 28.73 -38.30 -19.42
C ILE B 434 27.26 -38.58 -19.64
N ASN B 435 26.53 -38.89 -18.53
CA ASN B 435 25.20 -39.31 -18.99
C ASN B 435 24.41 -38.15 -19.47
N ALA B 436 25.11 -37.03 -19.36
CA ALA B 436 24.49 -35.76 -19.72
C ALA B 436 24.50 -35.42 -21.19
N VAL B 437 25.52 -35.76 -21.91
CA VAL B 437 25.60 -35.36 -23.32
C VAL B 437 25.12 -36.49 -24.18
N ASP B 438 24.47 -36.26 -25.29
CA ASP B 438 24.04 -37.44 -26.04
C ASP B 438 25.11 -37.79 -27.00
N SER B 439 25.26 -39.09 -27.10
CA SER B 439 26.28 -39.72 -28.02
C SER B 439 25.34 -40.62 -28.75
N GLY B 440 25.19 -40.59 -30.00
CA GLY B 440 24.18 -41.66 -30.44
C GLY B 440 24.96 -42.99 -30.66
N GLU B 441 25.25 -43.04 -31.99
CA GLU B 441 25.95 -44.19 -32.50
C GLU B 441 26.90 -44.20 -33.63
N ASN B 442 27.93 -44.94 -33.24
CA ASN B 442 29.07 -45.18 -34.15
C ASN B 442 29.97 -43.97 -33.96
N ILE B 443 29.41 -43.10 -33.12
CA ILE B 443 30.12 -41.83 -32.70
C ILE B 443 30.86 -42.21 -31.43
N GLU B 444 32.15 -42.01 -31.11
CA GLU B 444 32.44 -42.62 -29.77
C GLU B 444 32.64 -41.67 -28.61
N ASP B 445 32.60 -42.27 -27.44
CA ASP B 445 32.67 -41.61 -26.13
C ASP B 445 33.98 -40.97 -25.72
N VAL B 446 33.86 -39.74 -25.43
CA VAL B 446 34.89 -38.84 -24.99
C VAL B 446 34.43 -38.63 -23.53
N GLU B 447 35.49 -38.72 -22.77
CA GLU B 447 35.28 -38.65 -21.35
C GLU B 447 35.31 -37.27 -20.88
N ILE B 448 34.09 -36.81 -20.56
CA ILE B 448 33.98 -35.41 -19.98
C ILE B 448 33.82 -35.38 -18.47
N ASN B 449 34.50 -34.53 -17.74
CA ASN B 449 34.31 -34.55 -16.27
C ASN B 449 33.99 -33.29 -15.54
N ALA B 450 33.36 -33.21 -14.39
CA ALA B 450 33.10 -31.91 -13.65
C ALA B 450 33.85 -32.00 -12.31
N ARG B 451 34.38 -30.81 -12.04
CA ARG B 451 35.19 -30.76 -10.75
C ARG B 451 34.61 -29.74 -9.81
N VAL B 452 34.35 -30.32 -8.60
CA VAL B 452 33.68 -29.35 -7.69
C VAL B 452 34.51 -29.11 -6.44
N HIS B 453 34.11 -28.05 -5.83
CA HIS B 453 34.82 -27.73 -4.58
C HIS B 453 34.13 -28.05 -3.30
N ARG B 454 34.55 -29.11 -2.59
CA ARG B 454 33.63 -29.29 -1.36
C ARG B 454 34.35 -29.22 -0.04
N LEU B 455 33.71 -28.95 1.08
CA LEU B 455 34.20 -28.85 2.44
C LEU B 455 34.76 -30.20 2.94
N ASN B 456 35.56 -29.97 3.99
CA ASN B 456 36.17 -31.12 4.64
C ASN B 456 36.80 -30.66 5.93
N HIS B 457 37.01 -31.69 6.68
CA HIS B 457 37.55 -31.66 8.01
C HIS B 457 38.52 -32.81 8.11
N ASN B 458 39.14 -32.95 9.22
CA ASN B 458 40.19 -33.97 9.41
C ASN B 458 39.86 -35.03 10.44
N GLU B 459 40.09 -36.27 10.18
CA GLU B 459 39.70 -37.17 11.28
C GLU B 459 40.23 -36.73 12.65
N PHE B 460 39.45 -37.08 13.69
CA PHE B 460 39.82 -36.68 15.07
C PHE B 460 39.15 -37.75 15.94
N THR B 461 39.66 -37.81 17.18
CA THR B 461 39.12 -38.78 18.15
C THR B 461 38.79 -38.17 19.54
N TYR B 462 37.70 -38.84 19.99
CA TYR B 462 37.02 -38.58 21.20
C TYR B 462 37.70 -39.48 22.20
N LYS B 463 38.03 -38.80 23.29
CA LYS B 463 38.54 -39.62 24.41
C LYS B 463 37.61 -39.11 25.50
N ILE B 464 36.72 -40.02 25.84
CA ILE B 464 35.66 -39.81 26.85
C ILE B 464 36.09 -40.72 28.00
N THR B 465 36.55 -40.05 29.05
CA THR B 465 37.11 -40.71 30.25
C THR B 465 35.98 -40.90 31.25
N MET B 466 35.81 -42.14 31.67
CA MET B 466 34.62 -42.15 32.60
C MET B 466 34.26 -43.32 33.44
N SER B 467 33.94 -43.14 34.74
CA SER B 467 33.71 -44.21 35.69
C SER B 467 32.40 -44.85 35.97
N ASN B 468 32.27 -46.14 35.94
CA ASN B 468 30.98 -46.83 36.22
C ASN B 468 30.91 -47.11 37.69
N ASN B 469 30.39 -46.26 38.54
CA ASN B 469 30.44 -46.59 39.99
C ASN B 469 29.60 -47.80 40.28
N ASN B 470 28.70 -48.12 39.37
CA ASN B 470 27.85 -49.29 39.60
C ASN B 470 28.78 -50.48 39.84
N ASP B 471 28.09 -51.43 40.43
CA ASP B 471 28.77 -52.71 40.76
C ASP B 471 29.30 -53.35 39.44
N GLY B 472 28.50 -53.30 38.36
CA GLY B 472 29.13 -53.93 37.22
C GLY B 472 28.51 -53.95 35.86
N GLU B 473 29.30 -53.32 34.98
CA GLU B 473 28.97 -53.27 33.56
C GLU B 473 27.47 -53.02 33.32
N ARG B 474 27.34 -51.84 32.70
CA ARG B 474 25.97 -51.35 32.35
C ARG B 474 26.11 -50.91 30.90
N LEU B 475 25.02 -51.05 30.12
CA LEU B 475 24.90 -50.67 28.67
C LEU B 475 24.86 -49.16 28.43
N ALA B 476 25.47 -48.55 27.46
CA ALA B 476 25.31 -47.10 27.57
C ALA B 476 24.89 -46.32 26.36
N THR B 477 23.98 -45.33 26.36
CA THR B 477 23.84 -44.57 25.07
C THR B 477 24.81 -43.36 25.09
N PHE B 478 25.80 -43.37 24.20
CA PHE B 478 26.77 -42.28 24.14
C PHE B 478 26.13 -41.19 23.26
N ARG B 479 25.53 -40.11 23.73
CA ARG B 479 24.92 -39.09 22.85
C ARG B 479 25.77 -37.86 22.66
N ILE B 480 26.11 -37.48 21.46
CA ILE B 480 27.00 -36.30 21.40
C ILE B 480 26.50 -35.15 20.49
N PHE B 481 26.02 -34.05 21.10
CA PHE B 481 25.63 -32.81 20.41
C PHE B 481 26.65 -31.71 20.26
N LEU B 482 26.81 -30.75 19.38
CA LEU B 482 27.89 -29.71 19.41
C LEU B 482 26.97 -28.49 19.34
N CYS B 483 26.62 -27.78 20.38
CA CYS B 483 25.69 -26.60 20.42
C CYS B 483 26.48 -25.36 20.24
N PRO B 484 26.13 -24.15 19.98
CA PRO B 484 26.96 -22.97 19.85
C PRO B 484 27.07 -22.31 21.21
N ILE B 485 27.80 -21.17 21.18
CA ILE B 485 27.97 -20.45 22.47
C ILE B 485 27.55 -18.99 22.42
N GLU B 486 28.02 -18.26 21.50
CA GLU B 486 27.58 -16.85 21.49
C GLU B 486 26.74 -16.56 20.29
N ASP B 487 26.06 -15.50 19.97
CA ASP B 487 25.23 -14.96 19.03
C ASP B 487 25.47 -14.52 17.62
N ASN B 488 26.61 -13.92 17.43
CA ASN B 488 26.84 -13.31 16.08
C ASN B 488 26.37 -11.85 16.45
N ASN B 489 25.84 -11.72 17.67
CA ASN B 489 25.60 -10.31 18.06
C ASN B 489 26.72 -10.41 19.10
N GLY B 490 27.12 -11.68 19.41
CA GLY B 490 28.23 -11.71 20.40
C GLY B 490 27.76 -12.14 21.77
N ILE B 491 26.47 -11.94 21.83
CA ILE B 491 25.64 -12.26 22.94
C ILE B 491 25.75 -13.55 23.66
N THR B 492 26.07 -14.72 23.35
CA THR B 492 26.13 -15.73 24.47
C THR B 492 24.80 -16.07 25.15
N LEU B 493 24.12 -16.97 24.53
CA LEU B 493 22.89 -17.66 24.68
C LEU B 493 23.09 -18.74 25.77
N THR B 494 21.97 -19.27 26.06
CA THR B 494 21.65 -20.17 27.03
C THR B 494 21.28 -21.56 26.97
N LEU B 495 21.65 -22.52 26.18
CA LEU B 495 21.20 -23.94 26.46
C LEU B 495 19.68 -23.83 26.57
N ASP B 496 18.99 -22.96 25.94
CA ASP B 496 17.54 -22.93 26.02
C ASP B 496 17.56 -22.08 24.74
N GLU B 497 18.44 -21.07 24.95
CA GLU B 497 18.53 -20.25 23.71
C GLU B 497 19.37 -21.20 22.86
N ALA B 498 20.31 -21.97 23.42
CA ALA B 498 20.95 -22.83 22.38
C ALA B 498 20.73 -24.32 22.27
N ARG B 499 19.83 -24.81 23.14
CA ARG B 499 19.62 -26.28 23.12
C ARG B 499 19.12 -26.71 21.73
N TRP B 500 18.30 -25.72 21.18
CA TRP B 500 17.64 -26.10 19.88
C TRP B 500 18.52 -26.03 18.66
N PHE B 501 19.55 -25.26 18.80
CA PHE B 501 20.44 -25.03 17.68
C PHE B 501 21.53 -26.04 17.46
N CYS B 502 21.61 -26.96 18.35
CA CYS B 502 22.69 -27.94 18.31
C CYS B 502 22.36 -29.13 17.38
N ILE B 503 23.44 -29.57 16.73
CA ILE B 503 23.37 -30.66 15.75
C ILE B 503 24.08 -31.83 16.34
N GLU B 504 23.59 -32.96 16.11
CA GLU B 504 24.08 -34.24 16.52
C GLU B 504 25.21 -34.64 15.54
N LEU B 505 26.24 -35.01 16.25
CA LEU B 505 27.53 -35.49 15.81
C LEU B 505 27.71 -36.97 15.97
N ASP B 506 27.05 -37.62 16.89
CA ASP B 506 27.24 -39.08 17.05
C ASP B 506 26.26 -39.59 18.12
N LYS B 507 25.94 -40.83 17.99
CA LYS B 507 25.05 -41.55 18.88
C LYS B 507 25.44 -43.06 18.75
N PHE B 508 25.95 -43.65 19.88
CA PHE B 508 26.34 -45.09 19.72
C PHE B 508 26.16 -45.92 21.00
N PHE B 509 25.93 -47.26 20.78
CA PHE B 509 25.82 -47.96 22.08
C PHE B 509 27.00 -48.80 22.53
N GLN B 510 27.65 -48.67 23.64
CA GLN B 510 28.78 -49.38 24.17
C GLN B 510 28.67 -49.91 25.58
N LYS B 511 29.33 -51.07 25.86
CA LYS B 511 29.20 -51.38 27.33
C LYS B 511 30.44 -50.79 28.06
N VAL B 512 29.94 -50.45 29.25
CA VAL B 512 30.81 -49.84 30.24
C VAL B 512 31.12 -50.87 31.29
N PRO B 513 32.44 -50.92 31.47
CA PRO B 513 33.11 -51.80 32.43
C PRO B 513 32.64 -51.45 33.85
N SER B 514 33.24 -52.14 34.85
CA SER B 514 32.75 -51.74 36.16
C SER B 514 33.64 -50.68 36.76
N GLY B 515 34.44 -50.05 35.98
CA GLY B 515 35.33 -49.07 36.67
C GLY B 515 35.93 -48.28 35.53
N PRO B 516 36.44 -47.18 36.01
CA PRO B 516 37.08 -46.15 35.18
C PRO B 516 37.53 -46.63 33.82
N GLU B 517 36.73 -46.41 32.78
CA GLU B 517 37.23 -46.84 31.43
C GLU B 517 37.69 -45.51 30.84
N THR B 518 38.02 -45.48 29.59
CA THR B 518 38.39 -44.23 28.93
C THR B 518 38.03 -44.59 27.48
N ILE B 519 36.81 -44.32 27.04
CA ILE B 519 36.39 -44.63 25.66
C ILE B 519 36.85 -43.51 24.73
N GLU B 520 37.37 -44.09 23.66
CA GLU B 520 37.92 -43.19 22.59
C GLU B 520 37.13 -43.61 21.38
N ARG B 521 36.79 -42.64 20.52
CA ARG B 521 36.01 -43.03 19.31
C ARG B 521 36.16 -41.93 18.24
N SER B 522 36.15 -42.41 16.98
CA SER B 522 36.39 -41.68 15.73
C SER B 522 35.56 -40.90 14.74
N SER B 523 36.10 -39.74 14.30
CA SER B 523 35.43 -38.90 13.34
C SER B 523 34.71 -39.84 12.40
N LYS B 524 35.50 -40.88 12.11
CA LYS B 524 35.20 -41.95 11.16
C LYS B 524 34.17 -42.87 11.64
N ASP B 525 34.08 -43.37 12.80
CA ASP B 525 32.91 -44.22 13.06
C ASP B 525 31.66 -43.40 13.33
N SER B 526 31.45 -42.08 13.16
CA SER B 526 30.16 -41.45 13.50
C SER B 526 28.90 -42.16 13.02
N SER B 527 27.79 -42.07 13.80
CA SER B 527 26.61 -42.81 13.24
C SER B 527 25.79 -41.96 12.30
N VAL B 528 26.08 -40.69 12.28
CA VAL B 528 25.21 -39.87 11.37
C VAL B 528 25.97 -39.60 10.11
N THR B 529 27.01 -40.41 9.87
CA THR B 529 27.71 -40.02 8.64
C THR B 529 27.86 -41.02 7.55
N VAL B 530 28.11 -40.53 6.34
CA VAL B 530 28.26 -41.54 5.27
C VAL B 530 29.43 -41.16 4.43
N PRO B 531 30.17 -42.16 3.98
CA PRO B 531 31.34 -41.84 3.13
C PRO B 531 30.90 -41.34 1.78
N ASP B 532 31.79 -40.76 0.98
CA ASP B 532 31.38 -40.34 -0.42
C ASP B 532 31.14 -41.68 -1.15
N MET B 533 30.36 -41.69 -2.20
CA MET B 533 30.17 -43.06 -2.73
C MET B 533 31.03 -43.27 -3.98
N PRO B 534 31.29 -44.53 -4.17
CA PRO B 534 31.96 -45.15 -5.27
C PRO B 534 31.50 -44.48 -6.57
N SER B 535 32.34 -44.41 -7.57
CA SER B 535 31.97 -43.81 -8.83
C SER B 535 31.04 -44.79 -9.58
N PHE B 536 30.36 -44.16 -10.52
CA PHE B 536 29.43 -44.91 -11.36
C PHE B 536 30.23 -46.04 -12.05
N GLN B 537 31.22 -45.47 -12.72
CA GLN B 537 32.12 -46.26 -13.54
C GLN B 537 32.68 -47.35 -12.65
N SER B 538 33.39 -46.81 -11.67
CA SER B 538 33.99 -47.74 -10.69
C SER B 538 32.95 -48.79 -10.31
N LEU B 539 31.67 -48.55 -10.14
CA LEU B 539 30.91 -49.75 -9.76
C LEU B 539 30.64 -50.53 -11.04
N LYS B 540 31.00 -49.99 -12.16
CA LYS B 540 30.75 -50.80 -13.41
C LYS B 540 31.98 -51.75 -13.39
N GLU B 541 33.16 -51.16 -13.43
CA GLU B 541 34.39 -51.94 -13.41
C GLU B 541 34.29 -53.17 -12.52
N GLN B 542 33.88 -52.92 -11.36
CA GLN B 542 33.73 -53.89 -10.33
C GLN B 542 32.68 -54.91 -10.47
N ALA B 543 31.61 -54.50 -11.03
CA ALA B 543 30.43 -55.38 -11.23
C ALA B 543 30.83 -56.44 -12.25
N ASP B 544 31.31 -55.80 -13.30
CA ASP B 544 31.82 -56.54 -14.44
C ASP B 544 32.89 -57.54 -13.93
N ASN B 545 33.91 -57.00 -13.25
CA ASN B 545 34.92 -58.02 -12.86
C ASN B 545 34.36 -59.13 -11.97
N ALA B 546 33.17 -59.28 -11.51
CA ALA B 546 33.04 -60.44 -10.63
C ALA B 546 32.01 -61.27 -11.39
N VAL B 547 31.85 -60.79 -12.61
CA VAL B 547 30.86 -61.55 -13.40
C VAL B 547 31.68 -62.61 -14.18
N ASN B 548 32.78 -62.01 -14.65
CA ASN B 548 33.75 -62.87 -15.46
C ASN B 548 34.80 -63.08 -14.32
N GLY B 549 34.43 -64.06 -13.45
CA GLY B 549 35.40 -64.22 -12.35
C GLY B 549 34.78 -65.01 -11.22
N GLY B 550 33.48 -65.28 -11.33
CA GLY B 550 33.05 -66.08 -10.13
C GLY B 550 32.23 -65.24 -9.18
N HIS B 551 32.65 -64.74 -8.00
CA HIS B 551 31.56 -64.05 -7.26
C HIS B 551 31.70 -63.26 -5.98
N ASP B 552 30.92 -62.11 -6.02
CA ASP B 552 31.05 -61.38 -4.73
C ASP B 552 30.35 -60.06 -4.52
N LEU B 553 31.22 -59.08 -4.68
CA LEU B 553 30.95 -57.66 -4.54
C LEU B 553 30.57 -57.40 -3.10
N ASP B 554 31.64 -57.46 -2.26
CA ASP B 554 31.16 -57.16 -0.88
C ASP B 554 31.97 -55.92 -0.43
N LEU B 555 31.22 -54.88 -0.76
CA LEU B 555 31.14 -53.45 -0.75
C LEU B 555 29.89 -53.05 0.07
N SER B 556 29.48 -54.09 0.86
CA SER B 556 28.30 -53.68 1.68
C SER B 556 29.20 -52.60 2.37
N ALA B 557 28.60 -51.43 2.22
CA ALA B 557 29.34 -50.25 2.75
C ALA B 557 28.31 -49.17 2.38
N TYR B 558 27.71 -49.67 1.30
CA TYR B 558 26.72 -48.75 0.76
C TYR B 558 25.33 -49.20 0.49
N GLU B 559 24.71 -50.19 1.12
CA GLU B 559 23.28 -50.41 0.64
C GLU B 559 22.15 -49.74 1.41
N ARG B 560 22.34 -48.44 1.77
CA ARG B 560 21.27 -47.68 2.46
C ARG B 560 21.51 -46.15 2.58
N SER B 561 22.62 -46.06 3.28
CA SER B 561 23.28 -44.79 3.65
C SER B 561 22.41 -43.56 3.63
N CYS B 562 21.81 -43.40 4.78
CA CYS B 562 20.91 -42.44 5.32
C CYS B 562 21.53 -41.06 5.64
N GLY B 563 22.76 -41.21 6.26
CA GLY B 563 23.47 -40.03 6.74
C GLY B 563 23.91 -38.90 5.84
N ILE B 564 24.63 -37.97 6.49
CA ILE B 564 25.18 -36.89 5.73
C ILE B 564 26.63 -37.27 5.43
N PRO B 565 27.18 -36.51 4.58
CA PRO B 565 28.53 -36.60 4.19
C PRO B 565 29.51 -36.46 5.32
N ASP B 566 30.50 -37.37 5.33
CA ASP B 566 31.50 -37.25 6.39
C ASP B 566 32.14 -35.83 6.32
N ARG B 567 32.18 -35.42 5.04
CA ARG B 567 32.85 -34.10 4.99
C ARG B 567 32.11 -33.04 5.82
N MET B 568 30.81 -33.27 5.94
CA MET B 568 29.97 -32.24 6.58
C MET B 568 29.92 -32.56 8.05
N LEU B 569 30.56 -33.66 8.54
CA LEU B 569 30.53 -33.85 10.01
C LEU B 569 30.56 -32.54 10.81
N LEU B 570 31.63 -31.86 11.03
CA LEU B 570 31.64 -30.54 11.74
C LEU B 570 31.31 -29.36 10.82
N PRO B 571 30.93 -28.27 11.43
CA PRO B 571 30.58 -27.01 10.70
C PRO B 571 31.80 -26.37 10.16
N LYS B 572 31.74 -25.42 9.30
CA LYS B 572 32.88 -24.76 8.64
C LYS B 572 33.77 -23.95 9.53
N SER B 573 33.29 -23.02 10.25
CA SER B 573 33.60 -22.04 11.17
C SER B 573 34.47 -20.94 10.66
N LYS B 574 35.25 -20.31 11.59
CA LYS B 574 36.11 -19.16 11.08
C LYS B 574 37.57 -19.63 11.03
N PRO B 575 38.40 -18.88 10.32
CA PRO B 575 39.81 -19.15 10.19
C PRO B 575 40.41 -18.67 11.51
N GLU B 576 39.80 -17.84 12.30
CA GLU B 576 40.32 -17.38 13.64
C GLU B 576 40.02 -18.46 14.61
N GLY B 577 38.89 -19.09 14.40
CA GLY B 577 38.40 -20.27 15.16
C GLY B 577 37.24 -19.91 16.05
N MET B 578 36.42 -20.92 16.36
CA MET B 578 35.28 -20.44 17.25
C MET B 578 35.34 -21.63 18.24
N GLU B 579 34.77 -21.30 19.34
CA GLU B 579 34.71 -22.35 20.36
C GLU B 579 33.18 -22.59 20.37
N PHE B 580 32.92 -23.85 20.15
CA PHE B 580 31.59 -24.49 20.21
C PHE B 580 31.68 -25.15 21.62
N ASN B 581 30.64 -25.68 22.10
CA ASN B 581 30.37 -26.35 23.36
C ASN B 581 30.16 -27.81 23.16
N LEU B 582 30.84 -28.80 23.60
CA LEU B 582 30.46 -30.19 23.17
C LEU B 582 29.71 -30.84 24.28
N TYR B 583 28.61 -31.50 24.07
CA TYR B 583 27.76 -32.11 25.08
C TYR B 583 27.87 -33.58 24.84
N VAL B 584 28.23 -34.24 25.92
CA VAL B 584 28.23 -35.78 25.79
C VAL B 584 27.24 -36.06 26.95
N ALA B 585 26.19 -36.69 26.63
CA ALA B 585 25.25 -36.95 27.76
C ALA B 585 25.30 -38.51 27.59
N VAL B 586 25.45 -39.22 28.65
CA VAL B 586 25.32 -40.69 28.43
C VAL B 586 24.20 -41.21 29.33
N THR B 587 23.27 -41.70 28.64
CA THR B 587 22.02 -42.28 29.09
C THR B 587 22.20 -43.80 29.12
N ASP B 588 21.27 -44.51 29.68
CA ASP B 588 21.17 -45.91 29.95
C ASP B 588 20.64 -46.90 28.95
N GLY B 589 21.54 -47.46 28.21
CA GLY B 589 21.40 -48.42 27.19
C GLY B 589 20.35 -49.43 27.46
N ASP B 590 20.26 -49.88 28.67
CA ASP B 590 19.20 -50.97 28.74
C ASP B 590 17.75 -50.56 28.56
N LYS B 591 17.58 -49.28 28.74
CA LYS B 591 16.18 -48.82 28.68
C LYS B 591 16.09 -48.17 27.34
N ASP B 592 17.19 -47.85 26.79
CA ASP B 592 17.16 -47.13 25.55
C ASP B 592 16.73 -48.21 24.64
N THR B 593 17.62 -49.04 24.33
CA THR B 593 17.32 -50.16 23.41
C THR B 593 16.51 -51.10 24.24
N GLU B 594 15.53 -50.61 24.95
CA GLU B 594 14.77 -51.53 25.79
C GLU B 594 13.87 -52.35 24.94
N GLY B 595 14.38 -52.65 23.77
CA GLY B 595 13.54 -53.52 22.96
C GLY B 595 14.18 -54.02 21.72
N HIS B 596 15.22 -53.34 21.21
CA HIS B 596 15.64 -53.94 19.90
C HIS B 596 17.06 -53.76 19.39
N HIS B 606 20.63 -52.77 8.46
CA HIS B 606 20.45 -51.87 9.63
C HIS B 606 19.21 -51.51 10.43
N ALA B 607 19.55 -50.83 11.57
CA ALA B 607 18.41 -50.29 12.38
C ALA B 607 18.73 -48.78 12.40
N GLN B 608 19.64 -48.39 11.48
CA GLN B 608 19.98 -46.96 11.44
C GLN B 608 19.13 -46.37 10.31
N CYS B 609 19.26 -47.08 9.19
CA CYS B 609 18.40 -46.66 8.05
C CYS B 609 17.39 -47.80 8.06
N GLY B 610 16.31 -47.67 8.72
CA GLY B 610 15.37 -48.83 8.83
C GLY B 610 14.56 -49.02 7.54
N VAL B 611 15.32 -48.82 6.50
CA VAL B 611 14.71 -48.85 5.19
C VAL B 611 13.72 -49.91 4.94
N HIS B 612 13.89 -51.02 5.64
CA HIS B 612 12.96 -52.13 5.35
C HIS B 612 12.08 -52.60 6.48
N GLY B 613 11.68 -51.70 7.37
CA GLY B 613 10.74 -52.15 8.39
C GLY B 613 11.24 -52.30 9.76
N GLU B 614 12.52 -52.23 9.78
CA GLU B 614 13.42 -52.36 10.94
C GLU B 614 13.15 -51.35 12.06
N ALA B 615 12.70 -51.82 13.23
CA ALA B 615 12.41 -50.83 14.29
C ALA B 615 13.51 -49.94 14.75
N TYR B 616 13.40 -48.62 14.69
CA TYR B 616 14.52 -47.73 15.10
C TYR B 616 14.92 -48.22 16.49
N PRO B 617 16.12 -48.53 16.89
CA PRO B 617 16.55 -49.07 18.17
C PRO B 617 16.55 -48.32 19.48
N ASP B 618 16.74 -47.02 19.46
CA ASP B 618 16.82 -46.11 20.63
C ASP B 618 15.31 -45.80 20.80
N ASN B 619 14.81 -45.62 21.98
CA ASN B 619 13.46 -45.36 22.29
C ASN B 619 13.36 -43.96 22.79
N ARG B 620 14.47 -43.39 23.20
CA ARG B 620 14.32 -41.98 23.78
C ARG B 620 13.74 -41.26 22.61
N PRO B 621 13.09 -40.16 22.79
CA PRO B 621 12.46 -39.37 21.71
C PRO B 621 13.51 -38.72 20.83
N LEU B 622 13.40 -37.80 19.89
CA LEU B 622 14.73 -37.54 19.26
C LEU B 622 15.32 -36.23 19.60
N GLY B 623 16.57 -36.14 20.02
CA GLY B 623 17.29 -34.86 20.33
C GLY B 623 17.55 -34.91 21.86
N TYR B 624 17.22 -36.07 22.47
CA TYR B 624 17.33 -36.42 23.85
C TYR B 624 18.75 -36.23 24.34
N PRO B 625 18.96 -35.49 25.36
CA PRO B 625 17.81 -34.86 26.13
C PRO B 625 17.77 -33.38 25.88
N LEU B 626 18.05 -32.86 24.68
CA LEU B 626 18.02 -31.43 24.49
C LEU B 626 16.70 -30.99 23.87
N GLU B 627 15.77 -32.00 23.75
CA GLU B 627 14.49 -31.62 23.01
C GLU B 627 13.53 -30.91 23.95
N ARG B 628 13.92 -30.75 25.21
CA ARG B 628 12.87 -30.07 26.05
C ARG B 628 13.24 -28.74 26.69
N ARG B 629 12.24 -27.91 27.00
CA ARG B 629 12.57 -26.58 27.53
C ARG B 629 13.51 -26.94 28.68
N ILE B 630 14.58 -26.22 28.90
CA ILE B 630 15.61 -26.35 29.92
C ILE B 630 15.76 -24.89 30.37
N PRO B 631 14.85 -24.57 31.25
CA PRO B 631 14.73 -23.32 31.94
C PRO B 631 15.82 -23.17 32.96
N ASP B 632 16.25 -24.16 33.75
CA ASP B 632 17.35 -23.66 34.69
C ASP B 632 18.41 -24.69 34.33
N GLU B 633 19.53 -24.15 33.90
CA GLU B 633 20.61 -25.00 33.42
C GLU B 633 21.14 -25.76 34.59
N ARG B 634 20.75 -25.11 35.69
CA ARG B 634 21.08 -25.51 37.06
C ARG B 634 21.03 -27.03 37.08
N VAL B 635 20.07 -27.54 36.25
CA VAL B 635 19.89 -28.96 36.26
C VAL B 635 20.66 -29.83 35.37
N ILE B 636 20.74 -29.44 34.15
CA ILE B 636 21.45 -30.40 33.17
C ILE B 636 22.78 -30.60 33.86
N ASP B 637 23.21 -29.44 34.38
CA ASP B 637 24.45 -29.45 35.14
C ASP B 637 24.62 -30.40 36.36
N GLY B 638 23.70 -31.11 36.90
CA GLY B 638 24.00 -31.83 38.12
C GLY B 638 23.58 -33.24 38.11
N VAL B 639 23.56 -33.77 36.93
CA VAL B 639 23.27 -35.22 36.65
C VAL B 639 24.70 -35.62 36.23
N SER B 640 25.16 -36.71 36.76
CA SER B 640 26.57 -37.18 36.57
C SER B 640 26.89 -37.56 35.11
N ASN B 641 25.80 -38.11 34.54
CA ASN B 641 26.02 -38.56 33.15
C ASN B 641 25.81 -37.61 31.98
N ILE B 642 26.00 -36.35 32.28
CA ILE B 642 25.87 -35.37 31.19
C ILE B 642 27.13 -34.58 31.56
N LYS B 643 27.96 -34.06 30.70
CA LYS B 643 29.15 -33.26 30.93
C LYS B 643 29.38 -32.32 29.71
N HIS B 644 29.84 -31.09 29.91
CA HIS B 644 29.94 -30.39 28.54
C HIS B 644 31.33 -29.84 28.38
N VAL B 645 32.04 -29.79 27.30
CA VAL B 645 33.42 -29.28 27.45
C VAL B 645 33.76 -28.26 26.47
N VAL B 646 34.42 -27.15 26.42
CA VAL B 646 34.34 -26.47 25.08
C VAL B 646 35.31 -26.96 24.04
N VAL B 647 35.05 -27.05 22.77
CA VAL B 647 36.02 -27.42 21.73
C VAL B 647 36.25 -26.18 20.91
N LYS B 648 37.13 -26.22 19.93
CA LYS B 648 37.42 -25.02 19.09
C LYS B 648 37.74 -25.57 17.69
N ILE B 649 37.17 -24.95 16.66
CA ILE B 649 37.31 -25.41 15.29
C ILE B 649 37.90 -24.24 14.53
N VAL B 650 38.81 -24.85 13.75
CA VAL B 650 39.55 -23.95 12.85
C VAL B 650 39.57 -24.19 11.34
N HIS B 651 39.55 -22.96 10.67
CA HIS B 651 39.37 -23.17 9.22
C HIS B 651 40.52 -22.92 8.35
N HIS B 652 41.04 -23.99 7.75
CA HIS B 652 42.17 -23.65 6.92
C HIS B 652 41.88 -23.03 5.59
N LEU B 653 42.53 -21.87 5.47
CA LEU B 653 42.29 -21.30 4.12
C LEU B 653 42.88 -21.99 2.92
N ASP C 1 -41.11 44.29 -28.89
CA ASP C 1 -40.79 45.69 -29.26
C ASP C 1 -42.04 46.57 -29.55
N ALA C 2 -41.68 47.83 -29.72
CA ALA C 2 -42.41 49.06 -30.08
C ALA C 2 -41.72 49.53 -31.40
N LEU C 3 -41.17 48.49 -32.05
CA LEU C 3 -40.28 48.49 -33.22
C LEU C 3 -39.06 49.33 -32.62
N GLY C 4 -38.75 48.69 -31.45
CA GLY C 4 -37.77 49.11 -30.55
C GLY C 4 -37.93 48.57 -29.14
N THR C 5 -37.56 49.60 -28.43
CA THR C 5 -37.42 49.67 -26.97
C THR C 5 -38.78 49.55 -26.29
N GLY C 6 -38.78 50.02 -25.10
CA GLY C 6 -39.64 50.21 -23.94
C GLY C 6 -38.57 49.76 -22.89
N ASN C 7 -38.87 48.72 -22.23
CA ASN C 7 -38.10 47.97 -21.26
C ASN C 7 -39.26 47.15 -20.68
N ALA C 8 -40.31 47.86 -20.33
CA ALA C 8 -41.37 46.87 -19.91
C ALA C 8 -41.65 46.09 -21.16
N GLN C 9 -40.94 45.99 -22.21
CA GLN C 9 -41.06 45.35 -23.49
C GLN C 9 -39.87 44.41 -23.58
N LYS C 10 -38.77 45.19 -23.59
CA LYS C 10 -37.52 44.37 -23.65
C LYS C 10 -37.78 43.25 -22.62
N GLN C 11 -38.11 43.67 -21.39
CA GLN C 11 -38.37 42.86 -20.26
C GLN C 11 -39.43 41.80 -20.61
N GLN C 12 -40.52 42.36 -21.13
CA GLN C 12 -41.56 41.29 -21.42
C GLN C 12 -40.99 40.18 -22.29
N ASP C 13 -40.45 40.63 -23.41
CA ASP C 13 -39.84 39.73 -24.38
C ASP C 13 -39.05 38.65 -23.69
N ILE C 14 -38.13 39.02 -22.81
CA ILE C 14 -37.24 38.11 -22.03
C ILE C 14 -38.14 37.13 -21.26
N ASN C 15 -39.06 37.66 -20.41
CA ASN C 15 -39.85 36.67 -19.67
C ASN C 15 -40.53 35.66 -20.58
N HIS C 16 -40.90 36.09 -21.74
CA HIS C 16 -41.60 35.09 -22.64
C HIS C 16 -40.72 33.96 -23.12
N LEU C 17 -39.56 34.43 -23.42
CA LEU C 17 -38.41 33.69 -23.95
C LEU C 17 -38.01 32.69 -22.88
N LEU C 18 -37.75 33.02 -21.61
CA LEU C 18 -37.36 31.97 -20.69
C LEU C 18 -38.65 31.50 -20.06
N ASP C 19 -39.88 31.45 -20.55
CA ASP C 19 -41.04 30.88 -19.88
C ASP C 19 -40.92 29.36 -20.10
N LYS C 20 -41.80 28.44 -19.77
CA LYS C 20 -41.66 26.96 -20.00
C LYS C 20 -40.53 26.74 -20.99
N ILE C 21 -39.34 26.42 -20.48
CA ILE C 21 -38.18 26.36 -21.39
C ILE C 21 -37.84 25.00 -21.91
N TYR C 22 -38.45 24.00 -21.38
CA TYR C 22 -38.19 22.65 -21.86
C TYR C 22 -39.24 22.36 -22.89
N GLU C 23 -39.93 23.37 -23.44
CA GLU C 23 -40.95 23.06 -24.45
C GLU C 23 -41.19 24.23 -25.39
N PRO C 24 -41.33 23.99 -26.65
CA PRO C 24 -41.59 24.95 -27.73
C PRO C 24 -42.44 26.12 -27.28
N THR C 25 -42.19 27.38 -27.65
CA THR C 25 -43.08 28.35 -27.06
C THR C 25 -44.50 28.46 -27.48
N LYS C 26 -45.10 28.86 -26.38
CA LYS C 26 -46.59 29.05 -26.43
C LYS C 26 -46.93 30.49 -26.75
N TYR C 27 -46.05 31.44 -26.88
CA TYR C 27 -46.42 32.82 -27.19
C TYR C 27 -46.24 32.99 -28.69
N PRO C 28 -47.34 33.00 -29.40
CA PRO C 28 -47.50 33.11 -30.81
C PRO C 28 -46.59 34.02 -31.59
N ASP C 29 -46.31 35.16 -31.07
CA ASP C 29 -45.41 36.09 -31.82
C ASP C 29 -44.05 35.38 -31.87
N LEU C 30 -43.62 34.90 -30.73
CA LEU C 30 -42.37 34.13 -30.59
C LEU C 30 -42.52 33.08 -31.64
N LYS C 31 -43.64 32.41 -31.86
CA LYS C 31 -43.57 31.49 -32.96
C LYS C 31 -43.62 32.02 -34.35
N ASP C 32 -44.39 32.97 -34.80
CA ASP C 32 -44.25 33.18 -36.28
C ASP C 32 -42.86 33.73 -36.44
N ILE C 33 -42.31 34.25 -35.35
CA ILE C 33 -40.93 34.74 -35.64
C ILE C 33 -40.02 33.58 -35.98
N ALA C 34 -40.29 32.71 -35.04
CA ALA C 34 -39.60 31.44 -34.94
C ALA C 34 -39.56 30.73 -36.28
N GLU C 35 -40.62 31.00 -37.02
CA GLU C 35 -40.78 30.29 -38.28
C GLU C 35 -40.36 31.10 -39.47
N ASN C 36 -40.97 32.27 -39.39
CA ASN C 36 -40.80 33.21 -40.50
C ASN C 36 -39.44 33.88 -40.70
N PHE C 37 -38.74 34.16 -39.58
CA PHE C 37 -37.45 34.88 -39.62
C PHE C 37 -36.33 34.12 -40.27
N ASN C 38 -35.40 34.90 -40.76
CA ASN C 38 -34.19 34.41 -41.49
C ASN C 38 -33.04 35.38 -41.10
N PRO C 39 -32.21 34.79 -40.22
CA PRO C 39 -31.17 35.60 -39.63
C PRO C 39 -30.21 36.09 -40.63
N LEU C 40 -30.47 35.63 -41.80
CA LEU C 40 -29.62 35.94 -42.96
C LEU C 40 -30.14 36.77 -44.10
N GLY C 41 -31.15 37.61 -43.83
CA GLY C 41 -31.62 38.40 -44.96
C GLY C 41 -31.52 39.89 -44.81
N ASP C 42 -30.69 40.50 -44.04
CA ASP C 42 -30.67 42.00 -43.95
C ASP C 42 -29.58 42.08 -42.91
N THR C 43 -28.47 41.70 -43.41
CA THR C 43 -27.18 41.64 -42.66
C THR C 43 -27.07 43.15 -42.55
N SER C 44 -27.52 43.69 -41.49
CA SER C 44 -27.43 45.18 -41.55
C SER C 44 -27.84 45.54 -40.13
N ILE C 45 -28.64 44.57 -39.68
CA ILE C 45 -29.12 44.69 -38.29
C ILE C 45 -27.94 44.43 -37.32
N TYR C 46 -27.08 43.62 -37.99
CA TYR C 46 -25.83 43.08 -37.54
C TYR C 46 -24.66 44.04 -37.65
N ASN C 47 -23.89 44.37 -36.65
CA ASN C 47 -22.76 45.22 -36.89
C ASN C 47 -21.69 44.29 -37.49
N ASP C 48 -21.96 43.03 -37.78
CA ASP C 48 -20.81 42.29 -38.30
C ASP C 48 -21.13 42.11 -39.78
N HIS C 49 -22.26 42.53 -40.20
CA HIS C 49 -22.50 42.19 -41.65
C HIS C 49 -22.75 40.66 -41.54
N GLY C 50 -23.13 40.38 -40.29
CA GLY C 50 -23.51 39.06 -39.95
C GLY C 50 -22.81 37.74 -40.13
N ALA C 51 -21.53 37.92 -39.80
CA ALA C 51 -20.56 36.81 -39.82
C ALA C 51 -20.92 35.95 -38.64
N ALA C 52 -21.42 36.60 -37.61
CA ALA C 52 -21.78 35.75 -36.47
C ALA C 52 -23.02 35.02 -36.96
N VAL C 53 -24.01 35.69 -37.34
CA VAL C 53 -25.17 34.86 -37.74
C VAL C 53 -24.81 33.81 -38.75
N GLU C 54 -24.06 34.39 -39.68
CA GLU C 54 -23.69 33.42 -40.73
C GLU C 54 -22.94 32.28 -40.12
N THR C 55 -22.52 32.26 -38.88
CA THR C 55 -21.74 31.02 -38.49
C THR C 55 -22.48 29.93 -37.70
N LEU C 56 -23.52 30.56 -37.20
CA LEU C 56 -24.36 29.70 -36.44
C LEU C 56 -25.13 29.08 -37.55
N MET C 57 -25.67 29.78 -38.51
CA MET C 57 -26.52 29.02 -39.43
C MET C 57 -25.73 27.88 -39.97
N LYS C 58 -24.48 28.31 -40.32
CA LYS C 58 -23.71 27.19 -40.93
C LYS C 58 -23.76 25.88 -40.17
N GLU C 59 -23.67 25.98 -38.87
CA GLU C 59 -23.67 24.83 -38.01
C GLU C 59 -25.06 24.37 -37.83
N LEU C 60 -26.01 25.23 -37.68
CA LEU C 60 -27.37 24.71 -37.47
C LEU C 60 -27.80 23.93 -38.70
N ASN C 61 -27.21 24.25 -39.82
CA ASN C 61 -27.38 23.74 -41.16
C ASN C 61 -26.82 22.39 -41.33
N ASP C 62 -25.55 22.20 -41.13
CA ASP C 62 -24.88 20.89 -41.25
C ASP C 62 -25.45 20.11 -40.05
N HIS C 63 -26.26 20.81 -39.31
CA HIS C 63 -26.81 20.26 -38.08
C HIS C 63 -25.72 19.35 -37.42
N ARG C 64 -24.88 20.15 -36.79
CA ARG C 64 -23.70 19.79 -36.05
C ARG C 64 -23.72 20.57 -34.72
N LEU C 65 -24.80 21.17 -34.31
CA LEU C 65 -24.95 21.89 -33.02
C LEU C 65 -25.46 20.92 -31.95
N LEU C 66 -25.36 20.86 -30.62
CA LEU C 66 -25.95 19.87 -29.72
C LEU C 66 -27.47 19.75 -29.79
N GLU C 67 -28.00 18.58 -29.57
CA GLU C 67 -29.45 18.47 -29.63
C GLU C 67 -30.26 19.08 -28.52
N GLN C 68 -31.54 19.18 -28.81
CA GLN C 68 -32.40 19.80 -27.77
C GLN C 68 -32.69 18.68 -26.77
N ARG C 69 -33.24 19.08 -25.65
CA ARG C 69 -33.64 18.17 -24.56
C ARG C 69 -32.50 17.25 -24.28
N HIS C 70 -31.36 17.74 -23.83
CA HIS C 70 -30.14 16.80 -23.63
C HIS C 70 -29.35 17.57 -22.59
N TRP C 71 -28.32 17.09 -21.93
CA TRP C 71 -27.80 18.10 -20.93
C TRP C 71 -26.72 19.02 -21.40
N TYR C 72 -26.32 19.88 -20.45
CA TYR C 72 -25.20 20.73 -20.96
C TYR C 72 -24.30 21.27 -19.89
N SER C 73 -22.98 21.06 -20.07
CA SER C 73 -22.19 21.72 -18.96
C SER C 73 -21.44 22.81 -19.72
N LEU C 74 -20.95 23.87 -19.22
CA LEU C 74 -20.27 25.01 -19.72
C LEU C 74 -18.81 24.65 -19.69
N PHE C 75 -18.64 23.46 -19.11
CA PHE C 75 -17.23 22.93 -19.12
C PHE C 75 -17.10 22.14 -20.44
N ASN C 76 -18.13 21.81 -21.22
CA ASN C 76 -17.83 21.10 -22.52
C ASN C 76 -17.14 21.90 -23.69
N THR C 77 -15.88 21.68 -24.03
CA THR C 77 -15.47 22.64 -25.05
C THR C 77 -16.39 22.67 -26.22
N ARG C 78 -17.26 21.75 -26.57
CA ARG C 78 -17.99 22.15 -27.78
C ARG C 78 -19.23 22.87 -27.34
N GLN C 79 -19.89 22.27 -26.34
CA GLN C 79 -21.17 22.89 -25.93
C GLN C 79 -20.93 24.36 -25.69
N ARG C 80 -19.74 24.67 -25.18
CA ARG C 80 -19.48 26.05 -24.82
C ARG C 80 -19.43 26.79 -26.13
N LYS C 81 -18.55 26.20 -26.95
CA LYS C 81 -18.44 26.96 -28.26
C LYS C 81 -19.83 27.21 -28.86
N GLU C 82 -20.74 26.21 -28.88
CA GLU C 82 -22.04 26.44 -29.49
C GLU C 82 -22.77 27.48 -28.66
N ALA C 83 -22.78 27.38 -27.36
CA ALA C 83 -23.56 28.36 -26.57
C ALA C 83 -22.99 29.71 -26.87
N LEU C 84 -21.72 29.79 -27.00
CA LEU C 84 -21.18 31.18 -27.13
C LEU C 84 -21.43 31.56 -28.50
N MET C 85 -21.98 30.76 -29.44
CA MET C 85 -22.05 31.39 -30.85
C MET C 85 -23.37 32.23 -30.69
N LEU C 86 -24.31 31.69 -29.86
CA LEU C 86 -25.54 32.44 -29.79
C LEU C 86 -25.25 33.82 -29.22
N PHE C 87 -24.34 33.87 -28.28
CA PHE C 87 -23.95 35.14 -27.64
C PHE C 87 -23.44 36.03 -28.73
N ALA C 88 -22.55 35.59 -29.59
CA ALA C 88 -22.11 36.54 -30.63
C ALA C 88 -23.17 37.02 -31.60
N VAL C 89 -24.39 36.52 -31.69
CA VAL C 89 -25.31 37.05 -32.73
C VAL C 89 -25.94 38.10 -31.85
N LEU C 90 -26.79 37.57 -30.98
CA LEU C 90 -27.47 38.48 -29.98
C LEU C 90 -26.55 39.63 -29.68
N ASN C 91 -25.23 39.39 -29.67
CA ASN C 91 -24.27 40.49 -29.39
C ASN C 91 -24.19 41.65 -30.41
N GLN C 92 -24.17 41.19 -31.70
CA GLN C 92 -24.09 42.29 -32.67
C GLN C 92 -25.36 42.83 -33.32
N CYS C 93 -26.39 42.85 -32.55
CA CYS C 93 -27.65 43.40 -32.97
C CYS C 93 -27.53 44.91 -32.75
N LYS C 94 -28.21 45.59 -33.72
CA LYS C 94 -28.25 47.08 -33.58
C LYS C 94 -29.44 47.28 -32.71
N GLU C 95 -30.52 46.54 -32.81
CA GLU C 95 -31.63 46.82 -31.86
C GLU C 95 -32.55 45.69 -31.50
N TRP C 96 -33.54 45.88 -30.58
CA TRP C 96 -34.46 44.79 -30.22
C TRP C 96 -34.94 43.94 -31.40
N TYR C 97 -35.39 44.65 -32.49
CA TYR C 97 -35.79 43.85 -33.68
C TYR C 97 -34.83 42.68 -33.95
N CYS C 98 -33.54 42.77 -33.80
CA CYS C 98 -32.57 41.70 -34.07
C CYS C 98 -32.42 40.75 -32.89
N PHE C 99 -32.63 41.25 -31.69
CA PHE C 99 -32.47 40.30 -30.57
C PHE C 99 -33.67 39.37 -30.54
N ARG C 100 -34.86 39.93 -30.32
CA ARG C 100 -36.04 39.07 -30.14
C ARG C 100 -36.04 38.09 -31.28
N SER C 101 -35.79 38.70 -32.45
CA SER C 101 -35.85 37.78 -33.63
C SER C 101 -35.06 36.52 -33.44
N ASN C 102 -33.74 36.84 -33.20
CA ASN C 102 -32.81 35.72 -32.97
C ASN C 102 -33.18 34.95 -31.71
N ALA C 103 -33.28 35.55 -30.56
CA ALA C 103 -33.57 34.57 -29.44
C ALA C 103 -34.95 34.21 -29.65
N ALA C 104 -35.43 33.45 -30.55
CA ALA C 104 -36.88 33.15 -30.82
C ALA C 104 -36.50 32.08 -31.86
N TYR C 105 -35.89 32.70 -32.89
CA TYR C 105 -35.48 31.80 -34.02
C TYR C 105 -34.69 30.58 -33.57
N PHE C 106 -33.68 31.00 -32.78
CA PHE C 106 -32.73 30.05 -32.11
C PHE C 106 -33.39 29.28 -30.91
N ARG C 107 -33.96 30.09 -29.99
CA ARG C 107 -34.59 29.45 -28.83
C ARG C 107 -35.26 28.13 -29.14
N GLU C 108 -35.89 28.13 -30.28
CA GLU C 108 -36.68 27.09 -30.92
C GLU C 108 -35.86 26.04 -31.62
N ARG C 109 -34.59 26.15 -31.91
CA ARG C 109 -33.95 24.93 -32.43
C ARG C 109 -32.54 24.70 -31.89
N MET C 110 -32.06 25.39 -30.95
CA MET C 110 -30.70 25.27 -30.35
C MET C 110 -31.07 24.64 -29.01
N ASN C 111 -30.11 24.03 -28.38
CA ASN C 111 -30.53 23.35 -27.12
C ASN C 111 -30.93 24.19 -25.95
N GLU C 112 -31.69 23.81 -24.92
CA GLU C 112 -31.95 24.74 -23.83
C GLU C 112 -30.88 25.39 -23.01
N GLY C 113 -29.80 24.75 -22.73
CA GLY C 113 -28.72 25.28 -21.77
C GLY C 113 -27.81 26.19 -22.55
N GLU C 114 -27.64 25.73 -23.81
CA GLU C 114 -26.80 26.63 -24.65
C GLU C 114 -27.69 27.88 -24.61
N PHE C 115 -29.00 27.67 -24.92
CA PHE C 115 -29.91 28.81 -24.93
C PHE C 115 -30.05 29.54 -23.60
N VAL C 116 -30.40 28.83 -22.56
CA VAL C 116 -30.49 29.63 -21.34
C VAL C 116 -29.19 30.44 -21.15
N TYR C 117 -28.08 29.70 -21.28
CA TYR C 117 -26.72 30.28 -21.06
C TYR C 117 -26.52 31.42 -22.04
N ALA C 118 -26.77 31.31 -23.29
CA ALA C 118 -26.52 32.47 -24.17
C ALA C 118 -27.42 33.63 -23.87
N LEU C 119 -28.71 33.31 -23.64
CA LEU C 119 -29.59 34.51 -23.42
C LEU C 119 -29.09 35.33 -22.22
N TYR C 120 -28.71 34.66 -21.12
CA TYR C 120 -28.25 35.43 -19.99
C TYR C 120 -26.98 36.23 -20.16
N VAL C 121 -25.96 35.60 -20.62
CA VAL C 121 -24.71 36.32 -20.76
C VAL C 121 -24.89 37.51 -21.66
N SER C 122 -25.70 37.31 -22.68
CA SER C 122 -25.98 38.32 -23.71
C SER C 122 -26.76 39.50 -23.15
N VAL C 123 -27.72 39.02 -22.40
CA VAL C 123 -28.48 40.13 -21.77
C VAL C 123 -27.52 40.88 -20.89
N ILE C 124 -26.67 40.34 -20.03
CA ILE C 124 -25.72 40.89 -19.09
C ILE C 124 -24.65 41.77 -19.75
N HIS C 125 -24.01 41.43 -20.79
CA HIS C 125 -22.97 42.11 -21.47
C HIS C 125 -23.25 42.99 -22.65
N SER C 126 -24.18 42.66 -23.46
CA SER C 126 -24.59 43.41 -24.66
C SER C 126 -25.36 44.71 -24.18
N LYS C 127 -24.94 45.60 -25.03
CA LYS C 127 -25.23 47.08 -25.08
C LYS C 127 -26.71 47.29 -24.88
N LEU C 128 -27.41 46.43 -25.69
CA LEU C 128 -28.85 46.40 -25.77
C LEU C 128 -29.62 45.85 -24.59
N GLY C 129 -29.00 45.60 -23.46
CA GLY C 129 -29.85 44.97 -22.48
C GLY C 129 -29.91 45.74 -21.26
N ASP C 130 -29.97 46.99 -21.37
CA ASP C 130 -30.00 47.76 -20.11
C ASP C 130 -31.16 47.64 -19.15
N GLY C 131 -32.33 48.00 -19.64
CA GLY C 131 -33.52 47.96 -18.77
C GLY C 131 -33.76 46.64 -18.02
N ILE C 132 -33.34 45.47 -18.53
CA ILE C 132 -33.70 44.25 -17.87
C ILE C 132 -33.22 43.70 -16.57
N VAL C 133 -34.05 43.04 -15.88
CA VAL C 133 -33.78 42.18 -14.73
C VAL C 133 -33.97 40.69 -15.17
N LEU C 134 -33.04 39.78 -14.95
CA LEU C 134 -33.31 38.40 -15.40
C LEU C 134 -34.05 37.66 -14.30
N PRO C 135 -35.01 36.84 -14.62
CA PRO C 135 -35.71 35.98 -13.62
C PRO C 135 -34.65 35.19 -12.89
N PRO C 136 -34.82 34.67 -11.74
CA PRO C 136 -33.80 33.89 -11.02
C PRO C 136 -33.61 32.48 -11.58
N LEU C 137 -32.30 32.18 -11.88
CA LEU C 137 -32.16 30.77 -12.41
C LEU C 137 -33.01 29.74 -11.69
N TYR C 138 -32.99 29.70 -10.38
CA TYR C 138 -33.69 28.73 -9.60
C TYR C 138 -35.13 28.54 -10.04
N GLN C 139 -35.73 29.61 -10.57
CA GLN C 139 -37.13 29.30 -11.01
C GLN C 139 -37.18 28.99 -12.47
N ILE C 140 -36.34 29.45 -13.33
CA ILE C 140 -36.39 29.15 -14.75
C ILE C 140 -36.00 27.70 -15.01
N THR C 141 -35.00 27.17 -14.38
CA THR C 141 -34.52 25.75 -14.58
C THR C 141 -34.25 25.13 -13.24
N PRO C 142 -35.26 24.77 -12.48
CA PRO C 142 -35.25 24.33 -11.10
C PRO C 142 -34.57 23.07 -10.76
N HIS C 143 -34.29 22.47 -11.89
CA HIS C 143 -33.58 21.19 -11.60
C HIS C 143 -32.14 21.42 -11.14
N MET C 144 -31.52 22.48 -11.36
CA MET C 144 -30.18 22.72 -10.98
C MET C 144 -30.13 23.28 -9.54
N PHE C 145 -31.30 23.54 -9.07
CA PHE C 145 -31.23 24.17 -7.73
C PHE C 145 -32.09 23.48 -6.74
N THR C 146 -33.13 22.81 -7.02
CA THR C 146 -33.89 22.03 -6.07
C THR C 146 -33.41 20.58 -6.15
N ASN C 147 -33.62 19.96 -5.03
CA ASN C 147 -33.39 18.58 -4.65
C ASN C 147 -33.89 17.49 -5.61
N SER C 148 -33.87 16.23 -5.25
CA SER C 148 -34.36 15.30 -6.22
C SER C 148 -35.74 14.78 -5.88
N GLU C 149 -35.88 15.05 -4.60
CA GLU C 149 -37.18 14.60 -3.99
C GLU C 149 -38.18 15.67 -4.29
N VAL C 150 -37.83 16.91 -3.92
CA VAL C 150 -38.89 17.88 -4.27
C VAL C 150 -39.22 17.83 -5.72
N ILE C 151 -38.22 17.47 -6.53
CA ILE C 151 -38.52 17.48 -7.97
C ILE C 151 -39.50 16.41 -8.30
N ASP C 152 -39.21 15.29 -7.65
CA ASP C 152 -40.22 14.20 -8.00
C ASP C 152 -41.56 14.60 -7.41
N LYS C 153 -41.65 15.35 -6.33
CA LYS C 153 -42.96 15.64 -5.71
C LYS C 153 -43.67 16.59 -6.62
N ALA C 154 -42.83 17.37 -7.31
CA ALA C 154 -43.53 18.33 -8.17
C ALA C 154 -44.05 17.60 -9.37
N TYR C 155 -43.39 16.54 -9.79
CA TYR C 155 -43.77 15.77 -11.00
C TYR C 155 -45.10 15.07 -10.67
N SER C 156 -45.21 14.73 -9.40
CA SER C 156 -46.49 14.09 -9.13
C SER C 156 -47.61 15.10 -9.08
N ALA C 157 -47.33 16.21 -8.47
CA ALA C 157 -48.34 17.31 -8.35
C ALA C 157 -48.87 17.31 -9.78
N LYS C 158 -48.00 17.70 -10.68
CA LYS C 158 -48.41 17.74 -12.07
C LYS C 158 -49.13 16.49 -12.53
N MET C 159 -48.66 15.26 -12.39
CA MET C 159 -49.37 14.10 -12.98
C MET C 159 -50.84 14.23 -12.58
N THR C 160 -51.04 14.37 -11.27
CA THR C 160 -52.37 14.46 -10.74
C THR C 160 -52.98 15.81 -10.77
N GLN C 161 -52.36 16.86 -11.17
CA GLN C 161 -53.11 18.14 -11.17
C GLN C 161 -53.61 18.65 -9.86
N LYS C 162 -52.96 18.36 -8.80
CA LYS C 162 -53.34 18.82 -7.46
C LYS C 162 -52.05 19.51 -7.14
N PRO C 163 -52.08 20.72 -6.74
CA PRO C 163 -51.04 21.61 -6.41
C PRO C 163 -50.47 21.53 -5.00
N GLY C 164 -49.48 22.46 -4.91
CA GLY C 164 -48.85 22.62 -3.61
C GLY C 164 -47.39 22.65 -3.29
N THR C 165 -47.05 23.36 -2.20
CA THR C 165 -45.61 23.46 -1.95
C THR C 165 -44.98 22.39 -1.09
N PHE C 166 -43.80 21.89 -1.45
CA PHE C 166 -43.10 20.88 -0.70
C PHE C 166 -41.84 21.64 -0.14
N ASN C 167 -41.56 21.06 1.03
CA ASN C 167 -40.50 21.54 1.92
C ASN C 167 -39.31 20.69 1.58
N VAL C 168 -38.24 21.43 1.34
CA VAL C 168 -36.97 20.71 0.95
C VAL C 168 -36.15 20.42 2.19
N SER C 169 -35.29 19.48 1.99
CA SER C 169 -34.42 18.88 2.96
C SER C 169 -33.04 19.09 3.54
N PHE C 170 -31.97 19.25 2.74
CA PHE C 170 -30.57 19.34 3.23
C PHE C 170 -30.09 17.93 2.82
N THR C 171 -28.76 17.93 2.62
CA THR C 171 -28.21 16.68 2.04
C THR C 171 -28.00 15.33 2.62
N GLY C 172 -26.85 15.00 3.14
CA GLY C 172 -26.62 13.62 3.66
C GLY C 172 -27.46 13.59 4.98
N THR C 173 -27.03 12.58 5.71
CA THR C 173 -27.43 12.12 6.98
C THR C 173 -26.75 13.07 8.00
N LYS C 174 -27.60 14.07 7.93
CA LYS C 174 -27.43 15.27 8.86
C LYS C 174 -27.33 14.35 10.13
N LYS C 175 -26.43 14.84 10.99
CA LYS C 175 -26.10 14.15 12.22
C LYS C 175 -25.51 12.85 11.70
N ASN C 176 -24.38 12.91 11.17
CA ASN C 176 -23.64 11.84 10.61
C ASN C 176 -22.57 12.57 9.81
N ARG C 177 -22.69 13.81 9.33
CA ARG C 177 -21.54 14.43 8.65
C ARG C 177 -20.82 15.72 8.97
N GLU C 178 -21.05 16.57 7.97
CA GLU C 178 -20.50 17.92 7.85
C GLU C 178 -21.38 18.46 6.74
N GLN C 179 -22.57 17.89 6.87
CA GLN C 179 -23.77 18.31 6.04
C GLN C 179 -24.52 18.89 7.28
N ARG C 180 -23.80 19.87 7.77
CA ARG C 180 -23.95 20.59 9.00
C ARG C 180 -23.51 22.00 8.64
N VAL C 181 -22.78 22.02 7.55
CA VAL C 181 -22.41 23.40 7.13
C VAL C 181 -22.95 23.48 5.75
N ALA C 182 -23.99 22.72 5.38
CA ALA C 182 -24.78 22.55 4.17
C ALA C 182 -25.61 23.74 3.73
N TYR C 183 -26.15 24.32 4.77
CA TYR C 183 -27.07 25.50 4.63
C TYR C 183 -26.31 26.52 3.79
N PHE C 184 -24.97 26.48 3.88
CA PHE C 184 -24.20 27.46 3.16
C PHE C 184 -24.02 27.11 1.71
N GLY C 185 -23.53 25.93 1.40
CA GLY C 185 -23.35 25.58 0.03
C GLY C 185 -24.56 25.40 -0.87
N GLU C 186 -25.55 24.93 -0.18
CA GLU C 186 -26.78 24.60 -0.81
C GLU C 186 -27.83 25.60 -1.02
N ASP C 187 -27.48 26.85 -0.63
CA ASP C 187 -28.43 28.03 -0.70
C ASP C 187 -28.64 28.57 -2.10
N ILE C 188 -29.90 28.88 -2.41
CA ILE C 188 -30.15 29.30 -3.81
C ILE C 188 -29.58 30.66 -3.99
N GLY C 189 -29.11 31.31 -2.98
CA GLY C 189 -28.62 32.63 -3.19
C GLY C 189 -27.16 32.63 -3.60
N MET C 190 -26.50 31.71 -2.89
CA MET C 190 -25.00 31.70 -3.13
C MET C 190 -24.90 31.01 -4.47
N ASN C 191 -25.72 29.97 -4.56
CA ASN C 191 -25.60 29.41 -5.91
C ASN C 191 -25.94 30.45 -6.93
N ILE C 192 -26.88 31.26 -6.68
CA ILE C 192 -27.08 32.28 -7.76
C ILE C 192 -25.79 33.10 -7.93
N HIS C 193 -25.35 33.94 -6.94
CA HIS C 193 -24.08 34.67 -7.10
C HIS C 193 -22.96 33.85 -7.77
N HIS C 194 -22.70 32.65 -7.34
CA HIS C 194 -21.56 31.90 -7.91
C HIS C 194 -21.73 31.91 -9.39
N VAL C 195 -22.91 31.55 -9.93
CA VAL C 195 -23.05 31.53 -11.38
C VAL C 195 -22.97 32.99 -11.85
N THR C 196 -23.73 33.88 -11.22
CA THR C 196 -23.61 35.23 -11.86
C THR C 196 -22.17 35.78 -12.00
N TRP C 197 -21.49 35.64 -10.82
CA TRP C 197 -20.11 36.13 -10.69
C TRP C 197 -19.37 35.75 -11.96
N HIS C 198 -19.47 34.47 -12.30
CA HIS C 198 -18.79 34.02 -13.57
C HIS C 198 -19.56 34.23 -14.85
N MET C 199 -20.48 35.18 -15.00
CA MET C 199 -21.31 35.38 -16.23
C MET C 199 -20.95 36.86 -16.36
N ASP C 200 -20.75 37.46 -15.18
CA ASP C 200 -20.35 38.89 -15.16
C ASP C 200 -18.92 38.93 -15.72
N PHE C 201 -18.03 38.06 -15.16
CA PHE C 201 -16.69 38.06 -15.73
C PHE C 201 -16.38 36.60 -16.07
N PRO C 202 -16.68 36.35 -17.31
CA PRO C 202 -16.43 35.02 -17.78
C PRO C 202 -14.98 34.72 -18.05
N PHE C 203 -14.59 33.48 -17.87
CA PHE C 203 -13.29 32.92 -18.21
C PHE C 203 -13.14 33.05 -19.76
N TRP C 204 -14.11 32.93 -20.64
CA TRP C 204 -13.96 32.98 -22.05
C TRP C 204 -13.98 34.32 -22.64
N TRP C 205 -13.93 35.40 -21.95
CA TRP C 205 -14.13 36.68 -22.65
C TRP C 205 -13.11 37.15 -23.58
N GLU C 206 -13.13 37.62 -24.73
CA GLU C 206 -11.98 38.11 -25.46
C GLU C 206 -12.20 39.58 -25.57
N ASP C 207 -11.40 40.59 -25.74
CA ASP C 207 -11.87 41.96 -25.74
C ASP C 207 -12.44 42.35 -27.10
N SER C 208 -12.67 41.40 -27.93
CA SER C 208 -13.27 41.61 -29.25
C SER C 208 -14.72 41.76 -28.89
N TYR C 209 -15.15 41.07 -27.88
CA TYR C 209 -16.61 41.23 -27.60
C TYR C 209 -17.02 42.66 -27.31
N GLY C 210 -16.08 43.59 -27.13
CA GLY C 210 -16.47 44.96 -26.88
C GLY C 210 -15.89 45.92 -25.93
N TYR C 211 -15.33 45.41 -24.83
CA TYR C 211 -14.75 46.23 -23.70
C TYR C 211 -13.91 45.30 -22.91
N HIS C 212 -13.33 45.71 -21.83
CA HIS C 212 -12.37 44.71 -21.22
C HIS C 212 -12.81 44.52 -19.80
N LEU C 213 -12.99 43.37 -19.26
CA LEU C 213 -13.49 43.50 -17.85
C LEU C 213 -12.17 43.88 -17.19
N ASP C 214 -12.08 44.83 -16.33
CA ASP C 214 -11.03 45.36 -15.64
C ASP C 214 -10.03 44.56 -14.84
N ARG C 215 -10.50 43.97 -13.76
CA ARG C 215 -9.28 43.26 -13.06
C ARG C 215 -9.61 41.83 -12.86
N LYS C 216 -10.45 41.30 -13.84
CA LYS C 216 -10.86 39.87 -13.55
C LYS C 216 -9.45 39.32 -13.51
N GLY C 217 -9.20 38.77 -12.36
CA GLY C 217 -7.67 38.32 -12.42
C GLY C 217 -7.64 38.53 -10.91
N GLU C 218 -7.64 39.74 -10.43
CA GLU C 218 -7.67 39.89 -9.00
C GLU C 218 -9.06 39.54 -8.52
N LEU C 219 -9.93 40.01 -9.47
CA LEU C 219 -11.42 39.75 -9.20
C LEU C 219 -11.46 38.22 -9.05
N PHE C 220 -10.93 37.43 -9.98
CA PHE C 220 -10.95 35.98 -9.63
C PHE C 220 -10.22 35.61 -8.34
N PHE C 221 -9.02 36.05 -8.05
CA PHE C 221 -8.19 35.79 -6.87
C PHE C 221 -9.15 35.73 -5.64
N TRP C 222 -9.65 37.00 -5.37
CA TRP C 222 -10.58 37.50 -4.39
C TRP C 222 -11.97 36.88 -4.26
N VAL C 223 -12.72 36.78 -5.39
CA VAL C 223 -14.01 36.21 -5.13
C VAL C 223 -13.89 34.85 -4.46
N HIS C 224 -12.92 34.10 -4.90
CA HIS C 224 -12.93 32.73 -4.30
C HIS C 224 -12.36 32.56 -2.92
N HIS C 225 -11.51 33.59 -2.70
CA HIS C 225 -10.83 33.63 -1.34
C HIS C 225 -11.98 33.95 -0.38
N GLN C 226 -12.91 34.72 -0.97
CA GLN C 226 -14.03 35.03 -0.09
C GLN C 226 -14.90 33.85 0.19
N LEU C 227 -15.36 33.16 -0.90
CA LEU C 227 -16.16 31.99 -0.53
C LEU C 227 -15.13 31.18 0.35
N THR C 228 -13.88 30.98 0.04
CA THR C 228 -13.24 30.08 1.00
C THR C 228 -13.15 30.51 2.44
N ALA C 229 -13.14 31.81 2.66
CA ALA C 229 -13.15 32.22 4.08
C ALA C 229 -14.54 32.02 4.69
N ARG C 230 -15.47 32.64 3.87
CA ARG C 230 -16.89 32.64 4.30
C ARG C 230 -17.13 31.14 4.63
N PHE C 231 -16.74 30.18 3.83
CA PHE C 231 -17.01 28.83 4.15
C PHE C 231 -16.34 28.45 5.44
N ASP C 232 -15.03 28.76 5.50
CA ASP C 232 -14.21 28.37 6.75
C ASP C 232 -14.91 28.93 8.02
N PHE C 233 -15.41 30.19 7.97
CA PHE C 233 -16.14 30.59 9.15
C PHE C 233 -17.34 29.65 9.47
N GLU C 234 -18.21 29.37 8.45
CA GLU C 234 -19.37 28.57 8.87
C GLU C 234 -18.87 27.30 9.52
N ARG C 235 -17.79 26.73 9.04
CA ARG C 235 -17.36 25.46 9.66
C ARG C 235 -16.86 25.70 11.07
N LEU C 236 -16.49 26.95 11.36
CA LEU C 236 -16.07 27.29 12.78
C LEU C 236 -17.26 27.19 13.79
N SER C 237 -18.27 27.92 13.33
CA SER C 237 -19.52 27.92 14.03
C SER C 237 -19.90 26.47 13.99
N ASN C 238 -19.45 25.47 13.34
CA ASN C 238 -20.08 24.18 13.65
C ASN C 238 -19.17 23.19 14.31
N TRP C 239 -18.23 23.69 15.10
CA TRP C 239 -17.33 22.73 15.83
C TRP C 239 -16.56 22.01 14.70
N LEU C 240 -16.65 22.54 13.45
CA LEU C 240 -15.79 21.78 12.49
C LEU C 240 -14.48 22.50 12.36
N ASP C 241 -13.47 21.87 11.81
CA ASP C 241 -12.10 22.53 11.67
C ASP C 241 -11.82 23.09 10.33
N PRO C 242 -11.13 24.16 10.15
CA PRO C 242 -10.85 24.77 8.79
C PRO C 242 -10.73 23.82 7.61
N VAL C 243 -10.99 24.02 6.32
CA VAL C 243 -10.82 22.85 5.43
C VAL C 243 -9.50 22.44 4.89
N ASP C 244 -9.34 21.20 4.67
CA ASP C 244 -8.10 20.49 4.14
C ASP C 244 -7.81 21.11 2.78
N GLU C 245 -6.63 21.27 2.31
CA GLU C 245 -6.44 21.85 0.94
C GLU C 245 -6.44 20.62 0.13
N LEU C 246 -6.82 20.39 -1.07
CA LEU C 246 -6.84 19.06 -1.77
C LEU C 246 -5.56 18.61 -2.37
N HIS C 247 -4.98 17.43 -2.47
CA HIS C 247 -3.71 17.38 -3.19
C HIS C 247 -3.83 16.33 -4.36
N TRP C 248 -2.94 16.38 -5.40
CA TRP C 248 -3.35 15.35 -6.32
C TRP C 248 -2.77 14.05 -5.89
N ASP C 249 -1.79 14.05 -5.04
CA ASP C 249 -1.26 12.74 -4.68
C ASP C 249 -2.08 12.22 -3.52
N ARG C 250 -3.16 12.74 -3.01
CA ARG C 250 -3.79 11.99 -1.89
C ARG C 250 -5.16 11.45 -2.00
N ILE C 251 -5.79 10.78 -1.06
CA ILE C 251 -7.14 10.28 -1.40
C ILE C 251 -7.98 11.57 -1.25
N ILE C 252 -9.20 11.47 -1.85
CA ILE C 252 -10.13 12.62 -1.75
C ILE C 252 -10.80 12.01 -0.52
N ARG C 253 -10.45 12.48 0.61
CA ARG C 253 -11.02 11.89 1.83
C ARG C 253 -12.51 12.01 1.93
N GLU C 254 -13.02 13.23 1.83
CA GLU C 254 -14.44 13.51 1.97
C GLU C 254 -15.41 13.49 0.85
N GLY C 255 -16.00 12.36 0.45
CA GLY C 255 -16.96 12.40 -0.70
C GLY C 255 -18.42 12.53 -0.27
N PHE C 256 -19.30 12.90 -1.14
CA PHE C 256 -20.71 13.09 -0.93
C PHE C 256 -21.55 12.52 -2.10
N ALA C 257 -22.87 12.45 -1.86
CA ALA C 257 -23.93 11.98 -2.80
C ALA C 257 -24.80 13.26 -2.77
N PRO C 258 -25.05 13.76 -3.98
CA PRO C 258 -25.77 15.02 -4.12
C PRO C 258 -27.23 14.85 -4.16
N LEU C 259 -27.70 13.66 -4.46
CA LEU C 259 -29.22 13.58 -4.54
C LEU C 259 -29.88 14.55 -5.45
N THR C 260 -29.35 15.16 -6.40
CA THR C 260 -29.87 16.12 -7.34
C THR C 260 -30.08 15.46 -8.70
N SER C 261 -30.99 15.94 -9.50
CA SER C 261 -31.11 15.28 -10.81
C SER C 261 -31.12 16.31 -11.94
N TYR C 262 -30.67 15.91 -13.12
CA TYR C 262 -30.68 16.81 -14.31
C TYR C 262 -32.09 16.95 -14.88
N LYS C 263 -32.49 17.81 -15.81
CA LYS C 263 -33.96 17.69 -16.27
C LYS C 263 -33.97 16.55 -17.30
N TYR C 264 -33.21 16.73 -18.31
CA TYR C 264 -32.98 15.68 -19.35
C TYR C 264 -31.49 15.27 -18.92
N GLY C 265 -31.12 14.01 -18.77
CA GLY C 265 -29.77 13.70 -18.22
C GLY C 265 -29.71 12.63 -17.12
N GLY C 266 -30.34 12.53 -15.97
CA GLY C 266 -30.20 11.25 -15.14
C GLY C 266 -29.79 11.76 -13.84
N GLU C 267 -29.65 11.00 -12.81
CA GLU C 267 -29.14 11.77 -11.60
C GLU C 267 -27.64 12.05 -11.56
N PHE C 268 -27.34 13.13 -10.86
CA PHE C 268 -25.88 13.50 -10.69
C PHE C 268 -25.08 12.33 -10.11
N PRO C 269 -23.95 11.86 -10.62
CA PRO C 269 -23.20 10.72 -10.09
C PRO C 269 -22.73 11.02 -8.68
N VAL C 270 -22.41 9.92 -8.05
CA VAL C 270 -22.04 10.22 -6.60
C VAL C 270 -20.61 9.94 -6.34
N ARG C 271 -19.91 10.09 -5.25
CA ARG C 271 -18.48 9.80 -5.07
C ARG C 271 -18.33 9.13 -3.68
N PRO C 272 -17.80 7.93 -3.66
CA PRO C 272 -17.65 7.04 -2.59
C PRO C 272 -16.86 7.42 -1.43
N ASP C 273 -15.95 8.39 -1.46
CA ASP C 273 -15.27 8.52 -0.02
C ASP C 273 -14.07 7.56 0.10
N ASN C 274 -12.97 8.29 0.45
CA ASN C 274 -11.58 7.83 0.60
C ASN C 274 -11.17 7.28 -0.80
N ILE C 275 -11.56 7.78 -1.98
CA ILE C 275 -11.21 7.39 -3.31
C ILE C 275 -9.87 8.00 -3.75
N HIS C 276 -9.32 7.31 -4.79
CA HIS C 276 -8.03 7.75 -5.39
C HIS C 276 -8.30 8.45 -6.67
N PHE C 277 -7.73 9.56 -6.94
CA PHE C 277 -8.10 10.29 -8.18
C PHE C 277 -7.88 9.62 -9.50
N GLU C 278 -8.77 9.30 -10.40
CA GLU C 278 -8.27 8.76 -11.67
C GLU C 278 -8.21 9.71 -12.86
N ASP C 279 -7.24 9.20 -13.59
CA ASP C 279 -6.88 9.95 -14.88
C ASP C 279 -8.17 9.82 -15.61
N VAL C 280 -8.74 10.95 -16.02
CA VAL C 280 -10.07 10.97 -16.70
C VAL C 280 -9.88 11.26 -18.18
N ASP C 281 -10.32 10.23 -18.88
CA ASP C 281 -10.16 10.25 -20.36
C ASP C 281 -10.96 11.46 -20.91
N GLY C 282 -10.21 12.07 -21.78
CA GLY C 282 -10.84 13.21 -22.44
C GLY C 282 -10.52 14.60 -21.90
N VAL C 283 -10.40 14.56 -20.59
CA VAL C 283 -10.14 15.87 -19.94
C VAL C 283 -8.63 16.00 -19.77
N ALA C 284 -8.07 15.20 -18.91
CA ALA C 284 -6.65 15.35 -18.72
C ALA C 284 -6.26 14.42 -17.59
N HIS C 285 -5.06 14.04 -17.62
CA HIS C 285 -4.24 13.13 -16.88
C HIS C 285 -4.02 13.48 -15.47
N VAL C 286 -3.81 12.66 -14.48
CA VAL C 286 -3.78 13.43 -13.18
C VAL C 286 -2.53 14.15 -13.03
N HIS C 287 -1.58 13.58 -13.65
CA HIS C 287 -0.22 14.23 -13.49
C HIS C 287 -0.11 15.53 -14.26
N ASP C 288 -1.11 15.54 -15.18
CA ASP C 288 -1.14 16.77 -16.04
C ASP C 288 -1.36 18.04 -15.20
N LEU C 289 -1.92 17.75 -14.04
CA LEU C 289 -2.27 18.82 -13.11
C LEU C 289 -1.00 19.01 -12.35
N GLU C 290 -0.55 18.00 -11.68
CA GLU C 290 0.70 18.03 -10.92
C GLU C 290 1.64 18.84 -11.77
N ILE C 291 2.03 18.63 -13.03
CA ILE C 291 2.94 19.53 -13.67
C ILE C 291 2.34 20.90 -13.80
N THR C 292 1.12 21.07 -14.23
CA THR C 292 0.58 22.45 -14.29
C THR C 292 0.86 23.17 -13.03
N GLU C 293 0.45 22.66 -11.88
CA GLU C 293 0.68 23.20 -10.58
C GLU C 293 2.15 23.51 -10.45
N SER C 294 3.11 22.88 -11.08
CA SER C 294 4.53 23.31 -10.84
C SER C 294 4.92 24.45 -11.76
N ARG C 295 4.37 24.30 -12.98
CA ARG C 295 4.76 25.46 -13.81
C ARG C 295 4.26 26.68 -13.08
N ILE C 296 3.08 26.65 -12.39
CA ILE C 296 2.48 27.77 -11.72
C ILE C 296 3.31 28.42 -10.64
N HIS C 297 3.46 27.33 -9.91
CA HIS C 297 4.25 27.55 -8.69
C HIS C 297 5.66 28.00 -8.94
N GLU C 298 6.15 28.07 -10.11
CA GLU C 298 7.56 28.44 -10.32
C GLU C 298 7.43 29.85 -10.82
N ALA C 299 6.18 30.14 -11.14
CA ALA C 299 6.21 31.55 -11.74
C ALA C 299 6.20 32.25 -10.39
N ILE C 300 5.32 31.94 -9.46
CA ILE C 300 5.32 32.62 -8.18
C ILE C 300 6.72 32.63 -7.59
N ASP C 301 7.30 31.40 -7.65
CA ASP C 301 8.62 31.44 -7.01
C ASP C 301 9.71 32.19 -7.69
N HIS C 302 9.70 32.39 -8.98
CA HIS C 302 10.75 33.03 -9.73
C HIS C 302 10.80 34.55 -9.64
N GLY C 303 9.60 35.02 -9.83
CA GLY C 303 9.36 36.47 -9.75
C GLY C 303 8.74 36.72 -11.12
N TYR C 304 8.89 35.77 -12.08
CA TYR C 304 8.24 36.11 -13.40
C TYR C 304 7.41 35.04 -14.07
N ILE C 305 6.47 35.43 -14.95
CA ILE C 305 5.65 34.49 -15.66
C ILE C 305 6.45 34.48 -16.96
N THR C 306 6.60 33.43 -17.71
CA THR C 306 7.43 33.53 -18.94
C THR C 306 6.51 33.33 -20.10
N ASP C 307 6.34 34.12 -21.14
CA ASP C 307 5.31 33.79 -22.16
C ASP C 307 5.99 32.84 -23.14
N SER C 308 5.31 32.67 -24.25
CA SER C 308 5.47 31.86 -25.42
C SER C 308 6.78 32.11 -26.12
N ASP C 309 7.26 33.35 -25.92
CA ASP C 309 8.55 33.58 -26.61
C ASP C 309 9.64 33.28 -25.64
N GLY C 310 9.23 33.41 -24.39
CA GLY C 310 10.43 33.05 -23.51
C GLY C 310 10.70 34.49 -23.04
N HIS C 311 9.61 35.25 -23.19
CA HIS C 311 9.82 36.58 -22.61
C HIS C 311 9.60 36.50 -21.11
N THR C 312 10.37 37.00 -20.15
CA THR C 312 9.87 36.79 -18.80
C THR C 312 9.09 38.09 -18.56
N ILE C 313 7.88 38.07 -18.14
CA ILE C 313 6.98 39.16 -17.82
C ILE C 313 7.00 39.11 -16.26
N ASP C 314 7.44 40.22 -15.68
CA ASP C 314 7.59 40.34 -14.23
C ASP C 314 6.24 40.43 -13.55
N ILE C 315 6.14 39.87 -12.38
CA ILE C 315 4.94 39.91 -11.60
C ILE C 315 5.21 40.29 -10.16
N ARG C 316 6.33 40.82 -9.89
CA ARG C 316 6.62 41.12 -8.43
C ARG C 316 6.16 42.54 -8.34
N GLN C 317 4.99 42.94 -8.60
CA GLN C 317 4.56 44.32 -8.64
C GLN C 317 3.04 44.14 -8.56
N PRO C 318 2.35 45.26 -8.49
CA PRO C 318 0.95 45.33 -8.30
C PRO C 318 0.09 44.69 -9.34
N LYS C 319 0.38 44.59 -10.56
CA LYS C 319 -0.48 43.97 -11.56
C LYS C 319 -0.22 42.49 -11.32
N GLY C 320 0.77 42.30 -10.49
CA GLY C 320 1.16 40.95 -10.18
C GLY C 320 0.04 39.92 -10.21
N ILE C 321 -0.61 39.91 -9.06
CA ILE C 321 -1.66 38.99 -8.71
C ILE C 321 -2.67 38.88 -9.78
N GLU C 322 -2.83 39.77 -10.72
CA GLU C 322 -3.87 39.59 -11.79
C GLU C 322 -3.12 38.83 -12.89
N LEU C 323 -1.95 39.22 -13.44
CA LEU C 323 -1.46 38.22 -14.35
C LEU C 323 -1.46 36.85 -13.61
N LEU C 324 -1.33 36.61 -12.31
CA LEU C 324 -1.34 35.25 -11.86
C LEU C 324 -2.73 34.67 -12.03
N GLY C 325 -3.75 35.50 -11.93
CA GLY C 325 -5.06 34.89 -12.03
C GLY C 325 -5.39 34.61 -13.46
N ASP C 326 -4.70 35.23 -14.34
CA ASP C 326 -5.11 34.96 -15.69
C ASP C 326 -4.56 33.59 -16.05
N ILE C 327 -3.42 33.19 -15.52
CA ILE C 327 -2.73 31.92 -15.77
C ILE C 327 -3.34 30.84 -14.91
N ILE C 328 -3.69 31.12 -13.65
CA ILE C 328 -4.33 30.12 -12.85
C ILE C 328 -5.77 29.84 -13.17
N GLU C 329 -6.78 30.61 -13.43
CA GLU C 329 -8.17 30.04 -13.58
C GLU C 329 -8.24 29.41 -14.92
N SER C 330 -7.52 30.04 -15.74
CA SER C 330 -6.99 30.26 -17.02
C SER C 330 -8.13 30.82 -17.90
N SER C 331 -7.97 32.09 -18.09
CA SER C 331 -8.98 32.80 -18.83
C SER C 331 -8.28 33.28 -20.08
N LYS C 332 -8.85 34.10 -20.96
CA LYS C 332 -7.97 34.36 -22.12
C LYS C 332 -7.03 35.44 -21.86
N TYR C 333 -6.84 35.91 -20.74
CA TYR C 333 -5.84 37.00 -20.64
C TYR C 333 -4.57 36.19 -20.42
N SER C 334 -4.51 34.87 -20.36
CA SER C 334 -3.24 34.15 -20.13
C SER C 334 -2.12 34.57 -21.09
N SER C 335 -0.91 34.63 -20.61
CA SER C 335 0.22 35.09 -21.40
C SER C 335 0.71 33.87 -22.02
N ASN C 336 0.77 32.77 -21.30
CA ASN C 336 1.31 31.56 -22.06
C ASN C 336 0.27 30.50 -21.88
N VAL C 337 -0.87 30.34 -22.43
CA VAL C 337 -1.73 29.21 -22.04
C VAL C 337 -1.21 27.87 -22.48
N GLN C 338 -0.26 27.81 -23.36
CA GLN C 338 0.16 26.43 -23.83
C GLN C 338 1.09 25.83 -22.72
N TYR C 339 1.53 26.68 -21.83
CA TYR C 339 2.47 26.20 -20.86
C TYR C 339 1.83 26.08 -19.52
N TYR C 340 1.24 27.10 -19.00
CA TYR C 340 0.60 27.09 -17.70
C TYR C 340 -0.76 26.45 -17.81
N GLY C 341 -1.23 26.00 -18.94
CA GLY C 341 -2.56 25.46 -19.02
C GLY C 341 -3.73 26.10 -18.36
N SER C 342 -4.47 25.30 -17.65
CA SER C 342 -5.68 25.73 -16.91
C SER C 342 -6.05 25.01 -15.55
N LEU C 343 -5.19 25.17 -14.54
CA LEU C 343 -5.48 24.44 -13.32
C LEU C 343 -6.87 24.46 -12.81
N HIS C 344 -7.42 25.57 -12.60
CA HIS C 344 -8.73 25.71 -12.02
C HIS C 344 -9.79 25.01 -12.79
N ASN C 345 -10.07 25.43 -14.02
CA ASN C 345 -11.10 24.86 -14.84
C ASN C 345 -10.69 23.45 -15.04
N THR C 346 -9.62 22.98 -15.57
CA THR C 346 -9.51 21.51 -15.61
C THR C 346 -9.86 20.81 -14.34
N ALA C 347 -9.46 21.42 -13.23
CA ALA C 347 -9.65 20.89 -11.90
C ALA C 347 -11.13 20.77 -11.72
N HIS C 348 -12.01 21.50 -12.31
CA HIS C 348 -13.46 21.33 -12.16
C HIS C 348 -13.75 20.13 -13.03
N VAL C 349 -13.58 20.02 -14.29
CA VAL C 349 -13.91 18.82 -14.97
C VAL C 349 -13.23 17.59 -14.38
N MET C 350 -12.03 17.71 -13.92
CA MET C 350 -11.30 16.58 -13.39
C MET C 350 -11.97 16.06 -12.15
N LEU C 351 -12.59 16.90 -11.28
CA LEU C 351 -13.18 16.33 -10.05
C LEU C 351 -14.60 15.70 -10.27
N GLY C 352 -15.15 16.04 -11.46
CA GLY C 352 -16.48 15.67 -11.79
C GLY C 352 -16.60 14.32 -12.37
N ARG C 353 -15.72 13.85 -13.16
CA ARG C 353 -15.96 12.52 -13.73
C ARG C 353 -15.35 11.52 -12.80
N GLN C 354 -14.92 12.01 -11.62
CA GLN C 354 -14.32 10.95 -10.70
C GLN C 354 -15.31 9.81 -10.55
N GLY C 355 -16.51 10.09 -11.13
CA GLY C 355 -17.58 9.11 -11.04
C GLY C 355 -17.48 8.10 -12.17
N ASP C 356 -16.73 8.42 -13.17
CA ASP C 356 -16.64 7.73 -14.45
C ASP C 356 -15.56 8.37 -15.36
N PRO C 357 -14.34 8.07 -15.16
CA PRO C 357 -13.27 8.58 -15.91
C PRO C 357 -13.20 7.73 -17.13
N HIS C 358 -13.35 6.45 -17.20
CA HIS C 358 -13.09 6.09 -18.69
C HIS C 358 -14.39 6.19 -19.42
N GLY C 359 -15.37 6.46 -18.56
CA GLY C 359 -16.76 6.62 -19.12
C GLY C 359 -17.37 5.31 -19.53
N LYS C 360 -17.39 4.41 -18.61
CA LYS C 360 -17.89 3.09 -18.91
C LYS C 360 -19.35 3.23 -18.61
N PHE C 361 -19.81 4.13 -17.85
CA PHE C 361 -21.27 4.06 -17.57
C PHE C 361 -22.16 5.08 -18.21
N ASN C 362 -21.29 6.03 -18.65
CA ASN C 362 -22.00 7.16 -19.34
C ASN C 362 -23.01 7.75 -18.36
N LEU C 363 -22.49 8.25 -17.27
CA LEU C 363 -23.19 9.01 -16.24
C LEU C 363 -23.05 10.43 -16.84
N PRO C 364 -23.81 11.42 -16.50
CA PRO C 364 -23.74 12.78 -17.04
C PRO C 364 -22.60 13.50 -16.35
N PRO C 365 -22.38 14.74 -16.53
CA PRO C 365 -21.32 15.48 -15.92
C PRO C 365 -21.56 15.63 -14.45
N GLY C 366 -20.68 16.15 -13.63
CA GLY C 366 -21.17 16.09 -12.20
C GLY C 366 -21.37 17.37 -11.45
N VAL C 367 -21.74 17.27 -10.17
CA VAL C 367 -22.04 18.57 -9.56
C VAL C 367 -20.97 19.59 -9.66
N MET C 368 -19.79 19.40 -9.77
CA MET C 368 -18.69 20.39 -9.87
C MET C 368 -18.45 20.85 -11.30
N GLU C 369 -19.14 20.23 -12.23
CA GLU C 369 -18.82 20.65 -13.61
C GLU C 369 -19.90 21.61 -13.97
N HIS C 370 -20.28 22.41 -13.08
CA HIS C 370 -21.33 23.42 -13.32
C HIS C 370 -21.33 24.53 -12.24
N PHE C 371 -21.47 25.79 -12.68
CA PHE C 371 -21.50 26.76 -11.58
C PHE C 371 -22.71 26.88 -10.69
N GLU C 372 -23.87 26.51 -11.17
CA GLU C 372 -25.03 26.70 -10.20
C GLU C 372 -25.09 25.54 -9.29
N THR C 373 -24.07 24.68 -9.38
CA THR C 373 -24.12 23.47 -8.54
C THR C 373 -22.91 22.98 -7.86
N ALA C 374 -21.80 23.73 -7.97
CA ALA C 374 -20.56 23.18 -7.46
C ALA C 374 -20.52 23.37 -6.02
N THR C 375 -21.07 24.47 -5.64
CA THR C 375 -20.84 24.67 -4.14
C THR C 375 -21.49 23.59 -3.39
N ARG C 376 -22.15 22.62 -4.01
CA ARG C 376 -22.78 21.59 -3.29
C ARG C 376 -21.87 20.56 -2.76
N ASP C 377 -20.97 20.04 -3.55
CA ASP C 377 -20.03 18.92 -3.32
C ASP C 377 -18.93 19.36 -2.41
N PRO C 378 -18.61 18.71 -1.38
CA PRO C 378 -17.56 19.14 -0.50
C PRO C 378 -16.18 19.31 -1.07
N SER C 379 -15.78 18.57 -2.03
CA SER C 379 -14.43 18.88 -2.47
C SER C 379 -14.38 20.26 -3.14
N PHE C 380 -15.53 20.90 -3.27
CA PHE C 380 -15.52 22.21 -3.95
C PHE C 380 -14.64 23.08 -3.12
N PHE C 381 -14.85 23.11 -1.86
CA PHE C 381 -13.97 23.98 -1.01
C PHE C 381 -12.59 23.42 -0.76
N ARG C 382 -12.31 22.14 -0.90
CA ARG C 382 -10.99 21.52 -0.74
C ARG C 382 -10.21 22.01 -1.93
N LEU C 383 -10.86 22.03 -3.15
CA LEU C 383 -10.28 22.46 -4.39
C LEU C 383 -10.11 23.95 -4.25
N HIS C 384 -10.80 24.82 -3.64
CA HIS C 384 -10.43 26.23 -3.71
C HIS C 384 -9.55 26.61 -2.56
N LYS C 385 -9.38 25.71 -1.65
CA LYS C 385 -8.40 25.99 -0.54
C LYS C 385 -7.01 25.88 -1.23
N TYR C 386 -6.72 24.83 -1.90
CA TYR C 386 -5.58 24.65 -2.78
C TYR C 386 -5.52 25.83 -3.78
N MET C 387 -6.48 26.12 -4.70
CA MET C 387 -6.18 27.33 -5.47
C MET C 387 -5.81 28.50 -4.50
N ASP C 388 -6.56 28.64 -3.41
CA ASP C 388 -6.41 29.72 -2.47
C ASP C 388 -5.00 29.80 -2.03
N ASN C 389 -4.31 28.82 -1.46
CA ASN C 389 -2.90 29.17 -1.11
C ASN C 389 -1.92 29.06 -2.23
N ILE C 390 -2.16 29.20 -3.50
CA ILE C 390 -1.24 29.13 -4.62
C ILE C 390 -1.15 30.71 -4.62
N PHE C 391 -2.31 31.27 -4.48
CA PHE C 391 -2.27 32.70 -4.57
C PHE C 391 -1.55 33.14 -3.29
N LYS C 392 -1.95 32.60 -2.14
CA LYS C 392 -1.25 33.25 -0.99
C LYS C 392 0.28 33.17 -1.09
N LYS C 393 0.75 32.17 -1.84
CA LYS C 393 2.17 32.04 -1.95
C LYS C 393 2.70 33.33 -2.52
N HIS C 394 2.07 34.06 -3.30
CA HIS C 394 2.64 35.20 -4.04
C HIS C 394 2.46 36.44 -3.28
N THR C 395 1.22 36.31 -2.81
CA THR C 395 0.49 37.29 -1.97
C THR C 395 1.34 37.69 -0.76
N ASP C 396 2.02 36.81 -0.14
CA ASP C 396 2.85 36.82 1.01
C ASP C 396 4.32 37.07 0.77
N SER C 397 4.62 37.18 -0.54
CA SER C 397 6.11 37.35 -0.74
C SER C 397 6.43 38.85 -0.60
N PHE C 398 5.30 39.64 -0.43
CA PHE C 398 5.74 41.07 -0.33
C PHE C 398 6.21 41.35 1.07
N PRO C 399 6.95 42.37 1.16
CA PRO C 399 7.45 42.80 2.46
C PRO C 399 6.22 43.46 3.06
N PRO C 400 6.14 43.33 4.37
CA PRO C 400 5.06 43.80 5.21
C PRO C 400 4.87 45.26 5.13
N TYR C 401 3.79 45.76 5.71
CA TYR C 401 3.67 47.25 5.43
C TYR C 401 4.24 48.01 6.62
N THR C 402 4.73 49.20 6.29
CA THR C 402 5.38 50.10 7.23
C THR C 402 4.29 50.87 7.94
N HIS C 403 4.78 51.57 8.97
CA HIS C 403 3.81 52.38 9.78
C HIS C 403 3.34 53.44 8.82
N ASP C 404 4.46 54.09 8.44
CA ASP C 404 4.30 55.17 7.46
C ASP C 404 3.43 54.65 6.32
N ASN C 405 3.30 53.37 6.23
CA ASN C 405 2.54 52.75 5.15
C ASN C 405 1.00 52.86 5.22
N LEU C 406 0.43 52.37 6.33
CA LEU C 406 -0.99 52.41 6.49
C LEU C 406 -1.60 53.73 6.94
N GLU C 407 -0.84 54.63 7.56
CA GLU C 407 -1.18 55.89 8.10
C GLU C 407 -1.87 56.84 7.21
N PHE C 408 -3.06 57.32 7.50
CA PHE C 408 -3.75 58.39 6.72
C PHE C 408 -3.99 59.47 7.82
N SER C 409 -2.85 60.07 7.93
CA SER C 409 -2.51 61.16 8.82
C SER C 409 -3.65 62.14 8.95
N GLY C 410 -4.06 62.40 10.16
CA GLY C 410 -5.23 63.44 10.07
C GLY C 410 -6.22 62.42 10.60
N MET C 411 -7.11 61.89 9.89
CA MET C 411 -7.94 60.90 10.50
C MET C 411 -7.69 59.86 11.55
N VAL C 412 -8.62 59.78 12.50
CA VAL C 412 -8.41 58.72 13.48
C VAL C 412 -9.68 58.14 14.05
N VAL C 413 -9.78 56.84 13.99
CA VAL C 413 -10.97 56.23 14.53
C VAL C 413 -10.88 56.32 16.04
N ASN C 414 -11.99 56.83 16.50
CA ASN C 414 -12.16 57.04 17.92
C ASN C 414 -12.85 55.79 18.44
N GLY C 415 -13.98 55.52 17.79
CA GLY C 415 -14.62 54.28 18.34
C GLY C 415 -15.46 53.56 17.32
N VAL C 416 -15.69 52.31 17.76
CA VAL C 416 -16.55 51.56 16.80
C VAL C 416 -17.55 50.78 17.63
N ALA C 417 -18.77 51.11 17.12
CA ALA C 417 -19.99 50.51 17.63
C ALA C 417 -21.11 50.04 16.67
N ILE C 418 -21.61 48.92 17.24
CA ILE C 418 -22.69 48.21 16.58
C ILE C 418 -23.96 48.55 17.33
N ASP C 419 -24.75 49.26 16.53
CA ASP C 419 -26.08 49.72 17.00
C ASP C 419 -27.13 48.65 16.76
N GLY C 420 -27.18 47.69 17.66
CA GLY C 420 -28.22 46.64 17.47
C GLY C 420 -27.72 45.31 17.97
N GLU C 421 -28.18 44.26 17.30
CA GLU C 421 -27.67 42.96 17.77
C GLU C 421 -27.25 42.14 16.57
N LEU C 422 -26.25 41.32 16.97
CA LEU C 422 -25.79 40.45 15.82
C LEU C 422 -26.60 39.18 16.08
N ILE C 423 -27.65 39.10 15.25
CA ILE C 423 -28.45 37.86 15.49
C ILE C 423 -28.82 37.23 14.20
N THR C 424 -28.48 35.96 14.16
CA THR C 424 -28.75 35.18 12.97
C THR C 424 -29.66 33.99 13.27
N PHE C 425 -30.55 33.91 12.34
CA PHE C 425 -31.50 32.77 12.42
C PHE C 425 -31.88 32.10 11.08
N PHE C 426 -32.88 31.23 11.19
CA PHE C 426 -33.30 30.57 9.94
C PHE C 426 -34.75 30.78 9.40
N ASP C 427 -34.97 31.69 8.50
CA ASP C 427 -36.03 32.11 7.75
C ASP C 427 -36.64 31.07 6.83
N GLU C 428 -37.55 31.54 6.01
CA GLU C 428 -38.08 30.49 5.07
C GLU C 428 -38.43 31.06 3.72
N PHE C 429 -38.05 30.38 2.69
CA PHE C 429 -38.23 30.87 1.33
C PHE C 429 -38.94 29.93 0.38
N GLN C 430 -39.54 30.72 -0.56
CA GLN C 430 -40.35 29.81 -1.52
C GLN C 430 -40.12 30.23 -2.96
N TYR C 431 -39.71 29.23 -3.75
CA TYR C 431 -39.43 29.60 -5.19
C TYR C 431 -40.38 28.63 -5.86
N SER C 432 -40.61 28.81 -7.13
CA SER C 432 -41.53 27.99 -7.89
C SER C 432 -41.08 26.88 -8.85
N LEU C 433 -41.59 25.64 -8.62
CA LEU C 433 -41.28 24.48 -9.40
C LEU C 433 -41.96 24.36 -10.74
N ILE C 434 -42.43 25.43 -11.30
CA ILE C 434 -43.19 25.16 -12.56
C ILE C 434 -42.36 24.90 -13.81
N ASN C 435 -41.21 25.61 -13.93
CA ASN C 435 -40.69 25.36 -15.28
C ASN C 435 -40.14 23.98 -15.39
N ALA C 436 -40.24 23.35 -14.24
CA ALA C 436 -39.71 21.99 -14.12
C ALA C 436 -40.59 20.88 -14.63
N VAL C 437 -41.88 20.98 -14.49
CA VAL C 437 -42.74 19.87 -14.89
C VAL C 437 -43.27 20.14 -16.28
N ASP C 438 -43.49 19.16 -17.12
CA ASP C 438 -44.00 19.55 -18.43
C ASP C 438 -45.48 19.53 -18.38
N SER C 439 -46.00 20.52 -19.05
CA SER C 439 -47.49 20.72 -19.16
C SER C 439 -47.56 20.78 -20.66
N GLY C 440 -48.26 20.01 -21.36
CA GLY C 440 -48.13 20.34 -22.84
C GLY C 440 -49.19 21.44 -23.17
N GLU C 441 -50.27 20.78 -23.66
CA GLU C 441 -51.41 21.56 -24.07
C GLU C 441 -52.83 21.13 -24.01
N ASN C 442 -53.49 22.19 -23.54
CA ASN C 442 -54.97 22.12 -23.35
C ASN C 442 -55.14 21.50 -21.97
N ILE C 443 -53.95 21.18 -21.45
CA ILE C 443 -53.83 20.58 -20.06
C ILE C 443 -53.62 21.80 -19.16
N GLU C 444 -54.27 22.14 -18.03
CA GLU C 444 -53.76 23.45 -17.53
C GLU C 444 -52.88 23.43 -16.30
N ASP C 445 -52.24 24.56 -16.09
CA ASP C 445 -51.26 24.81 -15.05
C ASP C 445 -51.74 24.87 -13.60
N VAL C 446 -51.12 24.04 -12.85
CA VAL C 446 -51.32 23.84 -11.44
C VAL C 446 -49.97 24.41 -10.92
N GLU C 447 -50.26 25.17 -9.89
CA GLU C 447 -49.15 25.88 -9.31
C GLU C 447 -48.49 25.09 -8.29
N ILE C 448 -47.30 24.61 -8.68
CA ILE C 448 -46.46 23.83 -7.70
C ILE C 448 -45.35 24.64 -7.05
N ASN C 449 -45.12 24.56 -5.75
CA ASN C 449 -44.03 25.38 -5.19
C ASN C 449 -42.98 24.74 -4.34
N ALA C 450 -41.75 25.19 -4.15
CA ALA C 450 -40.73 24.54 -3.24
C ALA C 450 -40.41 25.56 -2.14
N ARG C 451 -40.29 24.91 -0.98
CA ARG C 451 -40.00 25.81 0.21
C ARG C 451 -38.69 25.41 0.84
N VAL C 452 -37.87 26.51 0.94
CA VAL C 452 -36.54 26.12 1.48
C VAL C 452 -36.22 26.85 2.77
N HIS C 453 -35.26 26.27 3.39
CA HIS C 453 -34.87 26.91 4.66
C HIS C 453 -33.62 27.73 4.64
N ARG C 454 -33.73 29.08 4.67
CA ARG C 454 -32.34 29.71 4.55
C ARG C 454 -31.95 30.59 5.71
N LEU C 455 -30.68 30.87 5.99
CA LEU C 455 -30.11 31.69 7.02
C LEU C 455 -30.54 33.17 6.88
N ASN C 456 -30.36 33.78 8.07
CA ASN C 456 -30.66 35.19 8.14
C ASN C 456 -30.13 35.74 9.44
N HIS C 457 -30.07 37.04 9.37
CA HIS C 457 -29.57 37.90 10.39
C HIS C 457 -30.50 39.09 10.44
N ASN C 458 -30.23 39.99 11.32
CA ASN C 458 -31.13 41.14 11.53
C ASN C 458 -30.51 42.48 11.22
N GLU C 459 -31.19 43.36 10.55
CA GLU C 459 -30.42 44.60 10.32
C GLU C 459 -29.78 45.17 11.59
N PHE C 460 -28.63 45.86 11.37
CA PHE C 460 -27.88 46.44 12.52
C PHE C 460 -27.13 47.61 11.88
N THR C 461 -26.70 48.49 12.80
CA THR C 461 -25.94 49.68 12.36
C THR C 461 -24.63 49.94 13.15
N TYR C 462 -23.75 50.46 12.27
CA TYR C 462 -22.41 50.78 12.53
C TYR C 462 -22.46 52.23 12.98
N LYS C 463 -21.80 52.39 14.10
CA LYS C 463 -21.65 53.82 14.54
C LYS C 463 -20.14 53.81 14.72
N ILE C 464 -19.54 54.51 13.78
CA ILE C 464 -18.07 54.68 13.68
C ILE C 464 -17.86 56.16 14.02
N THR C 465 -17.31 56.35 15.21
CA THR C 465 -17.09 57.69 15.79
C THR C 465 -15.69 58.15 15.42
N MET C 466 -15.62 59.33 14.81
CA MET C 466 -14.18 59.58 14.46
C MET C 466 -13.70 60.90 13.97
N SER C 467 -12.58 61.43 14.48
CA SER C 467 -12.07 62.76 14.19
C SER C 467 -11.14 63.09 13.10
N ASN C 468 -11.41 64.07 12.26
CA ASN C 468 -10.51 64.46 11.15
C ASN C 468 -9.57 65.51 11.66
N ASN C 469 -8.42 65.20 12.20
CA ASN C 469 -7.59 66.32 12.75
C ASN C 469 -7.13 67.22 11.65
N ASN C 470 -7.19 66.74 10.43
CA ASN C 470 -6.75 67.58 9.30
C ASN C 470 -7.57 68.87 9.39
N ASP C 471 -6.96 69.79 8.67
CA ASP C 471 -7.57 71.14 8.57
C ASP C 471 -8.97 71.01 7.93
N GLY C 472 -9.11 70.14 6.88
CA GLY C 472 -10.47 70.13 6.40
C GLY C 472 -10.94 69.22 5.32
N GLU C 473 -11.90 68.40 5.77
CA GLU C 473 -12.58 67.47 4.89
C GLU C 473 -11.62 66.78 3.91
N ARG C 474 -11.63 65.47 4.19
CA ARG C 474 -10.76 64.56 3.38
C ARG C 474 -11.68 63.41 3.00
N LEU C 475 -11.47 62.81 1.82
CA LEU C 475 -12.23 61.66 1.26
C LEU C 475 -11.96 60.33 1.95
N ALA C 476 -12.86 59.44 2.23
CA ALA C 476 -12.28 58.32 3.00
C ALA C 476 -12.56 56.92 2.57
N THR C 477 -11.66 55.92 2.52
CA THR C 477 -12.20 54.55 2.23
C THR C 477 -12.55 53.86 3.57
N PHE C 478 -13.83 53.59 3.80
CA PHE C 478 -14.26 52.94 5.03
C PHE C 478 -14.08 51.42 4.78
N ARG C 479 -13.06 50.71 5.21
CA ARG C 479 -12.94 49.25 4.96
C ARG C 479 -13.33 48.39 6.12
N ILE C 480 -14.26 47.48 5.99
CA ILE C 480 -14.60 46.73 7.21
C ILE C 480 -14.53 45.19 7.09
N PHE C 481 -13.50 44.57 7.68
CA PHE C 481 -13.33 43.11 7.79
C PHE C 481 -13.86 42.41 9.01
N LEU C 482 -14.30 41.19 9.23
CA LEU C 482 -14.76 40.64 10.55
C LEU C 482 -13.83 39.44 10.59
N CYS C 483 -12.69 39.40 11.25
CA CYS C 483 -11.71 38.28 11.33
C CYS C 483 -12.04 37.39 12.45
N PRO C 484 -11.64 36.21 12.78
CA PRO C 484 -11.99 35.41 13.94
C PRO C 484 -10.99 35.70 15.03
N ILE C 485 -11.22 34.98 16.15
CA ILE C 485 -10.28 35.19 17.30
C ILE C 485 -9.65 33.92 17.81
N GLU C 486 -10.38 32.93 18.09
CA GLU C 486 -9.69 31.73 18.60
C GLU C 486 -9.81 30.61 17.60
N ASP C 487 -9.26 29.43 17.59
CA ASP C 487 -9.14 28.27 16.89
C ASP C 487 -10.11 27.17 16.62
N ASN C 488 -10.88 26.87 17.62
CA ASN C 488 -11.77 25.67 17.45
C ASN C 488 -10.79 24.62 18.14
N ASN C 489 -9.59 25.10 18.46
CA ASN C 489 -8.78 24.17 19.28
C ASN C 489 -8.92 25.12 20.48
N GLY C 490 -9.34 26.37 20.18
CA GLY C 490 -9.48 27.23 21.39
C GLY C 490 -8.37 28.25 21.49
N ILE C 491 -7.36 27.83 20.78
CA ILE C 491 -6.12 28.52 20.58
C ILE C 491 -6.08 29.96 20.28
N THR C 492 -6.84 30.77 19.68
CA THR C 492 -6.41 32.22 19.69
C THR C 492 -5.12 32.56 18.94
N LEU C 493 -5.29 32.75 17.68
CA LEU C 493 -4.51 33.08 16.54
C LEU C 493 -4.23 34.60 16.60
N THR C 494 -3.40 34.91 15.69
CA THR C 494 -2.77 36.10 15.43
C THR C 494 -2.93 37.07 14.39
N LEU C 495 -3.97 37.44 13.70
CA LEU C 495 -3.84 38.61 12.74
C LEU C 495 -2.68 38.23 11.84
N ASP C 496 -2.38 37.02 11.56
CA ASP C 496 -1.29 36.70 10.64
C ASP C 496 -1.92 35.30 10.51
N GLU C 497 -2.13 34.84 11.77
CA GLU C 497 -2.78 33.51 11.69
C GLU C 497 -4.19 33.95 11.31
N ALA C 498 -4.69 35.10 11.77
CA ALA C 498 -6.05 35.33 11.23
C ALA C 498 -6.38 36.38 10.18
N ARG C 499 -5.31 37.05 9.72
CA ARG C 499 -5.57 38.13 8.75
C ARG C 499 -6.25 37.55 7.49
N TRP C 500 -5.76 36.26 7.23
CA TRP C 500 -6.26 35.65 5.95
C TRP C 500 -7.66 35.11 5.99
N PHE C 501 -8.08 34.83 7.17
CA PHE C 501 -9.39 34.22 7.36
C PHE C 501 -10.57 35.14 7.41
N CYS C 502 -10.28 36.39 7.38
CA CYS C 502 -11.34 37.39 7.54
C CYS C 502 -12.04 37.69 6.19
N ILE C 503 -13.34 37.93 6.35
CA ILE C 503 -14.23 38.21 5.22
C ILE C 503 -14.67 39.63 5.32
N GLU C 504 -14.77 40.26 4.25
CA GLU C 504 -15.19 41.61 4.06
C GLU C 504 -16.74 41.62 4.11
N LEU C 505 -17.11 42.58 4.93
CA LEU C 505 -18.43 43.00 5.32
C LEU C 505 -18.86 44.30 4.67
N ASP C 506 -17.95 45.17 4.32
CA ASP C 506 -18.38 46.46 3.70
C ASP C 506 -17.12 47.23 3.28
N LYS C 507 -17.32 48.06 2.30
CA LYS C 507 -16.31 48.91 1.73
C LYS C 507 -17.08 50.10 1.08
N PHE C 508 -16.85 51.34 1.64
CA PHE C 508 -17.63 52.47 1.02
C PHE C 508 -16.88 53.83 1.04
N PHE C 509 -17.23 54.68 0.03
CA PHE C 509 -16.48 55.95 0.19
C PHE C 509 -17.24 57.14 0.74
N GLN C 510 -16.93 57.84 1.78
CA GLN C 510 -17.57 58.98 2.40
C GLN C 510 -16.71 60.17 2.71
N LYS C 511 -17.30 61.40 2.63
CA LYS C 511 -16.34 62.45 3.08
C LYS C 511 -16.56 62.72 4.60
N VAL C 512 -15.34 63.02 5.03
CA VAL C 512 -15.14 63.32 6.45
C VAL C 512 -14.95 64.81 6.59
N PRO C 513 -15.77 65.25 7.52
CA PRO C 513 -15.85 66.67 7.94
C PRO C 513 -14.49 67.10 8.52
N SER C 514 -14.45 68.35 9.02
CA SER C 514 -13.13 68.68 9.55
C SER C 514 -13.07 68.41 11.02
N GLY C 515 -13.98 67.66 11.54
CA GLY C 515 -13.88 67.50 13.02
C GLY C 515 -14.85 66.37 13.31
N PRO C 516 -14.60 65.91 14.51
CA PRO C 516 -15.30 64.79 15.11
C PRO C 516 -16.64 64.47 14.48
N GLU C 517 -16.70 63.52 13.56
CA GLU C 517 -18.06 63.20 13.00
C GLU C 517 -18.41 61.92 13.78
N THR C 518 -19.46 61.25 13.41
CA THR C 518 -19.82 59.99 14.03
C THR C 518 -20.61 59.34 12.89
N ILE C 519 -19.96 58.59 12.00
CA ILE C 519 -20.67 57.94 10.89
C ILE C 519 -21.30 56.64 11.36
N GLU C 520 -22.51 56.58 10.88
CA GLU C 520 -23.37 55.41 11.23
C GLU C 520 -23.73 54.83 9.88
N ARG C 521 -23.79 53.52 9.78
CA ARG C 521 -24.15 52.92 8.44
C ARG C 521 -24.64 51.49 8.64
N SER C 522 -25.60 51.13 7.75
CA SER C 522 -26.38 49.91 7.73
C SER C 522 -26.25 48.52 7.13
N SER C 523 -26.60 47.49 7.92
CA SER C 523 -26.52 46.12 7.48
C SER C 523 -26.90 46.14 6.03
N LYS C 524 -27.93 46.97 5.82
CA LYS C 524 -28.62 47.19 4.55
C LYS C 524 -27.83 47.94 3.58
N ASP C 525 -27.14 48.99 3.81
CA ASP C 525 -26.38 49.52 2.67
C ASP C 525 -25.10 48.74 2.43
N SER C 526 -24.71 47.56 2.95
CA SER C 526 -23.41 46.96 2.61
C SER C 526 -23.03 46.93 1.12
N SER C 527 -21.71 47.04 0.81
CA SER C 527 -21.45 47.02 -0.66
C SER C 527 -21.26 45.62 -1.20
N VAL C 528 -21.14 44.68 -0.30
CA VAL C 528 -20.90 43.30 -0.86
C VAL C 528 -22.20 42.55 -0.81
N THR C 529 -23.29 43.30 -0.68
CA THR C 529 -24.49 42.46 -0.60
C THR C 529 -25.59 42.62 -1.59
N VAL C 530 -26.43 41.62 -1.73
CA VAL C 530 -27.51 41.83 -2.71
C VAL C 530 -28.77 41.31 -2.13
N PRO C 531 -29.87 42.01 -2.42
CA PRO C 531 -31.16 41.55 -1.86
C PRO C 531 -31.60 40.28 -2.54
N ASP C 532 -32.59 39.58 -1.99
CA ASP C 532 -33.12 38.35 -2.72
C ASP C 532 -33.77 38.92 -3.98
N MET C 533 -33.93 38.14 -5.02
CA MET C 533 -34.51 38.85 -6.17
C MET C 533 -36.00 38.50 -6.33
N PRO C 534 -36.64 39.44 -6.95
CA PRO C 534 -38.01 39.44 -7.38
C PRO C 534 -38.37 38.05 -7.94
N SER C 535 -39.59 37.64 -7.82
CA SER C 535 -40.00 36.35 -8.36
C SER C 535 -40.09 36.46 -9.89
N PHE C 536 -40.07 35.26 -10.45
CA PHE C 536 -40.17 35.14 -11.90
C PHE C 536 -41.49 35.82 -12.34
N GLN C 537 -42.47 35.23 -11.68
CA GLN C 537 -43.85 35.57 -11.91
C GLN C 537 -43.96 37.07 -11.73
N SER C 538 -43.67 37.39 -10.47
CA SER C 538 -43.70 38.82 -10.11
C SER C 538 -43.00 39.62 -11.22
N LEU C 539 -41.92 39.22 -11.85
CA LEU C 539 -41.47 40.20 -12.85
C LEU C 539 -42.32 40.01 -14.09
N LYS C 540 -43.18 39.02 -14.09
CA LYS C 540 -44.03 38.88 -15.32
C LYS C 540 -45.14 39.92 -15.03
N GLU C 541 -45.85 39.72 -13.92
CA GLU C 541 -46.91 40.63 -13.53
C GLU C 541 -46.59 42.08 -13.85
N GLN C 542 -45.46 42.46 -13.42
CA GLN C 542 -44.94 43.78 -13.57
C GLN C 542 -44.57 44.25 -14.92
N ALA C 543 -44.07 43.34 -15.68
CA ALA C 543 -43.62 43.63 -17.06
C ALA C 543 -44.87 43.97 -17.88
N ASP C 544 -45.71 42.97 -17.71
CA ASP C 544 -47.02 43.03 -18.33
C ASP C 544 -47.70 44.36 -17.93
N ASN C 545 -47.83 44.57 -16.62
CA ASN C 545 -48.56 45.83 -16.32
C ASN C 545 -47.88 47.08 -16.89
N ALA C 546 -46.79 47.17 -17.54
CA ALA C 546 -46.42 48.55 -17.87
C ALA C 546 -46.43 48.53 -19.39
N VAL C 547 -46.98 47.40 -19.82
CA VAL C 547 -47.03 47.30 -21.30
C VAL C 547 -48.39 47.88 -21.71
N ASN C 548 -49.32 47.40 -20.88
CA ASN C 548 -50.76 47.84 -21.09
C ASN C 548 -50.79 48.91 -19.96
N GLY C 549 -50.24 50.09 -20.34
CA GLY C 549 -50.23 51.07 -19.24
C GLY C 549 -49.27 52.20 -19.55
N GLY C 550 -48.49 52.04 -20.64
CA GLY C 550 -47.63 53.26 -20.79
C GLY C 550 -46.20 52.95 -20.40
N HIS C 551 -45.59 53.34 -19.27
CA HIS C 551 -44.15 52.97 -19.25
C HIS C 551 -43.20 53.12 -18.10
N ASP C 552 -42.36 52.03 -17.98
CA ASP C 552 -41.41 52.22 -16.86
C ASP C 552 -40.42 51.15 -16.49
N LEU C 553 -40.87 50.50 -15.42
CA LEU C 553 -40.20 49.40 -14.75
C LEU C 553 -38.92 49.93 -14.15
N ASP C 554 -39.14 50.72 -13.07
CA ASP C 554 -37.81 51.16 -12.54
C ASP C 554 -37.74 50.65 -11.09
N LEU C 555 -37.16 49.47 -11.16
CA LEU C 555 -36.70 48.34 -10.41
C LEU C 555 -35.18 48.21 -10.62
N SER C 556 -34.66 49.37 -11.10
CA SER C 556 -33.18 49.24 -11.27
C SER C 556 -33.05 49.02 -9.72
N ALA C 557 -32.42 47.86 -9.53
CA ALA C 557 -32.26 47.43 -8.11
C ALA C 557 -31.50 46.13 -8.38
N TYR C 558 -31.92 45.76 -9.59
CA TYR C 558 -31.34 44.49 -9.99
C TYR C 558 -30.66 44.35 -11.31
N GLU C 559 -30.07 45.34 -11.97
CA GLU C 559 -29.45 44.89 -13.29
C GLU C 559 -27.96 44.55 -13.29
N ARG C 560 -27.51 43.78 -12.25
CA ARG C 560 -26.10 43.33 -12.21
C ARG C 560 -25.77 42.25 -11.14
N SER C 561 -26.07 42.86 -10.00
CA SER C 561 -25.94 42.24 -8.66
C SER C 561 -25.01 41.06 -8.56
N CYS C 562 -23.79 41.45 -8.32
CA CYS C 562 -22.55 40.80 -8.12
C CYS C 562 -22.39 40.06 -6.77
N GLY C 563 -22.88 40.83 -5.74
CA GLY C 563 -22.75 40.36 -4.36
C GLY C 563 -23.36 39.05 -3.86
N ILE C 564 -23.19 38.86 -2.55
CA ILE C 564 -23.78 37.72 -1.95
C ILE C 564 -25.09 38.18 -1.33
N PRO C 565 -25.84 37.24 -0.95
CA PRO C 565 -27.07 37.40 -0.28
C PRO C 565 -26.97 38.18 1.00
N ASP C 566 -27.92 39.13 1.16
CA ASP C 566 -27.89 39.88 2.41
C ASP C 566 -28.00 38.89 3.60
N ARG C 567 -28.75 37.84 3.24
CA ARG C 567 -28.91 36.95 4.40
C ARG C 567 -27.55 36.43 4.91
N MET C 568 -26.62 36.35 3.97
CA MET C 568 -25.34 35.72 4.29
C MET C 568 -24.42 36.81 4.79
N LEU C 569 -24.84 38.10 4.83
CA LEU C 569 -23.91 39.09 5.43
C LEU C 569 -23.06 38.54 6.58
N LEU C 570 -23.47 38.39 7.78
CA LEU C 570 -22.66 37.76 8.87
C LEU C 570 -22.71 36.24 8.87
N PRO C 571 -21.75 35.65 9.53
CA PRO C 571 -21.64 34.16 9.65
C PRO C 571 -22.68 33.63 10.55
N LYS C 572 -22.94 32.38 10.64
CA LYS C 572 -24.00 31.76 11.45
C LYS C 572 -23.83 31.84 12.93
N SER C 573 -22.76 31.42 13.48
CA SER C 573 -22.11 31.27 14.68
C SER C 573 -22.76 30.32 15.65
N LYS C 574 -22.52 30.55 16.98
CA LYS C 574 -23.17 29.57 17.95
C LYS C 574 -24.35 30.25 18.64
N PRO C 575 -25.20 29.45 19.27
CA PRO C 575 -26.35 29.91 20.00
C PRO C 575 -25.77 30.45 21.31
N GLU C 576 -24.59 30.11 21.75
CA GLU C 576 -23.96 30.65 23.01
C GLU C 576 -23.39 31.98 22.68
N GLY C 577 -22.92 32.08 21.46
CA GLY C 577 -22.39 33.32 20.84
C GLY C 577 -20.89 33.28 20.69
N MET C 578 -20.39 34.06 19.72
CA MET C 578 -18.87 33.92 19.66
C MET C 578 -18.58 35.43 19.52
N GLU C 579 -17.37 35.67 19.85
CA GLU C 579 -16.94 37.07 19.71
C GLU C 579 -15.92 36.90 18.56
N PHE C 580 -16.22 37.69 17.57
CA PHE C 580 -15.42 37.91 16.35
C PHE C 580 -14.74 39.27 16.72
N ASN C 581 -13.83 39.70 15.97
CA ASN C 581 -13.00 40.89 16.02
C ASN C 581 -13.38 41.86 14.96
N LEU C 582 -13.83 43.05 15.07
CA LEU C 582 -14.22 43.80 13.83
C LEU C 582 -13.14 44.77 13.49
N TYR C 583 -12.68 44.91 12.29
CA TYR C 583 -11.59 45.76 11.87
C TYR C 583 -12.22 46.80 11.00
N VAL C 584 -11.94 48.02 11.39
CA VAL C 584 -12.44 49.15 10.47
C VAL C 584 -11.06 49.81 10.21
N ALA C 585 -10.70 49.87 8.98
CA ALA C 585 -9.38 50.50 8.76
C ALA C 585 -9.93 51.62 7.84
N VAL C 586 -9.53 52.83 8.05
CA VAL C 586 -9.99 53.81 7.04
C VAL C 586 -8.76 54.47 6.43
N THR C 587 -8.68 54.23 5.20
CA THR C 587 -7.66 54.65 4.25
C THR C 587 -8.18 55.90 3.53
N ASP C 588 -7.34 56.56 2.79
CA ASP C 588 -7.48 57.78 2.06
C ASP C 588 -8.04 57.85 0.66
N GLY C 589 -9.30 58.09 0.59
CA GLY C 589 -10.14 58.22 -0.54
C GLY C 589 -9.49 58.90 -1.68
N ASP C 590 -8.75 59.93 -1.41
CA ASP C 590 -8.26 60.57 -2.69
C ASP C 590 -7.24 59.80 -3.53
N LYS C 591 -6.66 58.87 -2.82
CA LYS C 591 -5.60 58.15 -3.53
C LYS C 591 -6.24 56.83 -3.89
N ASP C 592 -7.29 56.53 -3.23
CA ASP C 592 -7.87 55.24 -3.45
C ASP C 592 -8.47 55.47 -4.79
N THR C 593 -9.52 56.15 -4.80
CA THR C 593 -10.23 56.41 -6.09
C THR C 593 -9.35 57.43 -6.75
N GLU C 594 -8.07 57.23 -6.79
CA GLU C 594 -7.23 58.25 -7.40
C GLU C 594 -7.38 58.18 -8.89
N GLY C 595 -8.59 57.87 -9.29
CA GLY C 595 -8.76 57.89 -10.72
C GLY C 595 -10.17 57.70 -11.18
N HIS C 596 -11.05 57.12 -10.34
CA HIS C 596 -12.37 56.94 -11.05
C HIS C 596 -13.64 56.84 -10.24
N HIS C 606 -23.07 50.62 -12.59
CA HIS C 606 -21.94 50.54 -11.64
C HIS C 606 -20.43 50.43 -11.87
N ALA C 607 -19.75 50.63 -10.72
CA ALA C 607 -18.27 50.43 -10.78
C ALA C 607 -18.08 49.32 -9.70
N GLN C 608 -19.22 48.70 -9.33
CA GLN C 608 -19.10 47.65 -8.31
C GLN C 608 -19.07 46.32 -9.10
N CYS C 609 -20.09 46.26 -9.96
CA CYS C 609 -20.13 45.08 -10.84
C CYS C 609 -19.72 45.74 -12.16
N GLY C 610 -18.48 45.75 -12.48
CA GLY C 610 -18.07 46.50 -13.73
C GLY C 610 -18.39 45.72 -14.98
N VAL C 611 -19.56 45.13 -14.88
CA VAL C 611 -20.01 44.26 -15.94
C VAL C 611 -19.75 44.71 -17.32
N HIS C 612 -19.71 46.02 -17.49
CA HIS C 612 -19.55 46.50 -18.87
C HIS C 612 -18.33 47.31 -19.18
N GLY C 613 -17.20 47.02 -18.52
CA GLY C 613 -16.00 47.74 -18.91
C GLY C 613 -15.49 48.76 -17.99
N GLU C 614 -16.36 49.01 -17.07
CA GLU C 614 -16.26 50.00 -15.99
C GLU C 614 -15.07 49.80 -15.06
N ALA C 615 -14.11 50.73 -15.05
CA ALA C 615 -12.93 50.51 -14.17
C ALA C 615 -13.17 50.34 -12.70
N TYR C 616 -12.76 49.25 -12.08
CA TYR C 616 -13.05 49.05 -10.62
C TYR C 616 -12.56 50.33 -9.97
N PRO C 617 -13.22 51.09 -9.14
CA PRO C 617 -12.82 52.35 -8.54
C PRO C 617 -11.76 52.53 -7.47
N ASP C 618 -11.55 51.54 -6.62
CA ASP C 618 -10.59 51.53 -5.49
C ASP C 618 -9.34 51.02 -6.25
N ASN C 619 -8.17 51.44 -5.91
CA ASN C 619 -6.94 51.10 -6.52
C ASN C 619 -6.15 50.27 -5.55
N ARG C 620 -6.52 50.34 -4.29
CA ARG C 620 -5.66 49.52 -3.32
C ARG C 620 -5.82 48.14 -3.86
N PRO C 621 -4.95 47.25 -3.59
CA PRO C 621 -5.00 45.86 -4.10
C PRO C 621 -6.14 45.08 -3.45
N LEU C 622 -6.43 43.79 -3.46
CA LEU C 622 -7.71 43.54 -2.74
C LEU C 622 -7.54 42.86 -1.44
N GLY C 623 -8.12 43.32 -0.35
CA GLY C 623 -8.07 42.68 1.00
C GLY C 623 -7.28 43.66 1.89
N TYR C 624 -6.95 44.84 1.31
CA TYR C 624 -6.22 45.94 1.86
C TYR C 624 -6.84 46.41 3.15
N PRO C 625 -6.12 46.47 4.21
CA PRO C 625 -4.64 46.15 4.17
C PRO C 625 -4.38 44.84 4.85
N LEU C 626 -5.22 43.81 4.75
CA LEU C 626 -4.94 42.57 5.44
C LEU C 626 -4.30 41.56 4.51
N GLU C 627 -3.99 42.05 3.27
CA GLU C 627 -3.47 41.02 2.26
C GLU C 627 -1.99 40.78 2.48
N ARG C 628 -1.39 41.48 3.43
CA ARG C 628 0.08 41.19 3.52
C ARG C 628 0.60 40.60 4.83
N ARG C 629 1.73 39.88 4.77
CA ARG C 629 2.21 39.24 6.00
C ARG C 629 2.21 40.40 6.98
N ILE C 630 1.80 40.22 8.21
CA ILE C 630 1.70 41.16 9.32
C ILE C 630 2.28 40.31 10.45
N PRO C 631 3.60 40.36 10.46
CA PRO C 631 4.47 39.74 11.41
C PRO C 631 4.41 40.47 12.73
N ASP C 632 4.35 41.81 12.84
CA ASP C 632 4.33 42.23 14.31
C ASP C 632 3.07 43.08 14.27
N GLU C 633 2.15 42.67 15.13
CA GLU C 633 0.85 43.33 15.13
C GLU C 633 1.03 44.71 15.62
N ARG C 634 2.20 44.74 16.26
CA ARG C 634 2.78 45.91 16.93
C ARG C 634 2.40 47.11 16.04
N VAL C 635 2.40 46.81 14.71
CA VAL C 635 2.15 47.87 13.80
C VAL C 635 0.79 48.22 13.38
N ILE C 636 0.03 47.24 13.08
CA ILE C 636 -1.38 47.59 12.53
C ILE C 636 -1.91 48.46 13.65
N ASP C 637 -1.55 47.96 14.83
CA ASP C 637 -1.93 48.71 16.03
C ASP C 637 -1.50 50.18 16.20
N GLY C 638 -0.69 50.84 15.45
CA GLY C 638 -0.30 52.17 15.84
C GLY C 638 -0.39 53.16 14.76
N VAL C 639 -1.29 52.89 13.87
CA VAL C 639 -1.67 53.80 12.73
C VAL C 639 -3.06 54.21 13.26
N SER C 640 -3.33 55.48 13.21
CA SER C 640 -4.57 56.07 13.80
C SER C 640 -5.85 55.60 13.08
N ASN C 641 -5.62 55.44 11.77
CA ASN C 641 -6.80 55.04 10.99
C ASN C 641 -7.16 53.57 10.81
N ILE C 642 -6.76 52.82 11.80
CA ILE C 642 -7.12 51.38 11.74
C ILE C 642 -7.55 51.28 13.20
N LYS C 643 -8.56 50.58 13.62
CA LYS C 643 -9.04 50.37 14.99
C LYS C 643 -9.73 48.98 15.08
N HIS C 644 -9.60 48.25 16.18
CA HIS C 644 -10.38 46.94 15.97
C HIS C 644 -11.32 46.74 17.14
N VAL C 645 -12.51 46.25 17.11
CA VAL C 645 -13.24 46.26 18.40
C VAL C 645 -13.84 44.98 18.73
N VAL C 646 -14.05 44.25 19.77
CA VAL C 646 -14.69 42.92 19.45
C VAL C 646 -16.19 42.94 19.31
N VAL C 647 -16.86 42.21 18.47
CA VAL C 647 -18.33 42.13 18.41
C VAL C 647 -18.69 40.74 18.87
N LYS C 648 -19.97 40.42 18.94
CA LYS C 648 -20.40 39.07 19.42
C LYS C 648 -21.69 38.77 18.65
N ILE C 649 -21.81 37.56 18.11
CA ILE C 649 -22.93 37.15 17.28
C ILE C 649 -23.53 35.94 17.97
N VAL C 650 -24.85 36.19 17.86
CA VAL C 650 -25.70 35.14 18.40
C VAL C 650 -26.78 34.46 17.56
N HIS C 651 -26.87 33.12 17.91
CA HIS C 651 -27.75 32.40 16.98
C HIS C 651 -29.08 31.97 17.46
N HIS C 652 -30.12 32.59 16.92
CA HIS C 652 -31.38 32.11 17.45
C HIS C 652 -31.88 30.79 16.96
N LEU C 653 -32.09 29.97 18.00
CA LEU C 653 -32.66 28.68 17.50
C LEU C 653 -34.05 28.68 16.93
N ASP D 1 5.79 -3.75 66.68
CA ASP D 1 4.94 -4.56 67.61
C ASP D 1 5.07 -4.14 69.10
N ALA D 2 4.17 -4.79 69.83
CA ALA D 2 3.87 -4.85 71.27
C ALA D 2 4.06 -6.35 71.64
N LEU D 3 4.92 -6.94 70.79
CA LEU D 3 5.25 -8.36 70.63
C LEU D 3 3.80 -8.93 70.27
N GLY D 4 3.39 -8.15 69.23
CA GLY D 4 2.14 -8.25 68.60
C GLY D 4 1.71 -7.01 67.83
N THR D 5 0.44 -6.98 68.09
CA THR D 5 -0.55 -6.05 67.56
C THR D 5 -0.30 -4.64 68.07
N GLY D 6 -1.34 -3.89 68.01
CA GLY D 6 -1.81 -2.53 68.27
C GLY D 6 -2.60 -2.39 66.92
N ASN D 7 -2.18 -1.48 66.14
CA ASN D 7 -2.61 -1.13 64.81
C ASN D 7 -1.91 0.24 64.75
N ALA D 8 -2.13 1.02 65.77
CA ALA D 8 -1.29 2.25 65.59
C ALA D 8 0.12 1.72 65.63
N GLN D 9 0.52 0.52 65.49
CA GLN D 9 1.78 -0.17 65.55
C GLN D 9 1.95 -0.79 64.18
N LYS D 10 0.96 -1.71 64.05
CA LYS D 10 1.01 -2.41 62.73
C LYS D 10 1.25 -1.23 61.75
N GLN D 11 0.36 -0.22 61.82
CA GLN D 11 0.32 0.94 61.01
C GLN D 11 1.69 1.62 61.05
N GLN D 12 2.11 1.85 62.29
CA GLN D 12 3.44 2.57 62.28
C GLN D 12 4.47 1.83 61.44
N ASP D 13 4.62 0.57 61.80
CA ASP D 13 5.56 -0.33 61.13
C ASP D 13 5.51 -0.10 59.65
N ILE D 14 4.34 -0.17 59.03
CA ILE D 14 4.09 0.01 57.57
C ILE D 14 4.66 1.38 57.17
N ASN D 15 4.20 2.47 57.81
CA ASN D 15 4.74 3.75 57.35
C ASN D 15 6.26 3.78 57.37
N HIS D 16 6.84 3.09 58.31
CA HIS D 16 8.35 3.13 58.33
C HIS D 16 9.02 2.47 57.16
N LEU D 17 8.39 1.37 56.88
CA LEU D 17 8.71 0.42 55.82
C LEU D 17 8.57 1.14 54.49
N LEU D 18 7.46 1.81 54.14
CA LEU D 18 7.45 2.43 52.83
C LEU D 18 7.91 3.86 53.08
N ASP D 19 8.78 4.33 53.97
CA ASP D 19 9.25 5.71 54.06
C ASP D 19 10.34 5.82 52.99
N LYS D 20 11.14 6.83 52.76
CA LYS D 20 12.21 6.92 51.71
C LYS D 20 12.47 5.53 51.20
N ILE D 21 11.88 5.18 50.07
CA ILE D 21 11.97 3.77 49.61
C ILE D 21 13.04 3.49 48.63
N TYR D 22 13.65 4.50 48.11
CA TYR D 22 14.73 4.29 47.16
C TYR D 22 16.01 4.32 47.96
N GLU D 23 15.96 4.14 49.28
CA GLU D 23 17.22 4.16 50.06
C GLU D 23 17.11 3.37 51.34
N PRO D 24 18.10 2.63 51.69
CA PRO D 24 18.22 1.80 52.90
C PRO D 24 17.53 2.41 54.10
N THR D 25 16.81 1.69 54.97
CA THR D 25 16.18 2.48 55.99
C THR D 25 16.97 3.09 57.09
N LYS D 26 16.28 4.19 57.37
CA LYS D 26 16.83 5.09 58.44
C LYS D 26 16.20 4.76 59.78
N TYR D 27 15.28 3.87 59.96
CA TYR D 27 14.69 3.58 61.27
C TYR D 27 15.42 2.35 61.79
N PRO D 28 16.31 2.57 62.72
CA PRO D 28 17.17 1.64 63.39
C PRO D 28 16.65 0.27 63.73
N ASP D 29 15.44 0.20 64.20
CA ASP D 29 14.89 -1.14 64.55
C ASP D 29 14.82 -1.92 63.23
N LEU D 30 14.26 -1.27 62.23
CA LEU D 30 14.16 -1.83 60.87
C LEU D 30 15.57 -2.23 60.58
N LYS D 31 16.62 -1.50 60.87
CA LYS D 31 17.87 -2.13 60.54
C LYS D 31 18.39 -3.22 61.45
N ASP D 32 18.36 -3.24 62.73
CA ASP D 32 19.06 -4.44 63.31
C ASP D 32 18.19 -5.60 62.89
N ILE D 33 16.95 -5.30 62.55
CA ILE D 33 16.20 -6.53 62.14
C ILE D 33 16.79 -7.10 60.89
N ALA D 34 16.91 -6.07 60.10
CA ALA D 34 17.41 -6.15 58.75
C ALA D 34 18.68 -6.97 58.68
N GLU D 35 19.41 -6.87 59.77
CA GLU D 35 20.71 -7.51 59.81
C GLU D 35 20.72 -8.82 60.53
N ASN D 36 20.16 -8.62 61.70
CA ASN D 36 20.12 -9.76 62.65
C ASN D 36 19.22 -10.94 62.36
N PHE D 37 18.05 -10.66 61.75
CA PHE D 37 17.03 -11.71 61.46
C PHE D 37 17.47 -12.73 60.45
N ASN D 38 16.84 -13.89 60.60
CA ASN D 38 17.09 -15.10 59.76
C ASN D 38 15.72 -15.79 59.60
N PRO D 39 15.22 -15.58 58.37
CA PRO D 39 13.87 -16.03 58.10
C PRO D 39 13.75 -17.49 58.19
N LEU D 40 14.89 -18.05 58.44
CA LEU D 40 15.00 -19.50 58.53
C LEU D 40 15.37 -20.18 59.83
N GLY D 41 15.08 -19.50 60.95
CA GLY D 41 15.43 -20.18 62.19
C GLY D 41 14.31 -20.48 63.14
N ASP D 42 13.07 -20.62 62.78
CA ASP D 42 12.01 -20.91 63.81
C ASP D 42 10.85 -20.90 62.83
N THR D 43 10.94 -21.91 62.04
CA THR D 43 9.96 -22.21 60.95
C THR D 43 8.85 -22.55 61.91
N SER D 44 8.03 -21.61 62.20
CA SER D 44 7.02 -22.05 63.23
C SER D 44 6.11 -20.85 63.24
N ILE D 45 6.83 -19.77 62.90
CA ILE D 45 6.10 -18.48 62.81
C ILE D 45 5.18 -18.53 61.56
N TYR D 46 5.76 -19.38 60.68
CA TYR D 46 5.31 -19.76 59.38
C TYR D 46 4.24 -20.83 59.37
N ASN D 47 3.09 -20.70 58.78
CA ASN D 47 2.17 -21.81 58.76
C ASN D 47 2.70 -22.73 57.65
N ASP D 48 3.83 -22.47 57.03
CA ASP D 48 4.16 -23.43 55.97
C ASP D 48 5.32 -24.24 56.55
N HIS D 49 5.77 -23.90 57.70
CA HIS D 49 6.99 -24.70 58.09
C HIS D 49 8.06 -24.12 57.14
N GLY D 50 7.64 -22.90 56.74
CA GLY D 50 8.47 -22.10 55.93
C GLY D 50 9.17 -22.39 54.63
N ALA D 51 8.30 -23.04 53.84
CA ALA D 51 8.65 -23.44 52.47
C ALA D 51 8.66 -22.17 51.67
N ALA D 52 7.81 -21.24 52.08
CA ALA D 52 7.84 -19.99 51.32
C ALA D 52 9.15 -19.36 51.74
N VAL D 53 9.36 -19.13 52.96
CA VAL D 53 10.65 -18.46 53.22
C VAL D 53 11.81 -19.18 52.61
N GLU D 54 11.68 -20.48 52.87
CA GLU D 54 12.80 -21.25 52.31
C GLU D 54 12.87 -21.04 50.84
N THR D 55 11.95 -20.44 50.13
CA THR D 55 12.20 -20.39 48.63
C THR D 55 12.78 -19.08 48.06
N LEU D 56 12.50 -18.19 48.98
CA LEU D 56 12.96 -16.89 48.62
C LEU D 56 14.39 -17.04 49.05
N MET D 57 14.73 -17.53 50.20
CA MET D 57 16.17 -17.45 50.50
C MET D 57 16.91 -18.11 49.39
N LYS D 58 16.31 -19.27 49.05
CA LYS D 58 17.09 -19.96 47.99
C LYS D 58 17.53 -19.08 46.83
N GLU D 59 16.64 -18.22 46.40
CA GLU D 59 16.88 -17.36 45.29
C GLU D 59 17.68 -16.21 45.76
N LEU D 60 17.41 -15.67 46.91
CA LEU D 60 18.22 -14.51 47.30
C LEU D 60 19.68 -14.92 47.44
N ASN D 61 19.88 -16.18 47.68
CA ASN D 61 21.12 -16.92 47.90
C ASN D 61 21.88 -17.09 46.65
N ASP D 62 21.34 -17.75 45.66
CA ASP D 62 22.01 -17.98 44.37
C ASP D 62 22.05 -16.57 43.75
N HIS D 63 21.47 -15.67 44.50
CA HIS D 63 21.33 -14.29 44.01
C HIS D 63 21.08 -14.33 42.48
N ARG D 64 19.80 -14.62 42.31
CA ARG D 64 19.07 -14.78 41.08
C ARG D 64 17.76 -14.00 41.18
N LEU D 65 17.57 -13.13 42.13
CA LEU D 65 16.37 -12.28 42.28
C LEU D 65 16.58 -10.94 41.54
N LEU D 66 15.77 -10.04 40.99
CA LEU D 66 16.14 -8.78 40.34
C LEU D 66 16.91 -7.79 41.21
N GLU D 67 17.80 -7.02 40.64
CA GLU D 67 18.52 -6.09 41.48
C GLU D 67 17.78 -4.91 42.02
N GLN D 68 18.44 -4.29 42.99
CA GLN D 68 17.76 -3.11 43.60
C GLN D 68 18.03 -1.96 42.64
N ARG D 69 17.32 -0.88 42.88
CA ARG D 69 17.44 0.38 42.11
C ARG D 69 17.38 0.03 40.66
N HIS D 70 16.31 -0.52 40.15
CA HIS D 70 16.29 -0.96 38.66
C HIS D 70 14.80 -0.93 38.36
N TRP D 71 14.27 -1.01 37.15
CA TRP D 71 12.78 -0.88 37.20
C TRP D 71 11.99 -2.13 37.36
N TYR D 72 10.65 -1.90 37.38
CA TYR D 72 9.93 -3.22 37.47
C TYR D 72 8.52 -3.16 36.92
N SER D 73 8.20 -4.12 36.03
CA SER D 73 6.75 -3.98 35.63
C SER D 73 6.16 -5.29 36.19
N LEU D 74 4.94 -5.49 36.47
CA LEU D 74 4.20 -6.55 37.04
C LEU D 74 3.79 -7.41 35.86
N PHE D 75 4.17 -6.84 34.73
CA PHE D 75 3.92 -7.66 33.48
C PHE D 75 5.19 -8.51 33.28
N ASN D 76 6.33 -8.31 33.96
CA ASN D 76 7.47 -9.28 33.72
C ASN D 76 7.35 -10.74 34.26
N THR D 77 7.17 -11.77 33.44
CA THR D 77 6.96 -13.00 34.22
C THR D 77 8.05 -13.24 35.21
N ARG D 78 9.24 -12.69 35.22
CA ARG D 78 10.03 -13.18 36.37
C ARG D 78 9.82 -12.20 37.49
N GLN D 79 9.89 -10.92 37.13
CA GLN D 79 9.78 -9.92 38.22
C GLN D 79 8.54 -10.24 39.04
N ARG D 80 7.51 -10.73 38.33
CA ARG D 80 6.26 -10.96 39.03
C ARG D 80 6.53 -12.11 39.97
N LYS D 81 7.06 -13.13 39.29
CA LYS D 81 7.30 -14.31 40.21
C LYS D 81 8.10 -13.89 41.46
N GLU D 82 9.16 -13.07 41.32
CA GLU D 82 9.92 -12.70 42.48
C GLU D 82 9.05 -11.86 43.39
N ALA D 83 8.32 -10.90 42.88
CA ALA D 83 7.52 -10.04 43.78
C ALA D 83 6.56 -10.95 44.50
N LEU D 84 6.04 -11.90 43.80
CA LEU D 84 4.96 -12.66 44.49
C LEU D 84 5.64 -13.57 45.39
N MET D 85 6.98 -13.69 45.49
CA MET D 85 7.46 -14.78 46.47
C MET D 85 7.35 -14.01 47.82
N LEU D 86 7.62 -12.67 47.74
CA LEU D 86 7.59 -11.97 49.01
C LEU D 86 6.21 -12.08 49.61
N PHE D 87 5.20 -12.01 48.75
CA PHE D 87 3.80 -12.11 49.19
C PHE D 87 3.65 -13.42 49.88
N ALA D 88 4.09 -14.52 49.31
CA ALA D 88 3.89 -15.78 50.08
C ALA D 88 4.62 -15.88 51.41
N VAL D 89 5.53 -15.04 51.83
CA VAL D 89 6.20 -15.28 53.13
C VAL D 89 5.23 -14.48 53.97
N LEU D 90 5.42 -13.17 53.81
CA LEU D 90 4.51 -12.22 54.52
C LEU D 90 3.16 -12.88 54.66
N ASN D 91 2.74 -13.68 53.69
CA ASN D 91 1.43 -14.36 53.77
C ASN D 91 1.24 -15.41 54.90
N GLN D 92 2.31 -16.24 55.00
CA GLN D 92 2.13 -17.24 56.06
C GLN D 92 2.71 -16.99 57.46
N CYS D 93 2.68 -15.76 57.85
CA CYS D 93 3.11 -15.36 59.16
C CYS D 93 1.91 -15.64 60.07
N LYS D 94 2.32 -16.02 61.31
CA LYS D 94 1.27 -16.25 62.33
C LYS D 94 1.12 -14.88 62.92
N GLU D 95 2.13 -14.06 63.09
CA GLU D 95 1.85 -12.73 63.65
C GLU D 95 2.78 -11.59 63.29
N TRP D 96 2.51 -10.32 63.72
CA TRP D 96 3.42 -9.22 63.38
C TRP D 96 4.90 -9.55 63.50
N TYR D 97 5.29 -10.19 64.64
CA TYR D 97 6.72 -10.60 64.74
C TYR D 97 7.26 -11.16 63.42
N CYS D 98 6.55 -11.92 62.62
CA CYS D 98 7.02 -12.52 61.36
C CYS D 98 6.88 -11.55 60.19
N PHE D 99 5.90 -10.66 60.26
CA PHE D 99 5.78 -9.76 59.11
C PHE D 99 6.90 -8.72 59.18
N ARG D 100 6.90 -7.91 60.24
CA ARG D 100 7.86 -6.81 60.29
C ARG D 100 9.22 -7.41 59.99
N SER D 101 9.42 -8.54 60.68
CA SER D 101 10.77 -9.13 60.46
C SER D 101 11.16 -9.23 59.02
N ASN D 102 10.24 -10.00 58.35
CA ASN D 102 10.46 -10.21 56.90
C ASN D 102 10.36 -8.88 56.15
N ALA D 103 9.30 -8.13 56.25
CA ALA D 103 9.39 -6.91 55.35
C ALA D 103 10.36 -6.07 56.02
N ALA D 104 11.62 -6.23 56.07
CA ALA D 104 12.61 -5.39 56.85
C ALA D 104 13.79 -6.14 56.23
N TYR D 105 13.74 -7.43 56.65
CA TYR D 105 14.85 -8.29 56.14
C TYR D 105 15.06 -8.21 54.63
N PHE D 106 13.86 -8.40 54.03
CA PHE D 106 13.68 -8.35 52.55
C PHE D 106 13.75 -6.88 52.00
N ARG D 107 12.90 -6.03 52.60
CA ARG D 107 12.89 -4.63 52.15
C ARG D 107 14.24 -4.11 51.73
N GLU D 108 15.20 -4.51 52.50
CA GLU D 108 16.64 -4.21 52.48
C GLU D 108 17.42 -5.01 51.48
N ARG D 109 16.96 -6.09 50.87
CA ARG D 109 17.83 -6.61 49.79
C ARG D 109 17.05 -7.09 48.57
N MET D 110 15.81 -6.90 48.44
CA MET D 110 14.94 -7.33 47.31
C MET D 110 14.71 -6.00 46.62
N ASN D 111 14.33 -6.03 45.39
CA ASN D 111 14.18 -4.69 44.73
C ASN D 111 13.09 -3.79 45.17
N GLU D 112 13.03 -2.46 45.02
CA GLU D 112 11.87 -1.72 45.45
C GLU D 112 10.48 -1.98 44.98
N GLY D 113 10.28 -2.36 43.75
CA GLY D 113 8.88 -2.50 43.14
C GLY D 113 8.35 -3.87 43.49
N GLU D 114 9.35 -4.79 43.49
CA GLU D 114 8.90 -6.14 43.89
C GLU D 114 8.42 -5.82 45.31
N PHE D 115 9.30 -5.12 46.09
CA PHE D 115 8.95 -4.78 47.46
C PHE D 115 7.71 -3.91 47.61
N VAL D 116 7.70 -2.77 46.97
CA VAL D 116 6.46 -2.02 47.16
C VAL D 116 5.25 -2.93 46.87
N TYR D 117 5.34 -3.58 45.69
CA TYR D 117 4.24 -4.45 45.19
C TYR D 117 3.99 -5.55 46.20
N ALA D 118 4.93 -6.26 46.73
CA ALA D 118 4.58 -7.31 47.69
C ALA D 118 4.01 -6.77 48.98
N LEU D 119 4.64 -5.68 49.46
CA LEU D 119 4.08 -5.22 50.78
C LEU D 119 2.58 -4.87 50.63
N TYR D 120 2.20 -4.18 49.55
CA TYR D 120 0.80 -3.86 49.42
C TYR D 120 -0.18 -5.00 49.27
N VAL D 121 0.09 -5.85 48.35
CA VAL D 121 -0.84 -6.94 48.12
C VAL D 121 -1.01 -7.75 49.38
N SER D 122 0.09 -7.89 50.11
CA SER D 122 0.16 -8.67 51.34
C SER D 122 -0.64 -8.03 52.46
N VAL D 123 -0.36 -6.75 52.46
CA VAL D 123 -1.15 -6.06 53.50
C VAL D 123 -2.61 -6.23 53.14
N ILE D 124 -3.14 -6.04 51.94
CA ILE D 124 -4.48 -6.13 51.41
C ILE D 124 -5.12 -7.50 51.60
N HIS D 125 -4.55 -8.59 51.32
CA HIS D 125 -5.03 -9.93 51.41
C HIS D 125 -4.78 -10.78 52.59
N SER D 126 -3.65 -10.68 53.21
CA SER D 126 -3.27 -11.43 54.41
C SER D 126 -4.10 -10.88 55.64
N LYS D 127 -4.36 -11.97 56.31
CA LYS D 127 -5.19 -12.15 57.56
C LYS D 127 -4.81 -11.08 58.54
N LEU D 128 -3.45 -11.00 58.64
CA LEU D 128 -2.76 -10.10 59.55
C LEU D 128 -2.79 -8.63 59.22
N GLY D 129 -3.58 -8.16 58.27
CA GLY D 129 -3.39 -6.76 58.00
C GLY D 129 -4.62 -6.02 58.17
N ASP D 130 -5.35 -6.35 59.14
CA ASP D 130 -6.63 -5.59 59.26
C ASP D 130 -6.63 -4.12 59.57
N GLY D 131 -6.08 -3.78 60.72
CA GLY D 131 -6.06 -2.37 61.12
C GLY D 131 -5.54 -1.37 60.08
N ILE D 132 -4.62 -1.74 59.17
CA ILE D 132 -4.05 -0.75 58.30
C ILE D 132 -4.68 -0.03 57.16
N VAL D 133 -4.30 1.18 56.97
CA VAL D 133 -4.54 2.01 55.80
C VAL D 133 -3.21 2.17 55.02
N LEU D 134 -3.12 1.92 53.73
CA LEU D 134 -1.81 2.09 53.06
C LEU D 134 -1.67 3.54 52.63
N PRO D 135 -0.51 4.13 52.75
CA PRO D 135 -0.25 5.50 52.22
C PRO D 135 -0.61 5.50 50.76
N PRO D 136 -0.89 6.57 50.10
CA PRO D 136 -1.25 6.58 48.68
C PRO D 136 -0.05 6.37 47.75
N LEU D 137 -0.21 5.37 46.83
CA LEU D 137 0.99 5.20 45.93
C LEU D 137 1.60 6.53 45.48
N TYR D 138 0.82 7.46 45.00
CA TYR D 138 1.30 8.70 44.46
C TYR D 138 2.30 9.37 45.37
N GLN D 139 2.18 9.15 46.68
CA GLN D 139 3.23 9.84 47.47
C GLN D 139 4.36 8.89 47.79
N ILE D 140 4.22 7.62 47.90
CA ILE D 140 5.30 6.70 48.21
C ILE D 140 6.26 6.59 47.02
N THR D 141 5.80 6.49 45.81
CA THR D 141 6.67 6.37 44.59
C THR D 141 6.15 7.29 43.51
N PRO D 142 6.37 8.58 43.62
CA PRO D 142 5.82 9.65 42.83
C PRO D 142 6.16 9.73 41.40
N HIS D 143 7.13 8.89 41.19
CA HIS D 143 7.51 8.90 39.75
C HIS D 143 6.46 8.24 38.87
N MET D 144 5.62 7.44 39.30
CA MET D 144 4.65 6.77 38.53
C MET D 144 3.38 7.65 38.39
N PHE D 145 3.43 8.68 39.14
CA PHE D 145 2.14 9.45 39.08
C PHE D 145 2.39 10.88 38.77
N THR D 146 3.45 11.52 39.05
CA THR D 146 3.72 12.89 38.64
C THR D 146 4.53 12.84 37.34
N ASN D 147 4.35 13.92 36.65
CA ASN D 147 4.94 14.36 35.39
C ASN D 147 6.48 14.25 35.27
N SER D 148 7.08 14.78 34.23
CA SER D 148 8.51 14.63 34.21
C SER D 148 9.24 15.89 34.58
N GLU D 149 8.34 16.85 34.42
CA GLU D 149 8.83 18.25 34.69
C GLU D 149 8.73 18.44 36.17
N VAL D 150 7.51 18.18 36.71
CA VAL D 150 7.54 18.42 38.17
C VAL D 150 8.59 17.62 38.84
N ILE D 151 8.90 16.44 38.24
CA ILE D 151 9.89 15.62 38.93
C ILE D 151 11.24 16.28 38.89
N ASP D 152 11.46 16.81 37.68
CA ASP D 152 12.84 17.47 37.67
C ASP D 152 12.79 18.69 38.58
N LYS D 153 11.66 19.35 38.79
CA LYS D 153 11.64 20.59 39.59
C LYS D 153 11.88 20.19 41.02
N ALA D 154 11.41 18.97 41.27
CA ALA D 154 11.59 18.59 42.69
C ALA D 154 13.04 18.24 42.91
N TYR D 155 13.72 17.74 41.89
CA TYR D 155 15.13 17.31 41.99
C TYR D 155 15.96 18.58 42.21
N SER D 156 15.47 19.65 41.61
CA SER D 156 16.28 20.83 41.85
C SER D 156 16.06 21.37 43.24
N ALA D 157 14.81 21.37 43.64
CA ALA D 157 14.44 21.87 45.00
C ALA D 157 15.55 21.19 45.82
N LYS D 158 15.46 19.89 45.87
CA LYS D 158 16.45 19.16 46.62
C LYS D 158 17.88 19.59 46.35
N MET D 159 18.40 19.65 45.14
CA MET D 159 19.85 19.98 44.96
C MET D 159 20.14 21.20 45.82
N THR D 160 19.34 22.24 45.59
CA THR D 160 19.53 23.47 46.30
C THR D 160 18.90 23.55 47.63
N GLN D 161 18.17 22.62 48.13
CA GLN D 161 17.64 22.80 49.50
C GLN D 161 16.71 23.96 49.73
N LYS D 162 15.99 24.36 48.75
CA LYS D 162 15.02 25.47 48.85
C LYS D 162 13.82 24.68 48.43
N PRO D 163 12.79 24.71 49.17
CA PRO D 163 11.54 24.06 49.04
C PRO D 163 10.49 24.70 48.15
N GLY D 164 9.39 23.91 48.17
CA GLY D 164 8.23 24.38 47.44
C GLY D 164 7.38 23.64 46.45
N THR D 165 6.11 24.04 46.37
CA THR D 165 5.27 23.25 45.47
C THR D 165 5.20 23.69 44.03
N PHE D 166 5.24 22.77 43.07
CA PHE D 166 5.16 23.08 41.66
C PHE D 166 3.79 22.48 41.22
N ASN D 167 3.33 23.26 40.24
CA ASN D 167 2.03 23.09 39.62
C ASN D 167 2.29 22.24 38.41
N VAL D 168 1.48 21.19 38.35
CA VAL D 168 1.65 20.24 37.19
C VAL D 168 0.74 20.66 36.05
N SER D 169 1.13 20.15 34.93
CA SER D 169 0.56 20.42 33.63
C SER D 169 -0.52 19.88 32.73
N PHE D 170 -0.59 18.56 32.45
CA PHE D 170 -1.56 17.97 31.48
C PHE D 170 -0.57 17.68 30.33
N THR D 171 -1.02 16.65 29.58
CA THR D 171 -0.07 16.17 28.56
C THR D 171 0.40 16.76 27.27
N GLY D 172 -0.19 16.44 26.15
CA GLY D 172 0.31 16.97 24.85
C GLY D 172 -0.11 18.47 24.89
N THR D 173 -0.06 18.94 23.67
CA THR D 173 -0.35 20.22 23.15
C THR D 173 -1.90 20.29 23.05
N LYS D 174 -2.16 20.57 24.30
CA LYS D 174 -3.61 20.84 24.73
C LYS D 174 -3.80 21.90 23.58
N LYS D 175 -5.03 21.81 23.07
CA LYS D 175 -5.47 22.63 21.96
C LYS D 175 -4.54 22.16 20.85
N ASN D 176 -4.73 21.03 20.38
CA ASN D 176 -3.99 20.37 19.36
C ASN D 176 -4.46 18.94 19.49
N ARG D 177 -4.93 18.40 20.61
CA ARG D 177 -5.43 17.00 20.56
C ARG D 177 -6.80 16.46 20.93
N GLU D 178 -6.66 15.70 22.01
CA GLU D 178 -7.73 14.95 22.66
C GLU D 178 -7.04 14.61 23.98
N GLN D 179 -6.23 15.61 24.26
CA GLN D 179 -5.49 15.73 25.59
C GLN D 179 -6.31 16.97 26.03
N ARG D 180 -7.57 16.63 26.12
CA ARG D 180 -8.74 17.44 26.30
C ARG D 180 -9.64 16.56 27.15
N VAL D 181 -9.31 15.30 27.08
CA VAL D 181 -10.14 14.44 27.97
C VAL D 181 -9.12 13.79 28.84
N ALA D 182 -7.95 14.39 29.07
CA ALA D 182 -6.76 14.08 29.85
C ALA D 182 -6.93 14.05 31.37
N TYR D 183 -7.72 15.02 31.74
CA TYR D 183 -8.02 15.25 33.19
C TYR D 183 -8.53 13.91 33.74
N PHE D 184 -9.13 13.10 32.85
CA PHE D 184 -9.67 11.87 33.32
C PHE D 184 -8.63 10.78 33.46
N GLY D 185 -7.86 10.51 32.42
CA GLY D 185 -6.88 9.48 32.54
C GLY D 185 -5.68 9.68 33.48
N GLU D 186 -5.37 10.94 33.51
CA GLU D 186 -4.24 11.36 34.25
C GLU D 186 -4.34 11.68 35.69
N ASP D 187 -5.56 11.45 36.22
CA ASP D 187 -5.91 11.76 37.66
C ASP D 187 -5.31 10.77 38.67
N ILE D 188 -4.79 11.30 39.75
CA ILE D 188 -4.12 10.37 40.69
C ILE D 188 -5.17 9.57 41.37
N GLY D 189 -6.42 9.82 41.18
CA GLY D 189 -7.39 9.05 41.89
C GLY D 189 -7.76 7.78 41.13
N MET D 190 -7.85 8.08 39.83
CA MET D 190 -8.35 6.92 38.98
C MET D 190 -7.11 6.05 38.88
N ASN D 191 -6.01 6.76 38.70
CA ASN D 191 -4.86 5.85 38.67
C ASN D 191 -4.80 5.10 39.98
N ILE D 192 -5.08 5.72 41.05
CA ILE D 192 -5.03 4.84 42.26
C ILE D 192 -6.03 3.68 42.10
N HIS D 193 -7.37 3.91 42.09
CA HIS D 193 -8.31 2.78 41.87
C HIS D 193 -7.85 1.76 40.84
N HIS D 194 -7.40 2.16 39.67
CA HIS D 194 -7.04 1.18 38.63
C HIS D 194 -6.08 0.22 39.25
N VAL D 195 -5.00 0.70 39.92
CA VAL D 195 -4.04 -0.23 40.49
C VAL D 195 -4.77 -0.96 41.63
N THR D 196 -5.42 -0.21 42.52
CA THR D 196 -5.99 -1.05 43.62
C THR D 196 -6.89 -2.23 43.17
N TRP D 197 -7.80 -1.81 42.24
CA TRP D 197 -8.79 -2.75 41.69
C TRP D 197 -8.09 -4.04 41.40
N HIS D 198 -6.99 -3.93 40.67
CA HIS D 198 -6.20 -5.19 40.37
C HIS D 198 -5.24 -5.64 41.44
N MET D 199 -5.39 -5.36 42.72
CA MET D 199 -4.41 -5.74 43.81
C MET D 199 -5.49 -6.40 44.68
N ASP D 200 -6.70 -5.82 44.57
CA ASP D 200 -7.83 -6.41 45.33
C ASP D 200 -8.13 -7.76 44.66
N PHE D 201 -8.27 -7.75 43.31
CA PHE D 201 -8.50 -9.04 42.67
C PHE D 201 -7.44 -9.16 41.56
N PRO D 202 -6.39 -9.79 42.01
CA PRO D 202 -5.31 -9.97 41.08
C PRO D 202 -5.58 -11.06 40.05
N PHE D 203 -5.03 -10.91 38.88
CA PHE D 203 -5.01 -11.87 37.80
C PHE D 203 -4.21 -13.12 38.33
N TRP D 204 -3.18 -13.09 39.14
CA TRP D 204 -2.42 -14.21 39.56
C TRP D 204 -2.95 -14.92 40.74
N TRP D 205 -4.11 -14.70 41.23
CA TRP D 205 -4.45 -15.37 42.50
C TRP D 205 -4.65 -16.81 42.52
N GLU D 206 -4.26 -17.73 43.26
CA GLU D 206 -4.63 -19.12 43.14
C GLU D 206 -5.46 -19.39 44.37
N ASP D 207 -6.36 -20.27 44.64
CA ASP D 207 -7.08 -20.27 45.91
C ASP D 207 -6.27 -20.96 47.00
N SER D 208 -5.02 -21.18 46.75
CA SER D 208 -4.10 -21.79 47.72
C SER D 208 -3.81 -20.60 48.61
N TYR D 209 -3.78 -19.44 48.04
CA TYR D 209 -3.42 -18.31 48.95
C TYR D 209 -4.40 -18.16 50.12
N GLY D 210 -5.53 -18.86 50.13
CA GLY D 210 -6.43 -18.72 51.26
C GLY D 210 -7.89 -18.65 51.25
N TYR D 211 -8.45 -18.12 50.17
CA TYR D 211 -9.95 -17.88 50.01
C TYR D 211 -10.16 -17.67 48.55
N HIS D 212 -11.34 -17.36 48.12
CA HIS D 212 -11.46 -17.33 46.60
C HIS D 212 -11.99 -15.99 46.26
N LEU D 213 -11.48 -15.21 45.36
CA LEU D 213 -12.21 -13.90 45.28
C LEU D 213 -13.44 -14.40 44.51
N ASP D 214 -14.62 -14.05 44.83
CA ASP D 214 -15.86 -14.38 44.32
C ASP D 214 -16.24 -14.27 42.86
N ARG D 215 -16.29 -13.06 42.36
CA ARG D 215 -16.77 -13.21 40.86
C ARG D 215 -15.79 -12.52 39.98
N LYS D 216 -14.47 -12.54 40.46
CA LYS D 216 -13.52 -11.73 39.61
C LYS D 216 -13.79 -12.52 38.33
N GLY D 217 -14.22 -11.72 37.39
CA GLY D 217 -14.54 -12.69 36.15
C GLY D 217 -15.62 -11.67 35.77
N GLU D 218 -16.72 -11.60 36.45
CA GLU D 218 -17.68 -10.59 36.09
C GLU D 218 -17.13 -9.24 36.53
N LEU D 219 -16.49 -9.46 37.73
CA LEU D 219 -15.84 -8.22 38.38
C LEU D 219 -14.90 -7.75 37.27
N PHE D 220 -14.04 -8.59 36.70
CA PHE D 220 -13.26 -8.00 35.56
C PHE D 220 -14.12 -7.47 34.41
N PHE D 221 -15.10 -8.14 33.88
CA PHE D 221 -16.00 -7.79 32.77
C PHE D 221 -16.29 -6.26 32.90
N TRP D 222 -17.09 -6.03 34.01
CA TRP D 222 -17.64 -4.83 34.60
C TRP D 222 -16.69 -3.68 34.99
N VAL D 223 -15.62 -3.97 35.76
CA VAL D 223 -14.85 -2.80 36.06
C VAL D 223 -14.39 -2.09 34.80
N HIS D 224 -14.04 -2.88 33.83
CA HIS D 224 -13.48 -2.13 32.65
C HIS D 224 -14.46 -1.47 31.70
N HIS D 225 -15.64 -2.11 31.84
CA HIS D 225 -16.78 -1.59 30.97
C HIS D 225 -17.09 -0.23 31.59
N GLN D 226 -16.85 -0.21 32.90
CA GLN D 226 -17.12 1.09 33.51
C GLN D 226 -16.11 2.13 33.12
N LEU D 227 -14.79 1.82 33.29
CA LEU D 227 -13.90 2.87 32.83
C LEU D 227 -14.33 3.01 31.32
N THR D 228 -14.55 2.01 30.52
CA THR D 228 -14.80 2.49 29.15
C THR D 228 -15.99 3.36 28.90
N ALA D 229 -17.00 3.21 29.74
CA ALA D 229 -18.14 4.13 29.55
C ALA D 229 -17.79 5.53 30.07
N ARG D 230 -17.30 5.42 31.35
CA ARG D 230 -16.95 6.67 32.08
C ARG D 230 -16.05 7.41 31.04
N PHE D 231 -15.10 6.78 30.40
CA PHE D 231 -14.28 7.50 29.51
C PHE D 231 -15.07 8.07 28.38
N ASP D 232 -15.89 7.18 27.76
CA ASP D 232 -16.73 7.63 26.56
C ASP D 232 -17.58 8.87 26.95
N PHE D 233 -18.18 8.88 28.17
CA PHE D 233 -18.85 10.11 28.49
C PHE D 233 -17.91 11.34 28.46
N GLU D 234 -16.73 11.26 29.16
CA GLU D 234 -15.94 12.49 29.15
C GLU D 234 -15.71 12.93 27.73
N ARG D 235 -15.50 12.00 26.81
CA ARG D 235 -15.21 12.46 25.45
C ARG D 235 -16.45 13.08 24.81
N LEU D 236 -17.61 12.76 25.38
CA LEU D 236 -18.89 13.41 24.86
C LEU D 236 -18.92 14.95 25.18
N SER D 237 -18.69 15.12 26.49
CA SER D 237 -18.58 16.45 27.01
C SER D 237 -17.43 16.99 26.23
N ASN D 238 -16.56 16.46 25.47
CA ASN D 238 -15.62 17.40 24.84
C ASN D 238 -15.75 17.49 23.36
N TRP D 239 -16.96 17.33 22.86
CA TRP D 239 -17.15 17.47 21.39
C TRP D 239 -16.32 16.32 20.77
N LEU D 240 -15.87 15.36 21.64
CA LEU D 240 -15.14 14.29 20.90
C LEU D 240 -16.10 13.16 20.64
N ASP D 241 -15.79 12.25 19.76
CA ASP D 241 -16.72 11.09 19.43
C ASP D 241 -16.41 9.81 20.12
N PRO D 242 -17.29 8.99 20.51
CA PRO D 242 -17.00 7.69 21.23
C PRO D 242 -15.71 6.98 20.89
N VAL D 243 -14.93 6.18 21.63
CA VAL D 243 -13.69 5.70 21.01
C VAL D 243 -13.65 4.54 20.09
N ASP D 244 -12.77 4.55 19.19
CA ASP D 244 -12.49 3.53 18.12
C ASP D 244 -12.20 2.22 18.84
N GLU D 245 -12.54 1.07 18.39
CA GLU D 245 -12.17 -0.18 19.15
C GLU D 245 -10.85 -0.48 18.55
N LEU D 246 -9.81 -1.03 19.04
CA LEU D 246 -8.48 -1.22 18.36
C LEU D 246 -8.37 -2.39 17.44
N HIS D 247 -7.77 -2.57 16.29
CA HIS D 247 -7.83 -3.92 15.71
C HIS D 247 -6.37 -4.43 15.46
N TRP D 248 -6.15 -5.77 15.30
CA TRP D 248 -4.73 -5.93 15.13
C TRP D 248 -4.38 -5.71 13.71
N ASP D 249 -5.31 -5.74 12.82
CA ASP D 249 -4.87 -5.54 11.44
C ASP D 249 -4.87 -4.05 11.18
N ARG D 250 -5.08 -3.09 12.03
CA ARG D 250 -4.99 -1.71 11.51
C ARG D 250 -3.97 -0.74 12.02
N ILE D 251 -3.82 0.50 11.60
CA ILE D 251 -2.71 1.25 12.20
C ILE D 251 -3.30 1.61 13.58
N ILE D 252 -2.35 2.02 14.47
CA ILE D 252 -2.78 2.44 15.83
C ILE D 252 -2.83 3.89 15.38
N ARG D 253 -3.98 4.37 15.11
CA ARG D 253 -4.10 5.75 14.62
C ARG D 253 -3.60 6.78 15.60
N GLU D 254 -4.13 6.77 16.82
CA GLU D 254 -3.79 7.75 17.83
C GLU D 254 -2.68 7.60 18.80
N GLY D 255 -1.44 7.95 18.51
CA GLY D 255 -0.36 7.75 19.52
C GLY D 255 -0.07 9.00 20.37
N PHE D 256 0.58 8.86 21.47
CA PHE D 256 0.94 9.91 22.40
C PHE D 256 2.39 9.75 22.92
N ALA D 257 2.85 10.81 23.61
CA ALA D 257 4.20 10.94 24.25
C ALA D 257 3.69 11.24 25.68
N PRO D 258 4.20 10.43 26.60
CA PRO D 258 3.74 10.53 27.99
C PRO D 258 4.51 11.50 28.78
N LEU D 259 5.69 11.87 28.34
CA LEU D 259 6.44 12.83 29.26
C LEU D 259 6.62 12.39 30.65
N THR D 260 6.57 11.23 31.09
CA THR D 260 6.73 10.67 32.41
C THR D 260 8.07 9.99 32.54
N SER D 261 8.64 9.91 33.71
CA SER D 261 9.92 9.20 33.76
C SER D 261 9.93 8.16 34.89
N TYR D 262 10.72 7.11 34.73
CA TYR D 262 10.84 6.06 35.79
C TYR D 262 11.70 6.55 36.96
N LYS D 263 11.87 5.95 38.14
CA LYS D 263 12.86 6.62 39.12
C LYS D 263 14.25 6.16 38.67
N TYR D 264 14.41 4.89 38.67
CA TYR D 264 15.64 4.23 38.14
C TYR D 264 15.01 3.66 36.79
N GLY D 265 15.62 3.80 35.61
CA GLY D 265 14.90 3.36 34.37
C GLY D 265 14.93 4.36 33.21
N GLY D 266 14.57 5.63 33.13
CA GLY D 266 14.87 6.41 31.85
C GLY D 266 13.54 6.97 31.51
N GLU D 267 13.37 7.79 30.54
CA GLU D 267 11.91 8.14 30.35
C GLU D 267 11.05 7.11 29.60
N PHE D 268 9.77 7.17 29.94
CA PHE D 268 8.80 6.24 29.24
C PHE D 268 8.89 6.39 27.73
N PRO D 269 9.03 5.39 26.87
CA PRO D 269 9.15 5.53 25.41
C PRO D 269 7.90 6.16 24.86
N VAL D 270 8.11 6.65 23.67
CA VAL D 270 6.86 7.38 23.15
C VAL D 270 6.29 6.68 21.97
N ARG D 271 5.23 6.97 21.29
CA ARG D 271 4.70 6.22 20.12
C ARG D 271 4.24 7.27 19.07
N PRO D 272 4.80 7.21 17.89
CA PRO D 272 4.68 8.08 16.81
C PRO D 272 3.38 8.30 16.18
N ASP D 273 2.36 7.46 16.33
CA ASP D 273 1.10 8.01 15.49
C ASP D 273 1.17 7.51 14.04
N ASN D 274 -0.01 6.88 13.75
CA ASN D 274 -0.39 6.18 12.52
C ASN D 274 0.66 5.03 12.36
N ILE D 275 1.21 4.32 13.35
CA ILE D 275 2.13 3.23 13.32
C ILE D 275 1.42 1.89 13.08
N HIS D 276 2.28 0.94 12.61
CA HIS D 276 1.78 -0.44 12.33
C HIS D 276 2.22 -1.33 13.43
N PHE D 277 1.39 -2.15 13.96
CA PHE D 277 1.82 -2.97 15.12
C PHE D 277 2.97 -3.90 14.97
N GLU D 278 4.12 -3.89 15.60
CA GLU D 278 5.04 -5.01 15.36
C GLU D 278 5.09 -6.11 16.40
N ASP D 279 5.47 -7.15 15.69
CA ASP D 279 5.60 -8.49 16.43
C ASP D 279 6.68 -8.13 17.40
N VAL D 280 6.42 -8.31 18.69
CA VAL D 280 7.39 -7.92 19.76
C VAL D 280 8.00 -9.16 20.35
N ASP D 281 9.31 -9.15 20.14
CA ASP D 281 10.13 -10.32 20.56
C ASP D 281 10.00 -10.46 22.10
N GLY D 282 9.80 -11.71 22.37
CA GLY D 282 9.70 -12.03 23.79
C GLY D 282 8.30 -12.18 24.40
N VAL D 283 7.49 -11.31 23.84
CA VAL D 283 6.11 -11.31 24.38
C VAL D 283 5.28 -12.22 23.48
N ALA D 284 5.04 -11.79 22.28
CA ALA D 284 4.22 -12.63 21.44
C ALA D 284 3.99 -11.86 20.16
N HIS D 285 3.74 -12.59 19.15
CA HIS D 285 3.55 -12.39 17.76
C HIS D 285 2.38 -11.62 17.38
N VAL D 286 2.23 -10.85 16.33
CA VAL D 286 0.91 -10.11 16.41
C VAL D 286 -0.20 -11.00 16.09
N HIS D 287 0.15 -11.94 15.32
CA HIS D 287 -0.96 -12.87 14.88
C HIS D 287 -1.41 -13.79 16.00
N ASP D 288 -0.43 -13.79 16.94
CA ASP D 288 -0.72 -14.66 18.12
C ASP D 288 -1.98 -14.21 18.86
N LEU D 289 -2.25 -12.95 18.61
CA LEU D 289 -3.38 -12.28 19.26
C LEU D 289 -4.52 -12.63 18.36
N GLU D 290 -4.45 -12.21 17.13
CA GLU D 290 -5.46 -12.50 16.12
C GLU D 290 -5.89 -13.92 16.39
N ILE D 291 -5.14 -15.03 16.45
CA ILE D 291 -5.75 -16.30 16.75
C ILE D 291 -6.34 -16.31 18.12
N THR D 292 -5.66 -15.84 19.14
CA THR D 292 -6.32 -15.85 20.47
C THR D 292 -7.68 -15.29 20.37
N GLU D 293 -7.86 -14.08 19.87
CA GLU D 293 -9.12 -13.42 19.66
C GLU D 293 -10.02 -14.37 18.94
N SER D 294 -9.64 -15.31 18.11
CA SER D 294 -10.68 -16.17 17.47
C SER D 294 -11.05 -17.35 18.34
N ARG D 295 -9.98 -17.84 18.99
CA ARG D 295 -10.40 -18.95 19.86
C ARG D 295 -11.46 -18.37 20.78
N ILE D 296 -11.36 -17.08 21.26
CA ILE D 296 -12.25 -16.47 22.19
C ILE D 296 -13.70 -16.39 21.76
N HIS D 297 -13.47 -15.72 20.64
CA HIS D 297 -14.71 -15.42 19.90
C HIS D 297 -15.45 -16.64 19.43
N GLU D 298 -15.00 -17.81 19.57
CA GLU D 298 -15.72 -18.97 19.04
C GLU D 298 -16.31 -19.56 20.29
N ALA D 299 -15.76 -19.05 21.39
CA ALA D 299 -16.36 -19.81 22.57
C ALA D 299 -17.65 -19.01 22.59
N ILE D 300 -17.64 -17.68 22.59
CA ILE D 300 -18.87 -16.92 22.64
C ILE D 300 -19.82 -17.43 21.58
N ASP D 301 -19.21 -17.57 20.38
CA ASP D 301 -20.19 -17.99 19.37
C ASP D 301 -20.76 -19.37 19.46
N HIS D 302 -20.09 -20.33 20.05
CA HIS D 302 -20.51 -21.71 20.11
C HIS D 302 -21.61 -22.02 21.12
N GLY D 303 -21.29 -21.47 22.26
CA GLY D 303 -22.21 -21.59 23.41
C GLY D 303 -21.29 -22.21 24.44
N TYR D 304 -20.12 -22.79 24.01
CA TYR D 304 -19.28 -23.38 25.11
C TYR D 304 -17.79 -23.06 25.09
N ILE D 305 -17.12 -23.17 26.25
CA ILE D 305 -15.70 -22.92 26.33
C ILE D 305 -15.25 -24.37 26.28
N THR D 306 -14.15 -24.78 25.70
CA THR D 306 -13.83 -26.23 25.68
C THR D 306 -12.60 -26.41 26.51
N ASP D 307 -12.42 -27.21 27.52
CA ASP D 307 -11.14 -27.19 28.27
C ASP D 307 -10.19 -28.11 27.53
N SER D 308 -9.13 -28.43 28.21
CA SER D 308 -7.93 -29.19 27.94
C SER D 308 -8.24 -30.61 27.55
N ASP D 309 -9.40 -31.06 28.07
CA ASP D 309 -9.68 -32.46 27.66
C ASP D 309 -10.54 -32.42 26.45
N GLY D 310 -11.20 -31.28 26.37
CA GLY D 310 -12.01 -31.36 25.06
C GLY D 310 -13.37 -31.54 25.76
N HIS D 311 -13.34 -31.09 27.02
CA HIS D 311 -14.67 -31.13 27.62
C HIS D 311 -15.43 -29.89 27.19
N THR D 312 -16.67 -29.83 26.74
CA THR D 312 -17.14 -28.47 26.43
C THR D 312 -17.82 -28.09 27.75
N ILE D 313 -17.55 -26.98 28.34
CA ILE D 313 -18.09 -26.41 29.56
C ILE D 313 -19.01 -25.29 28.97
N ASP D 314 -20.29 -25.42 29.29
CA ASP D 314 -21.31 -24.51 28.78
C ASP D 314 -21.22 -23.16 29.45
N ILE D 315 -21.51 -22.13 28.70
CA ILE D 315 -21.50 -20.78 29.20
C ILE D 315 -22.74 -20.01 28.82
N ARG D 316 -23.74 -20.68 28.40
CA ARG D 316 -24.95 -19.90 27.94
C ARG D 316 -25.75 -19.85 29.19
N GLN D 317 -25.36 -19.36 30.29
CA GLN D 317 -26.08 -19.42 31.55
C GLN D 317 -25.36 -18.32 32.33
N PRO D 318 -25.86 -18.07 33.52
CA PRO D 318 -25.42 -17.03 34.37
C PRO D 318 -23.99 -17.05 34.81
N LYS D 319 -23.31 -18.10 34.98
CA LYS D 319 -21.91 -18.10 35.42
C LYS D 319 -21.18 -17.76 34.14
N GLY D 320 -21.99 -17.78 33.10
CA GLY D 320 -21.44 -17.50 31.80
C GLY D 320 -20.25 -16.55 31.76
N ILE D 321 -20.67 -15.30 31.76
CA ILE D 321 -19.80 -14.14 31.64
C ILE D 321 -18.66 -14.22 32.56
N GLU D 322 -18.61 -14.99 33.60
CA GLU D 322 -17.40 -15.03 34.48
C GLU D 322 -16.53 -16.14 33.86
N LEU D 323 -16.97 -17.39 33.61
CA LEU D 323 -15.95 -18.14 32.91
C LEU D 323 -15.49 -17.30 31.69
N LEU D 324 -16.18 -16.40 30.99
CA LEU D 324 -15.53 -15.76 29.87
C LEU D 324 -14.45 -14.84 30.39
N GLY D 325 -14.63 -14.27 31.57
CA GLY D 325 -13.60 -13.34 31.98
C GLY D 325 -12.40 -14.09 32.47
N ASP D 326 -12.58 -15.31 32.80
CA ASP D 326 -11.40 -15.94 33.32
C ASP D 326 -10.50 -16.25 32.13
N ILE D 327 -11.04 -16.53 30.97
CA ILE D 327 -10.34 -16.88 29.73
C ILE D 327 -9.87 -15.62 29.04
N ILE D 328 -10.68 -14.54 29.03
CA ILE D 328 -10.21 -13.32 28.43
C ILE D 328 -9.23 -12.54 29.24
N GLU D 329 -9.15 -12.23 30.49
CA GLU D 329 -8.08 -11.30 31.01
C GLU D 329 -6.81 -12.06 31.07
N SER D 330 -7.03 -13.27 31.34
CA SER D 330 -6.64 -14.58 31.62
C SER D 330 -5.99 -14.59 33.02
N SER D 331 -6.80 -15.12 33.88
CA SER D 331 -6.38 -15.15 35.26
C SER D 331 -6.25 -16.63 35.60
N LYS D 332 -6.03 -17.05 36.83
CA LYS D 332 -5.86 -18.51 36.87
C LYS D 332 -7.14 -19.20 36.97
N TYR D 333 -8.23 -18.64 36.80
CA TYR D 333 -9.45 -19.47 36.92
C TYR D 333 -9.57 -19.97 35.48
N SER D 334 -8.75 -19.66 34.49
CA SER D 334 -8.96 -20.18 33.12
C SER D 334 -9.13 -21.69 33.04
N SER D 335 -9.99 -22.17 32.19
CA SER D 335 -10.29 -23.58 32.08
C SER D 335 -9.30 -24.07 31.13
N ASN D 336 -9.04 -23.33 30.07
CA ASN D 336 -8.00 -23.97 29.14
C ASN D 336 -6.96 -22.91 28.97
N VAL D 337 -6.02 -22.52 29.76
CA VAL D 337 -5.14 -21.40 29.35
C VAL D 337 -4.20 -21.76 28.24
N GLN D 338 -4.03 -23.00 27.90
CA GLN D 338 -3.00 -23.31 26.83
C GLN D 338 -3.67 -23.00 25.45
N TYR D 339 -4.97 -22.83 25.47
CA TYR D 339 -5.64 -22.64 24.22
C TYR D 339 -6.10 -21.24 24.07
N TYR D 340 -6.84 -20.71 24.97
CA TYR D 340 -7.35 -19.35 24.91
C TYR D 340 -6.28 -18.39 25.34
N GLY D 341 -5.08 -18.79 25.71
CA GLY D 341 -4.10 -17.84 26.17
C GLY D 341 -4.44 -16.75 27.13
N SER D 342 -4.02 -15.56 26.76
CA SER D 342 -4.23 -14.33 27.56
C SER D 342 -4.43 -12.96 26.83
N LEU D 343 -5.51 -12.83 26.04
CA LEU D 343 -5.65 -11.60 25.29
C LEU D 343 -5.38 -10.32 25.99
N HIS D 344 -6.01 -10.07 27.04
CA HIS D 344 -5.90 -8.82 27.75
C HIS D 344 -4.50 -8.52 28.16
N ASN D 345 -3.92 -9.30 29.08
CA ASN D 345 -2.60 -9.08 29.58
C ASN D 345 -1.71 -9.17 28.40
N THR D 346 -1.53 -10.15 27.60
CA THR D 346 -0.56 -9.93 26.50
C THR D 346 -0.71 -8.62 25.78
N ALA D 347 -1.97 -8.23 25.58
CA ALA D 347 -2.35 -7.02 24.86
C ALA D 347 -1.76 -5.90 25.64
N HIS D 348 -1.50 -5.90 26.90
CA HIS D 348 -0.86 -4.79 27.63
C HIS D 348 0.60 -4.96 27.24
N VAL D 349 1.37 -5.95 27.49
CA VAL D 349 2.72 -5.94 27.08
C VAL D 349 2.89 -5.68 25.60
N MET D 350 2.03 -6.17 24.78
CA MET D 350 2.15 -6.03 23.35
C MET D 350 2.04 -4.57 22.97
N LEU D 351 1.20 -3.74 23.65
CA LEU D 351 1.10 -2.33 23.19
C LEU D 351 2.24 -1.41 23.69
N GLY D 352 2.97 -1.97 24.69
CA GLY D 352 4.00 -1.25 25.35
C GLY D 352 5.30 -1.28 24.67
N ARG D 353 5.72 -2.32 24.06
CA ARG D 353 7.06 -2.26 23.47
C ARG D 353 6.90 -1.77 22.06
N GLN D 354 5.67 -1.32 21.74
CA GLN D 354 5.57 -0.82 20.31
C GLN D 354 6.66 0.21 20.06
N GLY D 355 7.35 0.52 21.19
CA GLY D 355 8.40 1.52 21.14
C GLY D 355 9.73 0.86 20.75
N ASP D 356 9.79 -0.42 20.86
CA ASP D 356 10.99 -1.23 20.75
C ASP D 356 10.66 -2.74 20.85
N PRO D 357 10.23 -3.34 19.81
CA PRO D 357 9.87 -4.70 19.77
C PRO D 357 11.15 -5.42 19.55
N HIS D 358 12.12 -5.08 18.76
CA HIS D 358 13.16 -6.24 18.85
C HIS D 358 14.08 -5.93 19.97
N GLY D 359 13.80 -4.73 20.48
CA GLY D 359 14.62 -4.25 21.64
C GLY D 359 16.02 -3.84 21.23
N LYS D 360 16.07 -2.95 20.29
CA LYS D 360 17.34 -2.54 19.77
C LYS D 360 17.69 -1.39 20.67
N PHE D 361 16.83 -0.76 21.33
CA PHE D 361 17.33 0.42 22.09
C PHE D 361 17.41 0.33 23.58
N ASN D 362 16.68 -0.77 23.87
CA ASN D 362 16.64 -1.07 25.33
C ASN D 362 16.08 0.17 26.04
N LEU D 363 14.87 0.49 25.70
CA LEU D 363 14.03 1.51 26.32
C LEU D 363 13.39 0.66 27.44
N PRO D 364 12.84 1.19 28.49
CA PRO D 364 12.23 0.44 29.59
C PRO D 364 10.84 0.03 29.17
N PRO D 365 10.03 -0.53 29.97
CA PRO D 365 8.71 -0.97 29.63
C PRO D 365 7.83 0.21 29.37
N GLY D 366 6.59 0.10 28.92
CA GLY D 366 5.98 1.46 28.69
C GLY D 366 4.75 1.83 29.45
N VAL D 367 4.21 3.02 29.18
CA VAL D 367 3.07 3.35 30.07
C VAL D 367 2.01 2.34 30.16
N MET D 368 1.69 1.53 29.33
CA MET D 368 0.61 0.51 29.40
C MET D 368 1.08 -0.78 30.06
N GLU D 369 2.36 -0.85 30.37
CA GLU D 369 2.77 -2.14 30.94
C GLU D 369 2.82 -1.91 32.42
N HIS D 370 1.90 -1.20 32.91
CA HIS D 370 1.82 -0.91 34.36
C HIS D 370 0.41 -0.40 34.77
N PHE D 371 -0.08 -0.91 35.91
CA PHE D 371 -1.39 -0.31 36.23
C PHE D 371 -1.50 1.10 36.75
N GLU D 372 -0.47 1.61 37.38
CA GLU D 372 -0.69 3.01 37.89
C GLU D 372 -0.45 3.97 36.79
N THR D 373 -0.25 3.42 35.59
CA THR D 373 0.07 4.34 34.47
C THR D 373 -0.52 4.14 33.14
N ALA D 374 -1.44 3.16 33.02
CA ALA D 374 -1.91 2.83 31.70
C ALA D 374 -2.93 3.79 31.32
N THR D 375 -3.66 4.18 32.30
CA THR D 375 -4.81 5.06 31.78
C THR D 375 -4.26 6.26 31.16
N ARG D 376 -2.95 6.47 31.10
CA ARG D 376 -2.43 7.64 30.51
C ARG D 376 -2.45 7.66 29.03
N ASP D 377 -2.01 6.61 28.38
CA ASP D 377 -1.80 6.42 26.93
C ASP D 377 -3.12 6.25 26.25
N PRO D 378 -3.45 6.92 25.23
CA PRO D 378 -4.73 6.76 24.59
C PRO D 378 -5.08 5.40 24.06
N SER D 379 -4.17 4.61 23.62
CA SER D 379 -4.69 3.33 23.15
C SER D 379 -5.23 2.51 24.34
N PHE D 380 -5.08 3.03 25.54
CA PHE D 380 -5.55 2.24 26.69
C PHE D 380 -7.01 2.05 26.48
N PHE D 381 -7.71 3.09 26.19
CA PHE D 381 -9.18 2.92 25.97
C PHE D 381 -9.56 2.30 24.64
N ARG D 382 -8.73 2.32 23.62
CA ARG D 382 -8.98 1.71 22.31
C ARG D 382 -8.92 0.22 22.57
N LEU D 383 -7.92 -0.22 23.41
CA LEU D 383 -7.70 -1.59 23.79
C LEU D 383 -8.85 -1.95 24.69
N HIS D 384 -9.50 -1.25 25.51
CA HIS D 384 -10.57 -1.87 26.31
C HIS D 384 -11.89 -1.71 25.63
N LYS D 385 -11.92 -0.96 24.59
CA LYS D 385 -13.20 -0.87 23.79
C LYS D 385 -13.31 -2.27 23.10
N TYR D 386 -12.32 -2.70 22.40
CA TYR D 386 -12.14 -4.03 21.87
C TYR D 386 -12.36 -5.06 23.02
N MET D 387 -11.57 -5.16 24.14
CA MET D 387 -12.05 -6.19 25.07
C MET D 387 -13.59 -6.00 25.33
N ASP D 388 -14.01 -4.76 25.52
CA ASP D 388 -15.37 -4.43 25.87
C ASP D 388 -16.31 -5.07 24.91
N ASN D 389 -16.28 -4.88 23.58
CA ASN D 389 -17.34 -5.65 22.84
C ASN D 389 -16.99 -7.08 22.55
N ILE D 390 -16.23 -7.85 23.23
CA ILE D 390 -15.88 -9.24 23.00
C ILE D 390 -16.97 -9.67 24.06
N PHE D 391 -16.94 -8.93 25.13
CA PHE D 391 -17.86 -9.34 26.15
C PHE D 391 -19.25 -9.01 25.58
N LYS D 392 -19.41 -7.80 25.04
CA LYS D 392 -20.85 -7.57 24.67
C LYS D 392 -21.39 -8.65 23.71
N LYS D 393 -20.45 -9.27 22.96
CA LYS D 393 -20.92 -10.25 22.03
C LYS D 393 -21.65 -11.30 22.82
N HIS D 394 -21.40 -11.61 23.99
CA HIS D 394 -21.96 -12.77 24.70
C HIS D 394 -23.17 -12.40 25.41
N THR D 395 -22.83 -11.21 25.93
CA THR D 395 -23.69 -10.36 26.79
C THR D 395 -25.06 -10.14 26.14
N ASP D 396 -25.14 -9.94 24.88
CA ASP D 396 -26.20 -9.68 23.98
C ASP D 396 -26.85 -10.87 23.33
N SER D 397 -26.25 -12.04 23.67
CA SER D 397 -26.89 -13.20 22.95
C SER D 397 -28.12 -13.65 23.76
N PHE D 398 -28.25 -12.96 24.95
CA PHE D 398 -29.46 -13.51 25.66
C PHE D 398 -30.70 -12.88 25.09
N PRO D 399 -31.77 -13.54 25.32
CA PRO D 399 -33.06 -13.04 24.88
C PRO D 399 -33.33 -11.94 25.90
N PRO D 400 -34.00 -10.92 25.40
CA PRO D 400 -34.36 -9.71 26.10
C PRO D 400 -35.21 -9.98 27.28
N TYR D 401 -35.44 -8.96 28.11
CA TYR D 401 -36.21 -9.43 29.34
C TYR D 401 -37.70 -9.13 29.11
N THR D 402 -38.50 -9.96 29.75
CA THR D 402 -39.94 -9.92 29.68
C THR D 402 -40.43 -8.86 30.65
N HIS D 403 -41.73 -8.62 30.48
CA HIS D 403 -42.35 -7.58 31.37
C HIS D 403 -42.27 -8.20 32.75
N ASP D 404 -42.95 -9.35 32.65
CA ASP D 404 -43.01 -10.19 33.86
C ASP D 404 -41.60 -10.31 34.41
N ASN D 405 -40.63 -10.01 33.61
CA ASN D 405 -39.24 -10.14 34.02
C ASN D 405 -38.70 -9.10 35.02
N LEU D 406 -38.80 -7.82 34.65
CA LEU D 406 -38.31 -6.77 35.49
C LEU D 406 -39.22 -6.35 36.65
N GLU D 407 -40.51 -6.61 36.61
CA GLU D 407 -41.55 -6.28 37.51
C GLU D 407 -41.34 -6.69 38.93
N PHE D 408 -41.34 -5.81 39.90
CA PHE D 408 -41.27 -6.15 41.35
C PHE D 408 -42.56 -5.45 41.87
N SER D 409 -43.52 -6.27 41.57
CA SER D 409 -44.94 -6.09 41.82
C SER D 409 -45.18 -5.47 43.17
N GLY D 410 -45.91 -4.40 43.19
CA GLY D 410 -46.06 -3.94 44.68
C GLY D 410 -45.28 -2.66 44.39
N MET D 411 -44.11 -2.47 44.81
CA MET D 411 -43.46 -1.25 44.41
C MET D 411 -43.51 -0.43 43.16
N VAL D 412 -43.63 0.88 43.35
CA VAL D 412 -43.61 1.69 42.13
C VAL D 412 -43.02 3.07 42.31
N VAL D 413 -42.08 3.39 41.47
CA VAL D 413 -41.49 4.69 41.60
C VAL D 413 -42.50 5.70 41.08
N ASN D 414 -42.65 6.65 41.97
CA ASN D 414 -43.59 7.73 41.75
C ASN D 414 -42.76 8.84 41.10
N GLY D 415 -41.70 9.18 41.83
CA GLY D 415 -40.94 10.28 41.15
C GLY D 415 -39.48 10.27 41.52
N VAL D 416 -38.81 11.01 40.62
CA VAL D 416 -37.36 11.07 40.94
C VAL D 416 -36.91 12.50 40.73
N ALA D 417 -36.31 12.87 41.89
CA ALA D 417 -35.69 14.18 42.05
C ALA D 417 -34.31 14.33 42.74
N ILE D 418 -33.69 15.33 42.06
CA ILE D 418 -32.36 15.74 42.46
C ILE D 418 -32.49 17.03 43.22
N ASP D 419 -32.14 16.81 44.48
CA ASP D 419 -32.18 17.92 45.46
C ASP D 419 -30.85 18.69 45.44
N GLY D 420 -30.74 19.59 44.49
CA GLY D 420 -29.49 20.38 44.45
C GLY D 420 -29.10 20.72 43.03
N GLU D 421 -27.80 20.76 42.80
CA GLU D 421 -27.43 21.07 41.40
C GLU D 421 -26.33 20.12 40.97
N LEU D 422 -26.46 19.93 39.64
CA LEU D 422 -25.38 19.02 39.13
C LEU D 422 -24.33 20.02 38.65
N ILE D 423 -23.33 20.13 39.54
CA ILE D 423 -22.31 21.11 39.06
C ILE D 423 -20.94 20.58 39.28
N THR D 424 -20.22 20.62 38.19
CA THR D 424 -18.85 20.12 38.22
C THR D 424 -17.84 21.20 37.83
N PHE D 425 -16.84 21.14 38.65
CA PHE D 425 -15.72 22.10 38.41
C PHE D 425 -14.31 21.53 38.62
N PHE D 426 -13.35 22.48 38.58
CA PHE D 426 -11.97 22.01 38.81
C PHE D 426 -11.17 22.52 40.03
N ASP D 427 -11.13 21.82 41.11
CA ASP D 427 -10.51 21.89 42.34
C ASP D 427 -9.00 21.88 42.28
N GLU D 428 -8.42 21.78 43.47
CA GLU D 428 -6.91 21.69 43.38
C GLU D 428 -6.34 20.83 44.46
N PHE D 429 -5.41 19.99 44.10
CA PHE D 429 -4.84 19.04 45.02
C PHE D 429 -3.32 19.03 45.13
N GLN D 430 -3.03 18.57 46.38
CA GLN D 430 -1.50 18.63 46.57
C GLN D 430 -0.99 17.36 47.21
N TYR D 431 -0.03 16.75 46.53
CA TYR D 431 0.49 15.45 47.10
C TYR D 431 1.95 15.82 47.24
N SER D 432 2.71 15.02 47.95
CA SER D 432 4.11 15.27 48.19
C SER D 432 5.24 14.54 47.46
N LEU D 433 6.15 15.32 46.82
CA LEU D 433 7.26 14.82 46.08
C LEU D 433 8.45 14.34 46.88
N ILE D 434 8.28 14.01 48.12
CA ILE D 434 9.54 13.66 48.82
C ILE D 434 10.12 12.29 48.56
N ASN D 435 9.23 11.27 48.39
CA ASN D 435 10.00 10.03 48.35
C ASN D 435 10.75 9.89 47.08
N ALA D 436 10.52 10.94 46.31
CA ALA D 436 11.13 10.98 44.97
C ALA D 436 12.55 11.45 44.91
N VAL D 437 12.96 12.37 45.71
CA VAL D 437 14.31 12.92 45.60
C VAL D 437 15.20 12.21 46.60
N ASP D 438 16.47 11.97 46.34
CA ASP D 438 17.21 11.28 47.37
C ASP D 438 17.83 12.30 48.25
N SER D 439 17.80 11.93 49.51
CA SER D 439 18.37 12.79 50.61
C SER D 439 19.26 11.75 51.21
N GLY D 440 20.51 11.90 51.34
CA GLY D 440 21.13 10.67 52.00
C GLY D 440 21.05 10.88 53.55
N GLU D 441 22.25 11.40 53.93
CA GLU D 441 22.47 11.67 55.31
C GLU D 441 23.32 12.76 55.86
N ASN D 442 22.62 13.29 56.86
CA ASN D 442 23.18 14.41 57.65
C ASN D 442 22.83 15.65 56.85
N ILE D 443 22.22 15.31 55.71
CA ILE D 443 21.72 16.37 54.73
C ILE D 443 20.27 16.59 55.15
N GLU D 444 19.63 17.75 55.41
CA GLU D 444 18.24 17.48 55.85
C GLU D 444 17.13 17.78 54.86
N ASP D 445 15.97 17.26 55.20
CA ASP D 445 14.74 17.29 54.41
C ASP D 445 14.03 18.63 54.26
N VAL D 446 13.86 18.95 53.03
CA VAL D 446 13.23 20.13 52.52
C VAL D 446 11.96 19.49 51.92
N GLU D 447 10.94 20.24 52.27
CA GLU D 447 9.64 19.76 51.90
C GLU D 447 9.27 20.24 50.57
N ILE D 448 9.32 19.28 49.64
CA ILE D 448 8.88 19.61 48.23
C ILE D 448 7.47 19.15 47.89
N ASN D 449 6.63 19.94 47.25
CA ASN D 449 5.28 19.45 46.96
C ASN D 449 4.74 19.51 45.57
N ALA D 450 3.80 18.73 45.06
CA ALA D 450 3.24 18.85 43.67
C ALA D 450 1.76 19.19 43.80
N ARG D 451 1.44 20.09 42.88
CA ARG D 451 -0.02 20.55 42.92
C ARG D 451 -0.69 20.23 41.62
N VAL D 452 -1.85 19.51 41.85
CA VAL D 452 -2.48 19.10 40.56
C VAL D 452 -3.88 19.66 40.45
N HIS D 453 -4.29 19.60 39.23
CA HIS D 453 -5.65 20.09 39.00
C HIS D 453 -6.73 19.07 38.82
N ARG D 454 -7.59 18.86 39.83
CA ARG D 454 -8.55 17.71 39.45
C ARG D 454 -10.00 18.09 39.44
N LEU D 455 -10.90 17.38 38.76
CA LEU D 455 -12.32 17.55 38.63
C LEU D 455 -13.04 17.40 39.99
N ASN D 456 -14.24 17.99 39.91
CA ASN D 456 -15.10 17.92 41.07
C ASN D 456 -16.49 18.38 40.68
N HIS D 457 -17.33 17.99 41.58
CA HIS D 457 -18.75 18.20 41.53
C HIS D 457 -19.17 18.58 42.93
N ASN D 458 -20.43 18.81 43.10
CA ASN D 458 -20.95 19.30 44.40
C ASN D 458 -21.92 18.37 45.06
N GLU D 459 -21.81 18.13 46.33
CA GLU D 459 -22.83 17.18 46.82
C GLU D 459 -24.25 17.53 46.40
N PHE D 460 -25.07 16.46 46.25
CA PHE D 460 -26.47 16.65 45.80
C PHE D 460 -27.20 15.43 46.38
N THR D 461 -28.54 15.60 46.43
CA THR D 461 -29.38 14.51 46.95
C THR D 461 -30.60 14.16 46.05
N TYR D 462 -30.78 12.84 46.17
CA TYR D 462 -31.74 12.07 45.48
C TYR D 462 -32.95 12.09 46.40
N LYS D 463 -34.03 12.42 45.71
CA LYS D 463 -35.31 12.30 46.47
C LYS D 463 -36.06 11.44 45.48
N ILE D 464 -36.22 10.21 45.92
CA ILE D 464 -36.91 9.13 45.17
C ILE D 464 -38.18 8.90 45.97
N THR D 465 -39.27 9.33 45.37
CA THR D 465 -40.62 9.31 45.97
C THR D 465 -41.30 8.01 45.56
N MET D 466 -41.74 7.27 46.56
CA MET D 466 -42.31 6.01 45.97
C MET D 466 -43.10 5.03 46.78
N SER D 467 -44.25 4.54 46.28
CA SER D 467 -45.18 3.69 47.01
C SER D 467 -45.13 2.21 47.06
N ASN D 468 -45.16 1.58 48.19
CA ASN D 468 -45.13 0.10 48.30
C ASN D 468 -46.55 -0.40 48.28
N ASN D 469 -47.17 -0.70 47.17
CA ASN D 469 -48.60 -1.11 47.26
C ASN D 469 -48.74 -2.40 47.99
N ASN D 470 -47.65 -3.13 48.10
CA ASN D 470 -47.71 -4.41 48.81
C ASN D 470 -48.27 -4.11 50.21
N ASP D 471 -48.72 -5.23 50.73
CA ASP D 471 -49.30 -5.23 52.09
C ASP D 471 -48.22 -4.71 53.08
N GLY D 472 -46.94 -5.18 52.92
CA GLY D 472 -46.06 -4.62 53.93
C GLY D 472 -44.59 -4.88 53.94
N GLU D 473 -43.91 -3.74 53.79
CA GLU D 473 -42.45 -3.71 53.86
C GLU D 473 -41.82 -4.89 53.11
N ARG D 474 -41.10 -4.38 52.10
CA ARG D 474 -40.37 -5.33 51.19
C ARG D 474 -38.98 -4.72 51.08
N LEU D 475 -37.95 -5.58 50.93
CA LEU D 475 -36.51 -5.21 50.77
C LEU D 475 -36.16 -4.58 49.43
N ALA D 476 -35.35 -3.58 49.26
CA ALA D 476 -35.32 -3.16 47.84
C ALA D 476 -34.00 -2.97 47.18
N THR D 477 -33.69 -3.37 45.93
CA THR D 477 -32.36 -2.91 45.40
C THR D 477 -32.56 -1.57 44.66
N PHE D 478 -31.97 -0.50 45.18
CA PHE D 478 -32.10 0.83 44.56
C PHE D 478 -31.02 0.88 43.47
N ARG D 479 -31.24 0.67 42.18
CA ARG D 479 -30.15 0.74 41.17
C ARG D 479 -30.12 2.03 40.39
N ILE D 480 -29.03 2.76 40.36
CA ILE D 480 -29.13 4.03 39.62
C ILE D 480 -28.06 4.24 38.54
N PHE D 481 -28.44 4.13 37.25
CA PHE D 481 -27.60 4.42 36.09
C PHE D 481 -27.65 5.81 35.51
N LEU D 482 -26.78 6.53 34.83
CA LEU D 482 -27.03 7.91 34.27
C LEU D 482 -26.65 7.60 32.82
N CYS D 483 -27.50 7.33 31.88
CA CYS D 483 -27.22 6.98 30.45
C CYS D 483 -27.16 8.22 29.63
N PRO D 484 -26.74 8.46 28.44
CA PRO D 484 -26.76 9.70 27.70
C PRO D 484 -28.06 9.75 26.91
N ILE D 485 -28.15 10.87 26.16
CA ILE D 485 -29.39 11.03 25.34
C ILE D 485 -29.13 11.26 23.86
N GLU D 486 -28.33 12.17 23.52
CA GLU D 486 -28.12 12.35 22.08
C GLU D 486 -26.71 11.98 21.70
N ASP D 487 -26.15 11.87 20.53
CA ASP D 487 -25.01 11.56 19.88
C ASP D 487 -23.68 12.25 19.79
N ASN D 488 -23.76 13.55 19.70
CA ASN D 488 -22.47 14.29 19.46
C ASN D 488 -22.62 14.37 17.89
N ASN D 489 -23.64 13.71 17.37
CA ASN D 489 -23.87 13.96 15.92
C ASN D 489 -25.17 14.70 16.27
N GLY D 490 -25.66 14.47 17.52
CA GLY D 490 -26.90 15.23 17.80
C GLY D 490 -28.11 14.35 17.79
N ILE D 491 -27.83 13.26 17.13
CA ILE D 491 -28.70 12.15 16.91
C ILE D 491 -29.51 11.57 18.01
N THR D 492 -29.36 11.46 19.26
CA THR D 492 -30.51 10.85 20.02
C THR D 492 -30.84 9.40 19.72
N LEU D 493 -30.13 8.57 20.39
CA LEU D 493 -29.99 7.15 20.54
C LEU D 493 -31.16 6.66 21.42
N THR D 494 -31.17 5.40 21.43
CA THR D 494 -32.08 4.53 21.98
C THR D 494 -32.03 3.66 23.13
N LEU D 495 -31.42 3.78 24.26
CA LEU D 495 -31.66 2.74 25.34
C LEU D 495 -31.36 1.41 24.66
N ASP D 496 -30.51 1.28 23.72
CA ASP D 496 -30.20 -0.01 23.15
C ASP D 496 -28.92 0.62 22.58
N GLU D 497 -29.29 1.76 21.95
CA GLU D 497 -28.07 2.45 21.45
C GLU D 497 -27.53 3.01 22.76
N ALA D 498 -28.37 3.40 23.71
CA ALA D 498 -27.60 3.87 24.91
C ALA D 498 -27.53 3.08 26.21
N ARG D 499 -28.16 1.89 26.18
CA ARG D 499 -28.18 1.13 27.45
C ARG D 499 -26.74 0.81 27.88
N TRP D 500 -25.93 0.60 26.76
CA TRP D 500 -24.53 0.14 27.08
C TRP D 500 -23.59 1.22 27.55
N PHE D 501 -23.95 2.41 27.20
CA PHE D 501 -23.08 3.54 27.51
C PHE D 501 -23.23 4.15 28.87
N CYS D 502 -24.17 3.66 29.59
CA CYS D 502 -24.48 4.23 30.89
C CYS D 502 -23.57 3.66 32.01
N ILE D 503 -23.27 4.58 32.93
CA ILE D 503 -22.38 4.30 34.06
C ILE D 503 -23.20 4.34 35.30
N GLU D 504 -22.92 3.49 36.18
CA GLU D 504 -23.54 3.33 37.46
C GLU D 504 -22.91 4.38 38.41
N LEU D 505 -23.90 4.99 39.02
CA LEU D 505 -23.85 6.05 40.00
C LEU D 505 -24.14 5.58 41.40
N ASP D 506 -24.90 4.52 41.59
CA ASP D 506 -25.19 4.07 42.97
C ASP D 506 -25.99 2.75 42.90
N LYS D 507 -25.88 2.01 43.94
CA LYS D 507 -26.52 0.73 44.12
C LYS D 507 -26.60 0.50 45.66
N PHE D 508 -27.87 0.47 46.20
CA PHE D 508 -27.91 0.27 47.68
C PHE D 508 -29.15 -0.51 48.18
N PHE D 509 -28.96 -1.20 49.35
CA PHE D 509 -30.23 -1.86 49.73
C PHE D 509 -31.03 -1.25 50.86
N GLN D 510 -32.27 -0.86 50.80
CA GLN D 510 -33.12 -0.26 51.78
C GLN D 510 -34.49 -0.87 51.99
N LYS D 511 -35.01 -0.82 53.25
CA LYS D 511 -36.40 -1.38 53.25
C LYS D 511 -37.40 -0.20 53.06
N VAL D 512 -38.38 -0.77 52.35
CA VAL D 512 -39.53 0.04 51.96
C VAL D 512 -40.69 -0.32 52.85
N PRO D 513 -41.21 0.79 53.35
CA PRO D 513 -42.38 0.82 54.25
C PRO D 513 -43.60 0.23 53.52
N SER D 514 -44.75 0.28 54.21
CA SER D 514 -45.86 -0.29 53.44
C SER D 514 -46.60 0.80 52.71
N GLY D 515 -46.03 1.94 52.56
CA GLY D 515 -46.87 2.96 51.89
C GLY D 515 -45.87 4.07 51.58
N PRO D 516 -46.40 4.87 50.69
CA PRO D 516 -45.71 6.02 50.12
C PRO D 516 -44.54 6.53 50.94
N GLU D 517 -43.33 6.12 50.62
CA GLU D 517 -42.19 6.69 51.43
C GLU D 517 -41.65 7.77 50.47
N THR D 518 -40.53 8.35 50.77
CA THR D 518 -39.92 9.32 49.89
C THR D 518 -38.45 9.18 50.30
N ILE D 519 -37.68 8.28 49.68
CA ILE D 519 -36.27 8.11 50.04
C ILE D 519 -35.42 9.16 49.34
N GLU D 520 -34.57 9.62 50.23
CA GLU D 520 -33.63 10.70 49.80
C GLU D 520 -32.27 10.11 50.08
N ARG D 521 -31.29 10.38 49.22
CA ARG D 521 -29.94 9.79 49.48
C ARG D 521 -28.89 10.60 48.70
N SER D 522 -27.71 10.66 49.35
CA SER D 522 -26.53 11.44 48.98
C SER D 522 -25.29 11.25 48.12
N SER D 523 -24.93 12.28 47.33
CA SER D 523 -23.79 12.24 46.47
C SER D 523 -22.76 11.43 47.22
N LYS D 524 -22.74 11.77 48.50
CA LYS D 524 -21.83 11.27 49.53
C LYS D 524 -22.08 9.89 49.90
N ASP D 525 -23.20 9.35 50.14
CA ASP D 525 -23.20 7.91 50.44
C ASP D 525 -23.07 7.07 49.18
N SER D 526 -22.76 7.46 47.93
CA SER D 526 -22.72 6.49 46.81
C SER D 526 -21.96 5.19 47.07
N SER D 527 -22.40 4.07 46.44
CA SER D 527 -21.60 2.84 46.77
C SER D 527 -20.43 2.65 45.85
N VAL D 528 -20.41 3.43 44.80
CA VAL D 528 -19.24 3.18 43.87
C VAL D 528 -18.22 4.25 44.12
N THR D 529 -18.32 4.90 45.28
CA THR D 529 -17.29 5.93 45.40
C THR D 529 -16.34 5.92 46.54
N VAL D 530 -15.21 6.59 46.39
CA VAL D 530 -14.30 6.56 47.54
C VAL D 530 -13.77 7.93 47.77
N PRO D 531 -13.59 8.28 49.03
CA PRO D 531 -13.07 9.65 49.32
C PRO D 531 -11.62 9.74 48.92
N ASP D 532 -11.05 10.95 48.85
CA ASP D 532 -9.57 11.05 48.55
C ASP D 532 -8.90 10.46 49.79
N MET D 533 -7.67 9.99 49.69
CA MET D 533 -7.21 9.39 50.96
C MET D 533 -6.25 10.33 51.67
N PRO D 534 -6.21 10.10 52.96
CA PRO D 534 -5.37 10.70 53.95
C PRO D 534 -3.95 10.84 53.38
N SER D 535 -3.21 11.83 53.79
CA SER D 535 -1.86 12.01 53.32
C SER D 535 -0.96 10.96 53.98
N PHE D 536 0.17 10.81 53.32
CA PHE D 536 1.18 9.87 53.79
C PHE D 536 1.55 10.26 55.24
N GLN D 537 1.97 11.52 55.20
CA GLN D 537 2.47 12.19 56.37
C GLN D 537 1.41 12.05 57.44
N SER D 538 0.30 12.69 57.05
CA SER D 538 -0.86 12.64 57.97
C SER D 538 -1.01 11.20 58.48
N LEU D 539 -0.83 10.13 57.75
CA LEU D 539 -1.07 8.89 58.50
C LEU D 539 0.17 8.61 59.31
N LYS D 540 1.20 9.39 59.15
CA LYS D 540 2.40 9.12 60.00
C LYS D 540 2.01 9.82 61.32
N GLU D 541 1.77 11.12 61.24
CA GLU D 541 1.37 11.89 62.39
C GLU D 541 0.46 11.12 63.33
N GLN D 542 -0.53 10.60 62.76
CA GLN D 542 -1.54 9.86 63.42
C GLN D 542 -1.20 8.54 63.99
N ALA D 543 -0.34 7.88 63.30
CA ALA D 543 0.11 6.52 63.70
C ALA D 543 0.92 6.67 64.99
N ASP D 544 1.84 7.58 64.74
CA ASP D 544 2.75 7.99 65.80
C ASP D 544 1.91 8.42 67.04
N ASN D 545 1.01 9.39 66.81
CA ASN D 545 0.30 9.80 68.06
C ASN D 545 -0.47 8.66 68.71
N ALA D 546 -0.60 7.45 68.33
CA ALA D 546 -1.49 6.66 69.20
C ALA D 546 -0.54 5.59 69.70
N VAL D 547 0.71 5.90 69.40
CA VAL D 547 1.69 4.90 69.86
C VAL D 547 2.13 5.36 71.26
N ASN D 548 2.34 6.68 71.21
CA ASN D 548 2.80 7.38 72.48
C ASN D 548 1.41 7.97 72.87
N GLY D 549 0.62 7.07 73.49
CA GLY D 549 -0.71 7.62 73.81
C GLY D 549 -1.69 6.51 74.12
N GLY D 550 -1.25 5.26 73.89
CA GLY D 550 -2.35 4.29 74.27
C GLY D 550 -2.99 3.70 73.04
N HIS D 551 -4.21 4.02 72.55
CA HIS D 551 -4.58 3.16 71.39
C HIS D 551 -5.79 3.33 70.52
N ASP D 552 -5.48 3.12 69.18
CA ASP D 552 -6.71 3.24 68.34
C ASP D 552 -6.63 3.10 66.85
N LEU D 553 -6.65 4.30 66.30
CA LEU D 553 -6.62 4.60 64.87
C LEU D 553 -7.88 4.06 64.26
N ASP D 554 -8.97 4.80 64.58
CA ASP D 554 -10.16 4.20 63.89
C ASP D 554 -10.72 5.31 62.98
N LEU D 555 -10.14 5.14 61.81
CA LEU D 555 -10.04 5.63 60.48
C LEU D 555 -10.47 4.50 59.52
N SER D 556 -11.18 3.56 60.18
CA SER D 556 -11.64 2.49 59.24
C SER D 556 -12.47 3.57 58.47
N ALA D 557 -12.09 3.54 57.19
CA ALA D 557 -12.73 4.57 56.31
C ALA D 557 -12.02 4.16 55.00
N TYR D 558 -10.86 3.66 55.42
CA TYR D 558 -10.01 3.27 54.30
C TYR D 558 -9.42 1.91 54.23
N GLU D 559 -9.91 0.82 54.80
CA GLU D 559 -9.09 -0.43 54.54
C GLU D 559 -9.50 -1.34 53.40
N ARG D 560 -9.80 -0.72 52.21
CA ARG D 560 -10.14 -1.51 50.99
C ARG D 560 -10.21 -0.71 49.67
N SER D 561 -11.18 0.16 49.90
CA SER D 561 -11.62 1.18 48.92
C SER D 561 -11.29 0.91 47.47
N CYS D 562 -12.23 0.18 46.91
CA CYS D 562 -12.44 -0.35 45.62
C CYS D 562 -12.84 0.69 44.53
N GLY D 563 -13.76 1.58 45.03
CA GLY D 563 -14.35 2.59 44.14
C GLY D 563 -13.52 3.63 43.40
N ILE D 564 -14.26 4.50 42.73
CA ILE D 564 -13.62 5.58 42.06
C ILE D 564 -13.73 6.79 43.00
N PRO D 565 -13.01 7.77 42.66
CA PRO D 565 -13.00 9.03 43.31
C PRO D 565 -14.35 9.70 43.36
N ASP D 566 -14.67 10.21 44.56
CA ASP D 566 -15.95 10.92 44.64
C ASP D 566 -15.96 12.07 43.60
N ARG D 567 -14.72 12.55 43.45
CA ARG D 567 -14.76 13.69 42.51
C ARG D 567 -15.30 13.27 41.13
N MET D 568 -15.08 12.01 40.83
CA MET D 568 -15.40 11.53 39.48
C MET D 568 -16.82 11.04 39.50
N LEU D 569 -17.54 11.05 40.67
CA LEU D 569 -18.96 10.63 40.59
C LEU D 569 -19.65 11.03 39.28
N LEU D 570 -20.10 12.20 39.01
CA LEU D 570 -20.69 12.57 37.69
C LEU D 570 -19.66 12.96 36.64
N PRO D 571 -20.07 12.93 35.41
CA PRO D 571 -19.19 13.28 34.24
C PRO D 571 -18.95 14.74 34.21
N LYS D 572 -18.05 15.26 33.45
CA LYS D 572 -17.68 16.68 33.39
C LYS D 572 -18.71 17.61 32.83
N SER D 573 -19.21 17.38 31.69
CA SER D 573 -20.12 17.85 30.75
C SER D 573 -19.79 19.20 30.15
N LYS D 574 -20.85 19.94 29.72
CA LYS D 574 -20.52 21.28 29.08
C LYS D 574 -20.89 22.39 30.06
N PRO D 575 -20.37 23.58 29.80
CA PRO D 575 -20.64 24.77 30.59
C PRO D 575 -22.04 25.21 30.17
N GLU D 576 -22.58 24.82 29.05
CA GLU D 576 -23.97 25.18 28.60
C GLU D 576 -24.91 24.26 29.30
N GLY D 577 -24.44 23.05 29.51
CA GLY D 577 -25.12 21.98 30.26
C GLY D 577 -25.64 20.90 29.37
N MET D 578 -25.78 19.69 29.94
CA MET D 578 -26.31 18.67 28.92
C MET D 578 -27.35 18.03 29.85
N GLU D 579 -28.24 17.42 29.16
CA GLU D 579 -29.28 16.72 29.94
C GLU D 579 -28.90 15.26 29.59
N PHE D 580 -28.69 14.57 30.68
CA PHE D 580 -28.43 13.12 30.75
C PHE D 580 -29.87 12.62 31.16
N ASN D 581 -30.09 11.38 31.18
CA ASN D 581 -31.26 10.61 31.47
C ASN D 581 -31.11 9.88 32.76
N LEU D 582 -31.78 9.97 33.85
CA LEU D 582 -31.35 9.18 35.05
C LEU D 582 -32.27 8.00 35.19
N TYR D 583 -31.82 6.81 35.41
CA TYR D 583 -32.61 5.58 35.49
C TYR D 583 -32.50 5.15 36.90
N VAL D 584 -33.67 4.96 37.47
CA VAL D 584 -33.66 4.37 38.89
C VAL D 584 -34.52 3.13 38.59
N ALA D 585 -33.98 2.00 38.83
CA ALA D 585 -34.83 0.82 38.54
C ALA D 585 -34.79 0.28 39.99
N VAL D 586 -35.89 -0.11 40.53
CA VAL D 586 -35.74 -0.76 41.86
C VAL D 586 -36.34 -2.16 41.76
N THR D 587 -35.46 -3.04 41.98
CA THR D 587 -35.60 -4.50 41.97
C THR D 587 -35.77 -4.95 43.42
N ASP D 588 -36.12 -6.18 43.62
CA ASP D 588 -36.44 -6.88 44.83
C ASP D 588 -35.40 -7.54 45.70
N GLY D 589 -34.97 -6.80 46.66
CA GLY D 589 -34.01 -7.09 47.66
C GLY D 589 -34.05 -8.49 48.15
N ASP D 590 -35.21 -9.02 48.33
CA ASP D 590 -35.08 -10.40 48.91
C ASP D 590 -34.50 -11.50 48.03
N LYS D 591 -34.55 -11.17 46.77
CA LYS D 591 -34.09 -12.22 45.83
C LYS D 591 -32.72 -11.74 45.43
N ASP D 592 -32.48 -10.51 45.64
CA ASP D 592 -31.22 -9.99 45.17
C ASP D 592 -30.30 -10.61 46.15
N THR D 593 -30.30 -10.07 47.28
CA THR D 593 -29.40 -10.60 48.36
C THR D 593 -30.05 -11.87 48.76
N GLU D 594 -30.43 -12.70 47.84
CA GLU D 594 -31.11 -13.93 48.25
C GLU D 594 -30.09 -14.88 48.81
N GLY D 595 -29.12 -14.29 49.47
CA GLY D 595 -28.19 -15.22 50.09
C GLY D 595 -27.19 -14.57 50.97
N HIS D 596 -26.93 -13.25 50.83
CA HIS D 596 -25.82 -12.84 51.75
C HIS D 596 -25.71 -11.40 52.20
N HIS D 606 -16.07 -5.44 54.42
CA HIS D 606 -17.08 -5.49 53.35
C HIS D 606 -17.50 -6.63 52.41
N ALA D 607 -18.64 -6.30 51.74
CA ALA D 607 -19.09 -7.28 50.69
C ALA D 607 -19.10 -6.38 49.42
N GLN D 608 -18.42 -5.21 49.57
CA GLN D 608 -18.39 -4.32 48.39
C GLN D 608 -17.03 -4.60 47.71
N CYS D 609 -16.04 -4.53 48.59
CA CYS D 609 -14.68 -4.87 48.09
C CYS D 609 -14.51 -6.24 48.75
N GLY D 610 -14.84 -7.29 48.11
CA GLY D 610 -14.77 -8.62 48.81
C GLY D 610 -13.33 -9.13 48.89
N VAL D 611 -12.51 -8.14 49.17
CA VAL D 611 -11.09 -8.42 49.18
C VAL D 611 -10.66 -9.67 49.82
N HIS D 612 -11.46 -10.12 50.78
CA HIS D 612 -10.99 -11.32 51.49
C HIS D 612 -11.88 -12.54 51.42
N GLY D 613 -12.57 -12.73 50.29
CA GLY D 613 -13.33 -13.97 50.19
C GLY D 613 -14.79 -13.89 50.28
N GLU D 614 -15.15 -12.72 50.69
CA GLU D 614 -16.51 -12.23 50.95
C GLU D 614 -17.45 -12.32 49.76
N ALA D 615 -18.49 -13.14 49.81
CA ALA D 615 -19.37 -13.25 48.63
C ALA D 615 -20.05 -11.99 48.15
N TYR D 616 -19.88 -11.57 46.92
CA TYR D 616 -20.50 -10.30 46.45
C TYR D 616 -21.98 -10.45 46.82
N PRO D 617 -22.70 -9.58 47.48
CA PRO D 617 -24.08 -9.70 47.93
C PRO D 617 -25.30 -9.69 47.03
N ASP D 618 -25.25 -8.99 45.91
CA ASP D 618 -26.33 -8.80 44.92
C ASP D 618 -26.07 -10.06 44.05
N ASN D 619 -27.06 -10.68 43.51
CA ASN D 619 -26.99 -11.85 42.71
C ASN D 619 -27.36 -11.49 41.31
N ARG D 620 -28.01 -10.36 41.15
CA ARG D 620 -28.43 -10.05 39.71
C ARG D 620 -27.10 -10.02 39.02
N PRO D 621 -27.03 -10.19 37.75
CA PRO D 621 -25.78 -10.20 36.97
C PRO D 621 -25.16 -8.81 36.90
N LEU D 622 -24.18 -8.34 36.18
CA LEU D 622 -23.90 -6.92 36.54
C LEU D 622 -24.31 -5.93 35.51
N GLY D 623 -25.02 -4.88 35.82
CA GLY D 623 -25.43 -3.80 34.87
C GLY D 623 -26.98 -3.91 34.77
N TYR D 624 -27.55 -4.81 35.60
CA TYR D 624 -28.94 -5.16 35.74
C TYR D 624 -29.77 -3.92 36.01
N PRO D 625 -30.77 -3.66 35.24
CA PRO D 625 -31.16 -4.59 34.11
C PRO D 625 -30.82 -3.98 32.79
N LEU D 626 -29.70 -3.26 32.61
CA LEU D 626 -29.40 -2.67 31.33
C LEU D 626 -28.44 -3.54 30.53
N GLU D 627 -28.14 -4.74 31.12
CA GLU D 627 -27.06 -5.56 30.43
C GLU D 627 -27.67 -6.33 29.27
N ARG D 628 -28.97 -6.21 29.05
CA ARG D 628 -29.46 -7.04 27.91
C ARG D 628 -30.09 -6.33 26.72
N ARG D 629 -30.07 -6.94 25.54
CA ARG D 629 -30.58 -6.23 24.37
C ARG D 629 -31.95 -5.80 24.85
N ILE D 630 -32.40 -4.60 24.56
CA ILE D 630 -33.67 -3.96 24.90
C ILE D 630 -34.04 -3.34 23.55
N PRO D 631 -34.64 -4.21 22.78
CA PRO D 631 -35.17 -3.96 21.46
C PRO D 631 -36.43 -3.15 21.58
N ASP D 632 -37.37 -3.34 22.51
CA ASP D 632 -38.54 -2.37 22.31
C ASP D 632 -38.54 -1.75 23.71
N GLU D 633 -38.39 -0.44 23.70
CA GLU D 633 -38.28 0.27 24.95
C GLU D 633 -39.58 0.18 25.65
N ARG D 634 -40.49 -0.15 24.73
CA ARG D 634 -41.93 -0.31 24.99
C ARG D 634 -42.03 -0.97 26.37
N VAL D 635 -41.02 -1.85 26.61
CA VAL D 635 -41.06 -2.58 27.83
C VAL D 635 -40.46 -2.06 29.06
N ILE D 636 -39.30 -1.55 28.94
CA ILE D 636 -38.60 -1.10 30.25
C ILE D 636 -39.63 -0.15 30.80
N ASP D 637 -40.17 0.59 29.82
CA ASP D 637 -41.24 1.52 30.17
C ASP D 637 -42.50 1.02 30.89
N GLY D 638 -42.84 -0.20 31.11
CA GLY D 638 -44.13 -0.49 31.68
C GLY D 638 -44.11 -1.42 32.82
N VAL D 639 -43.00 -1.40 33.48
CA VAL D 639 -42.75 -2.17 34.75
C VAL D 639 -42.75 -0.97 35.72
N SER D 640 -43.46 -1.11 36.80
CA SER D 640 -43.67 -0.01 37.77
C SER D 640 -42.38 0.43 38.48
N ASN D 641 -41.57 -0.63 38.68
CA ASN D 641 -40.32 -0.31 39.40
C ASN D 641 -39.08 0.13 38.64
N ILE D 642 -39.34 0.75 37.52
CA ILE D 642 -38.19 1.26 36.75
C ILE D 642 -38.83 2.63 36.44
N LYS D 643 -38.19 3.75 36.42
CA LYS D 643 -38.68 5.09 36.09
C LYS D 643 -37.50 5.93 35.51
N HIS D 644 -37.74 6.80 34.54
CA HIS D 644 -36.40 7.46 34.16
C HIS D 644 -36.58 8.96 34.20
N VAL D 645 -35.72 9.84 34.59
CA VAL D 645 -36.21 11.24 34.62
C VAL D 645 -35.29 12.17 33.97
N VAL D 646 -35.34 13.21 33.22
CA VAL D 646 -33.98 13.71 32.78
C VAL D 646 -33.27 14.60 33.76
N VAL D 647 -31.98 14.62 33.96
CA VAL D 647 -31.27 15.55 34.83
C VAL D 647 -30.46 16.44 33.92
N LYS D 648 -29.75 17.40 34.45
CA LYS D 648 -28.95 18.33 33.60
C LYS D 648 -27.72 18.70 34.45
N ILE D 649 -26.55 18.67 33.84
CA ILE D 649 -25.28 18.91 34.54
C ILE D 649 -24.63 20.08 33.81
N VAL D 650 -24.17 20.81 34.84
CA VAL D 650 -23.43 22.01 34.43
C VAL D 650 -22.01 22.27 34.91
N HIS D 651 -21.29 22.89 33.90
CA HIS D 651 -19.85 22.96 34.25
C HIS D 651 -19.30 24.28 34.61
N HIS D 652 -18.93 24.43 35.87
CA HIS D 652 -18.40 25.76 36.12
C HIS D 652 -17.01 26.05 35.66
N LEU D 653 -16.99 27.11 34.87
CA LEU D 653 -15.58 27.43 34.47
C LEU D 653 -14.64 27.94 35.53
N ASP E 1 38.29 44.15 33.11
CA ASP E 1 39.24 45.12 32.52
C ASP E 1 40.22 45.74 33.55
N ALA E 2 41.14 46.47 32.92
CA ALA E 2 42.25 47.31 33.37
C ALA E 2 41.90 48.72 32.79
N LEU E 3 40.58 48.86 32.62
CA LEU E 3 39.83 49.92 31.93
C LEU E 3 40.47 49.78 30.47
N GLY E 4 40.33 48.48 30.16
CA GLY E 4 40.79 47.87 28.99
C GLY E 4 40.97 46.36 29.06
N THR E 5 42.05 46.20 28.35
CA THR E 5 42.69 44.93 27.99
C THR E 5 43.24 44.23 29.22
N GLY E 6 44.16 43.38 28.94
CA GLY E 6 45.06 42.40 29.54
C GLY E 6 44.81 41.29 28.47
N ASN E 7 44.28 40.23 28.91
CA ASN E 7 43.83 39.04 28.22
C ASN E 7 43.70 38.14 29.45
N ALA E 8 44.74 38.11 30.23
CA ALA E 8 44.38 37.26 31.42
C ALA E 8 43.25 38.03 32.07
N GLN E 9 42.53 38.94 31.56
CA GLN E 9 41.46 39.80 32.02
C GLN E 9 40.28 39.48 31.12
N LYS E 10 40.64 39.86 29.88
CA LYS E 10 39.56 39.59 28.88
C LYS E 10 39.10 38.16 29.26
N GLN E 11 40.07 37.23 29.29
CA GLN E 11 39.93 35.85 29.58
C GLN E 11 39.16 35.68 30.90
N GLN E 12 39.73 36.36 31.89
CA GLN E 12 38.99 36.13 33.18
C GLN E 12 37.50 36.41 33.03
N ASP E 13 37.26 37.63 32.57
CA ASP E 13 35.90 38.11 32.36
C ASP E 13 35.06 37.03 31.74
N ILE E 14 35.47 36.43 30.65
CA ILE E 14 34.77 35.35 29.91
C ILE E 14 34.51 34.19 30.90
N ASN E 15 35.58 33.65 31.52
CA ASN E 15 35.27 32.53 32.41
C ASN E 15 34.20 32.88 33.44
N HIS E 16 34.18 34.11 33.87
CA HIS E 16 33.15 34.44 34.90
C HIS E 16 31.73 34.38 34.41
N LEU E 17 31.66 34.90 33.22
CA LEU E 17 30.49 35.06 32.38
C LEU E 17 29.96 33.67 32.08
N LEU E 18 30.71 32.69 31.57
CA LEU E 18 30.07 31.41 31.31
C LEU E 18 30.31 30.60 32.57
N ASP E 19 30.41 30.98 33.83
CA ASP E 19 30.52 30.11 34.99
C ASP E 19 29.10 29.62 35.28
N LYS E 20 28.69 28.90 36.29
CA LYS E 20 27.27 28.45 36.55
C LYS E 20 26.35 29.26 35.67
N ILE E 21 25.97 28.69 34.54
CA ILE E 21 25.18 29.50 33.57
C ILE E 21 23.71 29.36 33.66
N TYR E 22 23.24 28.43 34.41
CA TYR E 22 21.80 28.26 34.55
C TYR E 22 21.42 29.03 35.78
N GLU E 23 22.24 29.96 36.28
CA GLU E 23 21.84 30.71 37.49
C GLU E 23 22.51 32.07 37.55
N PRO E 24 21.81 33.08 37.94
CA PRO E 24 22.26 34.46 38.11
C PRO E 24 23.70 34.57 38.57
N THR E 25 24.55 35.47 38.09
CA THR E 25 25.89 35.35 38.61
C THR E 25 26.21 35.75 40.00
N LYS E 26 27.20 34.93 40.32
CA LYS E 26 27.76 35.02 41.71
C LYS E 26 28.95 35.94 41.74
N TYR E 27 29.47 36.51 40.69
CA TYR E 27 30.63 37.38 40.75
C TYR E 27 30.09 38.80 40.76
N PRO E 28 30.11 39.41 41.91
CA PRO E 28 29.66 40.73 42.25
C PRO E 28 29.85 41.85 41.27
N ASP E 29 30.98 41.90 40.64
CA ASP E 29 31.21 43.00 39.67
C ASP E 29 30.19 42.77 38.54
N LEU E 30 30.13 41.54 38.08
CA LEU E 30 29.17 41.11 37.05
C LEU E 30 27.87 41.57 37.60
N LYS E 31 27.52 41.44 38.86
CA LYS E 31 26.24 42.02 39.17
C LYS E 31 26.13 43.51 39.31
N ASP E 32 26.96 44.30 39.88
CA ASP E 32 26.49 45.73 39.91
C ASP E 32 26.50 46.14 38.46
N ILE E 33 27.24 45.42 37.65
CA ILE E 33 27.16 45.93 36.26
C ILE E 33 25.77 45.74 35.72
N ALA E 34 25.49 44.49 36.04
CA ALA E 34 24.24 43.85 35.68
C ALA E 34 23.05 44.75 36.01
N GLU E 35 23.26 45.51 37.07
CA GLU E 35 22.17 46.31 37.58
C GLU E 35 22.24 47.74 37.15
N ASN E 36 23.45 48.18 37.45
CA ASN E 36 23.76 49.60 37.22
C ASN E 36 23.85 50.10 35.79
N PHE E 37 24.38 49.25 34.88
CA PHE E 37 24.61 49.63 33.47
C PHE E 37 23.36 49.90 32.68
N ASN E 38 23.56 50.70 31.67
CA ASN E 38 22.50 51.18 30.73
C ASN E 38 23.17 51.28 29.33
N PRO E 39 22.80 50.26 28.55
CA PRO E 39 23.45 50.11 27.28
C PRO E 39 23.18 51.25 26.37
N LEU E 40 22.35 52.09 26.92
CA LEU E 40 21.90 53.27 26.20
C LEU E 40 22.27 54.65 26.65
N GLY E 41 23.40 54.76 27.39
CA GLY E 41 23.73 56.13 27.81
C GLY E 41 25.05 56.65 27.33
N ASP E 42 25.67 56.26 26.27
CA ASP E 42 27.00 56.85 25.87
C ASP E 42 27.20 55.98 24.65
N THR E 43 26.34 56.28 23.75
CA THR E 43 26.24 55.61 22.41
C THR E 43 27.55 56.20 21.93
N SER E 44 28.60 55.47 22.08
CA SER E 44 29.84 56.19 21.64
C SER E 44 30.85 55.07 21.73
N ILE E 45 30.43 54.22 22.68
CA ILE E 45 31.27 53.02 22.91
C ILE E 45 31.12 52.07 21.69
N TYR E 46 29.89 52.32 21.17
CA TYR E 46 29.26 51.71 20.03
C TYR E 46 29.71 52.26 18.69
N ASN E 47 30.20 51.53 17.73
CA ASN E 47 30.51 52.15 16.47
C ASN E 47 29.16 52.28 15.76
N ASP E 48 28.02 51.98 16.36
CA ASP E 48 26.85 52.14 15.52
C ASP E 48 26.15 53.38 16.08
N HIS E 49 26.66 53.93 17.14
CA HIS E 49 25.81 55.06 17.65
C HIS E 49 24.61 54.28 18.25
N GLY E 50 25.01 53.02 18.49
CA GLY E 50 24.13 52.13 19.13
C GLY E 50 22.72 51.71 18.82
N ALA E 51 22.65 51.52 17.49
CA ALA E 51 21.42 51.07 16.84
C ALA E 51 21.26 49.62 17.21
N ALA E 52 22.40 48.97 17.39
CA ALA E 52 22.25 47.56 17.78
C ALA E 52 21.77 47.65 19.21
N VAL E 53 22.47 48.27 20.06
CA VAL E 53 21.92 48.23 21.43
C VAL E 53 20.49 48.68 21.48
N GLU E 54 20.38 49.78 20.76
CA GLU E 54 18.99 50.28 20.79
C GLU E 54 18.06 49.25 20.27
N THR E 55 18.43 48.14 19.68
CA THR E 55 17.32 47.26 19.17
C THR E 55 16.92 46.05 20.04
N LEU E 56 17.97 45.87 20.82
CA LEU E 56 17.79 44.78 21.71
C LEU E 56 17.01 45.48 22.76
N MET E 57 17.36 46.63 23.25
CA MET E 57 16.55 47.10 24.37
C MET E 57 15.12 47.09 23.98
N LYS E 58 14.99 47.63 22.74
CA LYS E 58 13.56 47.69 22.36
C LYS E 58 12.76 46.42 22.61
N GLU E 59 13.37 45.30 22.32
CA GLU E 59 12.75 44.03 22.46
C GLU E 59 12.81 43.63 23.88
N LEU E 60 13.89 43.85 24.56
CA LEU E 60 13.91 43.40 25.96
C LEU E 60 12.84 44.14 26.74
N ASN E 61 12.48 45.30 26.26
CA ASN E 61 11.52 46.27 26.76
C ASN E 61 10.13 45.82 26.57
N ASP E 62 9.69 45.60 25.36
CA ASP E 62 8.32 45.13 25.06
C ASP E 62 8.32 43.70 25.62
N HIS E 63 9.47 43.33 26.11
CA HIS E 63 9.67 41.97 26.59
C HIS E 63 8.85 41.00 25.68
N ARG E 64 9.56 40.83 24.59
CA ARG E 64 9.24 40.03 23.43
C ARG E 64 10.48 39.18 23.07
N LEU E 65 11.48 39.05 23.89
CA LEU E 65 12.68 38.22 23.68
C LEU E 65 12.44 36.81 24.24
N LEU E 66 12.92 35.61 23.97
CA LEU E 66 12.62 34.34 24.64
C LEU E 66 12.92 34.31 26.14
N GLU E 67 12.15 33.58 26.91
CA GLU E 67 12.44 33.56 28.33
C GLU E 67 13.66 32.82 28.79
N GLN E 68 13.98 33.09 30.03
CA GLN E 68 15.21 32.41 30.57
C GLN E 68 14.75 31.01 30.96
N ARG E 69 15.73 30.17 31.23
CA ARG E 69 15.51 28.78 31.68
C ARG E 69 14.52 28.15 30.77
N HIS E 70 14.80 28.00 29.49
CA HIS E 70 13.73 27.43 28.52
C HIS E 70 14.61 26.86 27.42
N TRP E 71 14.19 26.08 26.44
CA TRP E 71 15.33 25.65 25.55
C TRP E 71 15.62 26.51 24.38
N TYR E 72 16.66 26.04 23.64
CA TYR E 72 16.84 26.92 22.43
C TYR E 72 17.51 26.22 21.28
N SER E 73 16.89 26.32 20.09
CA SER E 73 17.70 25.63 19.01
C SER E 73 18.10 26.82 18.12
N LEU E 74 19.09 26.85 17.34
CA LEU E 74 19.67 27.83 16.48
C LEU E 74 18.95 27.67 15.17
N PHE E 75 18.12 26.63 15.21
CA PHE E 75 17.26 26.44 13.98
C PHE E 75 15.99 27.26 14.24
N ASN E 76 15.67 27.78 15.43
CA ASN E 76 14.42 28.65 15.51
C ASN E 76 14.42 30.06 14.82
N THR E 77 13.73 30.29 13.72
CA THR E 77 14.00 31.65 13.23
C THR E 77 13.80 32.68 14.27
N ARG E 78 13.12 32.56 15.40
CA ARG E 78 13.14 33.81 16.18
C ARG E 78 14.30 33.72 17.13
N GLN E 79 14.39 32.54 17.76
CA GLN E 79 15.47 32.42 18.77
C GLN E 79 16.77 32.86 18.15
N ARG E 80 16.91 32.57 16.85
CA ARG E 80 18.19 32.87 16.22
C ARG E 80 18.25 34.38 16.18
N LYS E 81 17.14 34.86 15.59
CA LYS E 81 17.21 36.37 15.50
C LYS E 81 17.57 37.00 16.87
N GLU E 82 16.96 36.55 17.98
CA GLU E 82 17.26 37.15 19.25
C GLU E 82 18.72 36.87 19.59
N ALA E 83 19.19 35.66 19.42
CA ALA E 83 20.58 35.36 19.83
C ALA E 83 21.47 36.26 18.99
N LEU E 84 21.12 36.44 17.77
CA LEU E 84 22.10 37.19 16.94
C LEU E 84 21.92 38.57 17.28
N MET E 85 20.99 39.03 18.14
CA MET E 85 20.95 40.58 18.27
C MET E 85 22.13 40.78 19.29
N LEU E 86 22.28 39.79 20.22
CA LEU E 86 23.31 40.03 21.21
C LEU E 86 24.64 40.15 20.51
N PHE E 87 24.83 39.34 19.48
CA PHE E 87 26.08 39.34 18.71
C PHE E 87 26.24 40.73 18.16
N ALA E 88 25.24 41.32 17.54
CA ALA E 88 25.50 42.70 17.04
C ALA E 88 25.81 43.75 18.09
N VAL E 89 25.67 43.58 19.38
CA VAL E 89 25.96 44.72 20.29
C VAL E 89 27.42 44.39 20.51
N LEU E 90 27.56 43.35 21.33
CA LEU E 90 28.95 42.85 21.61
C LEU E 90 29.81 43.12 20.40
N ASN E 91 29.25 43.04 19.20
CA ASN E 91 30.04 43.29 17.97
C ASN E 91 30.58 44.72 17.76
N GLN E 92 29.64 45.67 18.04
CA GLN E 92 30.15 47.04 17.84
C GLN E 92 30.70 47.83 19.02
N CYS E 93 31.34 47.14 19.89
CA CYS E 93 31.98 47.72 21.03
C CYS E 93 33.35 48.21 20.51
N LYS E 94 33.72 49.35 21.14
CA LYS E 94 35.06 49.90 20.79
C LYS E 94 35.94 49.18 21.76
N GLU E 95 35.57 48.90 22.99
CA GLU E 95 36.52 48.17 23.85
C GLU E 95 35.98 47.31 24.95
N TRP E 96 36.80 46.55 25.72
CA TRP E 96 36.26 45.72 26.82
C TRP E 96 35.19 46.39 27.65
N TYR E 97 35.45 47.66 28.07
CA TYR E 97 34.37 48.37 28.83
C TYR E 97 32.98 48.11 28.23
N CYS E 98 32.76 48.04 26.95
CA CYS E 98 31.44 47.83 26.32
C CYS E 98 31.08 46.36 26.24
N PHE E 99 32.08 45.49 26.14
CA PHE E 99 31.69 44.08 26.05
C PHE E 99 31.25 43.60 27.42
N ARG E 100 32.16 43.63 28.39
CA ARG E 100 31.83 43.06 29.71
C ARG E 100 30.51 43.64 30.12
N SER E 101 30.46 44.96 29.91
CA SER E 101 29.19 45.61 30.35
C SER E 101 27.96 44.89 29.87
N ASN E 102 27.96 44.86 28.49
CA ASN E 102 26.83 44.17 27.84
C ASN E 102 26.80 42.69 28.20
N ALA E 103 27.85 41.93 27.98
CA ALA E 103 27.55 40.47 28.33
C ALA E 103 27.54 40.47 29.78
N ALA E 104 26.63 40.93 30.55
CA ALA E 104 26.68 41.00 32.05
C ALA E 104 25.21 41.46 32.10
N TYR E 105 25.15 42.68 31.52
CA TYR E 105 23.76 43.30 31.51
C TYR E 105 22.69 42.37 30.99
N PHE E 106 23.10 41.86 29.80
CA PHE E 106 22.29 40.87 29.01
C PHE E 106 22.32 39.44 29.65
N ARG E 107 23.56 38.96 29.88
CA ARG E 107 23.69 37.62 30.47
C ARG E 107 22.61 37.29 31.47
N GLU E 108 22.30 38.29 32.24
CA GLU E 108 21.36 38.39 33.35
C GLU E 108 19.93 38.56 32.92
N ARG E 109 19.54 38.90 31.72
CA ARG E 109 18.09 38.84 31.48
C ARG E 109 17.72 38.29 30.10
N MET E 110 18.58 37.77 29.33
CA MET E 110 18.35 37.20 27.97
C MET E 110 18.47 35.73 28.28
N ASN E 111 17.94 34.90 27.42
CA ASN E 111 18.01 33.46 27.80
C ASN E 111 19.34 32.78 27.82
N GLU E 112 19.67 31.67 28.48
CA GLU E 112 20.99 31.10 28.35
C GLU E 112 21.60 30.69 27.04
N GLY E 113 20.86 30.18 26.12
CA GLY E 113 21.42 29.58 24.81
C GLY E 113 21.62 30.71 23.84
N GLU E 114 20.63 31.64 23.98
CA GLU E 114 20.82 32.80 23.06
C GLU E 114 22.16 33.31 23.61
N PHE E 115 22.23 33.47 24.96
CA PHE E 115 23.46 33.96 25.56
C PHE E 115 24.69 33.09 25.32
N VAL E 116 24.62 31.83 25.69
CA VAL E 116 25.84 31.10 25.39
C VAL E 116 26.26 31.32 23.92
N TYR E 117 25.25 31.13 23.05
CA TYR E 117 25.47 31.22 21.58
C TYR E 117 25.97 32.61 21.25
N ALA E 118 25.42 33.68 21.70
CA ALA E 118 25.98 34.99 21.31
C ALA E 118 27.35 35.22 21.85
N LEU E 119 27.54 34.84 23.13
CA LEU E 119 28.91 35.17 23.64
C LEU E 119 29.99 34.47 22.80
N TYR E 120 29.76 33.18 22.44
CA TYR E 120 30.78 32.54 21.64
C TYR E 120 31.04 33.08 20.25
N VAL E 121 30.01 33.22 19.49
CA VAL E 121 30.21 33.70 18.15
C VAL E 121 30.91 35.04 18.15
N SER E 122 30.54 35.84 19.14
CA SER E 122 31.05 37.20 19.31
C SER E 122 32.52 37.21 19.68
N VAL E 123 32.69 36.30 20.61
CA VAL E 123 34.14 36.23 20.98
C VAL E 123 34.88 35.80 19.74
N ILE E 124 34.55 34.81 18.94
CA ILE E 124 35.15 34.23 17.75
C ILE E 124 35.31 35.24 16.62
N HIS E 125 34.40 36.03 16.23
CA HIS E 125 34.42 36.97 15.17
C HIS E 125 34.75 38.40 15.39
N SER E 126 34.38 38.97 16.49
CA SER E 126 34.64 40.36 16.88
C SER E 126 36.18 40.49 17.23
N LYS E 127 36.47 41.67 16.73
CA LYS E 127 37.81 42.37 16.65
C LYS E 127 38.48 42.24 18.00
N LEU E 128 37.60 42.57 18.99
CA LEU E 128 37.95 42.59 20.40
C LEU E 128 38.19 41.28 21.09
N GLY E 129 38.28 40.17 20.39
CA GLY E 129 38.40 38.98 21.21
C GLY E 129 39.60 38.23 20.90
N ASP E 130 40.64 38.91 20.68
CA ASP E 130 41.84 38.10 20.33
C ASP E 130 42.47 37.17 21.33
N GLY E 131 42.91 37.74 22.44
CA GLY E 131 43.57 36.92 23.47
C GLY E 131 42.82 35.66 23.91
N ILE E 132 41.49 35.60 23.86
CA ILE E 132 40.81 34.45 24.41
C ILE E 132 40.74 33.06 23.88
N VAL E 133 40.71 32.12 24.75
CA VAL E 133 40.38 30.73 24.53
C VAL E 133 38.97 30.44 25.13
N LEU E 134 38.01 29.87 24.43
CA LEU E 134 36.71 29.64 25.10
C LEU E 134 36.74 28.30 25.82
N PRO E 135 36.18 28.20 26.99
CA PRO E 135 36.06 26.91 27.73
C PRO E 135 35.39 25.93 26.79
N PRO E 136 35.47 24.66 26.93
CA PRO E 136 34.82 23.70 26.03
C PRO E 136 33.32 23.57 26.25
N LEU E 137 32.54 23.74 25.13
CA LEU E 137 31.08 23.59 25.41
C LEU E 137 30.73 22.45 26.38
N TYR E 138 31.25 21.28 26.17
CA TYR E 138 30.94 20.12 26.96
C TYR E 138 31.01 20.40 28.45
N GLN E 139 31.86 21.34 28.85
CA GLN E 139 31.82 21.56 30.33
C GLN E 139 30.94 22.72 30.66
N ILE E 140 30.73 23.73 29.87
CA ILE E 140 29.90 24.86 30.20
C ILE E 140 28.42 24.44 30.22
N THR E 141 27.94 23.67 29.29
CA THR E 141 26.51 23.22 29.21
C THR E 141 26.46 21.75 28.90
N PRO E 142 26.75 20.89 29.86
CA PRO E 142 26.96 19.47 29.75
C PRO E 142 25.82 18.61 29.34
N HIS E 143 24.76 19.35 29.40
CA HIS E 143 23.57 18.55 28.98
C HIS E 143 23.56 18.27 27.48
N MET E 144 24.20 18.95 26.65
CA MET E 144 24.20 18.75 25.25
C MET E 144 25.26 17.71 24.87
N PHE E 145 26.02 17.39 25.86
CA PHE E 145 27.11 16.47 25.42
C PHE E 145 27.17 15.26 26.29
N THR E 146 26.78 15.19 27.48
CA THR E 146 26.72 13.97 28.27
C THR E 146 25.31 13.41 28.16
N ASN E 147 25.30 12.12 28.36
CA ASN E 147 24.20 11.18 28.41
C ASN E 147 23.00 11.53 29.31
N SER E 148 22.07 10.64 29.53
CA SER E 148 20.99 11.08 30.37
C SER E 148 21.08 10.51 31.76
N GLU E 149 21.90 9.48 31.65
CA GLU E 149 22.13 8.72 32.93
C GLU E 149 23.21 9.44 33.66
N VAL E 150 24.34 9.67 32.97
CA VAL E 150 25.31 10.39 33.80
C VAL E 150 24.76 11.65 34.35
N ILE E 151 23.83 12.25 33.59
CA ILE E 151 23.31 13.52 34.09
C ILE E 151 22.53 13.33 35.34
N ASP E 152 21.75 12.24 35.24
CA ASP E 152 20.96 12.05 36.52
C ASP E 152 21.92 11.67 37.63
N LYS E 153 23.06 11.03 37.37
CA LYS E 153 23.94 10.58 38.46
C LYS E 153 24.57 11.81 39.05
N ALA E 154 24.71 12.78 38.15
CA ALA E 154 25.38 13.96 38.71
C ALA E 154 24.39 14.72 39.57
N TYR E 155 23.11 14.62 39.25
CA TYR E 155 22.04 15.35 39.98
C TYR E 155 21.96 14.71 41.37
N SER E 156 22.24 13.42 41.39
CA SER E 156 22.16 12.86 42.73
C SER E 156 23.36 13.25 43.55
N ALA E 157 24.51 13.20 42.91
CA ALA E 157 25.78 13.57 43.59
C ALA E 157 25.32 14.83 44.32
N LYS E 158 25.04 15.83 43.53
CA LYS E 158 24.60 17.07 44.11
C LYS E 158 23.53 16.92 45.17
N MET E 159 22.40 16.25 44.99
CA MET E 159 21.35 16.24 46.05
C MET E 159 22.05 15.90 47.37
N THR E 160 22.77 14.79 47.33
CA THR E 160 23.46 14.33 48.51
C THR E 160 24.78 14.94 48.76
N GLN E 161 25.34 15.79 47.97
CA GLN E 161 26.65 16.34 48.38
C GLN E 161 27.79 15.39 48.55
N LYS E 162 27.80 14.32 47.85
CA LYS E 162 28.87 13.32 47.90
C LYS E 162 29.24 13.37 46.44
N PRO E 163 30.45 13.56 46.13
CA PRO E 163 31.08 13.69 44.87
C PRO E 163 31.44 12.40 44.13
N GLY E 164 32.00 12.76 42.94
CA GLY E 164 32.50 11.69 42.10
C GLY E 164 32.25 11.45 40.64
N THR E 165 33.23 10.80 39.99
CA THR E 165 33.01 10.64 38.56
C THR E 165 32.27 9.43 38.08
N PHE E 166 31.36 9.55 37.13
CA PHE E 166 30.62 8.44 36.59
C PHE E 166 31.14 8.30 35.12
N ASN E 167 31.06 7.01 34.82
CA ASN E 167 31.55 6.46 33.56
C ASN E 167 30.34 6.41 32.67
N VAL E 168 30.56 6.98 31.50
CA VAL E 168 29.43 7.03 30.51
C VAL E 168 29.46 5.81 29.61
N SER E 169 28.32 5.60 29.05
CA SER E 169 27.98 4.48 28.21
C SER E 169 28.01 4.09 26.76
N PHE E 170 27.50 4.89 25.81
CA PHE E 170 27.38 4.53 24.37
C PHE E 170 25.87 4.27 24.31
N THR E 171 25.41 4.48 23.07
CA THR E 171 23.94 4.46 22.93
C THR E 171 22.96 3.34 22.98
N GLY E 172 22.57 2.75 21.87
CA GLY E 172 21.54 1.67 21.91
C GLY E 172 22.31 0.47 22.53
N THR E 173 21.63 -0.63 22.26
CA THR E 173 21.87 -1.98 22.57
C THR E 173 22.94 -2.45 21.54
N LYS E 174 24.00 -1.97 22.11
CA LYS E 174 25.38 -2.26 21.52
C LYS E 174 25.10 -3.80 21.47
N LYS E 175 25.63 -4.32 20.36
CA LYS E 175 25.46 -5.73 20.03
C LYS E 175 23.95 -5.83 19.85
N ASN E 176 23.46 -5.30 18.84
CA ASN E 176 22.09 -5.25 18.47
C ASN E 176 22.09 -4.20 17.39
N ARG E 177 22.99 -3.21 17.27
CA ARG E 177 22.90 -2.31 16.11
C ARG E 177 23.95 -2.00 15.06
N GLU E 178 24.32 -0.73 15.22
CA GLU E 178 25.28 -0.01 14.38
C GLU E 178 25.53 1.21 15.27
N GLN E 179 25.43 0.81 16.51
CA GLN E 179 25.77 1.71 17.70
C GLN E 179 27.00 0.85 18.08
N ARG E 180 27.85 0.86 17.09
CA ARG E 180 29.04 0.09 16.88
C ARG E 180 29.97 1.04 16.16
N VAL E 181 29.32 2.05 15.62
CA VAL E 181 30.23 3.04 14.98
C VAL E 181 29.87 4.30 15.69
N ALA E 182 29.36 4.26 16.92
CA ALA E 182 28.93 5.26 17.90
C ALA E 182 29.99 6.16 18.47
N TYR E 183 31.09 5.48 18.70
CA TYR E 183 32.30 6.11 19.31
C TYR E 183 32.61 7.33 18.45
N PHE E 184 32.24 7.27 17.18
CA PHE E 184 32.56 8.36 16.31
C PHE E 184 31.59 9.52 16.43
N GLY E 185 30.30 9.26 16.29
CA GLY E 185 29.37 10.35 16.40
C GLY E 185 29.17 11.05 17.74
N GLU E 186 29.35 10.18 18.70
CA GLU E 186 29.14 10.58 20.05
C GLU E 186 30.21 11.19 20.84
N ASP E 187 31.35 11.41 20.15
CA ASP E 187 32.62 11.97 20.78
C ASP E 187 32.54 13.46 21.06
N ILE E 188 33.03 13.84 22.23
CA ILE E 188 32.87 15.29 22.58
C ILE E 188 33.82 16.07 21.73
N GLY E 189 34.66 15.47 20.97
CA GLY E 189 35.57 16.25 20.21
C GLY E 189 35.00 16.66 18.87
N MET E 190 34.31 15.62 18.37
CA MET E 190 33.77 15.87 16.96
C MET E 190 32.58 16.76 17.23
N ASN E 191 31.89 16.36 18.28
CA ASN E 191 30.79 17.31 18.50
C ASN E 191 31.36 18.69 18.71
N ILE E 192 32.43 18.80 19.39
CA ILE E 192 32.91 20.22 19.49
C ILE E 192 33.18 20.76 18.07
N HIS E 193 34.19 20.27 17.31
CA HIS E 193 34.38 20.77 15.93
C HIS E 193 33.09 21.03 15.15
N HIS E 194 32.16 20.12 15.14
CA HIS E 194 30.95 20.31 14.32
C HIS E 194 30.38 21.64 14.69
N VAL E 195 30.18 21.93 15.99
CA VAL E 195 29.60 23.22 16.34
C VAL E 195 30.62 24.30 15.98
N THR E 196 31.87 24.11 16.39
CA THR E 196 32.73 25.29 16.05
C THR E 196 32.74 25.70 14.56
N TRP E 197 32.92 24.59 13.76
CA TRP E 197 33.00 24.73 12.30
C TRP E 197 31.92 25.70 11.87
N HIS E 198 30.72 25.43 12.33
CA HIS E 198 29.60 26.38 11.97
C HIS E 198 29.46 27.61 12.85
N MET E 199 30.48 28.14 13.51
CA MET E 199 30.35 29.32 14.45
C MET E 199 31.48 30.10 13.76
N ASP E 200 32.44 29.32 13.24
CA ASP E 200 33.56 29.94 12.52
C ASP E 200 32.95 30.50 11.21
N PHE E 201 32.20 29.63 10.49
CA PHE E 201 31.57 30.17 9.28
C PHE E 201 30.08 29.83 9.39
N PRO E 202 29.43 30.83 9.93
CA PRO E 202 28.01 30.65 10.09
C PRO E 202 27.23 30.80 8.80
N PHE E 203 26.13 30.09 8.71
CA PHE E 203 25.15 30.17 7.64
C PHE E 203 24.54 31.62 7.70
N TRP E 204 24.35 32.32 8.78
CA TRP E 204 23.75 33.62 8.83
C TRP E 204 24.67 34.75 8.62
N TRP E 205 25.88 34.61 8.20
CA TRP E 205 26.74 35.81 8.18
C TRP E 205 26.46 36.86 7.23
N GLU E 206 26.39 38.10 7.30
CA GLU E 206 26.17 39.00 6.18
C GLU E 206 27.46 39.76 6.06
N ASP E 207 28.02 40.38 5.07
CA ASP E 207 29.34 40.98 5.19
C ASP E 207 29.27 42.35 5.83
N SER E 208 28.15 42.68 6.42
CA SER E 208 27.93 43.93 7.13
C SER E 208 28.64 43.64 8.43
N TYR E 209 28.60 42.41 8.86
CA TYR E 209 29.26 42.20 10.19
C TYR E 209 30.74 42.58 10.18
N GLY E 210 31.35 42.86 9.02
CA GLY E 210 32.74 43.22 9.04
C GLY E 210 33.80 42.82 8.11
N TYR E 211 33.66 41.63 7.53
CA TYR E 211 34.69 40.99 6.62
C TYR E 211 33.98 39.90 5.91
N HIS E 212 34.64 39.13 5.11
CA HIS E 212 33.75 38.15 4.33
C HIS E 212 34.31 36.80 4.59
N LEU E 213 33.61 35.79 4.97
CA LEU E 213 34.46 34.57 5.21
C LEU E 213 34.69 34.19 3.76
N ASP E 214 35.84 33.83 3.32
CA ASP E 214 36.29 33.48 2.08
C ASP E 214 35.66 32.43 1.20
N ARG E 215 35.74 31.19 1.63
CA ARG E 215 35.08 30.28 0.52
C ARG E 215 34.03 29.46 1.16
N LYS E 216 33.39 30.07 2.24
CA LYS E 216 32.41 29.16 2.95
C LYS E 216 31.55 28.92 1.71
N GLY E 217 31.49 27.65 1.44
CA GLY E 217 30.64 27.54 0.08
C GLY E 217 31.46 26.28 -0.21
N GLU E 218 32.70 26.39 -0.58
CA GLU E 218 33.44 25.18 -0.79
C GLU E 218 33.74 24.55 0.55
N LEU E 219 33.99 25.60 1.42
CA LEU E 219 34.29 25.20 2.88
C LEU E 219 33.06 24.39 3.26
N PHE E 220 31.84 24.88 3.07
CA PHE E 220 30.73 23.93 3.40
C PHE E 220 30.76 22.62 2.60
N PHE E 221 30.91 22.58 1.29
CA PHE E 221 30.96 21.43 0.39
C PHE E 221 31.68 20.28 1.15
N TRP E 222 33.04 20.60 1.28
CA TRP E 222 34.16 19.91 1.90
C TRP E 222 34.07 19.50 3.37
N VAL E 223 33.71 20.44 4.28
CA VAL E 223 33.70 19.92 5.62
C VAL E 223 32.78 18.72 5.74
N HIS E 224 31.68 18.80 5.06
CA HIS E 224 30.75 17.66 5.31
C HIS E 224 31.02 16.35 4.60
N HIS E 225 31.76 16.64 3.51
CA HIS E 225 32.18 15.45 2.64
C HIS E 225 33.18 14.73 3.52
N GLN E 226 33.85 15.56 4.31
CA GLN E 226 34.82 14.89 5.18
C GLN E 226 34.16 14.10 6.26
N LEU E 227 33.25 14.75 7.03
CA LEU E 227 32.62 13.88 8.03
C LEU E 227 32.00 12.76 7.11
N THR E 228 31.35 12.96 6.00
CA THR E 228 30.80 11.73 5.47
C THR E 228 31.74 10.62 5.07
N ALA E 229 32.96 11.02 4.72
CA ALA E 229 33.91 9.93 4.41
C ALA E 229 34.40 9.26 5.71
N ARG E 230 34.84 10.26 6.56
CA ARG E 230 35.43 9.83 7.87
C ARG E 230 34.35 8.85 8.41
N PHE E 231 33.06 9.16 8.38
CA PHE E 231 32.12 8.26 8.92
C PHE E 231 32.14 6.96 8.19
N ASP E 232 32.07 7.07 6.85
CA ASP E 232 32.03 5.80 5.98
C ASP E 232 33.25 4.90 6.33
N PHE E 233 34.45 5.49 6.51
CA PHE E 233 35.50 4.59 6.93
C PHE E 233 35.17 3.86 8.27
N GLU E 234 34.74 4.63 9.32
CA GLU E 234 34.55 3.87 10.56
C GLU E 234 33.59 2.73 10.30
N ARG E 235 32.60 2.93 9.47
CA ARG E 235 31.64 1.81 9.28
C ARG E 235 32.31 0.68 8.53
N LEU E 236 33.40 0.98 7.83
CA LEU E 236 34.17 -0.13 7.13
C LEU E 236 34.85 -1.10 8.16
N SER E 237 35.57 -0.39 9.02
CA SER E 237 36.22 -1.04 10.12
C SER E 237 35.06 -1.66 10.84
N ASN E 238 33.80 -1.51 10.73
CA ASN E 238 32.99 -2.39 11.61
C ASN E 238 32.17 -3.40 10.87
N TRP E 239 32.67 -3.86 9.74
CA TRP E 239 31.90 -4.92 9.01
C TRP E 239 30.58 -4.22 8.60
N LEU E 240 30.53 -2.86 8.75
CA LEU E 240 29.23 -2.33 8.26
C LEU E 240 29.42 -1.85 6.84
N ASP E 241 28.37 -1.62 6.10
CA ASP E 241 28.48 -1.17 4.66
C ASP E 241 28.32 0.29 4.45
N PRO E 242 28.96 0.95 3.55
CA PRO E 242 28.84 2.44 3.33
C PRO E 242 27.49 3.07 3.61
N VAL E 243 27.18 4.31 4.01
CA VAL E 243 25.76 4.59 4.25
C VAL E 243 24.80 4.92 3.17
N ASP E 244 23.60 4.57 3.35
CA ASP E 244 22.42 4.75 2.43
C ASP E 244 22.28 6.26 2.19
N GLU E 245 21.90 6.77 1.08
CA GLU E 245 21.75 8.26 0.96
C GLU E 245 20.35 8.43 1.39
N LEU E 246 19.76 9.40 1.98
CA LEU E 246 18.32 9.43 2.42
C LEU E 246 17.32 9.79 1.38
N HIS E 247 16.10 9.37 1.13
CA HIS E 247 15.39 10.01 0.04
C HIS E 247 14.03 10.60 0.58
N TRP E 248 13.39 11.56 -0.13
CA TRP E 248 12.22 11.92 0.64
C TRP E 248 11.13 10.98 0.33
N ASP E 249 11.20 10.23 -0.72
CA ASP E 249 10.07 9.34 -0.96
C ASP E 249 10.36 8.05 -0.22
N ARG E 250 11.33 7.79 0.61
CA ARG E 250 11.33 6.46 1.23
C ARG E 250 11.20 6.27 2.69
N ILE E 251 11.20 5.11 3.34
CA ILE E 251 11.01 5.17 4.79
C ILE E 251 12.42 5.59 5.25
N ILE E 252 12.42 6.05 6.55
CA ILE E 252 13.72 6.47 7.14
C ILE E 252 13.90 5.08 7.75
N ARG E 253 14.68 4.27 7.13
CA ARG E 253 14.85 2.91 7.64
C ARG E 253 15.44 2.84 9.03
N GLU E 254 16.58 3.46 9.24
CA GLU E 254 17.27 3.43 10.52
C GLU E 254 17.06 4.40 11.61
N GLY E 255 16.09 4.23 12.51
CA GLY E 255 15.90 5.26 13.59
C GLY E 255 16.62 4.89 14.88
N PHE E 256 16.81 5.83 15.76
CA PHE E 256 17.47 5.68 17.05
C PHE E 256 16.71 6.46 18.17
N ALA E 257 17.13 6.18 19.41
CA ALA E 257 16.63 6.79 20.68
C ALA E 257 17.99 7.32 21.20
N PRO E 258 17.98 8.62 21.49
CA PRO E 258 19.22 9.28 21.90
C PRO E 258 19.46 9.20 23.35
N LEU E 259 18.44 8.93 24.14
CA LEU E 259 18.77 8.94 25.62
C LEU E 259 19.41 10.16 26.15
N THR E 260 19.38 11.30 25.63
CA THR E 260 19.95 12.56 26.04
C THR E 260 18.88 13.47 26.59
N SER E 261 19.21 14.37 27.47
CA SER E 261 18.11 15.25 27.93
C SER E 261 18.52 16.73 27.86
N TYR E 262 17.55 17.62 27.69
CA TYR E 262 17.84 19.08 27.66
C TYR E 262 18.12 19.61 29.07
N LYS E 263 18.58 20.83 29.38
CA LYS E 263 18.69 21.16 30.88
C LYS E 263 17.29 21.56 31.32
N TYR E 264 16.80 22.57 30.70
CA TYR E 264 15.38 23.04 30.87
C TYR E 264 14.80 22.50 29.49
N GLY E 265 13.67 21.80 29.42
CA GLY E 265 13.25 21.21 28.11
C GLY E 265 12.78 19.75 28.17
N GLY E 266 13.35 18.66 28.62
CA GLY E 266 12.56 17.35 28.68
C GLY E 266 13.44 16.42 27.96
N GLU E 267 13.18 15.18 27.87
CA GLU E 267 14.21 14.44 27.02
C GLU E 267 14.05 14.57 25.50
N PHE E 268 15.19 14.43 24.84
CA PHE E 268 15.16 14.47 23.33
C PHE E 268 14.17 13.45 22.77
N PRO E 269 13.23 13.73 21.87
CA PRO E 269 12.26 12.76 21.35
C PRO E 269 12.97 11.64 20.63
N VAL E 270 12.22 10.60 20.49
CA VAL E 270 12.98 9.45 19.84
C VAL E 270 12.44 9.12 18.51
N ARG E 271 12.84 8.24 17.65
CA ARG E 271 12.26 7.96 16.32
C ARG E 271 12.21 6.43 16.13
N PRO E 272 11.05 5.89 15.91
CA PRO E 272 10.70 4.54 15.83
C PRO E 272 11.27 3.69 14.80
N ASP E 273 11.86 4.17 13.70
CA ASP E 273 12.37 2.95 12.81
C ASP E 273 11.26 2.46 11.88
N ASN E 274 11.73 2.49 10.59
CA ASN E 274 11.00 2.18 9.35
C ASN E 274 9.82 3.19 9.29
N ILE E 275 9.85 4.47 9.71
CA ILE E 275 8.86 5.49 9.67
C ILE E 275 8.82 6.19 8.31
N HIS E 276 7.64 6.82 8.10
CA HIS E 276 7.39 7.58 6.83
C HIS E 276 7.53 9.03 7.12
N PHE E 277 8.22 9.79 6.35
CA PHE E 277 8.41 11.21 6.70
C PHE E 277 7.23 12.10 6.85
N GLU E 278 6.82 12.74 7.91
CA GLU E 278 5.67 13.65 7.75
C GLU E 278 5.98 15.14 7.64
N ASP E 279 4.96 15.58 6.94
CA ASP E 279 4.94 17.08 6.59
C ASP E 279 4.90 17.65 7.97
N VAL E 280 5.86 18.51 8.31
CA VAL E 280 5.96 19.09 9.67
C VAL E 280 5.54 20.55 9.64
N ASP E 281 4.48 20.71 10.41
CA ASP E 281 3.82 22.05 10.47
C ASP E 281 4.85 23.06 11.02
N GLY E 282 4.80 24.13 10.28
CA GLY E 282 5.69 25.21 10.71
C GLY E 282 7.02 25.36 9.99
N VAL E 283 7.50 24.16 9.68
CA VAL E 283 8.83 24.18 9.03
C VAL E 283 8.59 24.12 7.52
N ALA E 284 8.10 23.00 7.05
CA ALA E 284 7.91 22.94 5.62
C ALA E 284 7.48 21.52 5.32
N HIS E 285 6.80 21.40 4.25
CA HIS E 285 6.11 20.36 3.59
C HIS E 285 6.93 19.26 3.09
N VAL E 286 6.59 18.01 2.94
CA VAL E 286 7.79 17.19 2.53
C VAL E 286 8.12 17.42 1.13
N HIS E 287 7.10 17.73 0.45
CA HIS E 287 7.34 17.91 -1.03
C HIS E 287 8.10 19.18 -1.34
N ASP E 288 8.00 19.99 -0.25
CA ASP E 288 8.71 21.30 -0.40
C ASP E 288 10.22 21.12 -0.62
N LEU E 289 10.62 19.94 -0.18
CA LEU E 289 12.04 19.57 -0.24
C LEU E 289 12.17 19.01 -1.61
N GLU E 290 11.46 17.96 -1.91
CA GLU E 290 11.44 17.33 -3.21
C GLU E 290 11.51 18.48 -4.20
N ILE E 291 10.68 19.52 -4.33
CA ILE E 291 10.94 20.51 -5.33
C ILE E 291 12.23 21.23 -5.08
N THR E 292 12.54 21.65 -3.87
CA THR E 292 13.86 22.32 -3.69
C THR E 292 14.93 21.51 -4.31
N GLU E 293 15.09 20.25 -3.97
CA GLU E 293 16.03 19.32 -4.51
C GLU E 293 15.94 19.39 -6.00
N SER E 294 14.86 19.69 -6.69
CA SER E 294 14.94 19.69 -8.19
C SER E 294 15.41 21.05 -8.70
N ARG E 295 14.93 22.05 -7.97
CA ARG E 295 15.46 23.33 -8.49
C ARG E 295 16.97 23.20 -8.42
N ILE E 296 17.57 22.54 -7.37
CA ILE E 296 18.98 22.44 -7.17
C ILE E 296 19.77 21.77 -8.28
N HIS E 297 19.09 20.64 -8.27
CA HIS E 297 19.58 19.67 -9.27
C HIS E 297 19.45 20.12 -10.69
N GLU E 298 18.88 21.20 -11.00
CA GLU E 298 18.72 21.60 -12.41
C GLU E 298 19.75 22.67 -12.56
N ALA E 299 20.22 23.07 -11.38
CA ALA E 299 21.18 24.22 -11.67
C ALA E 299 22.35 23.34 -12.03
N ILE E 300 22.72 22.34 -11.25
CA ILE E 300 23.85 21.50 -11.60
C ILE E 300 23.71 21.01 -13.03
N ASP E 301 22.46 20.54 -13.28
CA ASP E 301 22.39 20.01 -14.65
C ASP E 301 22.45 20.98 -15.78
N HIS E 302 22.07 22.22 -15.61
CA HIS E 302 22.01 23.20 -16.68
C HIS E 302 23.35 23.80 -17.11
N GLY E 303 24.01 24.14 -16.05
CA GLY E 303 25.36 24.73 -16.18
C GLY E 303 25.18 26.04 -15.45
N TYR E 304 23.90 26.48 -15.22
CA TYR E 304 23.83 27.80 -14.48
C TYR E 304 22.85 27.90 -13.33
N ILE E 305 23.08 28.84 -12.40
CA ILE E 305 22.21 29.03 -11.28
C ILE E 305 21.43 30.21 -11.85
N THR E 306 20.15 30.42 -11.63
CA THR E 306 19.49 31.58 -12.26
C THR E 306 19.08 32.51 -11.17
N ASP E 307 19.38 33.79 -11.04
CA ASP E 307 18.94 34.53 -9.83
C ASP E 307 17.52 34.99 -10.09
N SER E 308 17.11 35.89 -9.24
CA SER E 308 15.86 36.59 -9.04
C SER E 308 15.42 37.35 -10.24
N ASP E 309 16.44 37.74 -11.03
CA ASP E 309 15.98 38.49 -12.22
C ASP E 309 15.82 37.52 -13.34
N GLY E 310 16.57 36.45 -13.16
CA GLY E 310 16.29 35.52 -14.35
C GLY E 310 17.66 35.77 -15.03
N HIS E 311 18.56 36.19 -14.16
CA HIS E 311 19.89 36.29 -14.77
C HIS E 311 20.52 34.90 -14.75
N THR E 312 21.12 34.29 -15.75
CA THR E 312 21.66 32.96 -15.42
C THR E 312 23.10 33.32 -15.03
N ILE E 313 23.61 32.90 -13.93
CA ILE E 313 24.94 33.09 -13.38
C ILE E 313 25.55 31.66 -13.60
N ASP E 314 26.63 31.66 -14.37
CA ASP E 314 27.30 30.41 -14.76
C ASP E 314 28.04 29.81 -13.60
N ILE E 315 28.08 28.52 -13.55
CA ILE E 315 28.78 27.80 -12.51
C ILE E 315 29.65 26.70 -13.06
N ARG E 316 29.90 26.72 -14.31
CA ARG E 316 30.70 25.55 -14.87
C ARG E 316 32.08 26.10 -14.78
N GLN E 317 32.65 26.48 -13.73
CA GLN E 317 33.94 27.12 -13.65
C GLN E 317 34.26 26.93 -12.16
N PRO E 318 35.44 27.36 -11.79
CA PRO E 318 35.97 27.19 -10.47
C PRO E 318 35.24 27.81 -9.36
N LYS E 319 34.55 28.87 -9.43
CA LYS E 319 33.84 29.46 -8.30
C LYS E 319 32.59 28.60 -8.22
N GLY E 320 32.50 27.79 -9.26
CA GLY E 320 31.36 26.92 -9.34
C GLY E 320 30.77 26.46 -8.01
N ILE E 321 31.43 25.40 -7.55
CA ILE E 321 31.08 24.65 -6.36
C ILE E 321 30.82 25.55 -5.22
N GLU E 322 31.24 26.77 -5.15
CA GLU E 322 30.93 27.63 -3.96
C GLU E 322 29.59 28.28 -4.32
N LEU E 323 29.38 28.99 -5.47
CA LEU E 323 27.98 29.36 -5.56
C LEU E 323 27.12 28.09 -5.33
N LEU E 324 27.43 26.83 -5.60
CA LEU E 324 26.44 25.81 -5.32
C LEU E 324 26.27 25.68 -3.81
N GLY E 325 27.31 25.93 -3.06
CA GLY E 325 27.12 25.72 -1.64
C GLY E 325 26.36 26.87 -1.04
N ASP E 326 26.33 27.94 -1.72
CA ASP E 326 25.64 29.02 -1.06
C ASP E 326 24.16 28.74 -1.20
N ILE E 327 23.71 28.11 -2.28
CA ILE E 327 22.31 27.80 -2.60
C ILE E 327 21.92 26.53 -1.88
N ILE E 328 22.80 25.51 -1.78
CA ILE E 328 22.45 24.33 -1.05
C ILE E 328 22.49 24.46 0.44
N GLU E 329 23.32 25.01 1.26
CA GLU E 329 23.16 24.87 2.76
C GLU E 329 22.08 25.79 3.18
N SER E 330 22.06 26.81 2.46
CA SER E 330 21.57 28.07 2.08
C SER E 330 22.00 29.08 3.16
N SER E 331 22.96 29.82 2.72
CA SER E 331 23.55 30.77 3.63
C SER E 331 23.24 32.13 3.02
N LYS E 332 23.74 33.26 3.51
CA LYS E 332 23.22 34.43 2.77
C LYS E 332 23.99 34.71 1.57
N TYR E 333 24.82 33.92 1.10
CA TYR E 333 25.53 34.35 -0.14
C TYR E 333 24.55 33.82 -1.19
N SER E 334 23.41 33.17 -0.94
CA SER E 334 22.54 32.68 -2.01
C SER E 334 22.18 33.74 -3.04
N SER E 335 22.10 33.38 -4.30
CA SER E 335 21.83 34.31 -5.37
C SER E 335 20.38 34.33 -5.46
N ASN E 336 19.73 33.19 -5.34
CA ASN E 336 18.20 33.35 -5.46
C ASN E 336 17.67 32.69 -4.24
N VAL E 337 17.62 33.09 -3.02
CA VAL E 337 17.06 32.21 -1.98
C VAL E 337 15.56 32.02 -2.08
N GLN E 338 14.87 32.79 -2.85
CA GLN E 338 13.37 32.61 -2.85
C GLN E 338 13.06 31.38 -3.77
N TYR E 339 14.04 30.96 -4.52
CA TYR E 339 13.77 29.91 -5.45
C TYR E 339 14.42 28.64 -5.00
N TYR E 340 15.68 28.62 -4.76
CA TYR E 340 16.40 27.43 -4.34
C TYR E 340 16.19 27.21 -2.86
N GLY E 341 15.45 28.02 -2.13
CA GLY E 341 15.33 27.81 -0.71
C GLY E 341 16.50 27.49 0.15
N SER E 342 16.31 26.47 0.96
CA SER E 342 17.34 25.97 1.91
C SER E 342 17.40 24.44 2.24
N LEU E 343 17.72 23.61 1.22
CA LEU E 343 17.70 22.19 1.50
C LEU E 343 18.32 21.71 2.75
N HIS E 344 19.52 22.01 2.98
CA HIS E 344 20.26 21.52 4.12
C HIS E 344 19.62 21.88 5.41
N ASN E 345 19.55 23.15 5.77
CA ASN E 345 19.00 23.61 7.00
C ASN E 345 17.59 23.16 6.99
N THR E 346 16.67 23.46 6.16
CA THR E 346 15.34 22.85 6.42
C THR E 346 15.37 21.38 6.73
N ALA E 347 16.26 20.68 6.04
CA ALA E 347 16.41 19.24 6.16
C ALA E 347 16.82 18.99 7.57
N HIS E 348 17.44 19.82 8.33
CA HIS E 348 17.77 19.58 9.73
C HIS E 348 16.44 19.81 10.43
N VAL E 349 15.76 20.90 10.48
CA VAL E 349 14.54 20.96 11.19
C VAL E 349 13.54 19.90 10.76
N MET E 350 13.50 19.57 9.50
CA MET E 350 12.54 18.61 9.00
C MET E 350 12.80 17.25 9.59
N LEU E 351 14.07 16.84 9.85
CA LEU E 351 14.27 15.47 10.38
C LEU E 351 14.04 15.34 11.92
N GLY E 352 13.99 16.55 12.54
CA GLY E 352 13.90 16.65 13.95
C GLY E 352 12.53 16.56 14.48
N ARG E 353 11.54 17.09 13.86
CA ARG E 353 10.22 16.99 14.51
C ARG E 353 9.58 15.72 14.03
N GLN E 354 10.39 14.90 13.32
CA GLN E 354 9.68 13.63 12.88
C GLN E 354 9.05 12.95 14.08
N GLY E 355 9.38 13.56 15.25
CA GLY E 355 8.88 13.02 16.50
C GLY E 355 7.50 13.58 16.81
N ASP E 356 7.15 14.65 16.16
CA ASP E 356 5.99 15.48 16.43
C ASP E 356 5.84 16.60 15.38
N PRO E 357 5.31 16.32 14.25
CA PRO E 357 5.14 17.25 13.20
C PRO E 357 3.88 17.96 13.53
N HIS E 358 2.78 17.45 14.00
CA HIS E 358 1.77 18.62 14.04
C HIS E 358 1.92 19.29 15.37
N GLY E 359 2.79 18.62 16.12
CA GLY E 359 3.09 19.16 17.49
C GLY E 359 1.96 18.92 18.47
N LYS E 360 1.59 17.69 18.57
CA LYS E 360 0.46 17.36 19.41
C LYS E 360 1.13 17.12 20.74
N PHE E 361 2.35 16.84 20.84
CA PHE E 361 2.81 16.53 22.21
C PHE E 361 3.69 17.53 22.92
N ASN E 362 4.06 18.37 21.93
CA ASN E 362 4.94 19.47 22.42
C ASN E 362 6.15 18.83 23.11
N LEU E 363 6.90 18.10 22.34
CA LEU E 363 8.18 17.50 22.66
C LEU E 363 9.12 18.68 22.27
N PRO E 364 10.32 18.80 22.71
CA PRO E 364 11.24 19.88 22.39
C PRO E 364 11.84 19.62 21.02
N PRO E 365 12.77 20.33 20.54
CA PRO E 365 13.36 20.15 19.25
C PRO E 365 14.17 18.89 19.22
N GLY E 366 14.73 18.41 18.14
CA GLY E 366 15.41 17.09 18.42
C GLY E 366 16.89 16.99 18.18
N VAL E 367 17.45 15.80 18.38
CA VAL E 367 18.92 15.82 18.25
C VAL E 367 19.44 16.39 17.00
N MET E 368 18.90 16.43 15.92
CA MET E 368 19.40 16.99 14.64
C MET E 368 19.13 18.47 14.52
N GLU E 369 18.39 19.02 15.46
CA GLU E 369 18.09 20.44 15.26
C GLU E 369 19.07 21.17 16.11
N HIS E 370 20.24 20.73 16.15
CA HIS E 370 21.30 21.36 16.94
C HIS E 370 22.71 20.91 16.51
N PHE E 371 23.64 21.86 16.41
CA PHE E 371 24.95 21.31 16.04
C PHE E 371 25.78 20.52 17.04
N GLU E 372 25.59 20.76 18.32
CA GLU E 372 26.50 19.95 19.24
C GLU E 372 25.89 18.62 19.44
N THR E 373 24.82 18.35 18.69
CA THR E 373 24.15 17.05 18.90
C THR E 373 23.67 16.25 17.77
N ALA E 374 23.96 16.71 16.54
CA ALA E 374 23.34 16.04 15.41
C ALA E 374 24.12 14.84 15.11
N THR E 375 25.38 14.97 15.32
CA THR E 375 26.12 13.72 14.83
C THR E 375 25.69 12.57 15.61
N ARG E 376 24.79 12.67 16.56
CA ARG E 376 24.37 11.55 17.31
C ARG E 376 23.44 10.62 16.61
N ASP E 377 22.42 11.13 15.99
CA ASP E 377 21.28 10.44 15.34
C ASP E 377 21.74 9.85 14.03
N PRO E 378 21.52 8.64 13.73
CA PRO E 378 21.97 8.07 12.49
C PRO E 378 21.48 8.70 11.22
N SER E 379 20.33 9.24 11.15
CA SER E 379 20.02 9.80 9.84
C SER E 379 20.92 11.02 9.56
N PHE E 380 21.74 11.39 10.52
CA PHE E 380 22.58 12.58 10.30
C PHE E 380 23.43 12.25 9.12
N PHE E 381 24.04 11.12 9.13
CA PHE E 381 24.90 10.78 7.95
C PHE E 381 24.13 10.34 6.72
N ARG E 382 22.90 9.91 6.80
CA ARG E 382 22.05 9.51 5.65
C ARG E 382 21.74 10.81 4.95
N LEU E 383 21.45 11.89 5.75
CA LEU E 383 21.12 13.21 5.28
C LEU E 383 22.41 13.76 4.73
N HIS E 384 23.61 13.58 5.09
CA HIS E 384 24.70 14.28 4.41
C HIS E 384 25.26 13.44 3.29
N LYS E 385 24.83 12.23 3.23
CA LYS E 385 25.26 11.38 2.05
C LYS E 385 24.48 11.99 0.85
N TYR E 386 23.20 12.12 0.92
CA TYR E 386 22.35 12.85 0.01
C TYR E 386 22.94 14.28 -0.19
N MET E 387 23.07 15.22 0.79
CA MET E 387 23.70 16.45 0.31
C MET E 387 25.01 16.10 -0.47
N ASP E 388 25.80 15.18 0.06
CA ASP E 388 27.10 14.82 -0.48
C ASP E 388 26.95 14.51 -1.92
N ASN E 389 26.14 13.56 -2.43
CA ASN E 389 26.19 13.44 -3.91
C ASN E 389 25.35 14.42 -4.65
N ILE E 390 25.00 15.61 -4.28
CA ILE E 390 24.21 16.60 -4.97
C ILE E 390 25.54 17.31 -5.46
N PHE E 391 26.41 17.41 -4.49
CA PHE E 391 27.60 18.13 -4.86
C PHE E 391 28.31 17.20 -5.85
N LYS E 392 28.44 15.91 -5.51
CA LYS E 392 29.29 15.20 -6.51
C LYS E 392 28.76 15.29 -7.93
N LYS E 393 27.44 15.53 -8.04
CA LYS E 393 26.88 15.60 -9.35
C LYS E 393 27.60 16.69 -10.08
N HIS E 394 28.07 17.70 -9.55
CA HIS E 394 28.59 18.88 -10.26
C HIS E 394 30.01 18.76 -10.51
N THR E 395 30.45 18.26 -9.35
CA THR E 395 31.86 17.92 -9.02
C THR E 395 32.48 17.05 -10.10
N ASP E 396 31.79 16.11 -10.63
CA ASP E 396 32.05 15.10 -11.60
C ASP E 396 31.75 15.46 -13.03
N SER E 397 31.20 16.69 -13.16
CA SER E 397 30.85 16.99 -14.60
C SER E 397 32.10 17.53 -15.29
N PHE E 398 33.17 17.70 -14.41
CA PHE E 398 34.31 18.26 -15.20
C PHE E 398 35.03 17.16 -15.92
N PRO E 399 35.73 17.54 -16.91
CA PRO E 399 36.52 16.59 -17.68
C PRO E 399 37.69 16.31 -16.75
N PRO E 400 38.15 15.09 -16.82
CA PRO E 400 39.20 14.50 -16.03
C PRO E 400 40.49 15.23 -16.20
N TYR E 401 41.47 14.91 -15.36
CA TYR E 401 42.67 15.82 -15.56
C TYR E 401 43.67 15.11 -16.47
N THR E 402 44.40 15.95 -17.19
CA THR E 402 45.40 15.54 -18.16
C THR E 402 46.67 15.21 -17.40
N HIS E 403 47.57 14.61 -18.20
CA HIS E 403 48.88 14.22 -17.60
C HIS E 403 49.52 15.56 -17.26
N ASP E 404 49.61 16.20 -18.43
CA ASP E 404 50.16 17.57 -18.39
C ASP E 404 49.48 18.33 -17.27
N ASN E 405 48.38 17.84 -16.81
CA ASN E 405 47.61 18.51 -15.78
C ASN E 405 48.17 18.45 -14.34
N LEU E 406 48.38 17.25 -13.85
CA LEU E 406 48.87 17.07 -12.51
C LEU E 406 50.38 17.25 -12.32
N GLU E 407 51.20 17.11 -13.35
CA GLU E 407 52.61 17.18 -13.41
C GLU E 407 53.25 18.40 -12.85
N PHE E 408 54.11 18.31 -11.88
CA PHE E 408 54.90 19.47 -11.35
C PHE E 408 56.36 18.96 -11.55
N SER E 409 56.60 19.17 -12.80
CA SER E 409 57.83 18.86 -13.52
C SER E 409 59.04 19.16 -12.69
N GLY E 410 59.89 18.18 -12.53
CA GLY E 410 61.08 18.71 -11.65
C GLY E 410 60.71 17.75 -10.53
N MET E 411 60.21 18.13 -9.45
CA MET E 411 59.84 17.12 -8.50
C MET E 411 59.33 15.72 -8.64
N VAL E 412 59.92 14.81 -7.86
CA VAL E 412 59.36 13.46 -7.95
C VAL E 412 59.46 12.66 -6.68
N VAL E 413 58.34 12.14 -6.27
CA VAL E 413 58.39 11.36 -5.05
C VAL E 413 59.07 10.05 -5.38
N ASN E 414 60.02 9.84 -4.50
CA ASN E 414 60.86 8.65 -4.60
C ASN E 414 60.19 7.63 -3.71
N GLY E 415 60.01 8.06 -2.46
CA GLY E 415 59.35 6.99 -1.63
C GLY E 415 58.53 7.56 -0.50
N VAL E 416 57.71 6.61 -0.05
CA VAL E 416 56.90 7.11 1.10
C VAL E 416 56.87 5.99 2.12
N ALA E 417 57.28 6.57 3.29
CA ALA E 417 57.33 5.82 4.54
C ALA E 417 56.83 6.44 5.86
N ILE E 418 56.24 5.42 6.54
CA ILE E 418 55.67 5.66 7.84
C ILE E 418 56.63 5.12 8.87
N ASP E 419 57.12 6.14 9.57
CA ASP E 419 58.11 5.89 10.65
C ASP E 419 57.37 5.59 11.97
N GLY E 420 56.94 4.37 12.11
CA GLY E 420 56.25 4.04 13.39
C GLY E 420 55.17 3.00 13.17
N GLU E 421 54.12 3.14 13.96
CA GLU E 421 53.06 2.14 13.72
C GLU E 421 51.72 2.86 13.69
N LEU E 422 50.91 2.15 12.87
CA LEU E 422 49.54 2.80 12.81
C LEU E 422 48.79 1.99 13.86
N ILE E 423 48.67 2.68 15.01
CA ILE E 423 47.93 1.89 16.03
C ILE E 423 46.93 2.74 16.73
N THR E 424 45.73 2.22 16.72
CA THR E 424 44.63 2.94 17.35
C THR E 424 44.00 2.12 18.46
N PHE E 425 43.78 2.89 19.48
CA PHE E 425 43.11 2.29 20.66
C PHE E 425 42.07 3.18 21.37
N PHE E 426 41.65 2.66 22.53
CA PHE E 426 40.67 3.48 23.28
C PHE E 426 41.03 4.02 24.70
N ASP E 427 41.49 5.23 24.81
CA ASP E 427 41.85 6.06 25.84
C ASP E 427 40.74 6.39 26.81
N GLU E 428 41.05 7.33 27.69
CA GLU E 428 39.90 7.69 28.59
C GLU E 428 39.92 9.14 28.98
N PHE E 429 38.79 9.77 28.95
CA PHE E 429 38.69 11.20 29.19
C PHE E 429 37.68 11.61 30.25
N GLN E 430 38.13 12.79 30.76
CA GLN E 430 37.18 13.22 31.90
C GLN E 430 36.86 14.70 31.79
N TYR E 431 35.55 14.97 31.76
CA TYR E 431 35.18 16.43 31.60
C TYR E 431 34.33 16.57 32.85
N SER E 432 34.01 17.78 33.21
CA SER E 432 33.24 18.08 34.40
C SER E 432 31.75 18.45 34.39
N LEU E 433 30.93 17.68 35.14
CA LEU E 433 29.51 17.87 35.24
C LEU E 433 29.03 19.00 36.13
N ILE E 434 29.86 19.97 36.40
CA ILE E 434 29.31 20.94 37.36
C ILE E 434 28.32 21.98 36.82
N ASN E 435 28.55 22.43 35.57
CA ASN E 435 27.62 23.54 35.33
C ASN E 435 26.23 23.03 35.15
N ALA E 436 26.20 21.72 35.24
CA ALA E 436 24.93 21.01 35.03
C ALA E 436 24.02 20.96 36.22
N VAL E 437 24.52 20.84 37.40
CA VAL E 437 23.64 20.68 38.58
C VAL E 437 23.43 22.02 39.22
N ASP E 438 22.30 22.34 39.78
CA ASP E 438 22.23 23.69 40.37
C ASP E 438 22.64 23.59 41.79
N SER E 439 23.37 24.63 42.15
CA SER E 439 23.91 24.78 43.54
C SER E 439 23.34 26.14 43.81
N GLY E 440 22.58 26.40 44.78
CA GLY E 440 22.21 27.89 44.78
C GLY E 440 23.32 28.64 45.59
N GLU E 441 22.86 28.77 46.86
CA GLU E 441 23.66 29.45 47.81
C GLU E 441 23.73 29.17 49.27
N ASN E 442 25.01 29.20 49.58
CA ASN E 442 25.46 28.97 50.98
C ASN E 442 25.56 27.45 51.10
N ILE E 443 25.16 26.87 49.97
CA ILE E 443 25.20 25.36 49.79
C ILE E 443 26.57 25.12 49.16
N GLU E 444 27.53 24.24 49.53
CA GLU E 444 28.72 24.39 48.65
C GLU E 444 28.97 23.29 47.63
N ASP E 445 29.85 23.63 46.72
CA ASP E 445 30.24 22.83 45.56
C ASP E 445 31.03 21.56 45.79
N VAL E 446 30.46 20.53 45.29
CA VAL E 446 30.94 19.18 45.32
C VAL E 446 31.27 18.99 43.82
N GLU E 447 32.44 18.41 43.76
CA GLU E 447 32.98 18.23 42.44
C GLU E 447 32.55 16.97 41.84
N ILE E 448 31.63 17.14 40.88
CA ILE E 448 31.14 15.93 40.12
C ILE E 448 31.80 15.74 38.76
N ASN E 449 32.22 14.56 38.37
CA ASN E 449 32.85 14.43 37.04
C ASN E 449 32.35 13.42 36.07
N ALA E 450 32.47 13.48 34.75
CA ALA E 450 32.02 12.40 33.80
C ALA E 450 33.27 11.89 33.08
N ARG E 451 33.17 10.56 32.96
CA ARG E 451 34.36 9.89 32.28
C ARG E 451 33.91 9.18 31.03
N VAL E 452 34.67 9.60 29.96
CA VAL E 452 34.17 8.98 28.69
C VAL E 452 35.27 8.16 28.04
N HIS E 453 34.76 7.36 27.17
CA HIS E 453 35.73 6.53 26.44
C HIS E 453 36.08 6.95 25.05
N ARG E 454 37.28 7.52 24.83
CA ARG E 454 37.38 7.94 23.35
C ARG E 454 38.52 7.30 22.59
N LEU E 455 38.51 7.21 21.27
CA LEU E 455 39.50 6.66 20.37
C LEU E 455 40.84 7.43 20.45
N ASN E 456 41.81 6.66 19.95
CA ASN E 456 43.15 7.22 19.89
C ASN E 456 44.01 6.30 19.05
N HIS E 457 45.07 6.95 18.69
CA HIS E 457 46.12 6.43 17.85
C HIS E 457 47.43 6.89 18.45
N ASN E 458 48.49 6.53 17.85
CA ASN E 458 49.83 6.82 18.39
C ASN E 458 50.68 7.71 17.52
N GLU E 459 51.34 8.69 18.05
CA GLU E 459 52.09 9.47 17.05
C GLU E 459 52.95 8.61 16.10
N PHE E 460 53.12 9.14 14.88
CA PHE E 460 53.89 8.39 13.85
C PHE E 460 54.41 9.50 12.93
N THR E 461 55.44 9.08 12.17
CA THR E 461 56.07 10.03 11.21
C THR E 461 56.25 9.46 9.78
N TYR E 462 56.07 10.50 8.93
CA TYR E 462 56.09 10.44 7.54
C TYR E 462 57.54 10.69 7.17
N LYS E 463 57.96 9.77 6.33
CA LYS E 463 59.34 10.02 5.77
C LYS E 463 58.98 9.89 4.30
N ILE E 464 59.02 11.05 3.70
CA ILE E 464 58.70 11.26 2.26
C ILE E 464 60.06 11.62 1.65
N THR E 465 60.58 10.66 0.90
CA THR E 465 61.91 10.73 0.28
C THR E 465 61.75 11.31 -1.11
N MET E 466 62.49 12.38 -1.37
CA MET E 466 62.15 12.84 -2.77
C MET E 466 62.94 13.88 -3.49
N SER E 467 63.29 13.69 -4.77
CA SER E 467 64.17 14.55 -5.53
C SER E 467 63.74 15.70 -6.34
N ASN E 468 64.30 16.87 -6.19
CA ASN E 468 63.91 18.06 -7.00
C ASN E 468 64.76 18.11 -8.23
N ASN E 469 64.41 17.51 -9.34
CA ASN E 469 65.36 17.53 -10.48
C ASN E 469 65.56 18.93 -10.97
N ASN E 470 64.63 19.82 -10.63
CA ASN E 470 64.77 21.20 -11.09
C ASN E 470 66.14 21.69 -10.63
N ASP E 471 66.46 22.75 -11.33
CA ASP E 471 67.75 23.43 -11.07
C ASP E 471 67.75 23.92 -9.59
N GLY E 472 66.61 24.45 -9.09
CA GLY E 472 66.79 24.86 -7.71
C GLY E 472 65.67 25.40 -6.88
N GLU E 473 65.43 24.61 -5.83
CA GLU E 473 64.45 24.97 -4.82
C GLU E 473 63.17 25.56 -5.44
N ARG E 474 62.15 24.72 -5.16
CA ARG E 474 60.78 25.06 -5.64
C ARG E 474 59.90 24.85 -4.42
N LEU E 475 58.83 25.66 -4.32
CA LEU E 475 57.80 25.62 -3.22
C LEU E 475 56.89 24.41 -3.26
N ALA E 476 56.48 23.74 -2.21
CA ALA E 476 55.68 22.57 -2.61
C ALA E 476 54.38 22.32 -1.93
N THR E 477 53.25 21.94 -2.56
CA THR E 477 52.10 21.59 -1.65
C THR E 477 52.16 20.07 -1.36
N PHE E 478 52.38 19.72 -0.09
CA PHE E 478 52.47 18.30 0.30
C PHE E 478 51.01 17.85 0.54
N ARG E 479 50.28 17.17 -0.33
CA ARG E 479 48.90 16.75 -0.06
C ARG E 479 48.75 15.32 0.35
N ILE E 480 48.18 15.01 1.48
CA ILE E 480 48.14 13.57 1.82
C ILE E 480 46.75 13.00 2.14
N PHE E 481 46.16 12.21 1.22
CA PHE E 481 44.91 11.48 1.40
C PHE E 481 44.98 10.05 1.90
N LEU E 482 44.14 9.30 2.57
CA LEU E 482 44.36 7.86 2.96
C LEU E 482 43.07 7.31 2.35
N CYS E 483 42.99 6.73 1.18
CA CYS E 483 41.78 6.19 0.50
C CYS E 483 41.59 4.77 0.86
N PRO E 484 40.60 3.96 0.72
CA PRO E 484 40.50 2.57 1.08
C PRO E 484 40.93 1.74 -0.11
N ILE E 485 40.85 0.41 0.13
CA ILE E 485 41.26 -0.50 -0.99
C ILE E 485 40.19 -1.51 -1.38
N GLU E 486 39.67 -2.23 -0.47
CA GLU E 486 38.65 -3.19 -0.91
C GLU E 486 37.29 -2.81 -0.37
N ASP E 487 36.12 -3.30 -0.62
CA ASP E 487 34.80 -3.19 -0.34
C ASP E 487 34.00 -3.47 0.89
N ASN E 488 34.39 -4.52 1.55
CA ASN E 488 33.53 -4.93 2.72
C ASN E 488 32.65 -5.98 1.94
N ASN E 489 32.86 -6.02 0.62
CA ASN E 489 32.17 -7.16 -0.04
C ASN E 489 33.53 -7.81 -0.32
N GLY E 490 34.61 -7.00 -0.18
CA GLY E 490 35.89 -7.69 -0.43
C GLY E 490 36.50 -7.31 -1.75
N ILE E 491 35.55 -6.83 -2.52
CA ILE E 491 35.71 -6.31 -3.84
C ILE E 491 36.81 -5.40 -4.19
N THR E 492 37.47 -4.52 -3.58
CA THR E 492 38.61 -3.87 -4.34
C THR E 492 38.21 -3.02 -5.55
N LEU E 493 37.90 -1.82 -5.25
CA LEU E 493 37.48 -0.63 -5.91
C LEU E 493 38.73 0.01 -6.55
N THR E 494 38.38 0.97 -7.30
CA THR E 494 39.11 1.74 -8.15
C THR E 494 39.56 3.11 -8.07
N LEU E 495 39.88 3.86 -7.07
CA LEU E 495 40.44 5.25 -7.32
C LEU E 495 39.40 5.92 -8.23
N ASP E 496 38.16 5.63 -8.18
CA ASP E 496 37.20 6.34 -9.00
C ASP E 496 36.11 5.81 -8.05
N GLU E 497 36.29 4.48 -7.92
CA GLU E 497 35.31 3.94 -6.96
C GLU E 497 35.93 4.44 -5.65
N ALA E 498 37.26 4.53 -5.53
CA ALA E 498 37.60 5.09 -4.20
C ALA E 498 38.15 6.49 -3.98
N ARG E 499 38.24 7.22 -5.10
CA ARG E 499 38.84 8.57 -4.98
C ARG E 499 37.99 9.42 -4.00
N TRP E 500 36.64 9.08 -4.12
CA TRP E 500 35.71 9.94 -3.31
C TRP E 500 35.66 9.64 -1.83
N PHE E 501 36.04 8.44 -1.54
CA PHE E 501 35.95 7.97 -0.17
C PHE E 501 37.11 8.31 0.74
N CYS E 502 38.09 8.90 0.17
CA CYS E 502 39.32 9.19 0.92
C CYS E 502 39.20 10.51 1.70
N ILE E 503 39.85 10.44 2.87
CA ILE E 503 39.85 11.56 3.82
C ILE E 503 41.24 12.09 3.89
N GLU E 504 41.36 13.32 3.98
CA GLU E 504 42.57 14.10 4.09
C GLU E 504 43.04 14.02 5.57
N LEU E 505 44.31 13.70 5.57
CA LEU E 505 45.21 13.51 6.68
C LEU E 505 46.18 14.65 6.86
N ASP E 506 46.52 15.39 5.82
CA ASP E 506 47.50 16.50 6.02
C ASP E 506 47.62 17.26 4.69
N LYS E 507 47.97 18.49 4.83
CA LYS E 507 48.18 19.41 3.73
C LYS E 507 49.16 20.50 4.27
N PHE E 508 50.40 20.56 3.68
CA PHE E 508 51.32 21.61 4.22
C PHE E 508 52.28 22.20 3.18
N PHE E 509 52.69 23.49 3.45
CA PHE E 509 53.65 23.93 2.40
C PHE E 509 55.12 23.96 2.77
N GLN E 510 56.07 23.34 2.15
CA GLN E 510 57.49 23.28 2.39
C GLN E 510 58.42 23.55 1.23
N LYS E 511 59.61 24.16 1.51
CA LYS E 511 60.43 24.26 0.26
C LYS E 511 61.36 23.01 0.19
N VAL E 512 61.45 22.78 -1.12
CA VAL E 512 62.25 21.66 -1.59
C VAL E 512 63.54 22.21 -2.15
N PRO E 513 64.55 21.54 -1.62
CA PRO E 513 65.97 21.80 -1.95
C PRO E 513 66.20 21.51 -3.44
N SER E 514 67.48 21.62 -3.86
CA SER E 514 67.61 21.32 -5.28
C SER E 514 67.99 19.89 -5.48
N GLY E 515 67.81 19.06 -4.51
CA GLY E 515 68.28 17.68 -4.77
C GLY E 515 67.69 16.89 -3.61
N PRO E 516 67.74 15.62 -3.92
CA PRO E 516 67.22 14.56 -3.05
C PRO E 516 67.07 14.95 -1.60
N GLU E 517 65.87 15.34 -1.18
CA GLU E 517 65.75 15.67 0.28
C GLU E 517 65.08 14.40 0.82
N THR E 518 64.64 14.41 2.03
CA THR E 518 63.92 13.28 2.59
C THR E 518 63.10 13.99 3.68
N ILE E 519 61.90 14.46 3.37
CA ILE E 519 61.07 15.15 4.37
C ILE E 519 60.32 14.12 5.22
N GLU E 520 60.42 14.52 6.47
CA GLU E 520 59.80 13.65 7.51
C GLU E 520 58.84 14.60 8.20
N ARG E 521 57.67 14.10 8.60
CA ARG E 521 56.70 15.02 9.27
C ARG E 521 55.69 14.18 10.07
N SER E 522 55.27 14.81 11.21
CA SER E 522 54.43 14.26 12.27
C SER E 522 52.94 14.18 12.56
N SER E 523 52.49 13.00 13.03
CA SER E 523 51.11 12.78 13.36
C SER E 523 50.62 14.09 13.93
N LYS E 524 51.53 14.62 14.74
CA LYS E 524 51.39 15.83 15.54
C LYS E 524 51.40 17.06 14.74
N ASP E 525 52.19 17.34 13.79
CA ASP E 525 51.96 18.61 13.10
C ASP E 525 50.81 18.51 12.10
N SER E 526 49.91 17.52 11.93
CA SER E 526 48.88 17.59 10.88
C SER E 526 48.13 18.91 10.75
N SER E 527 47.72 19.26 9.50
CA SER E 527 47.00 20.58 9.47
C SER E 527 45.52 20.44 9.70
N VAL E 528 45.05 19.22 9.68
CA VAL E 528 43.56 19.11 9.87
C VAL E 528 43.30 18.71 11.28
N THR E 529 44.31 18.90 12.15
CA THR E 529 43.97 18.42 13.48
C THR E 529 44.00 19.35 14.64
N VAL E 530 43.31 19.01 15.71
CA VAL E 530 43.38 19.95 16.84
C VAL E 530 43.54 19.18 18.09
N PRO E 531 44.33 19.72 19.01
CA PRO E 531 44.54 18.99 20.28
C PRO E 531 43.28 19.02 21.11
N ASP E 532 43.19 18.20 22.16
CA ASP E 532 41.97 18.28 23.07
C ASP E 532 42.11 19.65 23.74
N MET E 533 41.04 20.23 24.23
CA MET E 533 41.34 21.55 24.80
C MET E 533 41.39 21.51 26.31
N PRO E 534 42.12 22.47 26.81
CA PRO E 534 42.32 22.83 28.18
C PRO E 534 40.99 22.70 28.93
N SER E 535 41.02 22.38 30.19
CA SER E 535 39.82 22.27 30.97
C SER E 535 39.28 23.69 31.26
N PHE E 536 38.00 23.65 31.61
CA PHE E 536 37.32 24.89 31.95
C PHE E 536 38.09 25.56 33.11
N GLN E 537 38.13 24.67 34.10
CA GLN E 537 38.74 25.00 35.38
C GLN E 537 40.13 25.51 35.09
N SER E 538 40.85 24.54 34.55
CA SER E 538 42.25 24.86 34.18
C SER E 538 42.26 26.22 33.49
N LEU E 539 41.35 26.63 32.63
CA LEU E 539 41.65 27.97 32.11
C LEU E 539 41.19 28.97 33.16
N LYS E 540 40.59 28.51 34.21
CA LYS E 540 40.19 29.53 35.24
C LYS E 540 41.51 29.71 36.02
N GLU E 541 42.02 28.62 36.58
CA GLU E 541 43.27 28.64 37.31
C GLU E 541 44.29 29.59 36.70
N GLN E 542 44.47 29.40 35.47
CA GLN E 542 45.40 30.13 34.67
C GLN E 542 45.13 31.55 34.39
N ALA E 543 43.89 31.84 34.25
CA ALA E 543 43.43 33.22 33.95
C ALA E 543 43.73 34.08 35.18
N ASP E 544 43.17 33.46 36.21
CA ASP E 544 43.32 34.01 37.54
C ASP E 544 44.84 34.23 37.82
N ASN E 545 45.61 33.15 37.68
CA ASN E 545 47.04 33.43 38.04
C ASN E 545 47.67 34.51 37.17
N ALA E 546 47.16 35.16 36.20
CA ALA E 546 48.12 36.07 35.56
C ALA E 546 47.45 37.43 35.79
N VAL E 547 46.46 37.29 36.66
CA VAL E 547 45.76 38.57 36.95
C VAL E 547 46.46 39.16 38.17
N ASN E 548 46.67 38.19 39.05
CA ASN E 548 47.36 38.55 40.37
C ASN E 548 48.79 38.02 39.97
N GLY E 549 49.47 38.88 39.21
CA GLY E 549 50.79 38.34 38.80
C GLY E 549 51.35 39.14 37.65
N GLY E 550 50.54 40.06 37.11
CA GLY E 550 51.27 40.76 36.00
C GLY E 550 50.77 40.31 34.65
N HIS E 551 51.42 39.48 33.80
CA HIS E 551 50.69 39.35 32.51
C HIS E 551 51.04 38.39 31.39
N ASP E 552 49.91 37.82 30.83
CA ASP E 552 50.28 36.93 29.71
C ASP E 552 49.23 36.14 28.97
N LEU E 553 49.25 34.89 29.40
CA LEU E 553 48.41 33.81 28.93
C LEU E 553 48.75 33.54 27.49
N ASP E 554 49.96 32.92 27.34
CA ASP E 554 50.18 32.67 25.88
C ASP E 554 50.32 31.15 25.74
N LEU E 555 49.11 30.71 25.47
CA LEU E 555 48.34 29.54 25.20
C LEU E 555 47.70 29.71 23.80
N SER E 556 48.36 30.66 23.09
CA SER E 556 47.75 30.78 21.73
C SER E 556 48.18 29.30 21.44
N ALA E 557 47.09 28.64 21.08
CA ALA E 557 47.27 27.17 20.84
C ALA E 557 45.82 26.86 20.45
N TYR E 558 45.10 27.76 21.13
CA TYR E 558 43.67 27.56 20.93
C TYR E 558 42.81 28.70 20.50
N GLU E 559 43.21 29.75 19.80
CA GLU E 559 42.10 30.74 19.50
C GLU E 559 41.39 30.63 18.16
N ARG E 560 41.03 29.37 17.77
CA ARG E 560 40.25 29.16 16.50
C ARG E 560 39.71 27.73 16.30
N SER E 561 40.78 26.98 16.28
CA SER E 561 40.78 25.50 16.11
C SER E 561 39.54 24.90 15.49
N CYS E 562 39.63 24.89 14.19
CA CYS E 562 38.80 24.45 13.13
C CYS E 562 38.70 22.92 12.96
N GLY E 563 39.93 22.33 13.10
CA GLY E 563 40.07 20.88 12.88
C GLY E 563 39.33 19.83 13.70
N ILE E 564 39.68 18.59 13.39
CA ILE E 564 39.11 17.53 14.14
C ILE E 564 40.15 17.14 15.21
N PRO E 565 39.70 16.37 16.09
CA PRO E 565 40.47 15.82 17.15
C PRO E 565 41.66 15.01 16.67
N ASP E 566 42.81 15.28 17.32
CA ASP E 566 43.98 14.50 16.93
C ASP E 566 43.65 12.99 17.10
N ARG E 567 42.82 12.83 18.13
CA ARG E 567 42.57 11.39 18.32
C ARG E 567 41.96 10.74 17.08
N MET E 568 41.24 11.55 16.34
CA MET E 568 40.46 11.02 15.21
C MET E 568 41.35 11.07 13.99
N LEU E 569 42.60 11.60 14.08
CA LEU E 569 43.45 11.54 12.85
C LEU E 569 43.22 10.28 12.01
N LEU E 570 43.71 9.13 12.28
CA LEU E 570 43.40 7.90 11.47
C LEU E 570 42.10 7.21 11.90
N PRO E 571 41.60 6.39 11.02
CA PRO E 571 40.33 5.62 11.26
C PRO E 571 40.57 4.55 12.26
N LYS E 572 39.60 3.91 12.81
CA LYS E 572 39.71 2.88 13.85
C LYS E 572 40.35 1.59 13.45
N SER E 573 39.93 0.94 12.44
CA SER E 573 40.11 -0.19 11.68
C SER E 573 39.89 -1.50 12.40
N LYS E 574 40.57 -2.58 11.92
CA LYS E 574 40.32 -3.90 12.62
C LYS E 574 41.53 -4.23 13.49
N PRO E 575 41.36 -5.18 14.41
CA PRO E 575 42.39 -5.65 15.29
C PRO E 575 43.25 -6.56 14.42
N GLU E 576 42.81 -7.09 13.31
CA GLU E 576 43.63 -7.96 12.39
C GLU E 576 44.47 -7.05 11.56
N GLY E 577 43.91 -5.91 11.26
CA GLY E 577 44.57 -4.78 10.54
C GLY E 577 44.04 -4.63 9.14
N MET E 578 44.16 -3.41 8.62
CA MET E 578 43.59 -3.37 7.20
C MET E 578 44.74 -2.58 6.58
N GLU E 579 44.74 -2.74 5.30
CA GLU E 579 45.78 -1.98 4.57
C GLU E 579 44.85 -1.00 3.81
N PHE E 580 45.20 0.23 4.05
CA PHE E 580 44.65 1.44 3.41
C PHE E 580 45.78 1.72 2.37
N ASN E 581 45.58 2.62 1.50
CA ASN E 581 46.38 3.11 0.41
C ASN E 581 46.88 4.49 0.68
N LEU E 582 48.08 4.93 0.82
CA LEU E 582 48.30 6.35 1.20
C LEU E 582 48.71 7.12 -0.03
N TYR E 583 48.17 8.26 -0.33
CA TYR E 583 48.43 9.05 -1.52
C TYR E 583 49.13 10.27 -1.04
N VAL E 584 50.26 10.47 -1.66
CA VAL E 584 50.99 11.79 -1.32
C VAL E 584 51.05 12.35 -2.76
N ALA E 585 50.49 13.48 -2.95
CA ALA E 585 50.56 14.00 -4.34
C ALA E 585 51.30 15.31 -3.95
N VAL E 586 52.31 15.67 -4.65
CA VAL E 586 52.86 17.00 -4.30
C VAL E 586 52.83 17.86 -5.56
N THR E 587 52.07 18.87 -5.39
CA THR E 587 51.75 19.93 -6.34
C THR E 587 52.67 21.11 -6.03
N ASP E 588 52.68 22.09 -6.89
CA ASP E 588 53.46 23.28 -6.95
C ASP E 588 53.10 24.56 -6.23
N GLY E 589 53.63 24.69 -5.06
CA GLY E 589 53.49 25.74 -4.12
C GLY E 589 53.42 27.09 -4.74
N ASP E 590 54.21 27.32 -5.73
CA ASP E 590 54.08 28.75 -6.18
C ASP E 590 52.78 29.19 -6.84
N LYS E 591 52.10 28.16 -7.27
CA LYS E 591 50.89 28.49 -8.02
C LYS E 591 49.79 28.21 -7.03
N ASP E 592 50.10 27.46 -6.05
CA ASP E 592 49.06 27.07 -5.14
C ASP E 592 48.86 28.35 -4.44
N THR E 593 49.73 28.65 -3.59
CA THR E 593 49.62 29.90 -2.79
C THR E 593 49.96 30.96 -3.78
N GLU E 594 49.41 30.94 -4.94
CA GLU E 594 49.79 31.96 -5.91
C GLU E 594 49.16 33.26 -5.53
N GLY E 595 49.06 33.44 -4.23
CA GLY E 595 48.52 34.74 -3.87
C GLY E 595 48.56 35.03 -2.41
N HIS E 596 48.67 34.00 -1.54
CA HIS E 596 48.59 34.52 -0.14
C HIS E 596 49.21 33.72 1.00
N HIS E 606 45.52 32.82 11.90
CA HIS E 606 45.54 31.96 10.69
C HIS E 606 44.91 32.16 9.31
N ALA E 607 45.38 31.23 8.43
CA ALA E 607 44.75 31.23 7.08
C ALA E 607 44.21 29.78 6.99
N GLN E 608 44.16 29.14 8.19
CA GLN E 608 43.64 27.76 8.18
C GLN E 608 42.17 27.88 8.59
N CYS E 609 42.04 28.59 9.71
CA CYS E 609 40.64 28.86 10.17
C CYS E 609 40.55 30.34 9.80
N GLY E 610 40.08 30.66 8.66
CA GLY E 610 40.08 32.12 8.27
C GLY E 610 38.96 32.89 8.96
N VAL E 611 38.83 32.51 10.21
CA VAL E 611 37.75 33.05 10.99
C VAL E 611 37.49 34.50 10.84
N HIS E 612 38.53 35.23 10.51
CA HIS E 612 38.31 36.68 10.44
C HIS E 612 38.53 37.35 9.11
N GLY E 613 38.25 36.65 8.01
CA GLY E 613 38.37 37.35 6.74
C GLY E 613 39.49 37.00 5.86
N GLU E 614 40.34 36.28 6.50
CA GLU E 614 41.63 35.75 6.00
C GLU E 614 41.51 34.86 4.78
N ALA E 615 42.04 35.28 3.63
CA ALA E 615 41.89 34.42 2.43
C ALA E 615 42.43 33.03 2.49
N TYR E 616 41.64 32.00 2.27
CA TYR E 616 42.16 30.61 2.38
C TYR E 616 43.40 30.59 1.49
N PRO E 617 44.60 30.17 1.83
CA PRO E 617 45.83 30.21 1.06
C PRO E 617 46.12 29.36 -0.17
N ASP E 618 45.57 28.16 -0.25
CA ASP E 618 45.78 27.17 -1.33
C ASP E 618 44.66 27.65 -2.29
N ASN E 619 44.83 27.57 -3.57
CA ASN E 619 43.94 27.98 -4.58
C ASN E 619 43.41 26.77 -5.27
N ARG E 620 44.10 25.65 -5.12
CA ARG E 620 43.57 24.44 -5.90
C ARG E 620 42.19 24.32 -5.32
N PRO E 621 41.29 23.69 -5.98
CA PRO E 621 39.89 23.52 -5.51
C PRO E 621 39.82 22.57 -4.32
N LEU E 622 38.79 22.00 -3.74
CA LEU E 622 39.24 21.21 -2.56
C LEU E 622 39.15 19.74 -2.74
N GLY E 623 40.18 18.97 -2.45
CA GLY E 623 40.18 17.47 -2.54
C GLY E 623 41.18 17.13 -3.68
N TYR E 624 41.86 18.18 -4.19
CA TYR E 624 42.83 18.20 -5.24
C TYR E 624 43.96 17.23 -4.95
N PRO E 625 44.25 16.34 -5.81
CA PRO E 625 43.54 16.27 -7.15
C PRO E 625 42.62 15.07 -7.18
N LEU E 626 41.93 14.69 -6.11
CA LEU E 626 41.07 13.52 -6.17
C LEU E 626 39.63 13.92 -6.41
N GLU E 627 39.44 15.27 -6.64
CA GLU E 627 37.97 15.72 -6.74
C GLU E 627 37.45 15.45 -8.14
N ARG E 628 38.28 14.92 -9.02
CA ARG E 628 37.66 14.74 -10.38
C ARG E 628 37.56 13.32 -10.93
N ARG E 629 36.60 13.08 -11.83
CA ARG E 629 36.42 11.70 -12.30
C ARG E 629 37.84 11.35 -12.73
N ILE E 630 38.32 10.16 -12.47
CA ILE E 630 39.62 9.58 -12.78
C ILE E 630 39.21 8.20 -13.29
N PRO E 631 38.88 8.25 -14.57
CA PRO E 631 38.50 7.14 -15.39
C PRO E 631 39.70 6.29 -15.69
N ASP E 632 40.92 6.79 -15.99
CA ASP E 632 41.91 5.65 -16.28
C ASP E 632 42.98 6.03 -15.28
N GLU E 633 43.25 5.08 -14.42
CA GLU E 633 44.18 5.33 -13.33
C GLU E 633 45.53 5.52 -13.93
N ARG E 634 45.49 4.99 -15.15
CA ARG E 634 46.63 4.93 -16.07
C ARG E 634 47.39 6.25 -15.88
N VAL E 635 46.56 7.30 -15.60
CA VAL E 635 47.16 8.59 -15.49
C VAL E 635 47.68 9.08 -14.20
N ILE E 636 46.92 8.90 -13.19
CA ILE E 636 47.39 9.51 -11.86
C ILE E 636 48.75 8.90 -11.72
N ASP E 637 48.72 7.61 -12.12
CA ASP E 637 49.99 6.86 -12.11
C ASP E 637 51.20 7.38 -12.90
N GLY E 638 51.22 8.36 -13.73
CA GLY E 638 52.43 8.63 -14.48
C GLY E 638 52.85 10.03 -14.49
N VAL E 639 52.49 10.68 -13.42
CA VAL E 639 52.90 12.10 -13.11
C VAL E 639 53.87 11.77 -11.96
N SER E 640 55.02 12.37 -12.00
CA SER E 640 56.12 12.09 -11.04
C SER E 640 55.78 12.49 -9.59
N ASN E 641 55.03 13.60 -9.58
CA ASN E 641 54.69 14.09 -8.24
C ASN E 641 53.46 13.58 -7.50
N ILE E 642 53.10 12.37 -7.85
CA ILE E 642 51.95 11.78 -7.14
C ILE E 642 52.60 10.41 -6.93
N LYS E 643 52.45 9.70 -5.84
CA LYS E 643 52.98 8.37 -5.55
C LYS E 643 52.02 7.65 -4.55
N HIS E 644 51.83 6.34 -4.66
CA HIS E 644 50.83 5.93 -3.56
C HIS E 644 51.42 4.78 -2.79
N VAL E 645 51.32 4.56 -1.52
CA VAL E 645 52.09 3.38 -1.02
C VAL E 645 51.30 2.51 -0.17
N VAL E 646 51.16 1.25 0.05
CA VAL E 646 50.05 0.93 1.03
C VAL E 646 50.44 1.02 2.49
N VAL E 647 49.65 1.44 3.44
CA VAL E 647 49.97 1.42 4.87
C VAL E 647 49.07 0.38 5.49
N LYS E 648 49.19 0.14 6.78
CA LYS E 648 48.34 -0.90 7.45
C LYS E 648 48.13 -0.37 8.88
N ILE E 649 46.89 -0.44 9.36
CA ILE E 649 46.51 0.10 10.65
C ILE E 649 45.92 -1.07 11.42
N VAL E 650 46.46 -0.89 12.65
CA VAL E 650 46.03 -1.87 13.64
C VAL E 650 45.40 -1.44 14.96
N HIS E 651 44.41 -2.37 15.32
CA HIS E 651 43.64 -1.87 16.48
C HIS E 651 43.87 -2.52 17.78
N HIS E 652 44.46 -1.78 18.71
CA HIS E 652 44.63 -2.51 19.95
C HIS E 652 43.43 -2.68 20.83
N LEU E 653 43.23 -3.97 21.09
CA LEU E 653 42.06 -4.11 22.01
C LEU E 653 42.21 -3.64 23.43
N ASP F 1 -66.00 -12.31 -3.75
CA ASP F 1 -66.69 -13.61 -3.47
C ASP F 1 -68.15 -13.67 -3.99
N ALA F 2 -68.63 -14.89 -3.83
CA ALA F 2 -69.95 -15.51 -4.07
C ALA F 2 -70.38 -16.04 -2.68
N LEU F 3 -69.81 -15.32 -1.70
CA LEU F 3 -69.78 -15.56 -0.25
C LEU F 3 -69.06 -16.99 -0.24
N GLY F 4 -67.94 -16.80 -0.97
CA GLY F 4 -67.00 -17.81 -1.29
C GLY F 4 -66.12 -17.50 -2.49
N THR F 5 -66.02 -18.68 -3.03
CA THR F 5 -65.23 -19.06 -4.19
C THR F 5 -65.75 -18.38 -5.46
N GLY F 6 -65.39 -18.99 -6.53
CA GLY F 6 -65.49 -18.91 -7.98
C GLY F 6 -63.98 -19.25 -8.25
N ASN F 7 -63.32 -18.33 -8.82
CA ASN F 7 -61.91 -18.24 -9.14
C ASN F 7 -62.01 -17.06 -10.11
N ALA F 8 -62.91 -17.19 -11.04
CA ALA F 8 -62.92 -15.90 -11.82
C ALA F 8 -63.36 -14.88 -10.80
N GLN F 9 -63.35 -14.98 -9.53
CA GLN F 9 -63.76 -14.16 -8.42
C GLN F 9 -62.50 -13.93 -7.61
N LYS F 10 -62.14 -15.15 -7.14
CA LYS F 10 -60.89 -15.08 -6.31
C LYS F 10 -59.98 -14.17 -7.16
N GLN F 11 -59.79 -14.56 -8.44
CA GLN F 11 -58.98 -13.94 -9.41
C GLN F 11 -59.35 -12.45 -9.51
N GLN F 12 -60.66 -12.29 -9.73
CA GLN F 12 -60.98 -10.81 -9.87
C GLN F 12 -60.45 -10.01 -8.69
N ASP F 13 -60.88 -10.46 -7.53
CA ASP F 13 -60.50 -9.84 -6.27
C ASP F 13 -59.05 -9.46 -6.29
N ILE F 14 -58.16 -10.37 -6.60
CA ILE F 14 -56.68 -10.18 -6.68
C ILE F 14 -56.40 -9.02 -7.66
N ASN F 15 -56.88 -9.16 -8.91
CA ASN F 15 -56.54 -8.04 -9.83
C ASN F 15 -56.95 -6.69 -9.27
N HIS F 16 -58.04 -6.68 -8.54
CA HIS F 16 -58.46 -5.34 -8.01
C HIS F 16 -57.52 -4.72 -6.99
N LEU F 17 -57.11 -5.66 -6.19
CA LEU F 17 -56.21 -5.52 -5.06
C LEU F 17 -54.87 -5.04 -5.60
N LEU F 18 -54.21 -5.68 -6.58
CA LEU F 18 -52.94 -5.13 -7.01
C LEU F 18 -53.26 -4.20 -8.16
N ASP F 19 -54.34 -3.46 -8.38
CA ASP F 19 -54.51 -2.50 -9.46
C ASP F 19 -53.77 -1.24 -9.01
N LYS F 20 -53.74 -0.08 -9.61
CA LYS F 20 -53.01 1.16 -9.14
C LYS F 20 -52.62 0.95 -7.70
N ILE F 21 -51.38 0.53 -7.46
CA ILE F 21 -51.00 0.17 -6.08
C ILE F 21 -50.34 1.23 -5.28
N TYR F 22 -49.98 2.29 -5.91
CA TYR F 22 -49.35 3.39 -5.18
C TYR F 22 -50.46 4.34 -4.81
N GLU F 23 -51.72 3.92 -4.85
CA GLU F 23 -52.80 4.87 -4.49
C GLU F 23 -54.03 4.14 -3.96
N PRO F 24 -54.66 4.65 -2.95
CA PRO F 24 -55.87 4.13 -2.31
C PRO F 24 -56.83 3.49 -3.28
N THR F 25 -57.49 2.36 -3.02
CA THR F 25 -58.29 1.89 -4.12
C THR F 25 -59.55 2.58 -4.51
N LYS F 26 -59.60 2.34 -5.81
CA LYS F 26 -60.76 2.94 -6.56
C LYS F 26 -61.90 1.95 -6.68
N TYR F 27 -61.85 0.72 -6.24
CA TYR F 27 -62.96 -0.21 -6.37
C TYR F 27 -63.68 -0.19 -5.03
N PRO F 28 -64.81 0.47 -5.00
CA PRO F 28 -65.71 0.70 -3.91
C PRO F 28 -65.94 -0.39 -2.91
N ASP F 29 -66.06 -1.60 -3.35
CA ASP F 29 -66.29 -2.70 -2.39
C ASP F 29 -65.02 -2.78 -1.53
N LEU F 30 -63.89 -2.77 -2.22
CA LEU F 30 -62.56 -2.77 -1.57
C LEU F 30 -62.67 -1.63 -0.63
N LYS F 31 -63.21 -0.47 -0.93
CA LYS F 31 -63.24 0.47 0.17
C LYS F 31 -64.28 0.28 1.24
N ASP F 32 -65.51 -0.06 1.10
CA ASP F 32 -66.28 -0.07 2.38
C ASP F 32 -65.67 -1.20 3.16
N ILE F 33 -65.01 -2.10 2.47
CA ILE F 33 -64.44 -3.16 3.35
C ILE F 33 -63.41 -2.57 4.27
N ALA F 34 -62.66 -1.87 3.45
CA ALA F 34 -61.48 -1.14 3.91
C ALA F 34 -61.79 -0.33 5.15
N GLU F 35 -63.03 0.10 5.21
CA GLU F 35 -63.42 0.99 6.27
C GLU F 35 -64.15 0.29 7.39
N ASN F 36 -65.13 -0.40 6.83
CA ASN F 36 -66.07 -1.10 7.73
C ASN F 36 -65.56 -2.31 8.51
N PHE F 37 -64.66 -3.09 7.89
CA PHE F 37 -64.15 -4.35 8.49
C PHE F 37 -63.31 -4.15 9.73
N ASN F 38 -63.32 -5.20 10.52
CA ASN F 38 -62.60 -5.27 11.83
C ASN F 38 -62.10 -6.72 11.97
N PRO F 39 -60.79 -6.80 11.74
CA PRO F 39 -60.18 -8.11 11.67
C PRO F 39 -60.26 -8.83 12.94
N LEU F 40 -60.82 -8.10 13.87
CA LEU F 40 -60.97 -8.61 15.23
C LEU F 40 -62.33 -8.85 15.81
N GLY F 41 -63.33 -9.10 14.94
CA GLY F 41 -64.64 -9.34 15.54
C GLY F 41 -65.25 -10.69 15.26
N ASP F 42 -64.59 -11.75 14.96
CA ASP F 42 -65.30 -13.05 14.69
C ASP F 42 -64.06 -13.85 14.36
N THR F 43 -63.34 -13.99 15.42
CA THR F 43 -62.04 -14.72 15.47
C THR F 43 -62.67 -16.07 15.23
N SER F 44 -62.73 -16.48 14.01
CA SER F 44 -63.45 -17.79 13.90
C SER F 44 -63.19 -18.12 12.45
N ILE F 45 -63.02 -16.96 11.79
CA ILE F 45 -62.72 -17.07 10.34
C ILE F 45 -61.27 -17.61 10.19
N TYR F 46 -60.60 -17.23 11.31
CA TYR F 46 -59.23 -17.48 11.65
C TYR F 46 -58.96 -18.87 12.21
N ASN F 47 -58.09 -19.69 11.72
CA ASN F 47 -57.86 -20.95 12.39
C ASN F 47 -56.94 -20.59 13.58
N ASP F 48 -56.65 -19.33 13.86
CA ASP F 48 -55.74 -19.19 15.00
C ASP F 48 -56.62 -18.63 16.11
N HIS F 49 -57.83 -18.35 15.83
CA HIS F 49 -58.56 -17.70 16.97
C HIS F 49 -57.90 -16.29 16.97
N GLY F 50 -57.38 -16.07 15.74
CA GLY F 50 -56.80 -14.83 15.44
C GLY F 50 -55.75 -14.02 16.13
N ALA F 51 -54.76 -14.87 16.50
CA ALA F 51 -53.55 -14.41 17.17
C ALA F 51 -52.74 -13.70 16.12
N ALA F 52 -52.91 -14.17 14.90
CA ALA F 52 -52.13 -13.46 13.86
C ALA F 52 -52.87 -12.14 13.73
N VAL F 53 -54.10 -12.15 13.44
CA VAL F 53 -54.68 -10.79 13.29
C VAL F 53 -54.41 -9.92 14.47
N GLU F 54 -54.66 -10.63 15.57
CA GLU F 54 -54.44 -9.81 16.78
C GLU F 54 -53.03 -9.31 16.81
N THR F 55 -52.09 -9.72 16.00
CA THR F 55 -50.72 -9.14 16.24
C THR F 55 -50.27 -7.97 15.34
N LEU F 56 -51.06 -8.06 14.29
CA LEU F 56 -50.81 -7.05 13.34
C LEU F 56 -51.61 -5.95 13.96
N MET F 57 -52.81 -6.11 14.39
CA MET F 57 -53.48 -4.88 14.83
C MET F 57 -52.63 -4.22 15.85
N LYS F 58 -52.17 -5.15 16.73
CA LYS F 58 -51.38 -4.49 17.80
C LYS F 58 -50.35 -3.47 17.31
N GLU F 59 -49.68 -3.81 16.25
CA GLU F 59 -48.65 -3.00 15.69
C GLU F 59 -49.29 -1.93 14.88
N LEU F 60 -50.31 -2.22 14.14
CA LEU F 60 -50.88 -1.13 13.32
C LEU F 60 -51.40 -0.05 14.25
N ASN F 61 -51.73 -0.43 15.45
CA ASN F 61 -52.27 0.33 16.57
C ASN F 61 -51.29 1.22 17.18
N ASP F 62 -50.21 0.71 17.70
CA ASP F 62 -49.13 1.51 18.33
C ASP F 62 -48.52 2.25 17.14
N HIS F 63 -49.05 1.93 15.99
CA HIS F 63 -48.52 2.47 14.74
C HIS F 63 -46.98 2.59 14.88
N ARG F 64 -46.48 1.38 14.68
CA ARG F 64 -45.10 0.96 14.72
C ARG F 64 -44.84 0.09 13.48
N LEU F 65 -45.68 0.05 12.48
CA LEU F 65 -45.49 -0.71 11.23
C LEU F 65 -44.80 0.19 10.19
N LEU F 66 -44.03 -0.03 9.13
CA LEU F 66 -43.47 0.95 8.20
C LEU F 66 -44.49 1.83 7.48
N GLU F 67 -44.15 3.06 7.18
CA GLU F 67 -45.13 3.88 6.50
C GLU F 67 -45.43 3.58 5.06
N GLN F 68 -46.52 4.19 4.63
CA GLN F 68 -46.91 3.92 3.20
C GLN F 68 -46.02 4.84 2.38
N ARG F 69 -46.03 4.58 1.09
CA ARG F 69 -45.29 5.38 0.08
C ARG F 69 -43.89 5.53 0.57
N HIS F 70 -43.12 4.48 0.72
CA HIS F 70 -41.69 4.62 1.31
C HIS F 70 -41.01 3.40 0.74
N TRP F 71 -39.71 3.18 0.78
CA TRP F 71 -39.36 1.89 0.08
C TRP F 71 -39.33 0.65 0.90
N TYR F 72 -39.00 -0.45 0.19
CA TYR F 72 -38.92 -1.64 1.10
C TYR F 72 -38.03 -2.73 0.57
N SER F 73 -37.11 -3.19 1.44
CA SER F 73 -36.32 -4.33 0.82
C SER F 73 -36.74 -5.51 1.71
N LEU F 74 -36.70 -6.73 1.39
CA LEU F 74 -37.08 -7.96 2.01
C LEU F 74 -35.85 -8.38 2.79
N PHE F 75 -34.84 -7.55 2.56
CA PHE F 75 -33.60 -7.82 3.37
C PHE F 75 -33.77 -6.98 4.66
N ASN F 76 -34.71 -6.05 4.82
CA ASN F 76 -34.81 -5.38 6.18
C ASN F 76 -35.33 -6.20 7.41
N THR F 77 -34.53 -6.58 8.39
CA THR F 77 -35.25 -7.44 9.33
C THR F 77 -36.48 -6.81 9.83
N ARG F 78 -36.81 -5.54 9.79
CA ARG F 78 -38.14 -5.30 10.38
C ARG F 78 -39.15 -5.36 9.27
N GLN F 79 -38.78 -4.69 8.17
CA GLN F 79 -39.77 -4.64 7.08
C GLN F 79 -40.24 -6.06 6.79
N ARG F 80 -39.30 -7.01 6.94
CA ARG F 80 -39.65 -8.36 6.57
C ARG F 80 -40.66 -8.80 7.61
N LYS F 81 -40.16 -8.59 8.84
CA LYS F 81 -41.14 -9.07 9.89
C LYS F 81 -42.55 -8.49 9.65
N GLU F 82 -42.67 -7.19 9.32
CA GLU F 82 -43.99 -6.62 9.13
C GLU F 82 -44.61 -7.27 7.90
N ALA F 83 -43.90 -7.41 6.82
CA ALA F 83 -44.54 -7.98 5.61
C ALA F 83 -45.00 -9.37 5.97
N LEU F 84 -44.22 -10.05 6.74
CA LEU F 84 -44.62 -11.47 6.93
C LEU F 84 -45.68 -11.44 7.91
N MET F 85 -46.13 -10.32 8.51
CA MET F 85 -47.23 -10.58 9.57
C MET F 85 -48.49 -10.68 8.64
N LEU F 86 -48.44 -9.88 7.54
CA LEU F 86 -49.65 -9.91 6.73
C LEU F 86 -49.87 -11.33 6.22
N PHE F 87 -48.76 -11.98 5.88
CA PHE F 87 -48.82 -13.36 5.37
C PHE F 87 -49.48 -14.19 6.44
N ALA F 88 -49.07 -14.11 7.68
CA ALA F 88 -49.80 -14.97 8.66
C ALA F 88 -51.27 -14.67 8.87
N VAL F 89 -51.90 -13.63 8.38
CA VAL F 89 -53.33 -13.44 8.70
C VAL F 89 -53.87 -14.17 7.48
N LEU F 90 -53.73 -13.43 6.37
CA LEU F 90 -54.16 -14.03 5.06
C LEU F 90 -53.95 -15.52 5.13
N ASN F 91 -52.92 -15.99 5.83
CA ASN F 91 -52.67 -17.45 5.94
C ASN F 91 -53.73 -18.29 6.68
N GLN F 92 -54.13 -17.70 7.84
CA GLN F 92 -55.13 -18.51 8.56
C GLN F 92 -56.62 -18.22 8.37
N CYS F 93 -56.96 -17.85 7.19
CA CYS F 93 -58.32 -17.60 6.80
C CYS F 93 -58.90 -18.99 6.47
N LYS F 94 -60.20 -19.07 6.84
CA LYS F 94 -60.92 -20.34 6.51
C LYS F 94 -61.41 -20.06 5.12
N GLU F 95 -61.83 -18.87 4.74
CA GLU F 95 -62.26 -18.71 3.33
C GLU F 95 -62.13 -17.36 2.69
N TRP F 96 -62.44 -17.17 1.38
CA TRP F 96 -62.33 -15.84 0.76
C TRP F 96 -62.84 -14.70 1.62
N TYR F 97 -64.07 -14.87 2.21
CA TYR F 97 -64.54 -13.79 3.11
C TYR F 97 -63.42 -13.24 4.00
N CYS F 98 -62.50 -13.99 4.53
CA CYS F 98 -61.41 -13.51 5.41
C CYS F 98 -60.23 -12.98 4.63
N PHE F 99 -60.01 -13.50 3.43
CA PHE F 99 -58.85 -12.98 2.71
C PHE F 99 -59.19 -11.59 2.18
N ARG F 100 -60.19 -11.51 1.30
CA ARG F 100 -60.47 -10.22 0.67
C ARG F 100 -60.56 -9.19 1.75
N SER F 101 -61.29 -9.63 2.78
CA SER F 101 -61.46 -8.63 3.88
C SER F 101 -60.17 -7.98 4.29
N ASN F 102 -59.30 -8.95 4.74
CA ASN F 102 -57.97 -8.51 5.18
C ASN F 102 -57.18 -7.88 4.04
N ALA F 103 -56.98 -8.54 2.94
CA ALA F 103 -56.10 -7.75 1.97
C ALA F 103 -56.99 -6.72 1.48
N ALA F 104 -57.38 -5.67 2.10
CA ALA F 104 -58.38 -4.65 1.62
C ALA F 104 -58.10 -3.76 2.83
N TYR F 105 -58.53 -4.42 3.94
CA TYR F 105 -58.35 -3.66 5.23
C TYR F 105 -56.96 -3.10 5.42
N PHE F 106 -56.06 -4.09 5.22
CA PHE F 106 -54.58 -3.88 5.28
C PHE F 106 -54.04 -3.10 4.04
N ARG F 107 -54.37 -3.66 2.86
CA ARG F 107 -53.89 -2.99 1.63
C ARG F 107 -53.84 -1.49 1.73
N GLU F 108 -54.84 -0.98 2.37
CA GLU F 108 -55.20 0.41 2.64
C GLU F 108 -54.45 1.01 3.80
N ARG F 109 -53.78 0.32 4.69
CA ARG F 109 -52.97 1.12 5.64
C ARG F 109 -51.61 0.52 5.94
N MET F 110 -51.14 -0.47 5.30
CA MET F 110 -49.84 -1.14 5.52
C MET F 110 -49.09 -0.65 4.29
N ASN F 111 -47.79 -0.72 4.33
CA ASN F 111 -47.08 -0.15 3.14
C ASN F 111 -47.20 -0.86 1.83
N GLU F 112 -47.01 -0.34 0.62
CA GLU F 112 -47.09 -1.17 -0.56
C GLU F 112 -46.27 -2.40 -0.79
N GLY F 113 -45.05 -2.44 -0.37
CA GLY F 113 -44.09 -3.60 -0.69
C GLY F 113 -44.32 -4.70 0.31
N GLU F 114 -44.62 -4.18 1.53
CA GLU F 114 -44.91 -5.22 2.55
C GLU F 114 -46.15 -5.84 1.88
N PHE F 115 -47.11 -4.96 1.49
CA PHE F 115 -48.33 -5.46 0.86
C PHE F 115 -48.12 -6.24 -0.42
N VAL F 116 -47.47 -5.63 -1.40
CA VAL F 116 -47.32 -6.47 -2.57
C VAL F 116 -46.74 -7.85 -2.17
N TYR F 117 -45.65 -7.76 -1.39
CA TYR F 117 -44.90 -8.97 -0.95
C TYR F 117 -45.83 -9.87 -0.16
N ALA F 118 -46.60 -9.44 0.77
CA ALA F 118 -47.47 -10.40 1.48
C ALA F 118 -48.53 -10.99 0.60
N LEU F 119 -49.14 -10.10 -0.22
CA LEU F 119 -50.26 -10.72 -1.02
C LEU F 119 -49.71 -11.87 -1.89
N TYR F 120 -48.54 -11.67 -2.54
CA TYR F 120 -48.05 -12.75 -3.35
C TYR F 120 -47.66 -14.04 -2.66
N VAL F 121 -46.87 -13.93 -1.66
CA VAL F 121 -46.44 -15.15 -0.98
C VAL F 121 -47.63 -15.92 -0.48
N SER F 122 -48.62 -15.17 -0.02
CA SER F 122 -49.85 -15.70 0.56
C SER F 122 -50.70 -16.42 -0.47
N VAL F 123 -50.74 -15.66 -1.54
CA VAL F 123 -51.51 -16.33 -2.61
C VAL F 123 -50.79 -17.59 -2.96
N ILE F 124 -49.48 -17.70 -3.18
CA ILE F 124 -48.61 -18.81 -3.55
C ILE F 124 -48.66 -19.97 -2.56
N HIS F 125 -48.57 -19.83 -1.31
CA HIS F 125 -48.56 -20.82 -0.28
C HIS F 125 -49.80 -21.22 0.45
N SER F 126 -50.69 -20.33 0.70
CA SER F 126 -51.97 -20.56 1.38
C SER F 126 -52.92 -21.36 0.40
N LYS F 127 -53.52 -22.19 1.21
CA LYS F 127 -54.50 -23.30 0.90
C LYS F 127 -55.53 -22.75 -0.06
N LEU F 128 -55.98 -21.55 0.37
CA LEU F 128 -57.02 -20.78 -0.30
C LEU F 128 -56.67 -20.13 -1.62
N GLY F 129 -55.53 -20.42 -2.22
CA GLY F 129 -55.29 -19.63 -3.40
C GLY F 129 -55.10 -20.46 -4.57
N ASP F 130 -55.85 -21.47 -4.67
CA ASP F 130 -55.61 -22.31 -5.87
C ASP F 130 -55.86 -21.80 -7.26
N GLY F 131 -57.11 -21.44 -7.51
CA GLY F 131 -57.46 -20.95 -8.84
C GLY F 131 -56.58 -19.83 -9.42
N ILE F 132 -55.95 -18.97 -8.62
CA ILE F 132 -55.24 -17.86 -9.19
C ILE F 132 -53.95 -17.86 -9.95
N VAL F 133 -53.85 -16.99 -10.88
CA VAL F 133 -52.63 -16.60 -11.58
C VAL F 133 -52.23 -15.17 -11.11
N LEU F 134 -51.01 -14.90 -10.69
CA LEU F 134 -50.72 -13.51 -10.26
C LEU F 134 -50.30 -12.70 -11.47
N PRO F 135 -50.70 -11.47 -11.59
CA PRO F 135 -50.24 -10.56 -12.68
C PRO F 135 -48.72 -10.55 -12.63
N PRO F 136 -47.99 -10.21 -13.62
CA PRO F 136 -46.53 -10.19 -13.59
C PRO F 136 -45.96 -9.00 -12.82
N LEU F 137 -45.05 -9.33 -11.85
CA LEU F 137 -44.51 -8.12 -11.13
C LEU F 137 -44.20 -6.94 -12.05
N TYR F 138 -43.51 -7.14 -13.12
CA TYR F 138 -43.08 -6.10 -14.01
C TYR F 138 -44.21 -5.15 -14.36
N GLN F 139 -45.44 -5.65 -14.37
CA GLN F 139 -46.48 -4.63 -14.70
C GLN F 139 -47.10 -4.09 -13.43
N ILE F 140 -47.19 -4.76 -12.34
CA ILE F 140 -47.81 -4.23 -11.13
C ILE F 140 -46.91 -3.15 -10.51
N THR F 141 -45.63 -3.31 -10.44
CA THR F 141 -44.67 -2.32 -9.83
C THR F 141 -43.48 -2.15 -10.74
N PRO F 142 -43.62 -1.46 -11.85
CA PRO F 142 -42.68 -1.34 -12.95
C PRO F 142 -41.38 -0.67 -12.70
N HIS F 143 -41.47 -0.10 -11.53
CA HIS F 143 -40.18 0.58 -11.22
C HIS F 143 -39.07 -0.41 -10.90
N MET F 144 -39.28 -1.59 -10.54
CA MET F 144 -38.29 -2.53 -10.19
C MET F 144 -37.81 -3.27 -11.46
N PHE F 145 -38.51 -2.99 -12.50
CA PHE F 145 -38.10 -3.80 -13.68
C PHE F 145 -37.83 -2.93 -14.87
N THR F 146 -38.36 -1.81 -15.08
CA THR F 146 -38.00 -0.92 -16.18
C THR F 146 -36.97 0.08 -15.65
N ASN F 147 -36.23 0.53 -16.61
CA ASN F 147 -35.17 1.52 -16.61
C ASN F 147 -35.45 2.86 -15.92
N SER F 148 -34.60 3.85 -16.05
CA SER F 148 -34.97 5.06 -15.36
C SER F 148 -35.47 6.13 -16.28
N GLU F 149 -35.06 5.74 -17.48
CA GLU F 149 -35.43 6.69 -18.60
C GLU F 149 -36.82 6.32 -19.02
N VAL F 150 -37.02 5.03 -19.31
CA VAL F 150 -38.43 4.82 -19.71
C VAL F 150 -39.37 5.26 -18.65
N ILE F 151 -38.91 5.19 -17.39
CA ILE F 151 -39.85 5.58 -16.34
C ILE F 151 -40.16 7.05 -16.43
N ASP F 152 -39.04 7.74 -16.67
CA ASP F 152 -39.36 9.23 -16.74
C ASP F 152 -40.20 9.47 -17.99
N LYS F 153 -40.09 8.68 -19.07
CA LYS F 153 -40.83 8.98 -20.30
C LYS F 153 -42.28 8.68 -20.03
N ALA F 154 -42.43 7.72 -19.13
CA ALA F 154 -43.85 7.41 -18.89
C ALA F 154 -44.46 8.50 -18.04
N TYR F 155 -43.66 9.13 -17.20
CA TYR F 155 -44.16 10.19 -16.28
C TYR F 155 -44.56 11.38 -17.15
N SER F 156 -43.81 11.52 -18.24
CA SER F 156 -44.23 12.66 -19.03
C SER F 156 -45.50 12.36 -19.79
N ALA F 157 -45.56 11.16 -20.32
CA ALA F 157 -46.76 10.71 -21.11
C ALA F 157 -47.86 11.23 -20.16
N LYS F 158 -47.91 10.60 -19.01
CA LYS F 158 -48.92 11.02 -18.06
C LYS F 158 -49.02 12.52 -17.88
N MET F 159 -47.99 13.30 -17.58
CA MET F 159 -48.20 14.75 -17.29
C MET F 159 -49.06 15.30 -18.41
N THR F 160 -48.60 15.06 -19.64
CA THR F 160 -49.31 15.57 -20.78
C THR F 160 -50.43 14.73 -21.27
N GLN F 161 -50.74 13.58 -20.75
CA GLN F 161 -51.91 12.88 -21.32
C GLN F 161 -51.86 12.47 -22.75
N LYS F 162 -50.71 12.22 -23.26
CA LYS F 162 -50.53 11.79 -24.66
C LYS F 162 -49.82 10.50 -24.35
N PRO F 163 -50.27 9.43 -24.87
CA PRO F 163 -49.83 8.08 -24.74
C PRO F 163 -48.68 7.63 -25.61
N GLY F 164 -48.42 6.33 -25.30
CA GLY F 164 -47.40 5.66 -26.09
C GLY F 164 -46.23 4.85 -25.61
N THR F 165 -45.82 3.89 -26.45
CA THR F 165 -44.74 3.04 -25.94
C THR F 165 -43.32 3.49 -26.17
N PHE F 166 -42.43 3.38 -25.20
CA PHE F 166 -41.05 3.76 -25.32
C PHE F 166 -40.28 2.40 -25.25
N ASN F 167 -39.20 2.55 -26.01
CA ASN F 167 -38.25 1.46 -26.27
C ASN F 167 -37.17 1.64 -25.25
N VAL F 168 -36.92 0.52 -24.58
CA VAL F 168 -35.88 0.55 -23.50
C VAL F 168 -34.53 0.18 -24.08
N SER F 169 -33.56 0.59 -23.33
CA SER F 169 -32.15 0.49 -23.62
C SER F 169 -31.01 -0.48 -23.42
N PHE F 170 -30.76 -1.02 -22.21
CA PHE F 170 -29.58 -1.87 -21.91
C PHE F 170 -28.73 -0.85 -21.12
N THR F 171 -27.93 -1.48 -20.26
CA THR F 171 -27.20 -0.61 -19.32
C THR F 171 -26.08 0.34 -19.51
N GLY F 172 -24.84 -0.04 -19.30
CA GLY F 172 -23.71 0.92 -19.43
C GLY F 172 -23.60 1.15 -20.98
N THR F 173 -22.42 1.66 -21.23
CA THR F 173 -21.81 2.04 -22.44
C THR F 173 -21.31 0.72 -23.08
N LYS F 174 -22.44 0.31 -23.60
CA LYS F 174 -22.46 -0.96 -24.46
C LYS F 174 -21.28 -0.42 -25.36
N LYS F 175 -20.46 -1.45 -25.67
CA LYS F 175 -19.25 -1.24 -26.46
C LYS F 175 -18.44 -0.34 -25.52
N ASN F 176 -17.97 -0.86 -24.49
CA ASN F 176 -17.19 -0.23 -23.49
C ASN F 176 -17.23 -1.26 -22.37
N ARG F 177 -18.20 -2.16 -22.19
CA ARG F 177 -18.05 -3.15 -21.10
C ARG F 177 -18.07 -4.67 -21.19
N GLU F 178 -19.16 -5.09 -20.57
CA GLU F 178 -19.53 -6.50 -20.38
C GLU F 178 -20.99 -6.33 -19.98
N GLN F 179 -21.45 -5.28 -20.62
CA GLN F 179 -22.92 -4.88 -20.61
C GLN F 179 -23.10 -5.21 -22.12
N ARG F 180 -22.85 -6.48 -22.30
CA ARG F 180 -22.70 -7.24 -23.49
C ARG F 180 -23.30 -8.59 -23.17
N VAL F 181 -23.36 -8.79 -21.87
CA VAL F 181 -24.01 -10.07 -21.52
C VAL F 181 -25.14 -9.63 -20.65
N ALA F 182 -25.66 -8.41 -20.77
CA ALA F 182 -26.74 -7.66 -20.14
C ALA F 182 -28.15 -8.18 -20.35
N TYR F 183 -28.28 -8.58 -21.60
CA TYR F 183 -29.59 -9.10 -22.13
C TYR F 183 -30.02 -10.20 -21.16
N PHE F 184 -29.03 -10.86 -20.54
CA PHE F 184 -29.36 -11.94 -19.67
C PHE F 184 -29.80 -11.50 -18.29
N GLY F 185 -29.01 -10.68 -17.63
CA GLY F 185 -29.41 -10.25 -16.31
C GLY F 185 -30.62 -9.33 -16.16
N GLU F 186 -30.71 -8.56 -17.20
CA GLU F 186 -31.71 -7.55 -17.25
C GLU F 186 -33.06 -7.84 -17.77
N ASP F 187 -33.25 -9.14 -18.09
CA ASP F 187 -34.54 -9.66 -18.69
C ASP F 187 -35.69 -9.77 -17.69
N ILE F 188 -36.86 -9.34 -18.12
CA ILE F 188 -37.97 -9.34 -17.13
C ILE F 188 -38.37 -10.76 -16.87
N GLY F 189 -37.85 -11.71 -17.57
CA GLY F 189 -38.30 -13.04 -17.32
C GLY F 189 -37.50 -13.71 -16.21
N MET F 190 -36.21 -13.37 -16.34
CA MET F 190 -35.29 -14.07 -15.36
C MET F 190 -35.55 -13.30 -14.08
N ASN F 191 -35.64 -12.00 -14.29
CA ASN F 191 -35.94 -11.36 -13.01
C ASN F 191 -37.24 -11.90 -12.48
N ILE F 192 -38.18 -12.16 -13.28
CA ILE F 192 -39.38 -12.74 -12.61
C ILE F 192 -38.99 -14.06 -11.92
N HIS F 193 -38.62 -15.15 -12.64
CA HIS F 193 -38.19 -16.38 -11.94
C HIS F 193 -37.34 -16.14 -10.69
N HIS F 194 -36.33 -15.32 -10.74
CA HIS F 194 -35.45 -15.15 -9.57
C HIS F 194 -36.32 -14.83 -8.41
N VAL F 195 -37.23 -13.84 -8.52
CA VAL F 195 -38.06 -13.51 -7.37
C VAL F 195 -39.00 -14.71 -7.12
N THR F 196 -39.65 -15.19 -8.18
CA THR F 196 -40.58 -16.28 -7.77
C THR F 196 -39.94 -17.46 -6.97
N TRP F 197 -38.80 -17.88 -7.60
CA TRP F 197 -38.02 -19.01 -7.04
C TRP F 197 -37.96 -18.83 -5.55
N HIS F 198 -37.55 -17.64 -5.14
CA HIS F 198 -37.50 -17.38 -3.65
C HIS F 198 -38.79 -16.96 -3.00
N MET F 199 -39.99 -17.29 -3.49
CA MET F 199 -41.30 -16.82 -2.90
C MET F 199 -41.87 -18.24 -2.82
N ASP F 200 -41.44 -19.05 -3.80
CA ASP F 200 -41.88 -20.46 -3.79
C ASP F 200 -41.18 -21.12 -2.58
N PHE F 201 -39.85 -20.93 -2.47
CA PHE F 201 -39.21 -21.50 -1.30
C PHE F 201 -38.42 -20.36 -0.64
N PRO F 202 -39.15 -19.78 0.28
CA PRO F 202 -38.53 -18.69 0.98
C PRO F 202 -37.51 -19.13 2.01
N PHE F 203 -36.52 -18.30 2.23
CA PHE F 203 -35.50 -18.42 3.26
C PHE F 203 -36.25 -18.34 4.64
N TRP F 204 -37.31 -17.60 4.89
CA TRP F 204 -37.95 -17.48 6.16
C TRP F 204 -38.96 -18.51 6.46
N TRP F 205 -39.11 -19.56 5.75
CA TRP F 205 -40.27 -20.43 6.06
C TRP F 205 -40.28 -21.19 7.30
N GLU F 206 -41.11 -21.38 8.20
CA GLU F 206 -40.94 -22.25 9.35
C GLU F 206 -41.90 -23.37 9.12
N ASP F 207 -41.95 -24.59 9.54
CA ASP F 207 -42.98 -25.53 9.10
C ASP F 207 -44.26 -25.35 9.89
N SER F 208 -44.36 -24.27 10.62
CA SER F 208 -45.55 -23.92 11.40
C SER F 208 -46.45 -23.39 10.31
N TYR F 209 -45.89 -22.76 9.33
CA TYR F 209 -46.84 -22.21 8.32
C TYR F 209 -47.69 -23.28 7.66
N GLY F 210 -47.43 -24.57 7.86
CA GLY F 210 -48.27 -25.57 7.25
C GLY F 210 -47.88 -26.83 6.62
N TYR F 211 -46.67 -26.87 6.07
CA TYR F 211 -46.11 -28.05 5.29
C TYR F 211 -44.65 -27.82 5.21
N HIS F 212 -43.91 -28.64 4.53
CA HIS F 212 -42.42 -28.37 4.65
C HIS F 212 -41.91 -28.23 3.26
N LEU F 213 -41.16 -27.26 2.86
CA LEU F 213 -40.86 -27.36 1.40
C LEU F 213 -39.81 -28.45 1.47
N ASP F 214 -39.78 -29.44 0.66
CA ASP F 214 -38.98 -30.55 0.56
C ASP F 214 -37.47 -30.50 0.51
N ARG F 215 -36.94 -29.95 -0.56
CA ARG F 215 -35.37 -30.08 -0.42
C ARG F 215 -34.78 -28.74 -0.57
N LYS F 216 -35.58 -27.69 -0.10
CA LYS F 216 -35.00 -26.32 -0.36
C LYS F 216 -33.71 -26.57 0.42
N GLY F 217 -32.67 -26.42 -0.35
CA GLY F 217 -31.41 -26.80 0.57
C GLY F 217 -30.73 -27.25 -0.73
N GLU F 218 -31.10 -28.36 -1.30
CA GLU F 218 -30.47 -28.72 -2.54
C GLU F 218 -31.00 -27.80 -3.63
N LEU F 219 -32.34 -27.60 -3.33
CA LEU F 219 -33.09 -26.67 -4.30
C LEU F 219 -32.27 -25.39 -4.24
N PHE F 220 -31.97 -24.83 -3.07
CA PHE F 220 -31.07 -23.65 -3.17
C PHE F 220 -29.72 -23.93 -3.83
N PHE F 221 -28.96 -24.94 -3.51
CA PHE F 221 -27.65 -25.34 -4.04
C PHE F 221 -27.65 -25.01 -5.56
N TRP F 222 -28.51 -25.88 -6.22
CA TRP F 222 -28.90 -26.01 -7.61
C TRP F 222 -29.50 -24.81 -8.35
N VAL F 223 -30.54 -24.16 -7.78
CA VAL F 223 -31.00 -23.07 -8.59
C VAL F 223 -29.89 -22.09 -8.90
N HIS F 224 -29.06 -21.86 -7.92
CA HIS F 224 -28.05 -20.80 -8.25
C HIS F 224 -26.86 -21.17 -9.10
N HIS F 225 -26.70 -22.51 -8.98
CA HIS F 225 -25.55 -23.11 -9.78
C HIS F 225 -26.03 -22.97 -11.22
N GLN F 226 -27.35 -23.07 -11.31
CA GLN F 226 -27.84 -22.92 -12.68
C GLN F 226 -27.70 -21.52 -13.20
N LEU F 227 -28.22 -20.52 -12.44
CA LEU F 227 -27.99 -19.20 -13.00
C LEU F 227 -26.42 -19.17 -13.09
N THR F 228 -25.61 -19.58 -12.16
CA THR F 228 -24.22 -19.30 -12.51
C THR F 228 -23.64 -19.94 -13.74
N ALA F 229 -24.19 -21.08 -14.10
CA ALA F 229 -23.67 -21.69 -15.35
C ALA F 229 -24.23 -20.92 -16.56
N ARG F 230 -25.60 -20.83 -16.43
CA ARG F 230 -26.37 -20.19 -17.55
C ARG F 230 -25.59 -18.86 -17.74
N PHE F 231 -25.24 -18.11 -16.72
CA PHE F 231 -24.57 -16.89 -16.94
C PHE F 231 -23.25 -17.10 -17.63
N ASP F 232 -22.48 -18.04 -17.05
CA ASP F 232 -21.09 -18.33 -17.63
C ASP F 232 -21.20 -18.67 -19.13
N PHE F 233 -22.22 -19.48 -19.53
CA PHE F 233 -22.32 -19.66 -20.96
C PHE F 233 -22.51 -18.32 -21.72
N GLU F 234 -23.49 -17.47 -21.28
CA GLU F 234 -23.67 -16.28 -22.11
C GLU F 234 -22.35 -15.56 -22.23
N ARG F 235 -21.55 -15.53 -21.19
CA ARG F 235 -20.29 -14.78 -21.32
C ARG F 235 -19.35 -15.48 -22.27
N LEU F 236 -19.58 -16.77 -22.50
CA LEU F 236 -18.73 -17.50 -23.52
C LEU F 236 -18.99 -16.99 -24.99
N SER F 237 -20.30 -17.03 -25.22
CA SER F 237 -20.81 -16.52 -26.46
C SER F 237 -20.36 -15.09 -26.42
N ASN F 238 -19.85 -14.37 -25.50
CA ASN F 238 -19.48 -13.00 -25.91
C ASN F 238 -18.01 -12.74 -25.86
N TRP F 239 -17.21 -13.76 -26.11
CA TRP F 239 -15.73 -13.52 -26.13
C TRP F 239 -15.39 -13.11 -24.67
N LEU F 240 -16.37 -13.31 -23.74
CA LEU F 240 -15.88 -12.92 -22.38
C LEU F 240 -15.41 -14.16 -21.69
N ASP F 241 -14.67 -14.05 -20.61
CA ASP F 241 -14.13 -15.26 -19.87
C ASP F 241 -14.90 -15.66 -18.67
N PRO F 242 -15.06 -16.87 -18.30
CA PRO F 242 -15.87 -17.30 -17.10
C PRO F 242 -15.90 -16.36 -15.91
N VAL F 243 -16.84 -16.17 -14.98
CA VAL F 243 -16.59 -15.12 -13.98
C VAL F 243 -15.74 -15.34 -12.78
N ASP F 244 -15.11 -14.34 -12.35
CA ASP F 244 -14.16 -14.26 -11.17
C ASP F 244 -14.97 -14.71 -9.95
N GLU F 245 -14.48 -15.36 -8.96
CA GLU F 245 -15.33 -15.71 -7.78
C GLU F 245 -15.12 -14.51 -6.93
N LEU F 246 -15.89 -13.94 -6.09
CA LEU F 246 -15.58 -12.68 -5.32
C LEU F 246 -14.75 -12.83 -4.09
N HIS F 247 -13.81 -12.11 -3.54
CA HIS F 247 -13.26 -12.58 -2.26
C HIS F 247 -13.41 -11.44 -1.19
N TRP F 248 -13.35 -11.74 0.13
CA TRP F 248 -13.58 -10.51 0.84
C TRP F 248 -12.30 -9.77 0.96
N ASP F 249 -11.19 -10.40 0.75
CA ASP F 249 -9.97 -9.62 0.91
C ASP F 249 -9.68 -8.96 -0.43
N ARG F 250 -10.43 -8.95 -1.50
CA ARG F 250 -9.91 -8.20 -2.66
C ARG F 250 -10.64 -7.02 -3.21
N ILE F 251 -10.26 -6.29 -4.24
CA ILE F 251 -11.11 -5.15 -4.58
C ILE F 251 -12.27 -5.84 -5.32
N ILE F 252 -13.37 -5.04 -5.43
CA ILE F 252 -14.55 -5.57 -6.16
C ILE F 252 -14.07 -4.93 -7.45
N ARG F 253 -13.50 -5.69 -8.29
CA ARG F 253 -12.96 -5.11 -9.53
C ARG F 253 -14.02 -4.49 -10.41
N GLU F 254 -15.04 -5.25 -10.77
CA GLU F 254 -16.08 -4.80 -11.66
C GLU F 254 -17.32 -4.09 -11.22
N GLY F 255 -17.36 -2.78 -11.04
CA GLY F 255 -18.63 -2.14 -10.57
C GLY F 255 -19.48 -1.59 -11.70
N PHE F 256 -20.72 -1.32 -11.47
CA PHE F 256 -21.69 -0.81 -12.42
C PHE F 256 -22.58 0.31 -11.79
N ALA F 257 -23.34 0.98 -12.66
CA ALA F 257 -24.31 2.07 -12.35
C ALA F 257 -25.55 1.41 -13.00
N PRO F 258 -26.59 1.32 -12.19
CA PRO F 258 -27.81 0.63 -12.63
C PRO F 258 -28.75 1.52 -13.33
N LEU F 259 -28.63 2.81 -13.15
CA LEU F 259 -29.68 3.65 -13.86
C LEU F 259 -31.09 3.32 -13.57
N THR F 260 -31.52 2.69 -12.58
CA THR F 260 -32.85 2.31 -12.19
C THR F 260 -33.35 3.18 -11.06
N SER F 261 -34.63 3.39 -10.93
CA SER F 261 -35.04 4.22 -9.80
C SER F 261 -36.16 3.55 -8.98
N TYR F 262 -36.24 3.87 -7.70
CA TYR F 262 -37.32 3.30 -6.83
C TYR F 262 -38.66 3.99 -7.10
N LYS F 263 -39.85 3.63 -6.64
CA LYS F 263 -41.04 4.53 -6.99
C LYS F 263 -40.99 5.69 -5.99
N TYR F 264 -41.07 5.32 -4.76
CA TYR F 264 -40.90 6.26 -3.61
C TYR F 264 -39.45 5.80 -3.16
N GLY F 265 -38.47 6.67 -2.92
CA GLY F 265 -37.09 6.14 -2.63
C GLY F 265 -35.95 6.84 -3.38
N GLY F 266 -35.74 7.05 -4.65
CA GLY F 266 -34.58 7.92 -5.11
C GLY F 266 -33.89 7.05 -6.07
N GLU F 267 -32.88 7.46 -6.76
CA GLU F 267 -32.30 6.35 -7.62
C GLU F 267 -31.38 5.35 -6.91
N PHE F 268 -31.36 4.15 -7.50
CA PHE F 268 -30.46 3.09 -6.93
C PHE F 268 -29.02 3.58 -6.84
N PRO F 269 -28.26 3.50 -5.76
CA PRO F 269 -26.88 4.01 -5.67
C PRO F 269 -25.99 3.29 -6.64
N VAL F 270 -24.89 3.94 -6.86
CA VAL F 270 -24.04 3.25 -7.93
C VAL F 270 -22.78 2.74 -7.36
N ARG F 271 -21.83 2.07 -7.94
CA ARG F 271 -20.59 1.57 -7.31
C ARG F 271 -19.42 1.83 -8.30
N PRO F 272 -18.44 2.58 -7.89
CA PRO F 272 -17.34 3.08 -8.59
C PRO F 272 -16.39 2.17 -9.21
N ASP F 273 -16.27 0.88 -8.85
CA ASP F 273 -15.12 0.19 -9.73
C ASP F 273 -13.75 0.39 -9.06
N ASN F 274 -13.18 -0.84 -8.89
CA ASN F 274 -11.91 -1.18 -8.24
C ASN F 274 -12.06 -0.68 -6.76
N ILE F 275 -13.17 -0.71 -6.03
CA ILE F 275 -13.41 -0.32 -4.68
C ILE F 275 -13.03 -1.44 -3.70
N HIS F 276 -12.83 -0.95 -2.44
CA HIS F 276 -12.46 -1.87 -1.32
C HIS F 276 -13.66 -2.10 -0.49
N PHE F 277 -13.98 -3.29 -0.12
CA PHE F 277 -15.22 -3.51 0.64
C PHE F 277 -15.41 -2.83 1.95
N GLU F 278 -16.33 -1.96 2.30
CA GLU F 278 -16.35 -1.54 3.71
C GLU F 278 -17.41 -2.17 4.60
N ASP F 279 -16.85 -2.11 5.79
CA ASP F 279 -17.63 -2.69 6.97
C ASP F 279 -18.83 -1.82 6.93
N VAL F 280 -20.02 -2.43 6.82
CA VAL F 280 -21.29 -1.66 6.70
C VAL F 280 -22.07 -1.75 8.00
N ASP F 281 -22.20 -0.54 8.52
CA ASP F 281 -22.86 -0.39 9.84
C ASP F 281 -24.31 -0.91 9.73
N GLY F 282 -24.55 -1.66 10.76
CA GLY F 282 -25.90 -2.20 10.83
C GLY F 282 -26.11 -3.64 10.35
N VAL F 283 -25.34 -3.88 9.32
CA VAL F 283 -25.50 -5.23 8.72
C VAL F 283 -24.43 -6.13 9.35
N ALA F 284 -23.19 -5.88 9.03
CA ALA F 284 -22.19 -6.75 9.58
C ALA F 284 -20.88 -6.34 8.96
N HIS F 285 -19.85 -6.62 9.66
CA HIS F 285 -18.46 -6.39 9.57
C HIS F 285 -17.77 -7.03 8.47
N VAL F 286 -16.69 -6.60 7.85
CA VAL F 286 -16.40 -7.49 6.66
C VAL F 286 -15.83 -8.77 7.10
N HIS F 287 -15.19 -8.64 8.19
CA HIS F 287 -14.51 -9.91 8.67
C HIS F 287 -15.49 -10.93 9.19
N ASP F 288 -16.65 -10.28 9.45
CA ASP F 288 -17.74 -11.17 9.99
C ASP F 288 -18.11 -12.28 8.99
N LEU F 289 -17.76 -11.95 7.77
CA LEU F 289 -18.08 -12.84 6.64
C LEU F 289 -16.91 -13.77 6.64
N GLU F 290 -15.73 -13.26 6.44
CA GLU F 290 -14.50 -14.02 6.45
C GLU F 290 -14.69 -15.04 7.55
N ILE F 291 -14.96 -14.84 8.84
CA ILE F 291 -15.12 -15.96 9.73
C ILE F 291 -16.29 -16.81 9.34
N THR F 292 -17.44 -16.26 9.04
CA THR F 292 -18.55 -17.15 8.63
C THR F 292 -18.08 -18.11 7.61
N GLU F 293 -17.52 -17.66 6.50
CA GLU F 293 -16.97 -18.46 5.44
C GLU F 293 -16.05 -19.48 6.05
N SER F 294 -15.38 -19.32 7.16
CA SER F 294 -14.49 -20.44 7.63
C SER F 294 -15.28 -21.45 8.47
N ARG F 295 -16.20 -20.84 9.24
CA ARG F 295 -16.96 -21.87 9.98
C ARG F 295 -17.55 -22.80 8.92
N ILE F 296 -18.00 -22.29 7.72
CA ILE F 296 -18.65 -23.05 6.71
C ILE F 296 -17.86 -24.20 6.13
N HIS F 297 -16.82 -23.47 5.75
CA HIS F 297 -15.77 -24.27 5.10
C HIS F 297 -15.14 -25.30 5.98
N GLU F 298 -15.43 -25.41 7.21
CA GLU F 298 -14.76 -26.41 8.07
C GLU F 298 -15.82 -27.45 8.22
N ALA F 299 -17.01 -27.02 7.82
CA ALA F 299 -18.00 -28.13 8.13
C ALA F 299 -17.67 -28.95 6.90
N ILE F 300 -17.65 -28.41 5.70
CA ILE F 300 -17.34 -29.19 4.52
C ILE F 300 -16.09 -30.00 4.76
N ASP F 301 -15.09 -29.24 5.28
CA ASP F 301 -13.87 -30.05 5.42
C ASP F 301 -13.85 -31.12 6.45
N HIS F 302 -14.61 -31.05 7.50
CA HIS F 302 -14.60 -32.00 8.59
C HIS F 302 -15.29 -33.33 8.34
N GLY F 303 -16.45 -33.09 7.80
CA GLY F 303 -17.33 -34.22 7.41
C GLY F 303 -18.58 -33.89 8.21
N TYR F 304 -18.47 -32.99 9.24
CA TYR F 304 -19.78 -32.74 9.96
C TYR F 304 -20.15 -31.29 10.24
N ILE F 305 -21.44 -31.00 10.44
CA ILE F 305 -21.90 -29.67 10.74
C ILE F 305 -22.00 -29.84 12.26
N THR F 306 -21.74 -28.90 13.12
CA THR F 306 -21.84 -29.19 14.58
C THR F 306 -22.97 -28.36 15.10
N ASP F 307 -24.03 -28.77 15.78
CA ASP F 307 -25.08 -27.80 16.15
C ASP F 307 -24.64 -27.16 17.46
N SER F 308 -25.58 -26.50 18.06
CA SER F 308 -25.65 -25.70 19.25
C SER F 308 -25.23 -26.44 20.48
N ASP F 309 -25.44 -27.77 20.38
CA ASP F 309 -25.01 -28.50 21.61
C ASP F 309 -23.61 -28.95 21.40
N GLY F 310 -23.32 -29.07 20.12
CA GLY F 310 -21.85 -29.51 20.05
C GLY F 310 -22.17 -30.95 19.59
N HIS F 311 -23.38 -31.03 19.04
CA HIS F 311 -23.62 -32.36 18.49
C HIS F 311 -22.97 -32.44 17.11
N THR F 312 -22.20 -33.40 16.64
CA THR F 312 -21.74 -33.20 15.26
C THR F 312 -22.83 -33.96 14.49
N ILE F 313 -23.43 -33.42 13.50
CA ILE F 313 -24.45 -33.95 12.61
C ILE F 313 -23.62 -34.16 11.31
N ASP F 314 -23.60 -35.43 10.90
CA ASP F 314 -22.81 -35.84 9.74
C ASP F 314 -23.45 -35.36 8.45
N ILE F 315 -22.63 -35.05 7.50
CA ILE F 315 -23.07 -34.60 6.20
C ILE F 315 -22.36 -35.30 5.07
N ARG F 316 -21.70 -36.36 5.35
CA ARG F 316 -20.92 -37.01 4.23
C ARG F 316 -21.91 -38.00 3.73
N GLN F 317 -23.06 -37.71 3.29
CA GLN F 317 -24.09 -38.67 2.90
C GLN F 317 -25.01 -37.77 2.07
N PRO F 318 -26.01 -38.38 1.50
CA PRO F 318 -26.92 -37.76 0.60
C PRO F 318 -27.72 -36.62 1.11
N LYS F 319 -28.10 -36.48 2.31
CA LYS F 319 -28.89 -35.34 2.80
C LYS F 319 -27.84 -34.26 2.93
N GLY F 320 -26.62 -34.74 2.76
CA GLY F 320 -25.51 -33.84 2.90
C GLY F 320 -25.77 -32.39 2.49
N ILE F 321 -25.63 -32.26 1.18
CA ILE F 321 -25.70 -31.00 0.47
C ILE F 321 -26.90 -30.23 0.86
N GLU F 322 -27.94 -30.74 1.45
CA GLU F 322 -29.11 -29.89 1.83
C GLU F 322 -28.76 -29.43 3.26
N LEU F 323 -28.43 -30.26 4.27
CA LEU F 323 -28.04 -29.50 5.44
C LEU F 323 -26.98 -28.46 4.99
N LEU F 324 -26.10 -28.55 4.00
CA LEU F 324 -25.18 -27.46 3.81
C LEU F 324 -25.93 -26.24 3.31
N GLY F 325 -27.00 -26.46 2.57
CA GLY F 325 -27.66 -25.26 2.07
C GLY F 325 -28.47 -24.62 3.14
N ASP F 326 -28.76 -25.34 4.15
CA ASP F 326 -29.60 -24.68 5.11
C ASP F 326 -28.70 -23.73 5.88
N ILE F 327 -27.44 -24.05 6.09
CA ILE F 327 -26.44 -23.28 6.85
C ILE F 327 -25.87 -22.20 5.95
N ILE F 328 -25.62 -22.48 4.66
CA ILE F 328 -25.13 -21.43 3.79
C ILE F 328 -26.15 -20.43 3.35
N GLU F 329 -27.37 -20.53 2.94
CA GLU F 329 -28.12 -19.33 2.43
C GLU F 329 -28.55 -18.53 3.61
N SER F 330 -28.78 -19.28 4.58
CA SER F 330 -29.17 -19.52 5.91
C SER F 330 -30.70 -19.28 5.98
N SER F 331 -31.33 -20.41 6.05
CA SER F 331 -32.78 -20.37 6.05
C SER F 331 -33.17 -20.92 7.41
N LYS F 332 -34.43 -21.18 7.73
CA LYS F 332 -34.54 -21.64 9.13
C LYS F 332 -34.32 -23.07 9.25
N TYR F 333 -33.85 -23.76 8.34
CA TYR F 333 -33.67 -25.21 8.63
C TYR F 333 -32.27 -25.18 9.22
N SER F 334 -31.51 -24.10 9.38
CA SER F 334 -30.15 -24.17 9.95
C SER F 334 -30.08 -24.92 11.27
N SER F 335 -29.04 -25.67 11.49
CA SER F 335 -28.89 -26.49 12.69
C SER F 335 -28.24 -25.60 13.63
N ASN F 336 -27.27 -24.82 13.20
CA ASN F 336 -26.67 -23.93 14.30
C ASN F 336 -26.76 -22.54 13.74
N VAL F 337 -27.74 -21.73 13.64
CA VAL F 337 -27.56 -20.41 13.01
C VAL F 337 -26.75 -19.46 13.85
N GLN F 338 -26.49 -19.73 15.08
CA GLN F 338 -25.74 -18.70 15.89
C GLN F 338 -24.22 -18.84 15.53
N TYR F 339 -23.91 -19.94 14.88
CA TYR F 339 -22.52 -20.17 14.62
C TYR F 339 -22.22 -19.97 13.17
N TYR F 340 -22.88 -20.62 12.29
CA TYR F 340 -22.65 -20.52 10.86
C TYR F 340 -23.31 -19.28 10.34
N GLY F 341 -24.00 -18.46 11.11
CA GLY F 341 -24.68 -17.32 10.56
C GLY F 341 -25.48 -17.40 9.31
N SER F 342 -25.22 -16.46 8.43
CA SER F 342 -25.90 -16.34 7.12
C SER F 342 -25.10 -15.79 5.88
N LEU F 343 -24.06 -16.52 5.46
CA LEU F 343 -23.27 -15.97 4.37
C LEU F 343 -23.98 -15.37 3.22
N HIS F 344 -24.82 -16.07 2.61
CA HIS F 344 -25.50 -15.64 1.41
C HIS F 344 -26.28 -14.38 1.62
N ASN F 345 -27.31 -14.39 2.44
CA ASN F 345 -28.15 -13.26 2.69
C ASN F 345 -27.25 -12.23 3.25
N THR F 346 -26.54 -12.27 4.32
CA THR F 346 -25.74 -11.07 4.63
C THR F 346 -24.97 -10.52 3.46
N ALA F 347 -24.44 -11.42 2.65
CA ALA F 347 -23.62 -11.10 1.50
C ALA F 347 -24.48 -10.30 0.60
N HIS F 348 -25.77 -10.37 0.53
CA HIS F 348 -26.62 -9.52 -0.33
C HIS F 348 -26.64 -8.22 0.43
N VAL F 349 -27.11 -7.99 1.60
CA VAL F 349 -27.07 -6.69 2.16
C VAL F 349 -25.68 -6.09 2.19
N MET F 350 -24.67 -6.86 2.41
CA MET F 350 -23.32 -6.36 2.50
C MET F 350 -22.89 -5.80 1.18
N LEU F 351 -23.30 -6.35 0.00
CA LEU F 351 -22.80 -5.78 -1.25
C LEU F 351 -23.57 -4.50 -1.73
N GLY F 352 -24.72 -4.31 -1.06
CA GLY F 352 -25.62 -3.28 -1.42
C GLY F 352 -25.31 -1.98 -0.80
N ARG F 353 -24.86 -1.88 0.39
CA ARG F 353 -24.65 -0.53 0.93
C ARG F 353 -23.24 -0.14 0.59
N GLN F 354 -22.59 -0.98 -0.25
CA GLN F 354 -21.18 -0.54 -0.56
C GLN F 354 -21.19 0.90 -1.04
N GLY F 355 -22.45 1.37 -1.21
CA GLY F 355 -22.65 2.72 -1.72
C GLY F 355 -22.65 3.73 -0.57
N ASP F 356 -22.81 3.24 0.62
CA ASP F 356 -23.04 4.00 1.84
C ASP F 356 -23.08 3.08 3.08
N PRO F 357 -21.98 2.68 3.59
CA PRO F 357 -21.88 1.83 4.71
C PRO F 357 -22.03 2.73 5.89
N HIS F 358 -21.51 3.91 6.05
CA HIS F 358 -21.90 4.34 7.49
C HIS F 358 -23.22 5.02 7.41
N GLY F 359 -23.60 5.14 6.15
CA GLY F 359 -24.93 5.79 5.87
C GLY F 359 -24.91 7.28 6.08
N LYS F 360 -23.98 7.90 5.41
CA LYS F 360 -23.81 9.32 5.59
C LYS F 360 -24.73 9.88 4.55
N PHE F 361 -25.12 9.22 3.56
CA PHE F 361 -25.96 9.96 2.57
C PHE F 361 -27.43 9.65 2.50
N ASN F 362 -27.54 8.49 3.19
CA ASN F 362 -28.95 8.00 3.26
C ASN F 362 -29.45 7.84 1.82
N LEU F 363 -28.80 6.97 1.11
CA LEU F 363 -29.13 6.50 -0.23
C LEU F 363 -30.07 5.31 0.16
N PRO F 364 -30.93 4.81 -0.66
CA PRO F 364 -31.84 3.71 -0.36
C PRO F 364 -31.08 2.41 -0.46
N PRO F 365 -31.66 1.27 -0.36
CA PRO F 365 -30.98 0.02 -0.42
C PRO F 365 -30.47 -0.24 -1.80
N GLY F 366 -29.71 -1.26 -2.12
CA GLY F 366 -29.29 -1.20 -3.57
C GLY F 366 -29.69 -2.32 -4.47
N VAL F 367 -29.26 -2.26 -5.74
CA VAL F 367 -29.81 -3.34 -6.59
C VAL F 367 -29.65 -4.71 -6.09
N MET F 368 -28.79 -5.12 -5.36
CA MET F 368 -28.59 -6.50 -4.83
C MET F 368 -29.37 -6.77 -3.58
N GLU F 369 -30.02 -5.73 -3.06
CA GLU F 369 -30.71 -6.02 -1.79
C GLU F 369 -32.14 -6.23 -2.18
N HIS F 370 -32.35 -6.87 -3.24
CA HIS F 370 -33.72 -7.16 -3.72
C HIS F 370 -33.73 -8.29 -4.77
N PHE F 371 -34.71 -9.21 -4.65
CA PHE F 371 -34.66 -10.20 -5.73
C PHE F 371 -35.10 -9.84 -7.13
N GLU F 372 -35.96 -8.87 -7.28
CA GLU F 372 -36.37 -8.63 -8.73
C GLU F 372 -35.35 -7.76 -9.36
N THR F 373 -34.25 -7.53 -8.63
CA THR F 373 -33.24 -6.62 -9.20
C THR F 373 -31.81 -6.92 -9.08
N ALA F 374 -31.47 -8.10 -8.51
CA ALA F 374 -30.07 -8.34 -8.22
C ALA F 374 -29.42 -8.76 -9.44
N THR F 375 -30.16 -9.49 -10.21
CA THR F 375 -29.33 -10.02 -11.38
C THR F 375 -28.85 -8.91 -12.20
N ARG F 376 -29.13 -7.65 -11.88
CA ARG F 376 -28.68 -6.58 -12.67
C ARG F 376 -27.23 -6.25 -12.51
N ASP F 377 -26.76 -6.13 -11.31
CA ASP F 377 -25.42 -5.69 -10.86
C ASP F 377 -24.42 -6.76 -11.12
N PRO F 378 -23.34 -6.55 -11.72
CA PRO F 378 -22.37 -7.59 -11.98
C PRO F 378 -21.81 -8.33 -10.80
N SER F 379 -21.65 -7.74 -9.68
CA SER F 379 -21.09 -8.60 -8.66
C SER F 379 -22.11 -9.69 -8.26
N PHE F 380 -23.29 -9.63 -8.82
CA PHE F 380 -24.30 -10.63 -8.44
C PHE F 380 -23.71 -11.96 -8.79
N PHE F 381 -23.22 -12.09 -9.98
CA PHE F 381 -22.63 -13.41 -10.35
C PHE F 381 -21.26 -13.67 -9.77
N ARG F 382 -20.49 -12.69 -9.32
CA ARG F 382 -19.17 -12.87 -8.69
C ARG F 382 -19.48 -13.47 -7.34
N LEU F 383 -20.57 -12.95 -6.66
CA LEU F 383 -21.03 -13.40 -5.38
C LEU F 383 -21.60 -14.77 -5.61
N HIS F 384 -22.21 -15.26 -6.60
CA HIS F 384 -22.70 -16.64 -6.54
C HIS F 384 -21.70 -17.59 -7.10
N LYS F 385 -20.67 -17.06 -7.67
CA LYS F 385 -19.56 -17.98 -8.14
C LYS F 385 -18.90 -18.48 -6.81
N TYR F 386 -18.51 -17.61 -5.95
CA TYR F 386 -18.07 -17.87 -4.59
C TYR F 386 -19.14 -18.75 -3.89
N MET F 387 -20.43 -18.35 -3.64
CA MET F 387 -21.23 -19.40 -3.00
C MET F 387 -21.06 -20.74 -3.79
N ASP F 388 -21.11 -20.67 -5.12
CA ASP F 388 -21.08 -21.83 -5.99
C ASP F 388 -19.91 -22.68 -5.64
N ASN F 389 -18.64 -22.28 -5.62
CA ASN F 389 -17.67 -23.34 -5.23
C ASN F 389 -17.51 -23.54 -3.76
N ILE F 390 -18.39 -23.34 -2.84
CA ILE F 390 -18.29 -23.55 -1.41
C ILE F 390 -19.03 -24.93 -1.57
N PHE F 391 -20.06 -24.85 -2.38
CA PHE F 391 -20.80 -26.07 -2.48
C PHE F 391 -19.88 -27.03 -3.24
N LYS F 392 -19.29 -26.57 -4.35
CA LYS F 392 -18.55 -27.66 -5.04
C LYS F 392 -17.50 -28.34 -4.15
N LYS F 393 -17.05 -27.59 -3.13
CA LYS F 393 -16.05 -28.19 -2.29
C LYS F 393 -16.64 -29.44 -1.71
N HIS F 394 -17.85 -29.61 -1.48
CA HIS F 394 -18.40 -30.75 -0.72
C HIS F 394 -18.77 -31.83 -1.62
N THR F 395 -19.33 -31.17 -2.63
CA THR F 395 -19.90 -31.79 -3.87
C THR F 395 -18.91 -32.76 -4.50
N ASP F 396 -17.68 -32.46 -4.55
CA ASP F 396 -16.51 -33.08 -5.08
C ASP F 396 -15.75 -33.98 -4.16
N SER F 397 -16.26 -34.01 -2.90
CA SER F 397 -15.42 -34.87 -1.99
C SER F 397 -15.90 -36.32 -2.15
N PHE F 398 -17.00 -36.45 -3.00
CA PHE F 398 -17.37 -37.90 -3.04
C PHE F 398 -16.47 -38.60 -4.02
N PRO F 399 -16.43 -39.87 -3.85
CA PRO F 399 -15.65 -40.70 -4.75
C PRO F 399 -16.53 -40.75 -5.99
N PRO F 400 -15.85 -40.82 -7.11
CA PRO F 400 -16.41 -40.81 -8.45
C PRO F 400 -17.32 -41.95 -8.67
N TYR F 401 -18.04 -41.93 -9.80
CA TYR F 401 -19.02 -43.08 -9.82
C TYR F 401 -18.41 -44.23 -10.65
N THR F 402 -18.84 -45.42 -10.26
CA THR F 402 -18.38 -46.66 -10.84
C THR F 402 -19.15 -46.90 -12.13
N HIS F 403 -18.65 -47.92 -12.83
CA HIS F 403 -19.32 -48.25 -14.14
C HIS F 403 -20.68 -48.75 -13.71
N ASP F 404 -20.43 -49.80 -12.91
CA ASP F 404 -21.60 -50.47 -12.30
C ASP F 404 -22.52 -49.40 -11.73
N ASN F 405 -21.99 -48.23 -11.54
CA ASN F 405 -22.75 -47.15 -10.94
C ASN F 405 -23.84 -46.47 -11.81
N LEU F 406 -23.43 -45.97 -12.98
CA LEU F 406 -24.33 -45.30 -13.86
C LEU F 406 -25.20 -46.21 -14.73
N GLU F 407 -24.82 -47.45 -14.99
CA GLU F 407 -25.42 -48.45 -15.80
C GLU F 407 -26.85 -48.76 -15.53
N PHE F 408 -27.76 -48.62 -16.46
CA PHE F 408 -29.19 -49.04 -16.31
C PHE F 408 -29.33 -50.03 -17.51
N SER F 409 -28.81 -51.13 -17.09
CA SER F 409 -28.67 -52.38 -17.83
C SER F 409 -29.88 -52.65 -18.66
N GLY F 410 -29.68 -52.88 -19.92
CA GLY F 410 -31.08 -53.16 -20.60
C GLY F 410 -30.97 -51.89 -21.43
N MET F 411 -31.69 -50.87 -21.21
CA MET F 411 -31.44 -49.71 -22.02
C MET F 411 -30.19 -49.14 -22.63
N VAL F 412 -30.32 -48.77 -23.90
CA VAL F 412 -29.13 -48.13 -24.48
C VAL F 412 -29.42 -47.10 -25.55
N VAL F 413 -28.85 -45.94 -25.36
CA VAL F 413 -29.09 -44.92 -26.35
C VAL F 413 -28.31 -45.29 -27.58
N ASN F 414 -29.10 -45.25 -28.63
CA ASN F 414 -28.61 -45.59 -29.95
C ASN F 414 -28.18 -44.26 -30.56
N GLY F 415 -29.16 -43.36 -30.57
CA GLY F 415 -28.67 -42.08 -31.20
C GLY F 415 -29.42 -40.87 -30.67
N VAL F 416 -28.71 -39.78 -30.98
CA VAL F 416 -29.41 -38.55 -30.51
C VAL F 416 -29.28 -37.53 -31.62
N ALA F 417 -30.54 -37.11 -31.89
CA ALA F 417 -30.84 -36.07 -32.87
C ALA F 417 -31.85 -34.96 -32.57
N ILE F 418 -31.34 -33.84 -33.16
CA ILE F 418 -32.07 -32.58 -33.07
C ILE F 418 -32.74 -32.37 -34.40
N ASP F 419 -34.05 -32.43 -34.23
CA ASP F 419 -34.97 -32.25 -35.38
C ASP F 419 -35.27 -30.77 -35.58
N GLY F 420 -34.36 -30.08 -36.23
CA GLY F 420 -34.63 -28.64 -36.47
C GLY F 420 -33.35 -27.84 -36.44
N GLU F 421 -33.48 -26.61 -35.97
CA GLU F 421 -32.23 -25.84 -35.92
C GLU F 421 -32.12 -25.15 -34.58
N LEU F 422 -30.81 -25.03 -34.29
CA LEU F 422 -30.63 -24.32 -32.97
C LEU F 422 -30.42 -22.88 -33.43
N ILE F 423 -31.53 -22.14 -33.25
CA ILE F 423 -31.32 -20.74 -33.70
C ILE F 423 -31.90 -19.79 -32.72
N THR F 424 -31.04 -18.88 -32.34
CA THR F 424 -31.44 -17.89 -31.37
C THR F 424 -31.32 -16.47 -31.92
N PHE F 425 -32.36 -15.80 -31.59
CA PHE F 425 -32.41 -14.36 -32.00
C PHE F 425 -33.01 -13.39 -30.97
N PHE F 426 -33.20 -12.16 -31.46
CA PHE F 426 -33.79 -11.18 -30.53
C PHE F 426 -35.17 -10.53 -30.86
N ASP F 427 -36.24 -11.04 -30.34
CA ASP F 427 -37.58 -10.75 -30.32
C ASP F 427 -37.93 -9.40 -29.73
N GLU F 428 -39.23 -9.21 -29.56
CA GLU F 428 -39.54 -7.88 -28.90
C GLU F 428 -40.76 -7.98 -28.02
N PHE F 429 -40.68 -7.40 -26.86
CA PHE F 429 -41.74 -7.50 -25.88
C PHE F 429 -42.24 -6.18 -25.32
N GLN F 430 -43.54 -6.40 -24.94
CA GLN F 430 -44.13 -5.06 -24.44
C GLN F 430 -44.92 -5.28 -23.16
N TYR F 431 -44.53 -4.51 -22.15
CA TYR F 431 -45.24 -4.71 -20.84
C TYR F 431 -45.76 -3.30 -20.63
N SER F 432 -46.66 -3.12 -19.70
CA SER F 432 -47.26 -1.84 -19.42
C SER F 432 -46.87 -0.96 -18.23
N LEU F 433 -46.47 0.31 -18.51
CA LEU F 433 -46.06 1.27 -17.53
C LEU F 433 -47.16 1.94 -16.74
N ILE F 434 -48.33 1.37 -16.66
CA ILE F 434 -49.34 2.18 -15.95
C ILE F 434 -49.28 2.20 -14.44
N ASN F 435 -48.91 1.04 -13.84
CA ASN F 435 -49.11 1.23 -12.39
C ASN F 435 -48.08 2.14 -11.82
N ALA F 436 -47.24 2.54 -12.76
CA ALA F 436 -46.12 3.41 -12.40
C ALA F 436 -46.42 4.86 -12.27
N VAL F 437 -47.29 5.40 -13.07
CA VAL F 437 -47.52 6.85 -13.04
C VAL F 437 -48.73 7.12 -12.17
N ASP F 438 -48.82 8.21 -11.45
CA ASP F 438 -50.04 8.34 -10.65
C ASP F 438 -51.03 9.10 -11.46
N SER F 439 -52.24 8.63 -11.31
CA SER F 439 -53.43 9.23 -12.01
C SER F 439 -54.26 9.47 -10.79
N GLY F 440 -54.72 10.59 -10.47
CA GLY F 440 -55.56 10.50 -9.18
C GLY F 440 -57.02 10.15 -9.61
N GLU F 441 -57.69 11.33 -9.68
CA GLU F 441 -59.07 11.32 -10.03
C GLU F 441 -59.80 12.38 -10.76
N ASN F 442 -60.57 11.74 -11.65
CA ASN F 442 -61.45 12.50 -12.56
C ASN F 442 -60.55 12.88 -13.73
N ILE F 443 -59.30 12.48 -13.50
CA ILE F 443 -58.20 12.68 -14.53
C ILE F 443 -58.22 11.39 -15.35
N GLU F 444 -58.26 11.23 -16.69
CA GLU F 444 -58.33 9.78 -17.03
C GLU F 444 -57.08 9.15 -17.60
N ASP F 445 -57.11 7.84 -17.60
CA ASP F 445 -56.02 6.95 -18.00
C ASP F 445 -55.64 6.89 -19.48
N VAL F 446 -54.42 7.16 -19.68
CA VAL F 446 -53.72 7.19 -20.94
C VAL F 446 -52.82 5.95 -20.77
N GLU F 447 -52.88 5.27 -21.88
CA GLU F 447 -52.19 4.02 -21.89
C GLU F 447 -50.80 4.18 -22.30
N ILE F 448 -49.94 4.06 -21.29
CA ILE F 448 -48.45 4.13 -21.58
C ILE F 448 -47.77 2.78 -21.65
N ASN F 449 -46.91 2.51 -22.62
CA ASN F 449 -46.28 1.17 -22.64
C ASN F 449 -44.80 1.05 -22.72
N ALA F 450 -44.07 0.02 -22.31
CA ALA F 450 -42.58 -0.10 -22.45
C ALA F 450 -42.31 -1.31 -23.35
N ARG F 451 -41.31 -1.02 -24.17
CA ARG F 451 -40.96 -2.13 -25.16
C ARG F 451 -39.52 -2.56 -24.96
N VAL F 452 -39.46 -3.91 -24.76
CA VAL F 452 -38.06 -4.35 -24.47
C VAL F 452 -37.57 -5.33 -25.50
N HIS F 453 -36.30 -5.44 -25.45
CA HIS F 453 -35.70 -6.38 -26.39
C HIS F 453 -35.26 -7.71 -25.84
N ARG F 454 -36.01 -8.80 -26.11
CA ARG F 454 -35.43 -10.01 -25.37
C ARG F 454 -35.01 -11.15 -26.27
N LEU F 455 -34.14 -12.07 -25.88
CA LEU F 455 -33.64 -13.23 -26.58
C LEU F 455 -34.76 -14.25 -26.88
N ASN F 456 -34.36 -15.05 -27.87
CA ASN F 456 -35.25 -16.12 -28.29
C ASN F 456 -34.48 -17.07 -29.19
N HIS F 457 -35.14 -18.18 -29.26
CA HIS F 457 -34.71 -19.34 -29.99
C HIS F 457 -35.94 -19.89 -30.68
N ASN F 458 -35.78 -20.94 -31.40
CA ASN F 458 -36.87 -21.50 -32.21
C ASN F 458 -37.28 -22.90 -31.81
N GLU F 459 -38.54 -23.19 -31.73
CA GLU F 459 -38.76 -24.59 -31.30
C GLU F 459 -37.96 -25.61 -32.11
N PHE F 460 -37.63 -26.72 -31.43
CA PHE F 460 -36.83 -27.79 -32.08
C PHE F 460 -37.23 -29.06 -31.32
N THR F 461 -36.91 -30.18 -31.99
CA THR F 461 -37.22 -31.50 -31.39
C THR F 461 -36.04 -32.50 -31.42
N TYR F 462 -36.13 -33.24 -30.29
CA TYR F 462 -35.24 -34.23 -29.86
C TYR F 462 -35.81 -35.50 -30.46
N LYS F 463 -34.85 -36.17 -31.09
CA LYS F 463 -35.24 -37.53 -31.57
C LYS F 463 -34.10 -38.31 -30.94
N ILE F 464 -34.52 -39.05 -29.93
CA ILE F 464 -33.64 -39.91 -29.11
C ILE F 464 -34.08 -41.32 -29.49
N THR F 465 -33.20 -41.96 -30.23
CA THR F 465 -33.42 -43.31 -30.79
C THR F 465 -32.88 -44.33 -29.82
N MET F 466 -33.75 -45.26 -29.44
CA MET F 466 -33.06 -46.14 -28.42
C MET F 466 -33.66 -47.42 -27.94
N SER F 467 -32.88 -48.52 -27.86
CA SER F 467 -33.36 -49.85 -27.54
C SER F 467 -33.45 -50.42 -26.17
N ASN F 468 -34.56 -50.96 -25.75
CA ASN F 468 -34.70 -51.56 -24.40
C ASN F 468 -34.33 -53.01 -24.48
N ASN F 469 -33.10 -53.42 -24.29
CA ASN F 469 -32.81 -54.87 -24.49
C ASN F 469 -33.52 -55.68 -23.45
N ASN F 470 -33.93 -55.04 -22.37
CA ASN F 470 -34.63 -55.78 -21.33
C ASN F 470 -35.82 -56.48 -21.99
N ASP F 471 -36.23 -57.44 -21.20
CA ASP F 471 -37.38 -58.27 -21.61
C ASP F 471 -38.62 -57.34 -21.79
N GLY F 472 -38.81 -56.37 -20.86
CA GLY F 472 -40.01 -55.59 -21.15
C GLY F 472 -40.41 -54.40 -20.36
N GLU F 473 -40.42 -53.30 -21.13
CA GLU F 473 -40.87 -52.01 -20.61
C GLU F 473 -40.35 -51.74 -19.19
N ARG F 474 -39.55 -50.68 -19.24
CA ARG F 474 -38.89 -50.20 -17.97
C ARG F 474 -39.13 -48.70 -18.00
N LEU F 475 -39.28 -48.10 -16.80
CA LEU F 475 -39.50 -46.64 -16.56
C LEU F 475 -38.29 -45.77 -16.83
N ALA F 476 -38.31 -44.60 -17.41
CA ALA F 476 -36.95 -44.08 -17.60
C ALA F 476 -36.65 -42.68 -17.19
N THR F 477 -35.54 -42.28 -16.54
CA THR F 477 -35.37 -40.79 -16.38
C THR F 477 -34.57 -40.26 -17.60
N PHE F 478 -35.20 -39.43 -18.42
CA PHE F 478 -34.53 -38.86 -19.60
C PHE F 478 -33.77 -37.62 -19.09
N ARG F 479 -32.47 -37.60 -18.82
CA ARG F 479 -31.79 -36.39 -18.34
C ARG F 479 -31.01 -35.66 -19.41
N ILE F 480 -31.25 -34.39 -19.65
CA ILE F 480 -30.49 -33.79 -20.75
C ILE F 480 -29.72 -32.51 -20.41
N PHE F 481 -28.39 -32.59 -20.28
CA PHE F 481 -27.47 -31.46 -20.08
C PHE F 481 -26.86 -30.80 -21.29
N LEU F 482 -26.42 -29.59 -21.53
CA LEU F 482 -25.79 -29.12 -22.81
C LEU F 482 -24.50 -28.57 -22.20
N CYS F 483 -23.36 -29.22 -22.16
CA CYS F 483 -22.07 -28.77 -21.54
C CYS F 483 -21.27 -28.04 -22.55
N PRO F 484 -20.22 -27.29 -22.46
CA PRO F 484 -19.47 -26.64 -23.50
C PRO F 484 -18.37 -27.58 -23.95
N ILE F 485 -17.59 -27.03 -24.91
CA ILE F 485 -16.46 -27.88 -25.42
C ILE F 485 -15.11 -27.21 -25.34
N GLU F 486 -14.97 -26.06 -25.83
CA GLU F 486 -13.63 -25.45 -25.73
C GLU F 486 -13.64 -24.28 -24.79
N ASP F 487 -12.67 -23.55 -24.34
CA ASP F 487 -12.34 -22.51 -23.53
C ASP F 487 -12.59 -21.04 -23.65
N ASN F 488 -12.46 -20.57 -24.86
CA ASN F 488 -12.55 -19.07 -25.01
C ASN F 488 -11.00 -18.80 -24.93
N ASN F 489 -10.24 -19.87 -24.65
CA ASN F 489 -8.78 -19.61 -24.78
C ASN F 489 -8.75 -20.54 -26.00
N GLY F 490 -9.83 -21.36 -26.14
CA GLY F 490 -9.75 -22.22 -27.35
C GLY F 490 -9.45 -23.65 -27.00
N ILE F 491 -8.91 -23.69 -25.82
CA ILE F 491 -8.51 -24.85 -25.10
C ILE F 491 -9.36 -26.05 -25.02
N THR F 492 -10.61 -26.26 -25.02
CA THR F 492 -11.04 -27.71 -25.01
C THR F 492 -10.71 -28.51 -23.75
N LEU F 493 -11.57 -28.37 -22.82
CA LEU F 493 -11.78 -28.85 -21.49
C LEU F 493 -12.34 -30.29 -21.60
N THR F 494 -12.37 -30.82 -20.45
CA THR F 494 -12.68 -32.09 -20.07
C THR F 494 -13.82 -32.67 -19.40
N LEU F 495 -15.07 -32.34 -19.42
CA LEU F 495 -16.07 -33.23 -18.70
C LEU F 495 -15.54 -33.34 -17.29
N ASP F 496 -14.85 -32.42 -16.73
CA ASP F 496 -14.41 -32.53 -15.35
C ASP F 496 -14.19 -31.01 -15.37
N GLU F 497 -13.46 -30.73 -16.47
CA GLU F 497 -13.27 -29.26 -16.57
C GLU F 497 -14.67 -28.87 -17.04
N ALA F 498 -15.36 -29.67 -17.84
CA ALA F 498 -16.70 -29.08 -18.12
C ALA F 498 -18.00 -29.63 -17.55
N ARG F 499 -17.83 -30.66 -16.71
CA ARG F 499 -19.07 -31.29 -16.17
C ARG F 499 -19.88 -30.24 -15.38
N TRP F 500 -19.02 -29.34 -14.73
CA TRP F 500 -19.70 -28.36 -13.82
C TRP F 500 -20.37 -27.21 -14.51
N PHE F 501 -19.92 -26.97 -15.69
CA PHE F 501 -20.42 -25.82 -16.44
C PHE F 501 -21.68 -26.02 -17.23
N CYS F 502 -22.13 -27.22 -17.22
CA CYS F 502 -23.29 -27.56 -18.04
C CYS F 502 -24.62 -27.24 -17.31
N ILE F 503 -25.57 -26.81 -18.16
CA ILE F 503 -26.90 -26.41 -17.70
C ILE F 503 -27.87 -27.41 -18.22
N GLU F 504 -28.81 -27.71 -17.44
CA GLU F 504 -29.89 -28.62 -17.69
C GLU F 504 -30.95 -27.87 -18.55
N LEU F 505 -31.26 -28.63 -19.56
CA LEU F 505 -32.20 -28.39 -20.63
C LEU F 505 -33.49 -29.17 -20.50
N ASP F 506 -33.49 -30.31 -19.83
CA ASP F 506 -34.76 -31.08 -19.72
C ASP F 506 -34.50 -32.29 -18.81
N LYS F 507 -35.56 -32.73 -18.21
CA LYS F 507 -35.58 -33.86 -17.33
C LYS F 507 -37.05 -34.38 -17.34
N PHE F 508 -37.24 -35.64 -17.86
CA PHE F 508 -38.67 -36.10 -17.89
C PHE F 508 -38.84 -37.63 -17.71
N PHE F 509 -40.03 -38.02 -17.16
CA PHE F 509 -40.08 -39.49 -17.09
C PHE F 509 -40.94 -40.21 -18.10
N GLN F 510 -40.54 -41.14 -18.92
CA GLN F 510 -41.25 -41.88 -19.93
C GLN F 510 -41.11 -43.38 -19.91
N LYS F 511 -42.18 -44.12 -20.32
CA LYS F 511 -41.83 -45.57 -20.34
C LYS F 511 -41.35 -45.94 -21.79
N VAL F 512 -40.42 -46.87 -21.54
CA VAL F 512 -39.72 -47.48 -22.68
C VAL F 512 -40.28 -48.85 -22.90
N PRO F 513 -40.60 -48.99 -24.18
CA PRO F 513 -41.16 -50.22 -24.77
C PRO F 513 -40.15 -51.36 -24.60
N SER F 514 -40.50 -52.53 -25.18
CA SER F 514 -39.48 -53.55 -24.99
C SER F 514 -38.56 -53.61 -26.17
N GLY F 515 -38.54 -52.60 -26.97
CA GLY F 515 -37.64 -52.77 -28.15
C GLY F 515 -37.57 -51.38 -28.73
N PRO F 516 -36.56 -51.31 -29.55
CA PRO F 516 -36.16 -50.10 -30.27
C PRO F 516 -37.25 -49.06 -30.40
N GLU F 517 -37.28 -48.07 -29.52
CA GLU F 517 -38.34 -47.02 -29.71
C GLU F 517 -37.54 -45.89 -30.37
N THR F 518 -38.11 -44.74 -30.50
CA THR F 518 -37.39 -43.60 -31.06
C THR F 518 -38.18 -42.45 -30.40
N ILE F 519 -37.81 -41.99 -29.22
CA ILE F 519 -38.54 -40.90 -28.56
C ILE F 519 -38.05 -39.55 -29.11
N GLU F 520 -39.13 -38.82 -29.31
CA GLU F 520 -38.93 -37.46 -29.90
C GLU F 520 -39.58 -36.56 -28.87
N ARG F 521 -39.01 -35.38 -28.63
CA ARG F 521 -39.62 -34.48 -27.61
C ARG F 521 -39.14 -33.05 -27.84
N SER F 522 -40.07 -32.12 -27.53
CA SER F 522 -40.01 -30.68 -27.75
C SER F 522 -39.50 -29.46 -26.98
N SER F 523 -38.82 -28.55 -27.69
CA SER F 523 -38.29 -27.35 -27.09
C SER F 523 -39.31 -26.94 -26.07
N LYS F 524 -40.54 -27.08 -26.53
CA LYS F 524 -41.79 -26.72 -25.87
C LYS F 524 -42.11 -27.58 -24.73
N ASP F 525 -42.06 -28.85 -24.71
CA ASP F 525 -42.38 -29.50 -23.43
C ASP F 525 -41.22 -29.42 -22.45
N SER F 526 -40.08 -28.71 -22.52
CA SER F 526 -39.05 -28.79 -21.48
C SER F 526 -39.53 -28.71 -20.03
N SER F 527 -38.84 -29.41 -19.10
CA SER F 527 -39.40 -29.27 -17.71
C SER F 527 -38.82 -28.10 -16.98
N VAL F 528 -37.79 -27.51 -17.53
CA VAL F 528 -37.22 -26.36 -16.75
C VAL F 528 -37.70 -25.08 -17.35
N THR F 529 -38.78 -25.18 -18.13
CA THR F 529 -39.14 -23.89 -18.72
C THR F 529 -40.48 -23.32 -18.48
N VAL F 530 -40.62 -22.01 -18.65
CA VAL F 530 -41.98 -21.48 -18.42
C VAL F 530 -42.30 -20.52 -19.50
N PRO F 531 -43.56 -20.51 -19.91
CA PRO F 531 -43.94 -19.57 -20.99
C PRO F 531 -43.93 -18.15 -20.48
N ASP F 532 -43.99 -17.14 -21.35
CA ASP F 532 -44.09 -15.72 -20.84
C ASP F 532 -45.48 -15.65 -20.21
N MET F 533 -45.72 -14.75 -19.29
CA MET F 533 -47.08 -14.86 -18.73
C MET F 533 -48.00 -13.80 -19.31
N PRO F 534 -49.25 -14.16 -19.26
CA PRO F 534 -50.42 -13.40 -19.60
C PRO F 534 -50.24 -11.96 -19.13
N SER F 535 -50.81 -11.00 -19.81
CA SER F 535 -50.71 -9.63 -19.39
C SER F 535 -51.61 -9.41 -18.16
N PHE F 536 -51.26 -8.30 -17.51
CA PHE F 536 -52.02 -7.91 -16.32
C PHE F 536 -53.50 -7.75 -16.73
N GLN F 537 -53.54 -6.86 -17.72
CA GLN F 537 -54.79 -6.42 -18.30
C GLN F 537 -55.54 -7.67 -18.71
N SER F 538 -54.85 -8.30 -19.66
CA SER F 538 -55.43 -9.57 -20.18
C SER F 538 -55.92 -10.40 -18.99
N LEU F 539 -55.29 -10.50 -17.84
CA LEU F 539 -55.99 -11.39 -16.90
C LEU F 539 -57.11 -10.59 -16.27
N LYS F 540 -57.20 -9.33 -16.58
CA LYS F 540 -58.34 -8.57 -15.97
C LYS F 540 -59.49 -8.94 -16.93
N GLU F 541 -59.32 -8.60 -18.20
CA GLU F 541 -60.32 -8.92 -19.21
C GLU F 541 -60.99 -10.25 -18.97
N GLN F 542 -60.19 -11.20 -18.80
CA GLN F 542 -60.58 -12.56 -18.58
C GLN F 542 -61.25 -12.92 -17.32
N ALA F 543 -60.84 -12.27 -16.30
CA ALA F 543 -61.37 -12.52 -14.94
C ALA F 543 -62.82 -12.03 -14.94
N ASP F 544 -62.81 -10.79 -15.38
CA ASP F 544 -64.06 -10.07 -15.55
C ASP F 544 -65.02 -10.93 -16.43
N ASN F 545 -64.54 -11.27 -17.62
CA ASN F 545 -65.54 -12.03 -18.43
C ASN F 545 -65.99 -13.33 -17.77
N ALA F 546 -65.62 -13.83 -16.66
CA ALA F 546 -66.24 -15.15 -16.40
C ALA F 546 -67.00 -14.86 -15.11
N VAL F 547 -67.04 -13.55 -14.88
CA VAL F 547 -67.77 -13.20 -13.64
C VAL F 547 -69.21 -12.93 -14.08
N ASN F 548 -69.18 -12.20 -15.20
CA ASN F 548 -70.53 -11.82 -15.83
C ASN F 548 -70.51 -12.91 -16.95
N GLY F 549 -70.93 -14.11 -16.51
CA GLY F 549 -70.86 -15.14 -17.57
C GLY F 549 -70.94 -16.52 -16.96
N GLY F 550 -70.87 -16.59 -15.63
CA GLY F 550 -70.96 -18.03 -15.22
C GLY F 550 -69.62 -18.56 -14.75
N HIS F 551 -68.82 -19.39 -15.45
CA HIS F 551 -67.62 -19.80 -14.66
C HIS F 551 -66.46 -20.60 -15.16
N ASP F 552 -65.25 -20.11 -14.67
CA ASP F 552 -64.13 -20.94 -15.14
C ASP F 552 -62.71 -20.58 -14.80
N LEU F 553 -62.15 -19.99 -15.84
CA LEU F 553 -60.77 -19.51 -15.91
C LEU F 553 -59.85 -20.71 -15.82
N ASP F 554 -59.85 -21.45 -16.96
CA ASP F 554 -58.90 -22.57 -16.78
C ASP F 554 -57.85 -22.42 -17.89
N LEU F 555 -56.87 -21.70 -17.35
CA LEU F 555 -55.60 -21.10 -17.61
C LEU F 555 -54.59 -21.72 -16.61
N SER F 556 -55.06 -22.88 -16.11
CA SER F 556 -54.06 -23.48 -15.18
C SER F 556 -53.07 -23.61 -16.38
N ALA F 557 -51.95 -23.00 -16.05
CA ALA F 557 -50.89 -22.94 -17.12
C ALA F 557 -49.83 -22.17 -16.30
N TYR F 558 -50.55 -21.44 -15.46
CA TYR F 558 -49.70 -20.58 -14.63
C TYR F 558 -49.83 -20.59 -13.15
N GLU F 559 -50.27 -21.61 -12.42
CA GLU F 559 -50.28 -21.32 -10.93
C GLU F 559 -49.09 -21.78 -10.11
N ARG F 560 -47.85 -21.52 -10.64
CA ARG F 560 -46.61 -21.86 -9.88
C ARG F 560 -45.30 -21.29 -10.48
N SER F 561 -45.24 -21.85 -11.67
CA SER F 561 -44.15 -21.61 -12.63
C SER F 561 -42.84 -21.09 -12.08
N CYS F 562 -42.08 -22.07 -11.71
CA CYS F 562 -40.79 -22.18 -11.13
C CYS F 562 -39.61 -21.86 -12.10
N GLY F 563 -39.82 -22.43 -13.33
CA GLY F 563 -38.78 -22.34 -14.35
C GLY F 563 -38.27 -21.02 -14.91
N ILE F 564 -37.40 -21.17 -15.90
CA ILE F 564 -36.91 -20.01 -16.56
C ILE F 564 -37.75 -19.83 -17.83
N PRO F 565 -37.58 -18.72 -18.40
CA PRO F 565 -38.18 -18.36 -19.62
C PRO F 565 -37.85 -19.28 -20.77
N ASP F 566 -38.91 -19.66 -21.52
CA ASP F 566 -38.64 -20.52 -22.66
C ASP F 566 -37.60 -19.81 -23.58
N ARG F 567 -37.77 -18.49 -23.53
CA ARG F 567 -36.82 -17.85 -24.47
C ARG F 567 -35.37 -18.17 -24.12
N MET F 568 -35.17 -18.42 -22.84
CA MET F 568 -33.78 -18.58 -22.35
C MET F 568 -33.45 -20.04 -22.44
N LEU F 569 -34.38 -20.94 -22.88
CA LEU F 569 -33.93 -22.34 -23.02
C LEU F 569 -32.48 -22.50 -23.48
N LEU F 570 -32.07 -22.36 -24.70
CA LEU F 570 -30.64 -22.43 -25.09
C LEU F 570 -29.89 -21.11 -24.92
N PRO F 571 -28.59 -21.20 -24.89
CA PRO F 571 -27.70 -20.01 -24.72
C PRO F 571 -27.69 -19.20 -25.96
N LYS F 572 -27.18 -18.03 -26.00
CA LYS F 572 -27.19 -17.10 -27.15
C LYS F 572 -26.36 -17.51 -28.32
N SER F 573 -25.13 -17.79 -28.16
CA SER F 573 -23.97 -18.18 -28.82
C SER F 573 -23.46 -17.21 -29.84
N LYS F 574 -22.72 -17.75 -30.87
CA LYS F 574 -22.17 -16.76 -31.88
C LYS F 574 -22.99 -16.87 -33.17
N PRO F 575 -22.85 -15.87 -34.03
CA PRO F 575 -23.51 -15.82 -35.31
C PRO F 575 -22.72 -16.77 -36.20
N GLU F 576 -21.50 -17.15 -35.91
CA GLU F 576 -20.70 -18.14 -36.72
C GLU F 576 -21.15 -19.51 -36.33
N GLY F 577 -21.49 -19.62 -35.06
CA GLY F 577 -22.08 -20.83 -34.43
C GLY F 577 -21.09 -21.52 -33.53
N MET F 578 -21.64 -22.27 -32.56
CA MET F 578 -20.55 -22.90 -31.70
C MET F 578 -21.19 -24.30 -31.63
N GLU F 579 -20.30 -25.17 -31.32
CA GLU F 579 -20.79 -26.55 -31.17
C GLU F 579 -20.59 -26.72 -29.66
N PHE F 580 -21.71 -27.07 -29.09
CA PHE F 580 -21.88 -27.45 -27.67
C PHE F 580 -21.91 -29.01 -27.81
N ASN F 581 -21.90 -29.70 -26.76
CA ASN F 581 -21.90 -31.13 -26.54
C ASN F 581 -23.19 -31.60 -25.98
N LEU F 582 -24.07 -32.40 -26.47
CA LEU F 582 -25.35 -32.62 -25.73
C LEU F 582 -25.28 -33.94 -25.03
N TYR F 583 -25.64 -34.07 -23.78
CA TYR F 583 -25.53 -35.28 -22.98
C TYR F 583 -26.94 -35.70 -22.72
N VAL F 584 -27.18 -36.93 -23.08
CA VAL F 584 -28.56 -37.48 -22.71
C VAL F 584 -28.08 -38.68 -21.86
N ALA F 585 -28.48 -38.72 -20.65
CA ALA F 585 -28.01 -39.87 -19.87
C ALA F 585 -29.43 -40.39 -19.53
N VAL F 586 -29.67 -41.66 -19.67
CA VAL F 586 -31.00 -42.09 -19.19
C VAL F 586 -30.79 -43.16 -18.12
N THR F 587 -31.26 -42.79 -17.01
CA THR F 587 -31.25 -43.49 -15.74
C THR F 587 -32.61 -44.17 -15.58
N ASP F 588 -32.74 -45.02 -14.61
CA ASP F 588 -33.84 -45.86 -14.24
C ASP F 588 -34.97 -45.42 -13.35
N GLY F 589 -36.00 -44.97 -13.98
CA GLY F 589 -37.22 -44.46 -13.48
C GLY F 589 -37.71 -45.18 -12.28
N ASP F 590 -37.58 -46.46 -12.27
CA ASP F 590 -38.22 -47.04 -11.02
C ASP F 590 -37.55 -46.76 -9.69
N LYS F 591 -36.31 -46.36 -9.84
CA LYS F 591 -35.57 -46.18 -8.59
C LYS F 591 -35.52 -44.68 -8.45
N ASP F 592 -35.76 -44.01 -9.50
CA ASP F 592 -35.62 -42.58 -9.45
C ASP F 592 -36.83 -42.25 -8.66
N THR F 593 -37.91 -42.29 -9.28
CA THR F 593 -39.19 -41.95 -8.61
C THR F 593 -39.44 -43.14 -7.73
N GLU F 594 -38.48 -43.60 -7.00
CA GLU F 594 -38.73 -44.78 -6.19
C GLU F 594 -39.55 -44.40 -5.01
N GLY F 595 -40.43 -43.46 -5.26
CA GLY F 595 -41.30 -43.15 -4.14
C GLY F 595 -42.40 -42.20 -4.46
N HIS F 596 -42.30 -41.42 -5.55
CA HIS F 596 -43.47 -40.48 -5.61
C HIS F 596 -43.90 -39.90 -6.94
N HIS F 606 -48.43 -29.49 -9.00
CA HIS F 606 -47.13 -30.15 -9.20
C HIS F 606 -46.16 -30.77 -8.20
N ALA F 607 -45.20 -31.48 -8.85
CA ALA F 607 -44.09 -32.04 -8.00
C ALA F 607 -42.85 -31.38 -8.65
N GLN F 608 -43.13 -30.35 -9.47
CA GLN F 608 -41.99 -29.68 -10.13
C GLN F 608 -41.70 -28.45 -9.27
N CYS F 609 -42.81 -27.73 -9.08
CA CYS F 609 -42.69 -26.56 -8.17
C CYS F 609 -43.41 -27.10 -6.95
N GLY F 610 -42.72 -27.68 -6.03
CA GLY F 610 -43.46 -28.31 -4.87
C GLY F 610 -43.92 -27.27 -3.87
N VAL F 611 -44.38 -26.21 -4.48
CA VAL F 611 -44.78 -25.06 -3.70
C VAL F 611 -45.54 -25.34 -2.47
N HIS F 612 -46.26 -26.44 -2.48
CA HIS F 612 -47.10 -26.69 -1.30
C HIS F 612 -46.82 -27.94 -0.51
N GLY F 613 -45.57 -28.37 -0.45
CA GLY F 613 -45.29 -29.52 0.40
C GLY F 613 -45.00 -30.80 -0.25
N GLU F 614 -45.27 -30.73 -1.51
CA GLU F 614 -45.14 -31.81 -2.51
C GLU F 614 -43.74 -32.39 -2.64
N ALA F 615 -43.55 -33.67 -2.28
CA ALA F 615 -42.17 -34.21 -2.38
C ALA F 615 -41.50 -34.20 -3.72
N TYR F 616 -40.35 -33.58 -3.89
CA TYR F 616 -39.70 -33.52 -5.23
C TYR F 616 -39.67 -34.96 -5.70
N PRO F 617 -40.10 -35.41 -6.85
CA PRO F 617 -40.17 -36.78 -7.33
C PRO F 617 -38.97 -37.65 -7.69
N ASP F 618 -37.90 -37.06 -8.17
CA ASP F 618 -36.65 -37.72 -8.63
C ASP F 618 -35.91 -37.79 -7.27
N ASN F 619 -35.14 -38.79 -7.00
CA ASN F 619 -34.42 -39.01 -5.81
C ASN F 619 -32.97 -38.87 -6.10
N ARG F 620 -32.61 -38.95 -7.36
CA ARG F 620 -31.10 -38.86 -7.61
C ARG F 620 -30.79 -37.51 -7.05
N PRO F 621 -29.59 -37.24 -6.70
CA PRO F 621 -29.17 -35.95 -6.11
C PRO F 621 -29.24 -34.82 -7.14
N LEU F 622 -28.78 -33.58 -7.10
CA LEU F 622 -29.16 -32.86 -8.34
C LEU F 622 -28.04 -32.57 -9.27
N GLY F 623 -28.12 -32.86 -10.54
CA GLY F 623 -27.08 -32.57 -11.56
C GLY F 623 -26.57 -33.96 -12.04
N TYR F 624 -27.24 -35.02 -11.54
CA TYR F 624 -27.02 -36.42 -11.78
C TYR F 624 -27.03 -36.72 -13.26
N PRO F 625 -26.02 -37.32 -13.78
CA PRO F 625 -24.85 -37.78 -12.94
C PRO F 625 -23.64 -36.91 -13.20
N LEU F 626 -23.76 -35.60 -13.40
CA LEU F 626 -22.58 -34.80 -13.66
C LEU F 626 -22.10 -34.11 -12.40
N GLU F 627 -22.76 -34.47 -11.26
CA GLU F 627 -22.40 -33.67 -10.00
C GLU F 627 -21.14 -34.27 -9.39
N ARG F 628 -20.60 -35.32 -9.97
CA ARG F 628 -19.37 -35.82 -9.24
C ARG F 628 -18.05 -35.81 -9.99
N ARG F 629 -16.93 -35.76 -9.26
CA ARG F 629 -15.65 -35.65 -9.96
C ARG F 629 -15.74 -36.81 -10.95
N ILE F 630 -15.31 -36.65 -12.17
CA ILE F 630 -15.28 -37.59 -13.29
C ILE F 630 -13.87 -37.37 -13.83
N PRO F 631 -12.98 -38.07 -13.15
CA PRO F 631 -11.57 -38.13 -13.41
C PRO F 631 -11.32 -38.95 -14.66
N ASP F 632 -11.98 -40.07 -14.97
CA ASP F 632 -11.46 -40.67 -16.27
C ASP F 632 -12.79 -40.74 -17.02
N GLU F 633 -12.79 -40.09 -18.16
CA GLU F 633 -14.01 -39.99 -18.93
C GLU F 633 -14.34 -41.34 -19.44
N ARG F 634 -13.22 -42.06 -19.36
CA ARG F 634 -13.09 -43.46 -19.81
C ARG F 634 -14.41 -44.13 -19.41
N VAL F 635 -14.94 -43.65 -18.25
CA VAL F 635 -16.11 -44.28 -17.75
C VAL F 635 -17.46 -43.82 -18.16
N ILE F 636 -17.63 -42.55 -18.17
CA ILE F 636 -19.06 -42.06 -18.48
C ILE F 636 -19.31 -42.71 -19.82
N ASP F 637 -18.19 -42.67 -20.57
CA ASP F 637 -18.22 -43.32 -21.88
C ASP F 637 -18.60 -44.81 -22.00
N GLY F 638 -18.75 -45.65 -21.03
CA GLY F 638 -18.97 -47.04 -21.35
C GLY F 638 -20.09 -47.66 -20.62
N VAL F 639 -21.03 -46.83 -20.30
CA VAL F 639 -22.33 -47.21 -19.67
C VAL F 639 -23.23 -46.96 -20.89
N SER F 640 -24.09 -47.88 -21.17
CA SER F 640 -24.95 -47.86 -22.38
C SER F 640 -25.97 -46.70 -22.39
N ASN F 641 -26.39 -46.46 -21.13
CA ASN F 641 -27.41 -45.39 -21.03
C ASN F 641 -27.00 -43.94 -20.87
N ILE F 642 -25.83 -43.67 -21.39
CA ILE F 642 -25.39 -42.25 -21.33
C ILE F 642 -24.88 -42.21 -22.77
N LYS F 643 -25.00 -41.17 -23.55
CA LYS F 643 -24.52 -40.99 -24.93
C LYS F 643 -24.25 -39.48 -25.17
N HIS F 644 -23.23 -39.11 -25.93
CA HIS F 644 -23.21 -37.57 -25.98
C HIS F 644 -23.16 -37.14 -27.42
N VAL F 645 -23.74 -36.11 -27.94
CA VAL F 645 -23.60 -35.98 -29.42
C VAL F 645 -23.20 -34.64 -29.83
N VAL F 646 -22.44 -34.09 -30.72
CA VAL F 646 -22.36 -32.60 -30.58
C VAL F 646 -23.48 -31.84 -31.26
N VAL F 647 -24.00 -30.73 -30.80
CA VAL F 647 -25.01 -29.93 -31.50
C VAL F 647 -24.32 -28.64 -31.88
N LYS F 648 -25.00 -27.74 -32.57
CA LYS F 648 -24.37 -26.46 -33.00
C LYS F 648 -25.50 -25.43 -32.98
N ILE F 649 -25.23 -24.25 -32.43
CA ILE F 649 -26.23 -23.21 -32.24
C ILE F 649 -25.67 -21.99 -32.97
N VAL F 650 -26.76 -21.52 -33.59
CA VAL F 650 -26.54 -20.30 -34.36
C VAL F 650 -27.37 -19.04 -34.11
N HIS F 651 -26.57 -17.91 -34.27
CA HIS F 651 -27.28 -16.69 -33.84
C HIS F 651 -27.74 -15.76 -34.88
N HIS F 652 -29.06 -15.67 -35.04
CA HIS F 652 -29.41 -14.72 -36.09
C HIS F 652 -29.33 -13.27 -35.75
N LEU F 653 -28.53 -12.64 -36.62
CA LEU F 653 -28.51 -11.18 -36.32
C LEU F 653 -29.78 -10.38 -36.56
#